data_3SOM
#
_entry.id   3SOM
#
_cell.length_a   71.664
_cell.length_b   71.960
_cell.length_c   300.055
_cell.angle_alpha   88.53
_cell.angle_beta   85.25
_cell.angle_gamma   83.76
#
_symmetry.space_group_name_H-M   'P 1'
#
loop_
_entity.id
_entity.type
_entity.pdbx_description
1 polymer 'Methylmalonic aciduria and homocystinuria type C protein'
2 non-polymer COBALAMIN
3 non-polymer 'CITRATE ANION'
4 non-polymer 2-AMINO-ETHANETHIOL
5 non-polymer "5'-DEOXYADENOSINE"
6 non-polymer 1,2-ETHANEDIOL
7 water water
#
_entity_poly.entity_id   1
_entity_poly.type   'polypeptide(L)'
_entity_poly.pdbx_seq_one_letter_code
;YFQS(MSE)EPKVAELKQKIEDTLCPFGFEVYPFQVAWYNELLPPAFHLPLPGPTLAFLVLSTPA(MSE)FDRALKPFLQ
SCHLR(MSE)LTDPVDQCVAYHLGRVRESLPELQIEIIADYEVHPNRRPKILAQTAAHVAGAAYYYQRQDVEADPWGNQR
ISGVCIHPRFGGWFAIRGVVLLPGIEVPDLPPRKPHDCVPTRADRIALLEGFNFHWRDWTYRDAVTPQERYSEEQKAYFS
TPPAQRLALLGLAQPSEKPSSPSPDLPFTTPAPKKPGNPSRARSWLSPRVSPPASPGP
;
_entity_poly.pdbx_strand_id   A,B,C,D,E,F,G,H,I,J,K,L,M,N,O,P
#
# COMPACT_ATOMS: atom_id res chain seq x y z
N LYS A 8 -119.71 58.75 -75.75
CA LYS A 8 -120.50 58.40 -74.58
C LYS A 8 -119.64 58.47 -73.29
N VAL A 9 -118.35 58.11 -73.41
CA VAL A 9 -117.33 58.13 -72.36
C VAL A 9 -117.14 59.57 -71.87
N ALA A 10 -117.08 60.54 -72.80
CA ALA A 10 -116.92 61.97 -72.49
C ALA A 10 -118.15 62.53 -71.78
N GLU A 11 -119.34 62.01 -72.11
CA GLU A 11 -120.62 62.42 -71.49
C GLU A 11 -120.67 61.93 -70.04
N LEU A 12 -120.30 60.65 -69.83
CA LEU A 12 -120.29 60.01 -68.51
C LEU A 12 -119.20 60.65 -67.64
N LYS A 13 -118.03 60.95 -68.25
CA LYS A 13 -116.89 61.57 -67.59
C LYS A 13 -117.25 62.94 -67.09
N GLN A 14 -117.97 63.74 -67.90
CA GLN A 14 -118.42 65.10 -67.56
C GLN A 14 -119.38 65.07 -66.37
N LYS A 15 -120.33 64.12 -66.36
CA LYS A 15 -121.28 63.95 -65.26
C LYS A 15 -120.58 63.64 -63.94
N ILE A 16 -119.59 62.72 -63.97
CA ILE A 16 -118.80 62.33 -62.80
C ILE A 16 -117.89 63.50 -62.38
N GLU A 17 -117.26 64.20 -63.35
CA GLU A 17 -116.40 65.36 -63.09
C GLU A 17 -117.16 66.54 -62.48
N ASP A 18 -118.37 66.83 -62.97
CA ASP A 18 -119.21 67.89 -62.44
C ASP A 18 -119.59 67.61 -60.98
N THR A 19 -119.72 66.31 -60.63
CA THR A 19 -120.04 65.87 -59.27
C THR A 19 -118.79 65.98 -58.37
N LEU A 20 -117.63 65.45 -58.81
CA LEU A 20 -116.47 65.30 -57.96
C LEU A 20 -115.38 66.36 -58.05
N CYS A 21 -115.07 66.90 -59.24
CA CYS A 21 -113.99 67.88 -59.40
C CYS A 21 -114.15 69.15 -58.51
N PRO A 22 -115.36 69.72 -58.27
CA PRO A 22 -115.43 70.87 -57.35
C PRO A 22 -115.06 70.56 -55.90
N PHE A 23 -114.95 69.26 -55.55
CA PHE A 23 -114.66 68.80 -54.19
C PHE A 23 -113.22 68.27 -54.01
N GLY A 24 -112.36 68.51 -54.99
CA GLY A 24 -110.95 68.14 -54.92
C GLY A 24 -110.60 66.76 -55.43
N PHE A 25 -111.42 66.21 -56.34
CA PHE A 25 -111.18 64.89 -56.91
C PHE A 25 -110.84 64.97 -58.40
N GLU A 26 -110.22 63.90 -58.93
CA GLU A 26 -109.86 63.70 -60.34
C GLU A 26 -110.39 62.37 -60.80
N VAL A 27 -110.85 62.28 -62.05
CA VAL A 27 -111.50 61.09 -62.60
C VAL A 27 -110.81 60.65 -63.90
N TYR A 28 -110.51 59.33 -64.02
CA TYR A 28 -109.79 58.77 -65.16
C TYR A 28 -110.45 57.50 -65.68
N PRO A 29 -110.82 57.45 -66.98
CA PRO A 29 -111.47 56.22 -67.49
C PRO A 29 -110.48 55.09 -67.77
N PHE A 30 -110.98 53.86 -67.73
CA PHE A 30 -110.23 52.66 -68.07
C PHE A 30 -111.19 51.51 -68.36
N GLN A 31 -110.69 50.48 -69.03
CA GLN A 31 -111.43 49.26 -69.29
C GLN A 31 -111.09 48.27 -68.18
N VAL A 32 -112.08 47.51 -67.67
CA VAL A 32 -111.89 46.50 -66.62
C VAL A 32 -110.79 45.50 -67.06
N ALA A 33 -110.73 45.14 -68.37
CA ALA A 33 -109.76 44.22 -68.99
C ALA A 33 -108.33 44.60 -68.69
N TRP A 34 -108.01 45.92 -68.74
CA TRP A 34 -106.64 46.43 -68.50
C TRP A 34 -106.19 46.14 -67.08
N TYR A 35 -107.10 46.25 -66.13
CA TYR A 35 -106.88 46.02 -64.72
C TYR A 35 -106.72 44.51 -64.48
N ASN A 36 -107.70 43.72 -64.92
CA ASN A 36 -107.75 42.27 -64.76
C ASN A 36 -106.58 41.52 -65.43
N GLU A 37 -106.11 41.97 -66.62
CA GLU A 37 -105.04 41.26 -67.34
C GLU A 37 -103.68 41.34 -66.60
N LEU A 38 -103.49 42.34 -65.73
CA LEU A 38 -102.24 42.55 -64.99
C LEU A 38 -102.24 41.80 -63.65
N LEU A 39 -103.38 41.25 -63.25
CA LEU A 39 -103.54 40.63 -61.95
C LEU A 39 -103.88 39.15 -61.97
N PRO A 40 -103.54 38.41 -60.88
CA PRO A 40 -103.98 37.00 -60.78
C PRO A 40 -105.52 36.92 -60.62
N PRO A 41 -106.16 35.80 -61.05
CA PRO A 41 -107.64 35.71 -60.98
C PRO A 41 -108.31 36.10 -59.65
N ALA A 42 -107.60 35.95 -58.52
CA ALA A 42 -108.07 36.30 -57.19
C ALA A 42 -108.55 37.76 -57.10
N PHE A 43 -107.81 38.70 -57.72
CA PHE A 43 -108.08 40.13 -57.67
C PHE A 43 -108.95 40.65 -58.82
N HIS A 44 -109.44 39.77 -59.70
CA HIS A 44 -110.25 40.19 -60.84
C HIS A 44 -111.61 40.76 -60.43
N LEU A 45 -112.05 41.79 -61.17
CA LEU A 45 -113.38 42.37 -61.05
C LEU A 45 -114.34 41.48 -61.86
N PRO A 46 -115.47 41.01 -61.27
CA PRO A 46 -116.34 40.07 -62.01
C PRO A 46 -117.20 40.77 -63.06
N LEU A 47 -116.54 41.38 -64.06
CA LEU A 47 -117.20 42.12 -65.12
C LEU A 47 -116.56 41.84 -66.48
N PRO A 48 -117.33 41.94 -67.60
CA PRO A 48 -116.71 41.77 -68.93
C PRO A 48 -115.57 42.76 -69.15
N GLY A 49 -114.51 42.32 -69.81
CA GLY A 49 -113.34 43.13 -70.12
C GLY A 49 -113.60 44.55 -70.62
N PRO A 50 -114.46 44.75 -71.67
CA PRO A 50 -114.67 46.10 -72.20
C PRO A 50 -115.52 47.03 -71.31
N THR A 51 -115.96 46.58 -70.11
CA THR A 51 -116.75 47.41 -69.18
C THR A 51 -116.00 48.70 -68.81
N LEU A 52 -116.71 49.84 -68.88
CA LEU A 52 -116.17 51.15 -68.55
C LEU A 52 -116.07 51.31 -67.04
N ALA A 53 -114.94 51.82 -66.59
CA ALA A 53 -114.65 52.10 -65.19
C ALA A 53 -113.96 53.44 -65.08
N PHE A 54 -114.05 54.07 -63.91
CA PHE A 54 -113.39 55.33 -63.63
C PHE A 54 -112.58 55.23 -62.36
N LEU A 55 -111.32 55.68 -62.40
CA LEU A 55 -110.48 55.72 -61.22
C LEU A 55 -110.60 57.10 -60.61
N VAL A 56 -110.93 57.13 -59.32
CA VAL A 56 -111.10 58.36 -58.57
C VAL A 56 -109.95 58.52 -57.60
N LEU A 57 -109.34 59.68 -57.63
CA LEU A 57 -108.29 60.06 -56.73
C LEU A 57 -108.63 61.43 -56.12
N SER A 58 -107.99 61.76 -54.99
CA SER A 58 -108.15 63.03 -54.29
C SER A 58 -106.87 63.85 -54.44
N THR A 59 -107.01 65.16 -54.63
CA THR A 59 -105.89 66.09 -54.81
C THR A 59 -105.68 66.80 -53.46
N PRO A 60 -104.65 67.68 -53.28
CA PRO A 60 -104.52 68.41 -52.00
C PRO A 60 -105.75 69.27 -51.65
N ALA A 61 -106.54 69.69 -52.65
CA ALA A 61 -107.73 70.55 -52.49
C ALA A 61 -108.92 69.84 -51.79
N PHE A 63 -109.16 68.22 -48.96
CA PHE A 63 -109.21 68.50 -47.53
C PHE A 63 -110.07 69.74 -47.21
N ASP A 64 -109.81 70.86 -47.90
CA ASP A 64 -110.55 72.11 -47.68
C ASP A 64 -111.91 72.15 -48.37
N ARG A 65 -112.02 71.55 -49.56
CA ARG A 65 -113.24 71.60 -50.35
C ARG A 65 -114.26 70.51 -49.99
N ALA A 66 -113.82 69.34 -49.49
CA ALA A 66 -114.72 68.25 -49.17
C ALA A 66 -114.71 67.86 -47.70
N LEU A 67 -113.53 67.57 -47.11
CA LEU A 67 -113.44 67.10 -45.72
C LEU A 67 -113.87 68.15 -44.68
N LYS A 68 -113.28 69.37 -44.68
CA LYS A 68 -113.65 70.41 -43.71
C LYS A 68 -115.16 70.70 -43.73
N PRO A 69 -115.83 70.93 -44.90
CA PRO A 69 -117.29 71.13 -44.88
C PRO A 69 -118.06 69.88 -44.40
N PHE A 70 -117.55 68.66 -44.69
CA PHE A 70 -118.17 67.41 -44.26
C PHE A 70 -118.12 67.25 -42.73
N LEU A 71 -117.04 67.70 -42.09
CA LEU A 71 -116.90 67.64 -40.63
C LEU A 71 -117.94 68.56 -39.92
N GLN A 72 -118.78 69.28 -40.70
CA GLN A 72 -119.88 70.17 -40.23
C GLN A 72 -121.27 69.53 -40.49
N SER A 73 -121.31 68.44 -41.25
CA SER A 73 -122.53 67.72 -41.58
C SER A 73 -123.08 66.94 -40.37
N CYS A 74 -124.32 66.43 -40.49
CA CYS A 74 -124.99 65.62 -39.47
C CYS A 74 -124.76 64.12 -39.77
N HIS A 75 -123.71 63.81 -40.55
CA HIS A 75 -123.36 62.47 -41.03
C HIS A 75 -122.26 61.78 -40.19
N LEU A 76 -121.57 62.49 -39.30
CA LEU A 76 -120.45 61.89 -38.55
C LEU A 76 -120.90 60.84 -37.54
N ARG A 77 -120.28 59.65 -37.67
CA ARG A 77 -120.55 58.45 -36.90
C ARG A 77 -119.40 58.16 -35.96
N LEU A 79 -116.57 56.09 -33.97
CA LEU A 79 -115.55 55.10 -34.31
C LEU A 79 -115.45 54.81 -35.84
N THR A 80 -115.89 55.78 -36.68
CA THR A 80 -115.79 55.69 -38.14
C THR A 80 -114.86 56.80 -38.62
N ASP A 81 -113.89 56.45 -39.51
CA ASP A 81 -112.94 57.42 -40.04
C ASP A 81 -113.65 58.53 -40.84
N PRO A 82 -113.41 59.83 -40.51
CA PRO A 82 -114.11 60.92 -41.20
C PRO A 82 -113.80 61.05 -42.70
N VAL A 83 -112.54 60.79 -43.10
CA VAL A 83 -112.10 60.88 -44.51
C VAL A 83 -112.84 59.81 -45.32
N ASP A 84 -112.88 58.58 -44.81
CA ASP A 84 -113.57 57.45 -45.44
C ASP A 84 -115.09 57.71 -45.57
N GLN A 85 -115.71 58.35 -44.56
CA GLN A 85 -117.12 58.73 -44.57
C GLN A 85 -117.36 59.77 -45.67
N CYS A 86 -116.45 60.77 -45.74
CA CYS A 86 -116.46 61.87 -46.69
C CYS A 86 -116.36 61.33 -48.14
N VAL A 87 -115.40 60.41 -48.39
CA VAL A 87 -115.17 59.80 -49.70
C VAL A 87 -116.39 58.96 -50.10
N ALA A 88 -116.93 58.13 -49.19
CA ALA A 88 -118.12 57.30 -49.44
C ALA A 88 -119.32 58.16 -49.83
N TYR A 89 -119.49 59.31 -49.13
CA TYR A 89 -120.56 60.28 -49.34
C TYR A 89 -120.50 60.86 -50.78
N HIS A 90 -119.32 61.36 -51.20
CA HIS A 90 -119.12 61.95 -52.53
C HIS A 90 -119.20 60.91 -53.63
N LEU A 91 -118.77 59.66 -53.34
CA LEU A 91 -118.89 58.58 -54.32
C LEU A 91 -120.38 58.22 -54.51
N GLY A 92 -121.17 58.32 -53.44
CA GLY A 92 -122.61 58.09 -53.47
C GLY A 92 -123.35 59.15 -54.26
N ARG A 93 -122.79 60.38 -54.31
CA ARG A 93 -123.33 61.50 -55.07
C ARG A 93 -123.18 61.24 -56.57
N VAL A 94 -122.18 60.42 -56.97
CA VAL A 94 -121.93 60.03 -58.37
C VAL A 94 -123.12 59.16 -58.82
N ARG A 95 -123.58 58.28 -57.92
CA ARG A 95 -124.73 57.39 -58.09
C ARG A 95 -126.00 58.20 -58.41
N GLU A 96 -126.20 59.31 -57.67
CA GLU A 96 -127.33 60.21 -57.85
C GLU A 96 -127.25 61.00 -59.15
N SER A 97 -126.02 61.27 -59.66
CA SER A 97 -125.76 62.02 -60.90
C SER A 97 -126.08 61.16 -62.13
N LEU A 98 -126.16 59.83 -61.94
CA LEU A 98 -126.43 58.87 -63.02
C LEU A 98 -127.63 57.99 -62.63
N PRO A 99 -128.88 58.55 -62.49
CA PRO A 99 -130.03 57.71 -62.08
C PRO A 99 -130.45 56.66 -63.12
N GLU A 100 -130.14 56.89 -64.41
CA GLU A 100 -130.48 55.98 -65.51
C GLU A 100 -129.57 54.71 -65.50
N LEU A 101 -128.47 54.74 -64.74
CA LEU A 101 -127.52 53.63 -64.68
C LEU A 101 -127.41 52.99 -63.32
N GLN A 102 -127.22 51.67 -63.32
CA GLN A 102 -126.92 50.89 -62.13
C GLN A 102 -125.39 50.83 -62.07
N ILE A 103 -124.80 51.55 -61.10
CA ILE A 103 -123.34 51.64 -61.01
C ILE A 103 -122.83 50.91 -59.76
N GLU A 104 -121.55 50.51 -59.80
CA GLU A 104 -120.89 49.86 -58.67
C GLU A 104 -119.74 50.72 -58.22
N ILE A 105 -119.58 50.88 -56.90
CA ILE A 105 -118.52 51.73 -56.34
C ILE A 105 -117.71 50.95 -55.30
N ILE A 106 -116.37 50.98 -55.46
CA ILE A 106 -115.44 50.35 -54.53
C ILE A 106 -114.41 51.39 -54.10
N ALA A 107 -114.41 51.75 -52.81
CA ALA A 107 -113.43 52.68 -52.25
C ALA A 107 -112.11 51.95 -51.92
N ASP A 108 -111.00 52.70 -51.82
CA ASP A 108 -109.64 52.20 -51.54
C ASP A 108 -109.54 51.40 -50.23
N TYR A 109 -110.32 51.81 -49.22
CA TYR A 109 -110.28 51.27 -47.86
C TYR A 109 -111.12 50.01 -47.65
N GLU A 110 -111.98 49.68 -48.63
CA GLU A 110 -112.85 48.52 -48.56
C GLU A 110 -112.05 47.20 -48.57
N VAL A 111 -112.47 46.26 -47.70
CA VAL A 111 -111.89 44.94 -47.53
C VAL A 111 -112.97 43.89 -47.51
N HIS A 112 -112.61 42.67 -47.95
CA HIS A 112 -113.49 41.51 -47.88
C HIS A 112 -113.52 40.99 -46.42
N PRO A 113 -114.47 40.12 -46.00
CA PRO A 113 -114.43 39.55 -44.63
C PRO A 113 -113.05 39.02 -44.19
N ASN A 114 -112.27 38.44 -45.13
CA ASN A 114 -110.92 37.91 -44.87
C ASN A 114 -109.83 39.01 -44.80
N ARG A 115 -110.25 40.30 -44.75
CA ARG A 115 -109.42 41.52 -44.62
C ARG A 115 -108.59 41.83 -45.89
N ARG A 116 -108.87 41.16 -47.01
CA ARG A 116 -108.19 41.44 -48.26
C ARG A 116 -108.81 42.65 -48.95
N PRO A 117 -108.00 43.57 -49.53
CA PRO A 117 -108.59 44.71 -50.26
C PRO A 117 -109.48 44.27 -51.41
N LYS A 118 -110.61 44.94 -51.59
CA LYS A 118 -111.53 44.63 -52.68
C LYS A 118 -110.91 45.03 -54.05
N ILE A 119 -110.18 46.15 -54.09
CA ILE A 119 -109.46 46.63 -55.26
C ILE A 119 -108.01 46.96 -54.92
N LEU A 120 -107.15 46.81 -55.93
CA LEU A 120 -105.74 47.17 -55.88
C LEU A 120 -105.68 48.51 -56.60
N ALA A 121 -105.89 49.58 -55.80
CA ALA A 121 -106.00 50.98 -56.16
C ALA A 121 -104.88 51.48 -57.09
N GLN A 122 -103.64 51.04 -56.84
CA GLN A 122 -102.46 51.45 -57.59
C GLN A 122 -102.41 50.84 -58.99
N THR A 123 -102.87 49.59 -59.15
CA THR A 123 -102.93 48.93 -60.46
C THR A 123 -103.98 49.67 -61.31
N ALA A 124 -105.12 50.06 -60.69
CA ALA A 124 -106.21 50.81 -61.34
C ALA A 124 -105.73 52.20 -61.77
N ALA A 125 -104.94 52.90 -60.91
CA ALA A 125 -104.39 54.23 -61.18
C ALA A 125 -103.40 54.22 -62.34
N HIS A 126 -102.63 53.12 -62.47
CA HIS A 126 -101.66 52.93 -63.54
C HIS A 126 -102.39 52.74 -64.89
N VAL A 127 -103.32 51.75 -64.98
CA VAL A 127 -104.04 51.42 -66.22
C VAL A 127 -104.99 52.55 -66.67
N ALA A 128 -105.38 53.45 -65.75
CA ALA A 128 -106.24 54.60 -66.06
C ALA A 128 -105.40 55.82 -66.50
N GLY A 129 -104.08 55.66 -66.49
CA GLY A 129 -103.10 56.68 -66.87
C GLY A 129 -103.01 57.85 -65.92
N ALA A 130 -103.51 57.68 -64.69
CA ALA A 130 -103.54 58.72 -63.65
C ALA A 130 -102.20 58.94 -62.98
N ALA A 131 -101.51 57.85 -62.61
CA ALA A 131 -100.24 57.90 -61.92
C ALA A 131 -99.47 56.61 -62.17
N TYR A 132 -98.19 56.74 -62.58
CA TYR A 132 -97.34 55.58 -62.85
C TYR A 132 -97.09 54.83 -61.55
N TYR A 133 -97.36 53.54 -61.57
CA TYR A 133 -97.15 52.66 -60.44
C TYR A 133 -95.75 52.03 -60.52
N TYR A 134 -94.83 52.50 -59.62
CA TYR A 134 -93.46 52.00 -59.49
C TYR A 134 -93.34 50.91 -58.47
N GLN A 135 -92.81 49.78 -58.92
CA GLN A 135 -92.62 48.60 -58.11
C GLN A 135 -91.17 48.19 -58.15
N ARG A 136 -90.78 47.17 -57.34
CA ARG A 136 -89.40 46.70 -57.33
C ARG A 136 -89.03 46.03 -58.66
N GLN A 137 -90.02 45.42 -59.35
CA GLN A 137 -89.86 44.79 -60.67
C GLN A 137 -89.48 45.82 -61.75
N ASP A 138 -89.58 47.14 -61.41
CA ASP A 138 -89.22 48.26 -62.28
C ASP A 138 -87.79 48.73 -61.99
N VAL A 139 -87.11 48.09 -61.01
CA VAL A 139 -85.72 48.34 -60.65
C VAL A 139 -84.89 47.11 -61.10
N GLU A 140 -83.90 47.34 -61.99
CA GLU A 140 -83.01 46.27 -62.45
C GLU A 140 -82.03 45.91 -61.33
N ALA A 141 -81.64 44.64 -61.24
CA ALA A 141 -80.76 44.08 -60.19
C ALA A 141 -81.26 44.51 -58.80
N ASP A 142 -82.51 44.13 -58.50
CA ASP A 142 -83.23 44.42 -57.26
C ASP A 142 -82.28 44.23 -56.05
N PRO A 143 -81.94 45.32 -55.30
CA PRO A 143 -80.96 45.17 -54.21
C PRO A 143 -81.51 44.87 -52.82
N TRP A 144 -82.83 44.70 -52.68
CA TRP A 144 -83.46 44.64 -51.38
C TRP A 144 -83.55 43.28 -50.67
N GLY A 145 -83.43 42.17 -51.37
CA GLY A 145 -83.48 40.85 -50.73
C GLY A 145 -84.85 40.45 -50.25
N ASN A 146 -84.92 39.51 -49.28
CA ASN A 146 -86.17 38.98 -48.78
C ASN A 146 -86.85 39.87 -47.73
N GLN A 147 -87.44 40.95 -48.22
CA GLN A 147 -88.18 41.93 -47.43
C GLN A 147 -89.27 42.54 -48.30
N ARG A 148 -90.32 43.10 -47.67
CA ARG A 148 -91.40 43.73 -48.42
C ARG A 148 -90.95 45.10 -48.89
N ILE A 149 -91.07 45.33 -50.21
CA ILE A 149 -90.80 46.61 -50.85
C ILE A 149 -92.09 46.95 -51.56
N SER A 150 -92.92 47.75 -50.89
CA SER A 150 -94.22 48.16 -51.41
C SER A 150 -94.07 49.22 -52.50
N GLY A 151 -94.88 49.08 -53.54
CA GLY A 151 -94.90 50.00 -54.67
C GLY A 151 -95.62 51.29 -54.35
N VAL A 152 -95.37 52.33 -55.18
CA VAL A 152 -95.94 53.67 -55.00
C VAL A 152 -96.20 54.35 -56.37
N CYS A 153 -97.39 54.97 -56.48
CA CYS A 153 -97.85 55.76 -57.63
C CYS A 153 -97.37 57.19 -57.49
N ILE A 154 -96.93 57.77 -58.61
CA ILE A 154 -96.50 59.16 -58.64
C ILE A 154 -97.33 59.86 -59.70
N HIS A 155 -98.06 60.90 -59.27
CA HIS A 155 -98.92 61.73 -60.08
C HIS A 155 -98.03 62.77 -60.83
N PRO A 156 -98.23 62.97 -62.16
CA PRO A 156 -97.37 63.92 -62.91
C PRO A 156 -97.43 65.38 -62.45
N ARG A 157 -98.52 65.79 -61.77
CA ARG A 157 -98.68 67.17 -61.28
C ARG A 157 -98.48 67.32 -59.79
N PHE A 158 -98.95 66.34 -59.00
CA PHE A 158 -98.87 66.45 -57.54
C PHE A 158 -97.79 65.57 -56.90
N GLY A 159 -97.06 64.80 -57.72
CA GLY A 159 -96.05 63.86 -57.20
C GLY A 159 -96.76 62.81 -56.38
N GLY A 160 -96.49 62.78 -55.07
CA GLY A 160 -97.14 61.85 -54.14
C GLY A 160 -98.17 62.54 -53.26
N TRP A 161 -98.46 63.83 -53.52
CA TRP A 161 -99.43 64.64 -52.74
C TRP A 161 -100.85 64.44 -53.30
N PHE A 162 -101.32 63.21 -53.18
CA PHE A 162 -102.62 62.76 -53.62
C PHE A 162 -102.89 61.42 -52.95
N ALA A 163 -104.09 60.90 -53.15
CA ALA A 163 -104.45 59.59 -52.65
C ALA A 163 -105.45 58.97 -53.61
N ILE A 164 -105.39 57.65 -53.76
CA ILE A 164 -106.34 56.94 -54.60
C ILE A 164 -107.53 56.69 -53.68
N ARG A 165 -108.75 57.00 -54.13
CA ARG A 165 -109.91 56.91 -53.24
C ARG A 165 -110.97 55.89 -53.69
N GLY A 166 -110.96 55.48 -54.95
CA GLY A 166 -111.92 54.49 -55.40
C GLY A 166 -112.12 54.34 -56.88
N VAL A 167 -112.89 53.32 -57.25
CA VAL A 167 -113.26 53.01 -58.63
C VAL A 167 -114.79 53.01 -58.76
N VAL A 168 -115.26 53.60 -59.87
CA VAL A 168 -116.65 53.64 -60.27
C VAL A 168 -116.78 52.70 -61.46
N LEU A 169 -117.59 51.66 -61.30
CA LEU A 169 -117.80 50.67 -62.36
C LEU A 169 -119.18 50.86 -62.97
N LEU A 170 -119.25 50.81 -64.31
CA LEU A 170 -120.50 51.01 -65.05
C LEU A 170 -120.87 49.73 -65.83
N PRO A 171 -121.44 48.70 -65.15
CA PRO A 171 -121.81 47.47 -65.87
C PRO A 171 -122.84 47.74 -66.95
N GLY A 172 -122.65 47.13 -68.11
CA GLY A 172 -123.52 47.30 -69.26
C GLY A 172 -122.96 48.31 -70.25
N ILE A 173 -122.09 49.23 -69.76
CA ILE A 173 -121.43 50.23 -70.60
C ILE A 173 -120.13 49.61 -71.04
N GLU A 174 -120.09 49.17 -72.30
CA GLU A 174 -118.92 48.52 -72.88
C GLU A 174 -118.29 49.45 -73.87
N VAL A 175 -116.98 49.63 -73.71
CA VAL A 175 -116.17 50.52 -74.54
C VAL A 175 -114.93 49.74 -75.05
N PRO A 176 -115.08 48.64 -75.85
CA PRO A 176 -113.88 47.87 -76.28
C PRO A 176 -112.86 48.68 -77.10
N ASP A 177 -113.29 49.83 -77.65
CA ASP A 177 -112.43 50.68 -78.47
C ASP A 177 -111.87 51.89 -77.68
N LEU A 178 -112.01 51.88 -76.34
CA LEU A 178 -111.44 52.92 -75.48
C LEU A 178 -109.92 52.85 -75.61
N PRO A 179 -109.24 53.94 -76.02
CA PRO A 179 -107.80 53.86 -76.23
C PRO A 179 -106.97 53.86 -74.95
N PRO A 180 -106.03 52.90 -74.77
CA PRO A 180 -105.20 52.91 -73.56
C PRO A 180 -104.26 54.10 -73.53
N ARG A 181 -104.32 54.89 -72.45
CA ARG A 181 -103.48 56.07 -72.22
C ARG A 181 -102.49 55.68 -71.13
N LYS A 182 -101.23 55.49 -71.54
CA LYS A 182 -100.13 55.08 -70.66
C LYS A 182 -99.84 56.15 -69.61
N PRO A 183 -99.59 55.76 -68.33
CA PRO A 183 -99.23 56.79 -67.33
C PRO A 183 -97.84 57.34 -67.62
N HIS A 184 -97.59 58.60 -67.23
CA HIS A 184 -96.30 59.26 -67.44
C HIS A 184 -95.22 58.71 -66.53
N ASP A 185 -94.11 58.25 -67.12
CA ASP A 185 -92.94 57.73 -66.41
C ASP A 185 -92.11 58.94 -65.94
N CYS A 186 -92.55 59.54 -64.82
CA CYS A 186 -92.00 60.74 -64.20
C CYS A 186 -90.72 60.45 -63.40
N VAL A 187 -90.48 59.19 -63.04
CA VAL A 187 -89.29 58.73 -62.32
C VAL A 187 -88.65 57.63 -63.20
N PRO A 188 -87.94 58.01 -64.31
CA PRO A 188 -87.46 56.97 -65.24
C PRO A 188 -86.16 56.24 -64.89
N THR A 189 -85.23 56.86 -64.15
CA THR A 189 -83.97 56.15 -63.88
C THR A 189 -84.06 55.28 -62.64
N ARG A 190 -83.24 54.21 -62.63
CA ARG A 190 -83.11 53.21 -61.59
C ARG A 190 -82.77 53.85 -60.23
N ALA A 191 -81.82 54.80 -60.19
CA ALA A 191 -81.39 55.46 -58.95
C ALA A 191 -82.52 56.22 -58.28
N ASP A 192 -83.35 56.93 -59.07
CA ASP A 192 -84.45 57.71 -58.52
C ASP A 192 -85.61 56.82 -58.10
N ARG A 193 -85.82 55.71 -58.82
CA ARG A 193 -86.83 54.71 -58.50
C ARG A 193 -86.48 54.04 -57.14
N ILE A 194 -85.17 53.79 -56.89
CA ILE A 194 -84.67 53.21 -55.63
C ILE A 194 -84.89 54.24 -54.50
N ALA A 195 -84.52 55.51 -54.72
CA ALA A 195 -84.68 56.59 -53.74
C ALA A 195 -86.17 56.80 -53.38
N LEU A 196 -87.06 56.69 -54.38
CA LEU A 196 -88.52 56.83 -54.21
C LEU A 196 -89.08 55.66 -53.39
N LEU A 197 -88.75 54.41 -53.79
CA LEU A 197 -89.22 53.21 -53.14
C LEU A 197 -88.72 53.11 -51.70
N GLU A 198 -87.47 53.53 -51.43
CA GLU A 198 -86.92 53.53 -50.07
C GLU A 198 -87.52 54.65 -49.22
N GLY A 199 -87.80 55.80 -49.84
CA GLY A 199 -88.45 56.94 -49.20
C GLY A 199 -89.86 56.59 -48.77
N PHE A 200 -90.60 55.86 -49.63
CA PHE A 200 -91.97 55.42 -49.37
C PHE A 200 -92.03 54.29 -48.33
N ASN A 201 -91.18 53.27 -48.48
CA ASN A 201 -91.19 52.11 -47.58
C ASN A 201 -90.62 52.38 -46.20
N PHE A 202 -89.51 53.17 -46.10
CA PHE A 202 -88.82 53.36 -44.81
C PHE A 202 -88.91 54.77 -44.24
N HIS A 203 -89.35 55.77 -44.99
CA HIS A 203 -89.37 57.13 -44.43
C HIS A 203 -90.63 57.91 -44.78
N TRP A 204 -91.75 57.21 -45.15
CA TRP A 204 -92.99 57.87 -45.58
C TRP A 204 -93.52 58.93 -44.58
N ARG A 205 -93.09 58.86 -43.31
CA ARG A 205 -93.51 59.80 -42.28
C ARG A 205 -92.92 61.22 -42.46
N ASP A 206 -91.79 61.34 -43.20
CA ASP A 206 -91.19 62.65 -43.41
C ASP A 206 -91.72 63.32 -44.68
N TRP A 207 -92.72 62.67 -45.37
CA TRP A 207 -93.44 63.19 -46.56
C TRP A 207 -92.57 63.35 -47.83
N THR A 208 -91.23 63.26 -47.70
CA THR A 208 -90.19 63.46 -48.71
C THR A 208 -90.41 62.68 -50.03
N TYR A 209 -90.86 61.41 -49.98
CA TYR A 209 -91.07 60.63 -51.21
C TYR A 209 -92.09 61.30 -52.15
N ARG A 210 -93.00 62.12 -51.59
CA ARG A 210 -94.07 62.80 -52.33
C ARG A 210 -93.54 63.90 -53.24
N ASP A 211 -92.29 64.34 -53.00
CA ASP A 211 -91.59 65.37 -53.76
C ASP A 211 -90.69 64.75 -54.85
N ALA A 212 -90.88 63.44 -55.18
CA ALA A 212 -90.13 62.70 -56.22
C ALA A 212 -90.25 63.40 -57.58
N VAL A 213 -91.34 64.15 -57.75
CA VAL A 213 -91.70 65.04 -58.83
C VAL A 213 -92.05 66.35 -58.16
N THR A 214 -91.56 67.49 -58.68
CA THR A 214 -91.86 68.81 -58.09
C THR A 214 -93.38 69.00 -58.17
N PRO A 215 -94.08 69.08 -57.02
CA PRO A 215 -95.54 69.20 -57.07
C PRO A 215 -96.01 70.61 -57.37
N GLN A 216 -97.14 70.70 -58.10
CA GLN A 216 -97.80 71.96 -58.43
C GLN A 216 -98.43 72.53 -57.14
N GLU A 217 -98.82 71.62 -56.23
CA GLU A 217 -99.43 71.89 -54.93
C GLU A 217 -99.13 70.71 -54.00
N ARG A 218 -98.86 71.03 -52.72
CA ARG A 218 -98.64 70.09 -51.63
C ARG A 218 -99.83 70.19 -50.67
N TYR A 219 -99.90 69.28 -49.69
CA TYR A 219 -100.89 69.36 -48.62
C TYR A 219 -100.51 70.55 -47.75
N SER A 220 -101.48 71.31 -47.27
CA SER A 220 -101.22 72.42 -46.35
C SER A 220 -100.62 71.88 -45.05
N GLU A 221 -100.04 72.76 -44.21
CA GLU A 221 -99.47 72.31 -42.93
C GLU A 221 -100.57 71.75 -42.03
N GLU A 222 -101.79 72.31 -42.15
CA GLU A 222 -102.99 71.87 -41.43
C GLU A 222 -103.40 70.45 -41.88
N GLN A 223 -103.42 70.21 -43.21
CA GLN A 223 -103.74 68.91 -43.81
C GLN A 223 -102.69 67.85 -43.40
N LYS A 224 -101.40 68.24 -43.40
CA LYS A 224 -100.29 67.37 -42.97
C LYS A 224 -100.42 67.02 -41.48
N ALA A 225 -100.80 68.00 -40.63
CA ALA A 225 -101.01 67.80 -39.18
C ALA A 225 -102.18 66.83 -38.93
N TYR A 226 -103.23 66.93 -39.76
CA TYR A 226 -104.39 66.05 -39.67
C TYR A 226 -103.99 64.61 -40.01
N PHE A 227 -103.29 64.42 -41.15
CA PHE A 227 -102.90 63.09 -41.60
C PHE A 227 -101.77 62.48 -40.76
N SER A 228 -100.91 63.29 -40.09
CA SER A 228 -99.85 62.80 -39.19
C SER A 228 -100.46 62.19 -37.92
N THR A 229 -101.70 62.56 -37.61
CA THR A 229 -102.44 62.05 -36.47
C THR A 229 -102.92 60.64 -36.83
N PRO A 230 -102.64 59.61 -35.97
CA PRO A 230 -103.11 58.24 -36.28
C PRO A 230 -104.63 58.21 -36.38
N PRO A 231 -105.20 57.46 -37.35
CA PRO A 231 -106.66 57.43 -37.52
C PRO A 231 -107.47 57.21 -36.23
N ALA A 232 -106.95 56.39 -35.28
CA ALA A 232 -107.58 56.09 -33.99
C ALA A 232 -107.74 57.33 -33.10
N GLN A 233 -107.00 58.41 -33.42
CA GLN A 233 -106.98 59.66 -32.66
C GLN A 233 -107.57 60.86 -33.41
N ARG A 234 -108.12 60.62 -34.62
CA ARG A 234 -108.71 61.67 -35.44
C ARG A 234 -110.16 61.94 -35.02
N PRO B 7 -137.45 49.89 -17.19
CA PRO B 7 -137.90 51.30 -17.13
C PRO B 7 -138.03 51.83 -18.56
N LYS B 8 -137.18 52.81 -18.95
CA LYS B 8 -137.07 53.28 -20.33
C LYS B 8 -136.40 52.14 -21.12
N VAL B 9 -135.61 51.30 -20.43
CA VAL B 9 -134.88 50.14 -20.94
C VAL B 9 -135.84 49.13 -21.58
N ALA B 10 -136.95 48.80 -20.88
CA ALA B 10 -137.94 47.84 -21.36
C ALA B 10 -138.67 48.37 -22.59
N GLU B 11 -138.91 49.70 -22.62
CA GLU B 11 -139.58 50.40 -23.72
C GLU B 11 -138.68 50.39 -24.97
N LEU B 12 -137.39 50.74 -24.78
CA LEU B 12 -136.39 50.76 -25.86
C LEU B 12 -136.14 49.35 -26.39
N LYS B 13 -136.04 48.35 -25.48
CA LYS B 13 -135.84 46.94 -25.81
C LYS B 13 -136.97 46.44 -26.69
N GLN B 14 -138.23 46.76 -26.34
CA GLN B 14 -139.42 46.38 -27.10
C GLN B 14 -139.39 46.96 -28.53
N LYS B 15 -139.00 48.24 -28.67
CA LYS B 15 -138.89 48.91 -29.98
C LYS B 15 -137.83 48.22 -30.85
N ILE B 16 -136.65 47.87 -30.28
CA ILE B 16 -135.59 47.16 -31.02
C ILE B 16 -136.08 45.74 -31.38
N GLU B 17 -136.72 45.04 -30.40
CA GLU B 17 -137.23 43.68 -30.59
C GLU B 17 -138.31 43.61 -31.69
N ASP B 18 -139.20 44.60 -31.77
CA ASP B 18 -140.26 44.60 -32.78
C ASP B 18 -139.72 44.83 -34.19
N THR B 19 -138.56 45.51 -34.32
CA THR B 19 -137.83 45.76 -35.55
C THR B 19 -137.01 44.52 -35.99
N LEU B 20 -136.34 43.84 -35.03
CA LEU B 20 -135.40 42.75 -35.34
C LEU B 20 -135.87 41.32 -35.07
N CYS B 21 -136.60 41.04 -33.97
CA CYS B 21 -137.03 39.66 -33.65
C CYS B 21 -137.83 38.97 -34.78
N PRO B 22 -138.73 39.65 -35.57
CA PRO B 22 -139.39 38.94 -36.68
C PRO B 22 -138.43 38.50 -37.81
N PHE B 23 -137.18 38.99 -37.78
CA PHE B 23 -136.19 38.72 -38.82
C PHE B 23 -135.09 37.76 -38.37
N GLY B 24 -135.29 37.11 -37.21
CA GLY B 24 -134.37 36.11 -36.70
C GLY B 24 -133.25 36.62 -35.83
N PHE B 25 -133.45 37.76 -35.17
CA PHE B 25 -132.46 38.35 -34.28
C PHE B 25 -132.92 38.33 -32.83
N GLU B 26 -131.99 38.48 -31.90
CA GLU B 26 -132.21 38.58 -30.45
C GLU B 26 -131.47 39.80 -29.96
N VAL B 27 -132.01 40.48 -28.94
CA VAL B 27 -131.49 41.75 -28.42
C VAL B 27 -131.31 41.66 -26.88
N TYR B 28 -130.16 42.09 -26.37
CA TYR B 28 -129.82 42.00 -24.95
C TYR B 28 -129.23 43.30 -24.43
N PRO B 29 -129.78 43.90 -23.36
CA PRO B 29 -129.22 45.16 -22.85
C PRO B 29 -127.97 44.97 -22.02
N PHE B 30 -127.13 46.00 -21.96
CA PHE B 30 -125.94 46.04 -21.13
C PHE B 30 -125.49 47.47 -20.98
N GLN B 31 -124.70 47.73 -19.93
CA GLN B 31 -124.04 49.00 -19.67
C GLN B 31 -122.71 48.99 -20.40
N VAL B 32 -122.31 50.12 -21.00
CA VAL B 32 -121.02 50.28 -21.68
C VAL B 32 -119.89 49.93 -20.68
N ALA B 33 -120.05 50.33 -19.40
CA ALA B 33 -119.10 50.11 -18.29
C ALA B 33 -118.71 48.64 -18.13
N TRP B 34 -119.68 47.70 -18.26
CA TRP B 34 -119.46 46.27 -18.10
C TRP B 34 -118.54 45.74 -19.16
N TYR B 35 -118.69 46.24 -20.39
CA TYR B 35 -117.88 45.88 -21.54
C TYR B 35 -116.47 46.46 -21.38
N ASN B 36 -116.37 47.77 -21.13
CA ASN B 36 -115.12 48.51 -20.99
C ASN B 36 -114.25 48.05 -19.81
N GLU B 37 -114.84 47.68 -18.65
CA GLU B 37 -114.07 47.28 -17.47
C GLU B 37 -113.33 45.94 -17.67
N LEU B 38 -113.79 45.09 -18.62
CA LEU B 38 -113.18 43.79 -18.90
C LEU B 38 -112.09 43.87 -19.96
N LEU B 39 -111.93 45.02 -20.60
CA LEU B 39 -111.02 45.20 -21.72
C LEU B 39 -109.94 46.23 -21.51
N PRO B 40 -108.78 46.09 -22.23
CA PRO B 40 -107.74 47.13 -22.17
C PRO B 40 -108.24 48.43 -22.82
N PRO B 41 -107.70 49.62 -22.44
CA PRO B 41 -108.21 50.90 -22.99
C PRO B 41 -108.35 50.99 -24.52
N ALA B 42 -107.54 50.24 -25.27
CA ALA B 42 -107.57 50.21 -26.73
C ALA B 42 -108.95 49.88 -27.28
N PHE B 43 -109.65 48.90 -26.65
CA PHE B 43 -110.94 48.40 -27.11
C PHE B 43 -112.14 49.11 -26.47
N HIS B 44 -111.91 50.13 -25.66
CA HIS B 44 -113.00 50.86 -24.99
C HIS B 44 -113.89 51.64 -25.95
N LEU B 45 -115.19 51.65 -25.65
CA LEU B 45 -116.17 52.44 -26.39
C LEU B 45 -116.12 53.86 -25.80
N PRO B 46 -115.95 54.93 -26.62
CA PRO B 46 -115.78 56.28 -26.03
C PRO B 46 -117.12 56.89 -25.58
N LEU B 47 -117.74 56.22 -24.59
CA LEU B 47 -119.03 56.60 -24.03
C LEU B 47 -119.02 56.49 -22.51
N PRO B 48 -119.82 57.31 -21.78
CA PRO B 48 -119.88 57.16 -20.31
C PRO B 48 -120.33 55.75 -19.92
N GLY B 49 -119.76 55.22 -18.84
CA GLY B 49 -120.08 53.89 -18.32
C GLY B 49 -121.55 53.52 -18.24
N PRO B 50 -122.45 54.37 -17.64
CA PRO B 50 -123.86 53.97 -17.54
C PRO B 50 -124.67 54.00 -18.85
N THR B 51 -124.03 54.35 -20.00
CA THR B 51 -124.72 54.40 -21.31
C THR B 51 -125.33 53.04 -21.65
N LEU B 52 -126.60 53.08 -22.08
CA LEU B 52 -127.34 51.90 -22.49
C LEU B 52 -126.88 51.43 -23.87
N ALA B 53 -126.65 50.12 -23.98
CA ALA B 53 -126.26 49.46 -25.19
C ALA B 53 -127.06 48.17 -25.34
N PHE B 54 -127.20 47.70 -26.57
CA PHE B 54 -127.89 46.43 -26.86
C PHE B 54 -127.02 45.55 -27.74
N LEU B 55 -126.86 44.28 -27.34
CA LEU B 55 -126.14 43.32 -28.14
C LEU B 55 -127.11 42.58 -29.05
N VAL B 56 -126.79 42.49 -30.34
CA VAL B 56 -127.62 41.85 -31.35
C VAL B 56 -126.97 40.55 -31.83
N LEU B 57 -127.75 39.45 -31.74
CA LEU B 57 -127.42 38.09 -32.21
C LEU B 57 -128.33 37.68 -33.33
N SER B 58 -127.86 36.82 -34.22
CA SER B 58 -128.72 36.21 -35.23
C SER B 58 -128.92 34.74 -34.84
N THR B 59 -130.16 34.26 -34.92
CA THR B 59 -130.52 32.89 -34.59
C THR B 59 -130.55 32.08 -35.92
N PRO B 60 -130.77 30.74 -35.92
CA PRO B 60 -130.84 30.01 -37.20
C PRO B 60 -131.94 30.52 -38.15
N ALA B 61 -132.97 31.20 -37.61
CA ALA B 61 -134.13 31.71 -38.35
C ALA B 61 -133.81 32.92 -39.24
N PHE B 63 -131.53 33.33 -41.46
CA PHE B 63 -131.22 32.91 -42.83
C PHE B 63 -132.47 32.95 -43.72
N ASP B 64 -133.59 32.33 -43.25
CA ASP B 64 -134.85 32.26 -44.02
C ASP B 64 -135.66 33.55 -43.98
N ARG B 65 -135.69 34.20 -42.81
CA ARG B 65 -136.48 35.40 -42.56
C ARG B 65 -135.82 36.67 -43.03
N ALA B 66 -134.48 36.79 -42.86
CA ALA B 66 -133.77 38.02 -43.23
C ALA B 66 -133.03 37.88 -44.55
N LEU B 67 -132.05 36.94 -44.65
CA LEU B 67 -131.15 36.81 -45.80
C LEU B 67 -131.84 36.42 -47.09
N LYS B 68 -132.57 35.27 -47.13
CA LYS B 68 -133.24 34.82 -48.36
C LYS B 68 -134.14 35.93 -48.96
N PRO B 69 -135.04 36.61 -48.19
CA PRO B 69 -135.80 37.73 -48.78
C PRO B 69 -134.92 38.90 -49.20
N PHE B 70 -133.83 39.17 -48.45
CA PHE B 70 -132.90 40.27 -48.78
C PHE B 70 -132.20 40.02 -50.12
N LEU B 71 -131.93 38.74 -50.44
CA LEU B 71 -131.32 38.36 -51.71
C LEU B 71 -132.30 38.66 -52.89
N GLN B 72 -133.61 38.84 -52.60
CA GLN B 72 -134.64 39.15 -53.59
C GLN B 72 -134.81 40.67 -53.79
N SER B 73 -134.07 41.50 -53.02
CA SER B 73 -134.11 42.96 -53.10
C SER B 73 -133.13 43.50 -54.14
N CYS B 74 -133.20 44.81 -54.41
CA CYS B 74 -132.33 45.53 -55.33
C CYS B 74 -131.14 46.14 -54.56
N HIS B 75 -131.07 45.90 -53.22
CA HIS B 75 -130.03 46.42 -52.33
C HIS B 75 -128.66 45.77 -52.53
N LEU B 76 -128.59 44.62 -53.25
CA LEU B 76 -127.34 43.91 -53.47
C LEU B 76 -126.33 44.71 -54.28
N ARG B 77 -125.05 44.52 -53.93
CA ARG B 77 -123.90 45.21 -54.49
C ARG B 77 -122.83 44.21 -54.87
N LEU B 79 -119.19 42.55 -55.22
CA LEU B 79 -118.05 42.28 -54.35
C LEU B 79 -118.32 42.65 -52.87
N THR B 80 -119.59 42.68 -52.45
CA THR B 80 -119.99 42.97 -51.07
C THR B 80 -120.71 41.74 -50.52
N ASP B 81 -120.30 41.24 -49.34
CA ASP B 81 -120.90 40.06 -48.71
C ASP B 81 -122.42 40.29 -48.45
N PRO B 82 -123.29 39.36 -48.94
CA PRO B 82 -124.73 39.53 -48.75
C PRO B 82 -125.20 39.50 -47.30
N VAL B 83 -124.60 38.65 -46.42
CA VAL B 83 -124.99 38.57 -44.99
C VAL B 83 -124.67 39.90 -44.30
N ASP B 84 -123.48 40.46 -44.55
CA ASP B 84 -123.04 41.74 -43.99
C ASP B 84 -123.97 42.90 -44.43
N GLN B 85 -124.38 42.91 -45.72
CA GLN B 85 -125.31 43.87 -46.32
C GLN B 85 -126.67 43.77 -45.61
N CYS B 86 -127.15 42.53 -45.41
CA CYS B 86 -128.42 42.19 -44.76
C CYS B 86 -128.44 42.68 -43.31
N VAL B 87 -127.37 42.39 -42.53
CA VAL B 87 -127.24 42.78 -41.13
C VAL B 87 -127.19 44.31 -41.01
N ALA B 88 -126.41 45.00 -41.86
CA ALA B 88 -126.28 46.47 -41.87
C ALA B 88 -127.64 47.13 -42.13
N TYR B 89 -128.40 46.56 -43.07
CA TYR B 89 -129.75 46.97 -43.46
C TYR B 89 -130.71 46.93 -42.26
N HIS B 90 -130.79 45.78 -41.57
CA HIS B 90 -131.69 45.57 -40.43
C HIS B 90 -131.26 46.37 -39.21
N LEU B 91 -129.96 46.61 -39.05
CA LEU B 91 -129.45 47.47 -37.97
C LEU B 91 -129.83 48.93 -38.26
N GLY B 92 -129.82 49.30 -39.54
CA GLY B 92 -130.25 50.62 -39.99
C GLY B 92 -131.74 50.84 -39.78
N ARG B 93 -132.55 49.77 -39.72
CA ARG B 93 -134.00 49.82 -39.48
C ARG B 93 -134.28 50.15 -38.01
N VAL B 94 -133.32 49.82 -37.13
CA VAL B 94 -133.40 50.11 -35.69
C VAL B 94 -133.34 51.63 -35.53
N ARG B 95 -132.48 52.30 -36.31
CA ARG B 95 -132.33 53.75 -36.39
C ARG B 95 -133.68 54.42 -36.69
N GLU B 96 -134.42 53.87 -37.66
CA GLU B 96 -135.73 54.37 -38.08
C GLU B 96 -136.81 54.14 -37.01
N SER B 97 -136.66 53.10 -36.18
CA SER B 97 -137.60 52.77 -35.11
C SER B 97 -137.46 53.71 -33.93
N LEU B 98 -136.31 54.42 -33.84
CA LEU B 98 -136.01 55.37 -32.77
C LEU B 98 -135.63 56.74 -33.36
N PRO B 99 -136.57 57.46 -34.05
CA PRO B 99 -136.20 58.75 -34.66
C PRO B 99 -135.88 59.86 -33.65
N GLU B 100 -136.43 59.77 -32.42
CA GLU B 100 -136.21 60.74 -31.34
C GLU B 100 -134.80 60.65 -30.74
N LEU B 101 -134.07 59.56 -31.05
CA LEU B 101 -132.73 59.33 -30.52
C LEU B 101 -131.66 59.29 -31.59
N GLN B 102 -130.47 59.78 -31.22
CA GLN B 102 -129.27 59.69 -32.05
C GLN B 102 -128.57 58.45 -31.53
N ILE B 103 -128.57 57.37 -32.33
CA ILE B 103 -128.01 56.10 -31.90
C ILE B 103 -126.74 55.76 -32.69
N GLU B 104 -125.94 54.84 -32.15
CA GLU B 104 -124.72 54.38 -32.78
C GLU B 104 -124.80 52.91 -33.00
N ILE B 105 -124.33 52.46 -34.15
CA ILE B 105 -124.39 51.05 -34.54
C ILE B 105 -123.02 50.56 -35.04
N ILE B 106 -122.56 49.44 -34.44
CA ILE B 106 -121.31 48.79 -34.82
C ILE B 106 -121.60 47.32 -35.07
N ALA B 107 -121.44 46.86 -36.32
CA ALA B 107 -121.58 45.46 -36.67
C ALA B 107 -120.29 44.67 -36.31
N ASP B 108 -120.40 43.33 -36.17
CA ASP B 108 -119.31 42.40 -35.82
C ASP B 108 -118.14 42.43 -36.83
N TYR B 109 -118.46 42.66 -38.11
CA TYR B 109 -117.52 42.62 -39.23
C TYR B 109 -116.75 43.92 -39.43
N GLU B 110 -117.19 45.01 -38.80
CA GLU B 110 -116.58 46.33 -38.94
C GLU B 110 -115.16 46.35 -38.33
N VAL B 111 -114.23 46.96 -39.07
CA VAL B 111 -112.84 47.12 -38.70
C VAL B 111 -112.42 48.57 -38.87
N HIS B 112 -111.42 48.99 -38.08
CA HIS B 112 -110.81 50.30 -38.20
C HIS B 112 -109.85 50.29 -39.43
N PRO B 113 -109.37 51.45 -39.94
CA PRO B 113 -108.40 51.42 -41.06
C PRO B 113 -107.20 50.46 -40.84
N ASN B 114 -106.72 50.30 -39.59
CA ASN B 114 -105.63 49.41 -39.21
C ASN B 114 -106.06 47.91 -39.13
N ARG B 115 -107.29 47.59 -39.60
CA ARG B 115 -107.90 46.25 -39.70
C ARG B 115 -108.26 45.65 -38.32
N ARG B 116 -108.24 46.45 -37.26
CA ARG B 116 -108.64 45.98 -35.93
C ARG B 116 -110.16 46.01 -35.82
N PRO B 117 -110.80 44.97 -35.20
CA PRO B 117 -112.26 45.01 -35.01
C PRO B 117 -112.68 46.21 -34.18
N LYS B 118 -113.79 46.87 -34.55
CA LYS B 118 -114.31 48.01 -33.81
C LYS B 118 -114.88 47.57 -32.46
N ILE B 119 -115.48 46.38 -32.40
CA ILE B 119 -116.03 45.78 -31.17
C ILE B 119 -115.56 44.33 -31.03
N LEU B 120 -115.43 43.90 -29.78
CA LEU B 120 -115.14 42.53 -29.40
C LEU B 120 -116.49 41.94 -29.02
N ALA B 121 -117.18 41.43 -30.04
CA ALA B 121 -118.53 40.88 -30.06
C ALA B 121 -118.82 39.88 -28.93
N GLN B 122 -117.86 39.00 -28.60
CA GLN B 122 -118.00 37.94 -27.59
C GLN B 122 -117.96 38.49 -26.17
N THR B 123 -117.14 39.50 -25.91
CA THR B 123 -117.09 40.15 -24.59
C THR B 123 -118.45 40.86 -24.35
N ALA B 124 -119.02 41.50 -25.42
CA ALA B 124 -120.33 42.18 -25.38
C ALA B 124 -121.45 41.18 -25.12
N ALA B 125 -121.40 40.00 -25.79
CA ALA B 125 -122.39 38.92 -25.64
C ALA B 125 -122.39 38.32 -24.22
N HIS B 126 -121.21 38.26 -23.59
CA HIS B 126 -121.05 37.75 -22.23
C HIS B 126 -121.68 38.73 -21.21
N VAL B 127 -121.27 40.02 -21.24
CA VAL B 127 -121.74 41.05 -20.30
C VAL B 127 -123.25 41.38 -20.50
N ALA B 128 -123.81 41.06 -21.68
CA ALA B 128 -125.24 41.28 -21.98
C ALA B 128 -126.07 40.05 -21.56
N GLY B 129 -125.39 39.01 -21.06
CA GLY B 129 -125.99 37.75 -20.59
C GLY B 129 -126.58 36.90 -21.69
N ALA B 130 -126.18 37.15 -22.94
CA ALA B 130 -126.68 36.47 -24.13
C ALA B 130 -126.08 35.08 -24.32
N ALA B 131 -124.75 34.96 -24.14
CA ALA B 131 -124.01 33.73 -24.33
C ALA B 131 -122.72 33.78 -23.54
N TYR B 132 -122.46 32.72 -22.74
CA TYR B 132 -121.25 32.61 -21.93
C TYR B 132 -120.03 32.50 -22.85
N TYR B 133 -119.05 33.38 -22.64
CA TYR B 133 -117.84 33.43 -23.42
C TYR B 133 -116.78 32.52 -22.79
N TYR B 134 -116.56 31.35 -23.40
CA TYR B 134 -115.60 30.38 -22.89
C TYR B 134 -114.25 30.62 -23.48
N GLN B 135 -113.28 30.87 -22.60
CA GLN B 135 -111.90 31.19 -22.92
C GLN B 135 -110.93 30.24 -22.25
N ARG B 136 -109.62 30.39 -22.53
CA ARG B 136 -108.51 29.61 -21.95
C ARG B 136 -108.52 29.66 -20.43
N GLN B 137 -108.69 30.87 -19.86
CA GLN B 137 -108.71 31.19 -18.42
C GLN B 137 -109.82 30.44 -17.69
N ASP B 138 -110.83 29.94 -18.41
CA ASP B 138 -111.96 29.19 -17.86
C ASP B 138 -111.58 27.71 -17.73
N VAL B 139 -110.36 27.35 -18.17
CA VAL B 139 -109.80 26.01 -18.08
C VAL B 139 -108.56 26.08 -17.17
N GLU B 140 -108.66 25.47 -15.97
CA GLU B 140 -107.55 25.42 -15.00
C GLU B 140 -106.45 24.51 -15.51
N ALA B 141 -105.18 24.81 -15.17
CA ALA B 141 -103.98 24.08 -15.63
C ALA B 141 -104.03 23.91 -17.15
N ASP B 142 -104.01 25.06 -17.86
CA ASP B 142 -104.04 25.26 -19.31
C ASP B 142 -103.12 24.26 -20.04
N PRO B 143 -103.66 23.30 -20.84
CA PRO B 143 -102.77 22.31 -21.47
C PRO B 143 -102.22 22.71 -22.85
N TRP B 144 -102.58 23.89 -23.35
CA TRP B 144 -102.30 24.23 -24.74
C TRP B 144 -100.94 24.88 -25.07
N GLY B 145 -100.28 25.51 -24.11
CA GLY B 145 -98.97 26.10 -24.38
C GLY B 145 -99.00 27.34 -25.25
N ASN B 146 -97.87 27.67 -25.91
CA ASN B 146 -97.76 28.89 -26.71
C ASN B 146 -98.34 28.76 -28.13
N GLN B 147 -99.66 28.80 -28.18
CA GLN B 147 -100.46 28.75 -29.40
C GLN B 147 -101.75 29.54 -29.17
N ARG B 148 -102.41 29.98 -30.27
CA ARG B 148 -103.66 30.71 -30.14
C ARG B 148 -104.80 29.75 -29.84
N ILE B 149 -105.54 30.02 -28.76
CA ILE B 149 -106.73 29.28 -28.36
C ILE B 149 -107.80 30.34 -28.26
N SER B 150 -108.54 30.50 -29.36
CA SER B 150 -109.63 31.47 -29.48
C SER B 150 -110.84 31.01 -28.66
N GLY B 151 -111.45 31.95 -27.94
CA GLY B 151 -112.63 31.66 -27.16
C GLY B 151 -113.87 31.51 -28.03
N VAL B 152 -114.96 30.99 -27.45
CA VAL B 152 -116.24 30.77 -28.14
C VAL B 152 -117.40 30.97 -27.14
N CYS B 153 -118.45 31.65 -27.62
CA CYS B 153 -119.70 31.90 -26.90
C CYS B 153 -120.66 30.76 -27.16
N ILE B 154 -121.39 30.37 -26.11
CA ILE B 154 -122.38 29.31 -26.18
C ILE B 154 -123.72 29.86 -25.72
N HIS B 155 -124.69 29.83 -26.64
CA HIS B 155 -126.08 30.24 -26.42
C HIS B 155 -126.82 29.15 -25.61
N PRO B 156 -127.55 29.54 -24.52
CA PRO B 156 -128.31 28.55 -23.74
C PRO B 156 -129.42 27.83 -24.52
N ARG B 157 -129.87 28.39 -25.66
CA ARG B 157 -130.95 27.81 -26.45
C ARG B 157 -130.49 27.24 -27.80
N PHE B 158 -129.47 27.84 -28.44
CA PHE B 158 -129.00 27.38 -29.75
C PHE B 158 -127.60 26.77 -29.70
N GLY B 159 -126.98 26.79 -28.51
CA GLY B 159 -125.61 26.29 -28.36
C GLY B 159 -124.66 27.20 -29.10
N GLY B 160 -124.18 26.75 -30.24
CA GLY B 160 -123.27 27.51 -31.09
C GLY B 160 -123.87 27.83 -32.45
N TRP B 161 -125.15 27.46 -32.64
CA TRP B 161 -125.92 27.70 -33.86
C TRP B 161 -126.58 29.08 -33.80
N PHE B 162 -125.71 30.12 -33.82
CA PHE B 162 -125.98 31.54 -33.80
C PHE B 162 -124.69 32.29 -34.19
N ALA B 163 -124.80 33.60 -34.37
CA ALA B 163 -123.68 34.49 -34.70
C ALA B 163 -123.97 35.88 -34.11
N ILE B 164 -122.95 36.54 -33.53
CA ILE B 164 -123.08 37.88 -32.96
C ILE B 164 -123.03 38.86 -34.13
N ARG B 165 -124.02 39.75 -34.23
CA ARG B 165 -124.13 40.61 -35.40
C ARG B 165 -123.79 42.09 -35.16
N GLY B 166 -123.82 42.52 -33.91
CA GLY B 166 -123.47 43.89 -33.59
C GLY B 166 -124.00 44.46 -32.31
N VAL B 167 -123.71 45.74 -32.06
CA VAL B 167 -124.19 46.47 -30.88
C VAL B 167 -124.89 47.75 -31.33
N VAL B 168 -125.88 48.14 -30.55
CA VAL B 168 -126.64 49.37 -30.71
C VAL B 168 -126.35 50.21 -29.47
N LEU B 169 -125.74 51.38 -29.67
CA LEU B 169 -125.34 52.30 -28.59
C LEU B 169 -126.29 53.47 -28.56
N LEU B 170 -126.69 53.85 -27.34
CA LEU B 170 -127.66 54.91 -27.14
C LEU B 170 -127.06 56.03 -26.27
N PRO B 171 -126.22 56.94 -26.85
CA PRO B 171 -125.63 58.03 -26.05
C PRO B 171 -126.71 58.97 -25.50
N GLY B 172 -126.60 59.30 -24.23
CA GLY B 172 -127.57 60.16 -23.55
C GLY B 172 -128.56 59.37 -22.72
N ILE B 173 -128.74 58.07 -23.06
CA ILE B 173 -129.61 57.15 -22.30
C ILE B 173 -128.71 56.46 -21.30
N GLU B 174 -128.72 56.95 -20.06
CA GLU B 174 -127.90 56.42 -18.98
C GLU B 174 -128.75 55.62 -18.00
N VAL B 175 -128.33 54.36 -17.77
CA VAL B 175 -129.00 53.39 -16.91
C VAL B 175 -128.00 52.88 -15.83
N PRO B 176 -127.53 53.73 -14.87
CA PRO B 176 -126.51 53.26 -13.91
C PRO B 176 -126.97 52.13 -12.98
N ASP B 177 -128.30 52.00 -12.82
CA ASP B 177 -128.89 51.00 -11.94
C ASP B 177 -129.39 49.77 -12.71
N LEU B 178 -129.01 49.63 -14.03
CA LEU B 178 -129.36 48.45 -14.82
C LEU B 178 -128.69 47.24 -14.16
N PRO B 179 -129.48 46.20 -13.78
CA PRO B 179 -128.88 45.06 -13.07
C PRO B 179 -128.13 44.09 -13.99
N PRO B 180 -126.87 43.74 -13.64
CA PRO B 180 -126.12 42.78 -14.47
C PRO B 180 -126.75 41.39 -14.42
N ARG B 181 -127.08 40.84 -15.59
CA ARG B 181 -127.65 39.49 -15.74
C ARG B 181 -126.56 38.61 -16.32
N LYS B 182 -125.99 37.75 -15.45
CA LYS B 182 -124.89 36.84 -15.77
C LYS B 182 -125.28 35.84 -16.84
N PRO B 183 -124.37 35.53 -17.82
CA PRO B 183 -124.71 34.52 -18.83
C PRO B 183 -124.72 33.13 -18.20
N HIS B 184 -125.51 32.22 -18.78
CA HIS B 184 -125.63 30.85 -18.29
C HIS B 184 -124.41 30.02 -18.64
N ASP B 185 -123.75 29.46 -17.61
CA ASP B 185 -122.60 28.58 -17.74
C ASP B 185 -123.15 27.18 -18.00
N CYS B 186 -123.50 26.91 -19.28
CA CYS B 186 -124.12 25.63 -19.69
C CYS B 186 -123.08 24.60 -20.19
N VAL B 187 -121.78 24.89 -19.96
CA VAL B 187 -120.59 24.05 -20.23
C VAL B 187 -119.77 24.22 -18.94
N PRO B 188 -120.20 23.59 -17.82
CA PRO B 188 -119.56 23.87 -16.52
C PRO B 188 -118.28 23.09 -16.21
N THR B 189 -118.06 21.92 -16.84
CA THR B 189 -116.89 21.09 -16.52
C THR B 189 -115.69 21.40 -17.42
N ARG B 190 -114.49 21.23 -16.86
CA ARG B 190 -113.19 21.41 -17.50
C ARG B 190 -113.07 20.56 -18.77
N ALA B 191 -113.46 19.28 -18.70
CA ALA B 191 -113.39 18.35 -19.83
C ALA B 191 -114.28 18.81 -21.00
N ASP B 192 -115.50 19.29 -20.69
CA ASP B 192 -116.46 19.77 -21.70
C ASP B 192 -115.97 21.09 -22.35
N ARG B 193 -115.35 21.97 -21.52
CA ARG B 193 -114.77 23.25 -21.93
C ARG B 193 -113.55 23.04 -22.86
N ILE B 194 -112.72 21.98 -22.58
CA ILE B 194 -111.57 21.55 -23.39
C ILE B 194 -112.07 21.08 -24.75
N ALA B 195 -113.09 20.18 -24.74
CA ALA B 195 -113.69 19.62 -25.95
C ALA B 195 -114.29 20.70 -26.85
N LEU B 196 -114.93 21.72 -26.23
CA LEU B 196 -115.55 22.86 -26.90
C LEU B 196 -114.49 23.75 -27.56
N LEU B 197 -113.48 24.17 -26.77
CA LEU B 197 -112.41 25.06 -27.25
C LEU B 197 -111.58 24.38 -28.36
N GLU B 198 -111.33 23.07 -28.24
CA GLU B 198 -110.57 22.33 -29.26
C GLU B 198 -111.41 22.10 -30.51
N GLY B 199 -112.71 21.88 -30.32
CA GLY B 199 -113.66 21.71 -31.41
C GLY B 199 -113.80 22.96 -32.24
N PHE B 200 -113.84 24.12 -31.55
CA PHE B 200 -113.93 25.45 -32.15
C PHE B 200 -112.64 25.87 -32.86
N ASN B 201 -111.49 25.70 -32.19
CA ASN B 201 -110.21 26.13 -32.73
C ASN B 201 -109.65 25.24 -33.82
N PHE B 202 -109.78 23.91 -33.69
CA PHE B 202 -109.16 22.98 -34.63
C PHE B 202 -110.12 22.23 -35.55
N HIS B 203 -111.43 22.18 -35.24
CA HIS B 203 -112.37 21.41 -36.07
C HIS B 203 -113.69 22.15 -36.31
N TRP B 204 -113.67 23.49 -36.38
CA TRP B 204 -114.90 24.27 -36.52
C TRP B 204 -115.70 23.96 -37.80
N ARG B 205 -115.01 23.58 -38.89
CA ARG B 205 -115.65 23.27 -40.18
C ARG B 205 -116.60 22.06 -40.14
N ASP B 206 -116.43 21.14 -39.17
CA ASP B 206 -117.29 19.96 -39.04
C ASP B 206 -118.58 20.28 -38.22
N TRP B 207 -118.73 21.54 -37.75
CA TRP B 207 -119.88 22.14 -37.00
C TRP B 207 -120.12 21.60 -35.58
N THR B 208 -119.45 20.49 -35.18
CA THR B 208 -119.68 19.76 -33.91
C THR B 208 -119.52 20.58 -32.62
N TYR B 209 -118.70 21.65 -32.61
CA TYR B 209 -118.55 22.49 -31.41
C TYR B 209 -119.88 23.19 -31.04
N ARG B 210 -120.71 23.51 -32.06
CA ARG B 210 -122.00 24.19 -31.94
C ARG B 210 -123.05 23.33 -31.20
N ASP B 211 -122.84 22.00 -31.18
CA ASP B 211 -123.73 21.03 -30.52
C ASP B 211 -123.34 20.79 -29.04
N ALA B 212 -122.38 21.59 -28.49
CA ALA B 212 -121.90 21.55 -27.08
C ALA B 212 -123.07 21.58 -26.11
N VAL B 213 -124.07 22.39 -26.46
CA VAL B 213 -125.38 22.54 -25.85
C VAL B 213 -126.31 22.25 -27.03
N THR B 214 -127.19 21.25 -26.89
CA THR B 214 -128.10 20.86 -27.98
C THR B 214 -129.04 22.02 -28.26
N PRO B 215 -129.03 22.46 -29.53
CA PRO B 215 -129.85 23.59 -29.93
C PRO B 215 -131.34 23.26 -29.97
N GLN B 216 -132.20 24.27 -29.71
CA GLN B 216 -133.66 24.18 -29.86
C GLN B 216 -133.98 24.07 -31.36
N GLU B 217 -133.11 24.70 -32.18
CA GLU B 217 -133.15 24.73 -33.64
C GLU B 217 -131.70 24.80 -34.17
N ARG B 218 -131.45 24.17 -35.32
CA ARG B 218 -130.15 24.14 -35.98
C ARG B 218 -130.20 24.92 -37.28
N TYR B 219 -129.03 25.15 -37.88
CA TYR B 219 -128.98 25.74 -39.21
C TYR B 219 -129.44 24.65 -40.16
N SER B 220 -130.34 24.97 -41.10
CA SER B 220 -130.80 23.98 -42.07
C SER B 220 -129.61 23.47 -42.91
N GLU B 221 -129.78 22.37 -43.65
CA GLU B 221 -128.70 21.87 -44.50
C GLU B 221 -128.35 22.89 -45.58
N GLU B 222 -129.36 23.67 -46.03
CA GLU B 222 -129.21 24.75 -47.03
C GLU B 222 -128.38 25.90 -46.45
N GLN B 223 -128.68 26.30 -45.17
CA GLN B 223 -127.96 27.36 -44.46
C GLN B 223 -126.51 26.92 -44.22
N LYS B 224 -126.30 25.65 -43.84
CA LYS B 224 -124.96 25.07 -43.61
C LYS B 224 -124.16 25.05 -44.92
N ALA B 225 -124.80 24.70 -46.05
CA ALA B 225 -124.19 24.66 -47.38
C ALA B 225 -123.76 26.06 -47.81
N TYR B 226 -124.60 27.07 -47.49
CA TYR B 226 -124.32 28.48 -47.80
C TYR B 226 -123.08 28.95 -47.01
N PHE B 227 -123.06 28.72 -45.69
CA PHE B 227 -121.96 29.16 -44.84
C PHE B 227 -120.68 28.36 -45.00
N SER B 228 -120.76 27.08 -45.46
CA SER B 228 -119.57 26.26 -45.72
C SER B 228 -118.81 26.78 -46.93
N THR B 229 -119.51 27.53 -47.80
CA THR B 229 -118.91 28.13 -48.98
C THR B 229 -118.11 29.33 -48.54
N PRO B 230 -116.83 29.45 -48.95
CA PRO B 230 -116.03 30.61 -48.55
C PRO B 230 -116.68 31.91 -49.05
N PRO B 231 -116.66 33.00 -48.22
CA PRO B 231 -117.28 34.27 -48.63
C PRO B 231 -116.90 34.75 -50.03
N ALA B 232 -115.64 34.51 -50.47
CA ALA B 232 -115.12 34.88 -51.79
C ALA B 232 -115.86 34.18 -52.94
N GLN B 233 -116.65 33.12 -52.63
CA GLN B 233 -117.39 32.32 -53.59
C GLN B 233 -118.92 32.44 -53.44
N ARG B 234 -119.40 33.29 -52.49
CA ARG B 234 -120.83 33.52 -52.25
C ARG B 234 -121.36 34.61 -53.20
N LYS C 8 -68.83 15.27 -60.00
CA LYS C 8 -68.83 14.62 -58.71
C LYS C 8 -70.25 14.52 -58.13
N VAL C 9 -71.29 14.82 -58.93
CA VAL C 9 -72.72 14.87 -58.55
C VAL C 9 -73.17 13.52 -57.97
N ALA C 10 -72.85 12.42 -58.67
CA ALA C 10 -73.26 11.07 -58.26
C ALA C 10 -72.54 10.65 -56.99
N GLU C 11 -71.28 11.09 -56.83
CA GLU C 11 -70.43 10.80 -55.67
C GLU C 11 -70.98 11.54 -54.44
N LEU C 12 -71.30 12.84 -54.60
CA LEU C 12 -71.84 13.69 -53.54
C LEU C 12 -73.22 13.20 -53.13
N LYS C 13 -74.07 12.84 -54.13
CA LYS C 13 -75.42 12.32 -53.93
C LYS C 13 -75.37 11.05 -53.07
N GLN C 14 -74.45 10.11 -53.40
CA GLN C 14 -74.27 8.84 -52.69
C GLN C 14 -73.88 9.08 -51.23
N LYS C 15 -72.93 10.01 -50.98
CA LYS C 15 -72.49 10.36 -49.62
C LYS C 15 -73.67 10.90 -48.78
N ILE C 16 -74.50 11.80 -49.38
CA ILE C 16 -75.67 12.40 -48.70
C ILE C 16 -76.74 11.31 -48.49
N GLU C 17 -76.96 10.44 -49.50
CA GLU C 17 -77.94 9.35 -49.43
C GLU C 17 -77.57 8.31 -48.38
N ASP C 18 -76.27 7.94 -48.28
CA ASP C 18 -75.79 6.98 -47.28
C ASP C 18 -76.00 7.53 -45.86
N THR C 19 -75.91 8.87 -45.71
CA THR C 19 -76.15 9.53 -44.43
C THR C 19 -77.65 9.58 -44.08
N LEU C 20 -78.51 10.03 -45.04
CA LEU C 20 -79.91 10.31 -44.76
C LEU C 20 -80.94 9.23 -45.10
N CYS C 21 -80.78 8.48 -46.23
CA CYS C 21 -81.76 7.46 -46.64
C CYS C 21 -82.02 6.37 -45.57
N PRO C 22 -81.05 5.88 -44.77
CA PRO C 22 -81.41 4.88 -43.74
C PRO C 22 -82.31 5.43 -42.62
N PHE C 23 -82.48 6.78 -42.58
CA PHE C 23 -83.26 7.45 -41.54
C PHE C 23 -84.61 7.97 -42.03
N GLY C 24 -85.04 7.54 -43.22
CA GLY C 24 -86.34 7.89 -43.78
C GLY C 24 -86.40 9.18 -44.58
N PHE C 25 -85.27 9.58 -45.18
CA PHE C 25 -85.20 10.77 -46.00
C PHE C 25 -84.94 10.41 -47.45
N GLU C 26 -85.22 11.35 -48.36
CA GLU C 26 -84.93 11.27 -49.79
C GLU C 26 -84.21 12.53 -50.20
N VAL C 27 -83.29 12.43 -51.16
CA VAL C 27 -82.41 13.50 -51.60
C VAL C 27 -82.51 13.68 -53.12
N TYR C 28 -82.71 14.92 -53.58
CA TYR C 28 -82.88 15.24 -55.00
C TYR C 28 -82.00 16.40 -55.43
N PRO C 29 -81.14 16.22 -56.44
CA PRO C 29 -80.28 17.34 -56.86
C PRO C 29 -81.02 18.35 -57.74
N PHE C 30 -80.54 19.59 -57.73
CA PHE C 30 -81.02 20.65 -58.58
C PHE C 30 -79.97 21.74 -58.69
N GLN C 31 -80.05 22.52 -59.76
CA GLN C 31 -79.22 23.69 -59.97
C GLN C 31 -79.92 24.86 -59.30
N VAL C 32 -79.17 25.76 -58.66
CA VAL C 32 -79.70 26.94 -57.95
C VAL C 32 -80.52 27.82 -58.94
N ALA C 33 -80.05 27.93 -60.21
CA ALA C 33 -80.66 28.69 -61.32
C ALA C 33 -82.11 28.31 -61.57
N TRP C 34 -82.46 27.00 -61.49
CA TRP C 34 -83.82 26.49 -61.72
C TRP C 34 -84.80 27.05 -60.70
N TYR C 35 -84.34 27.14 -59.43
CA TYR C 35 -85.10 27.66 -58.31
C TYR C 35 -85.28 29.18 -58.46
N ASN C 36 -84.17 29.91 -58.65
CA ASN C 36 -84.12 31.35 -58.78
C ASN C 36 -84.89 31.91 -59.98
N GLU C 37 -84.88 31.22 -61.14
CA GLU C 37 -85.56 31.72 -62.34
C GLU C 37 -87.08 31.72 -62.22
N LEU C 38 -87.64 30.89 -61.33
CA LEU C 38 -89.10 30.81 -61.11
C LEU C 38 -89.60 31.80 -60.07
N LEU C 39 -88.69 32.46 -59.34
CA LEU C 39 -89.02 33.34 -58.24
C LEU C 39 -88.64 34.80 -58.45
N PRO C 40 -89.36 35.74 -57.76
CA PRO C 40 -88.94 37.15 -57.81
C PRO C 40 -87.59 37.33 -57.08
N PRO C 41 -86.77 38.36 -57.43
CA PRO C 41 -85.44 38.53 -56.80
C PRO C 41 -85.38 38.46 -55.26
N ALA C 42 -86.49 38.81 -54.57
CA ALA C 42 -86.61 38.76 -53.11
C ALA C 42 -86.26 37.37 -52.55
N PHE C 43 -86.73 36.30 -53.19
CA PHE C 43 -86.56 34.93 -52.73
C PHE C 43 -85.32 34.21 -53.29
N HIS C 44 -84.49 34.91 -54.08
CA HIS C 44 -83.31 34.30 -54.68
C HIS C 44 -82.24 33.89 -53.66
N LEU C 45 -81.59 32.75 -53.94
CA LEU C 45 -80.46 32.26 -53.16
C LEU C 45 -79.21 33.02 -53.67
N PRO C 46 -78.40 33.64 -52.78
CA PRO C 46 -77.24 34.41 -53.27
C PRO C 46 -76.07 33.52 -53.69
N LEU C 47 -76.31 32.68 -54.72
CA LEU C 47 -75.33 31.74 -55.25
C LEU C 47 -75.34 31.73 -56.76
N PRO C 48 -74.19 31.43 -57.44
CA PRO C 48 -74.21 31.32 -58.91
C PRO C 48 -75.21 30.25 -59.37
N GLY C 49 -75.88 30.51 -60.49
CA GLY C 49 -76.86 29.62 -61.09
C GLY C 49 -76.49 28.14 -61.15
N PRO C 50 -75.30 27.76 -61.68
CA PRO C 50 -74.97 26.33 -61.79
C PRO C 50 -74.62 25.63 -60.47
N THR C 51 -74.66 26.33 -59.31
CA THR C 51 -74.34 25.74 -58.00
C THR C 51 -75.24 24.53 -57.71
N LEU C 52 -74.62 23.46 -57.24
CA LEU C 52 -75.31 22.22 -56.88
C LEU C 52 -76.03 22.38 -55.56
N ALA C 53 -77.29 21.95 -55.53
CA ALA C 53 -78.13 21.97 -54.35
C ALA C 53 -78.87 20.65 -54.23
N PHE C 54 -79.28 20.27 -53.03
CA PHE C 54 -80.01 19.04 -52.77
C PHE C 54 -81.24 19.31 -51.94
N LEU C 55 -82.39 18.86 -52.45
CA LEU C 55 -83.62 19.00 -51.71
C LEU C 55 -83.84 17.74 -50.87
N VAL C 56 -84.11 17.92 -49.58
CA VAL C 56 -84.34 16.81 -48.65
C VAL C 56 -85.83 16.77 -48.25
N LEU C 57 -86.44 15.58 -48.36
CA LEU C 57 -87.79 15.28 -47.91
C LEU C 57 -87.75 14.18 -46.89
N SER C 58 -88.76 14.11 -46.05
CA SER C 58 -88.92 13.00 -45.11
C SER C 58 -90.09 12.15 -45.59
N THR C 59 -89.93 10.84 -45.53
CA THR C 59 -90.95 9.87 -45.97
C THR C 59 -91.69 9.37 -44.73
N PRO C 60 -92.75 8.54 -44.83
CA PRO C 60 -93.42 8.05 -43.60
C PRO C 60 -92.48 7.29 -42.65
N ALA C 61 -91.37 6.72 -43.18
CA ALA C 61 -90.39 5.93 -42.43
C ALA C 61 -89.54 6.75 -41.46
N PHE C 63 -90.31 8.87 -39.08
CA PHE C 63 -90.85 8.87 -37.71
C PHE C 63 -90.26 7.71 -36.86
N ASP C 64 -90.29 6.48 -37.40
CA ASP C 64 -89.80 5.28 -36.72
C ASP C 64 -88.28 5.12 -36.80
N ARG C 65 -87.67 5.49 -37.94
CA ARG C 65 -86.24 5.31 -38.17
C ARG C 65 -85.37 6.46 -37.65
N ALA C 66 -85.92 7.69 -37.54
CA ALA C 66 -85.13 8.83 -37.08
C ALA C 66 -85.67 9.44 -35.80
N LEU C 67 -86.97 9.83 -35.76
CA LEU C 67 -87.55 10.53 -34.61
C LEU C 67 -87.59 9.68 -33.32
N LYS C 68 -88.22 8.49 -33.35
CA LYS C 68 -88.32 7.64 -32.16
C LYS C 68 -86.93 7.34 -31.57
N PRO C 69 -85.89 6.91 -32.35
CA PRO C 69 -84.55 6.71 -31.74
C PRO C 69 -83.93 8.00 -31.18
N PHE C 70 -84.21 9.16 -31.84
CA PHE C 70 -83.70 10.47 -31.43
C PHE C 70 -84.28 10.87 -30.07
N LEU C 71 -85.56 10.56 -29.82
CA LEU C 71 -86.24 10.90 -28.57
C LEU C 71 -85.69 10.11 -27.37
N GLN C 72 -85.12 8.91 -27.57
CA GLN C 72 -84.60 8.14 -26.42
C GLN C 72 -83.06 8.13 -26.33
N SER C 73 -82.36 8.72 -27.30
CA SER C 73 -80.90 8.76 -27.28
C SER C 73 -80.36 10.16 -27.02
N CYS C 74 -81.04 11.19 -27.54
CA CYS C 74 -80.54 12.56 -27.48
C CYS C 74 -81.32 13.50 -26.56
N HIS C 75 -80.59 14.48 -26.02
CA HIS C 75 -81.14 15.53 -25.16
C HIS C 75 -81.93 16.51 -26.00
N LEU C 76 -83.14 16.82 -25.56
CA LEU C 76 -84.04 17.74 -26.24
C LEU C 76 -83.93 19.16 -25.72
N ARG C 77 -83.71 20.09 -26.65
CA ARG C 77 -83.68 21.52 -26.40
C ARG C 77 -85.04 21.94 -25.88
N LEU C 79 -88.30 24.21 -25.39
CA LEU C 79 -89.16 25.03 -26.25
C LEU C 79 -88.83 24.89 -27.76
N THR C 80 -88.19 23.77 -28.16
CA THR C 80 -87.84 23.47 -29.54
C THR C 80 -88.57 22.21 -29.99
N ASP C 81 -89.16 22.23 -31.19
CA ASP C 81 -89.90 21.11 -31.77
C ASP C 81 -88.98 19.90 -31.96
N PRO C 82 -89.36 18.72 -31.41
CA PRO C 82 -88.49 17.53 -31.50
C PRO C 82 -88.15 17.07 -32.91
N VAL C 83 -89.10 17.22 -33.87
CA VAL C 83 -88.91 16.81 -35.29
C VAL C 83 -87.87 17.73 -35.95
N ASP C 84 -87.99 19.05 -35.72
CA ASP C 84 -87.06 20.05 -36.26
C ASP C 84 -85.65 19.86 -35.69
N GLN C 85 -85.57 19.39 -34.43
CA GLN C 85 -84.32 19.07 -33.75
C GLN C 85 -83.68 17.86 -34.39
N CYS C 86 -84.49 16.79 -34.59
CA CYS C 86 -84.14 15.53 -35.23
C CYS C 86 -83.60 15.76 -36.66
N VAL C 87 -84.37 16.51 -37.47
CA VAL C 87 -84.02 16.90 -38.85
C VAL C 87 -82.71 17.71 -38.85
N ALA C 88 -82.56 18.74 -37.97
CA ALA C 88 -81.35 19.57 -37.84
C ALA C 88 -80.09 18.71 -37.53
N TYR C 89 -80.24 17.68 -36.66
CA TYR C 89 -79.18 16.75 -36.29
C TYR C 89 -78.73 15.89 -37.48
N HIS C 90 -79.69 15.32 -38.25
CA HIS C 90 -79.39 14.49 -39.43
C HIS C 90 -78.84 15.34 -40.57
N LEU C 91 -79.24 16.62 -40.63
CA LEU C 91 -78.69 17.52 -41.64
C LEU C 91 -77.26 17.92 -41.23
N GLY C 92 -77.01 17.93 -39.92
CA GLY C 92 -75.71 18.23 -39.33
C GLY C 92 -74.72 17.13 -39.65
N ARG C 93 -75.21 15.87 -39.67
CA ARG C 93 -74.48 14.65 -40.02
C ARG C 93 -74.05 14.70 -41.48
N VAL C 94 -74.76 15.49 -42.33
CA VAL C 94 -74.40 15.67 -43.74
C VAL C 94 -73.11 16.53 -43.79
N ARG C 95 -72.95 17.52 -42.87
CA ARG C 95 -71.73 18.33 -42.78
C ARG C 95 -70.49 17.46 -42.46
N GLU C 96 -70.66 16.47 -41.55
CA GLU C 96 -69.63 15.51 -41.10
C GLU C 96 -69.33 14.44 -42.15
N SER C 97 -70.26 14.21 -43.12
CA SER C 97 -70.09 13.26 -44.24
C SER C 97 -69.25 13.90 -45.34
N LEU C 98 -69.22 15.24 -45.40
CA LEU C 98 -68.44 16.02 -46.36
C LEU C 98 -67.57 17.05 -45.60
N PRO C 99 -66.60 16.59 -44.76
CA PRO C 99 -65.83 17.57 -43.95
C PRO C 99 -64.84 18.43 -44.74
N GLU C 100 -64.53 18.07 -45.99
CA GLU C 100 -63.62 18.79 -46.87
C GLU C 100 -64.35 19.92 -47.63
N LEU C 101 -65.69 19.93 -47.56
CA LEU C 101 -66.53 20.93 -48.21
C LEU C 101 -67.25 21.85 -47.26
N GLN C 102 -67.38 23.11 -47.69
CA GLN C 102 -68.15 24.13 -47.00
C GLN C 102 -69.56 24.03 -47.57
N ILE C 103 -70.50 23.51 -46.78
CA ILE C 103 -71.88 23.36 -47.23
C ILE C 103 -72.82 24.30 -46.45
N GLU C 104 -73.89 24.74 -47.12
CA GLU C 104 -74.93 25.60 -46.55
C GLU C 104 -76.21 24.77 -46.39
N ILE C 105 -76.84 24.82 -45.22
CA ILE C 105 -78.07 24.09 -44.95
C ILE C 105 -79.18 25.06 -44.52
N ILE C 106 -80.33 25.02 -45.22
CA ILE C 106 -81.52 25.81 -44.90
C ILE C 106 -82.69 24.85 -44.73
N ALA C 107 -83.20 24.73 -43.51
CA ALA C 107 -84.36 23.89 -43.23
C ALA C 107 -85.67 24.62 -43.61
N ASP C 108 -86.76 23.85 -43.81
CA ASP C 108 -88.09 24.35 -44.20
C ASP C 108 -88.68 25.39 -43.21
N TYR C 109 -88.38 25.21 -41.90
CA TYR C 109 -88.92 25.98 -40.79
C TYR C 109 -88.17 27.30 -40.54
N GLU C 110 -87.00 27.47 -41.14
CA GLU C 110 -86.19 28.68 -40.97
C GLU C 110 -86.85 29.93 -41.59
N VAL C 111 -86.80 31.04 -40.83
CA VAL C 111 -87.34 32.34 -41.21
C VAL C 111 -86.31 33.44 -40.97
N HIS C 112 -86.41 34.53 -41.73
CA HIS C 112 -85.57 35.71 -41.54
C HIS C 112 -86.12 36.50 -40.32
N PRO C 113 -85.38 37.47 -39.73
CA PRO C 113 -85.95 38.24 -38.59
C PRO C 113 -87.36 38.81 -38.84
N ASN C 114 -87.67 39.21 -40.10
CA ASN C 114 -88.97 39.74 -40.54
C ASN C 114 -90.04 38.63 -40.72
N ARG C 115 -89.75 37.39 -40.27
CA ARG C 115 -90.61 36.20 -40.24
C ARG C 115 -90.88 35.62 -41.67
N ARG C 116 -90.14 36.07 -42.68
CA ARG C 116 -90.28 35.54 -44.02
C ARG C 116 -89.48 34.24 -44.15
N PRO C 117 -90.02 33.19 -44.83
CA PRO C 117 -89.24 31.94 -44.98
C PRO C 117 -87.96 32.17 -45.76
N LYS C 118 -86.88 31.52 -45.34
CA LYS C 118 -85.56 31.65 -46.00
C LYS C 118 -85.61 30.94 -47.37
N ILE C 119 -86.32 29.80 -47.45
CA ILE C 119 -86.53 29.08 -48.71
C ILE C 119 -88.01 28.79 -48.92
N LEU C 120 -88.40 28.70 -50.19
CA LEU C 120 -89.73 28.30 -50.63
C LEU C 120 -89.58 26.85 -51.02
N ALA C 121 -89.76 25.98 -50.02
CA ALA C 121 -89.57 24.52 -50.01
C ALA C 121 -90.24 23.80 -51.20
N GLN C 122 -91.47 24.22 -51.55
CA GLN C 122 -92.28 23.63 -52.62
C GLN C 122 -91.77 23.97 -54.02
N THR C 123 -91.21 25.17 -54.22
CA THR C 123 -90.60 25.55 -55.49
C THR C 123 -89.31 24.72 -55.69
N ALA C 124 -88.54 24.50 -54.59
CA ALA C 124 -87.32 23.69 -54.60
C ALA C 124 -87.65 22.22 -54.91
N ALA C 125 -88.73 21.66 -54.30
CA ALA C 125 -89.18 20.27 -54.49
C ALA C 125 -89.65 20.04 -55.93
N HIS C 126 -90.25 21.06 -56.58
CA HIS C 126 -90.72 21.00 -57.96
C HIS C 126 -89.51 20.94 -58.93
N VAL C 127 -88.57 21.91 -58.84
CA VAL C 127 -87.39 22.00 -59.72
C VAL C 127 -86.39 20.84 -59.48
N ALA C 128 -86.45 20.16 -58.33
CA ALA C 128 -85.59 19.01 -58.02
C ALA C 128 -86.25 17.70 -58.51
N GLY C 129 -87.47 17.82 -59.08
CA GLY C 129 -88.27 16.73 -59.61
C GLY C 129 -88.79 15.75 -58.57
N ALA C 130 -88.79 16.18 -57.30
CA ALA C 130 -89.21 15.37 -56.15
C ALA C 130 -90.72 15.23 -56.05
N ALA C 131 -91.45 16.35 -56.23
CA ALA C 131 -92.91 16.41 -56.10
C ALA C 131 -93.44 17.57 -56.90
N TYR C 132 -94.46 17.31 -57.75
CA TYR C 132 -95.09 18.35 -58.55
C TYR C 132 -95.81 19.33 -57.63
N TYR C 133 -95.52 20.62 -57.81
CA TYR C 133 -96.11 21.70 -57.01
C TYR C 133 -97.40 22.20 -57.67
N TYR C 134 -98.54 21.81 -57.09
CA TYR C 134 -99.86 22.17 -57.61
C TYR C 134 -100.34 23.50 -57.04
N GLN C 135 -100.43 24.49 -57.91
CA GLN C 135 -100.82 25.84 -57.57
C GLN C 135 -102.17 26.26 -58.16
N ARG C 136 -102.64 27.44 -57.78
CA ARG C 136 -103.88 28.09 -58.21
C ARG C 136 -103.90 28.22 -59.73
N GLN C 137 -102.77 28.71 -60.32
CA GLN C 137 -102.53 28.89 -61.76
C GLN C 137 -102.66 27.59 -62.56
N ASP C 138 -102.60 26.43 -61.87
CA ASP C 138 -102.70 25.12 -62.49
C ASP C 138 -104.17 24.71 -62.68
N VAL C 139 -105.12 25.62 -62.36
CA VAL C 139 -106.55 25.41 -62.55
C VAL C 139 -107.07 26.51 -63.46
N GLU C 140 -107.54 26.11 -64.66
CA GLU C 140 -108.13 27.04 -65.64
C GLU C 140 -109.48 27.53 -65.12
N ALA C 141 -109.84 28.79 -65.42
CA ALA C 141 -111.08 29.43 -64.96
C ALA C 141 -111.25 29.20 -63.45
N ASP C 142 -110.23 29.66 -62.71
CA ASP C 142 -110.05 29.64 -61.26
C ASP C 142 -111.38 30.02 -60.56
N PRO C 143 -111.98 29.11 -59.75
CA PRO C 143 -113.29 29.43 -59.13
C PRO C 143 -113.26 30.05 -57.73
N TRP C 144 -112.07 30.32 -57.19
CA TRP C 144 -111.96 30.70 -55.79
C TRP C 144 -112.08 32.20 -55.41
N GLY C 145 -111.86 33.11 -56.34
CA GLY C 145 -111.97 34.54 -56.06
C GLY C 145 -110.89 35.10 -55.13
N ASN C 146 -111.18 36.23 -54.43
CA ASN C 146 -110.21 36.91 -53.58
C ASN C 146 -110.06 36.28 -52.19
N GLN C 147 -109.33 35.17 -52.16
CA GLN C 147 -109.00 34.41 -50.96
C GLN C 147 -107.66 33.69 -51.19
N ARG C 148 -106.99 33.28 -50.10
CA ARG C 148 -105.72 32.57 -50.23
C ARG C 148 -105.99 31.11 -50.57
N ILE C 149 -105.38 30.65 -51.66
CA ILE C 149 -105.42 29.26 -52.11
C ILE C 149 -103.98 28.84 -52.19
N SER C 150 -103.51 28.21 -51.10
CA SER C 150 -102.13 27.74 -50.98
C SER C 150 -101.90 26.48 -51.82
N GLY C 151 -100.74 26.43 -52.46
CA GLY C 151 -100.32 25.31 -53.29
C GLY C 151 -99.86 24.12 -52.48
N VAL C 152 -99.87 22.92 -53.10
CA VAL C 152 -99.48 21.66 -52.46
C VAL C 152 -98.69 20.78 -53.47
N CYS C 153 -97.57 20.23 -52.97
CA CYS C 153 -96.68 19.32 -53.68
C CYS C 153 -97.19 17.91 -53.50
N ILE C 154 -97.25 17.16 -54.61
CA ILE C 154 -97.69 15.77 -54.53
C ILE C 154 -96.54 14.88 -55.00
N HIS C 155 -96.16 13.93 -54.14
CA HIS C 155 -95.07 12.98 -54.37
C HIS C 155 -95.61 11.78 -55.19
N PRO C 156 -94.90 11.36 -56.29
CA PRO C 156 -95.43 10.26 -57.14
C PRO C 156 -95.62 8.91 -56.44
N ARG C 157 -94.91 8.66 -55.33
CA ARG C 157 -95.01 7.39 -54.62
C ARG C 157 -95.81 7.52 -53.33
N PHE C 158 -95.56 8.58 -52.56
CA PHE C 158 -96.19 8.78 -51.25
C PHE C 158 -97.43 9.70 -51.28
N GLY C 159 -97.70 10.34 -52.41
CA GLY C 159 -98.82 11.29 -52.52
C GLY C 159 -98.47 12.54 -51.74
N GLY C 160 -99.19 12.77 -50.65
CA GLY C 160 -98.96 13.89 -49.75
C GLY C 160 -98.45 13.43 -48.40
N TRP C 161 -98.09 12.13 -48.28
CA TRP C 161 -97.58 11.52 -47.05
C TRP C 161 -96.07 11.64 -47.00
N PHE C 162 -95.64 12.90 -46.91
CA PHE C 162 -94.26 13.35 -46.86
C PHE C 162 -94.20 14.81 -46.41
N ALA C 163 -92.99 15.29 -46.11
CA ALA C 163 -92.76 16.70 -45.77
C ALA C 163 -91.43 17.11 -46.34
N ILE C 164 -91.30 18.37 -46.77
CA ILE C 164 -90.04 18.92 -47.28
C ILE C 164 -89.27 19.38 -46.04
N ARG C 165 -88.01 18.93 -45.88
CA ARG C 165 -87.27 19.23 -44.65
C ARG C 165 -86.15 20.25 -44.84
N GLY C 166 -85.75 20.48 -46.08
CA GLY C 166 -84.73 21.48 -46.34
C GLY C 166 -83.93 21.29 -47.60
N VAL C 167 -82.99 22.22 -47.80
CA VAL C 167 -82.08 22.19 -48.93
C VAL C 167 -80.63 22.24 -48.40
N VAL C 168 -79.76 21.42 -49.02
CA VAL C 168 -78.32 21.37 -48.74
C VAL C 168 -77.68 22.06 -49.93
N LEU C 169 -76.90 23.10 -49.69
CA LEU C 169 -76.26 23.86 -50.76
C LEU C 169 -74.75 23.66 -50.73
N LEU C 170 -74.13 23.53 -51.91
CA LEU C 170 -72.70 23.27 -52.04
C LEU C 170 -72.02 24.36 -52.90
N PRO C 171 -71.74 25.55 -52.29
CA PRO C 171 -71.04 26.61 -53.04
C PRO C 171 -69.67 26.13 -53.52
N GLY C 172 -69.35 26.46 -54.78
CA GLY C 172 -68.11 26.02 -55.41
C GLY C 172 -68.28 24.78 -56.26
N ILE C 173 -69.36 24.01 -56.03
CA ILE C 173 -69.67 22.80 -56.81
C ILE C 173 -70.65 23.20 -57.90
N GLU C 174 -70.11 23.55 -59.07
CA GLU C 174 -70.90 23.98 -60.19
C GLU C 174 -71.14 22.83 -61.14
N VAL C 175 -72.44 22.54 -61.35
CA VAL C 175 -72.94 21.46 -62.18
C VAL C 175 -73.78 22.12 -63.32
N PRO C 176 -73.16 22.95 -64.22
CA PRO C 176 -73.98 23.66 -65.22
C PRO C 176 -74.68 22.79 -66.24
N ASP C 177 -74.26 21.53 -66.40
CA ASP C 177 -74.86 20.61 -67.36
C ASP C 177 -75.68 19.50 -66.67
N LEU C 178 -76.04 19.72 -65.39
CA LEU C 178 -76.94 18.83 -64.65
C LEU C 178 -78.29 18.83 -65.40
N PRO C 179 -78.79 17.64 -65.79
CA PRO C 179 -80.03 17.62 -66.57
C PRO C 179 -81.30 17.86 -65.73
N PRO C 180 -82.17 18.81 -66.16
CA PRO C 180 -83.41 19.02 -65.42
C PRO C 180 -84.33 17.81 -65.53
N ARG C 181 -84.77 17.30 -64.38
CA ARG C 181 -85.71 16.19 -64.28
C ARG C 181 -87.04 16.79 -63.82
N LYS C 182 -88.01 16.94 -64.75
CA LYS C 182 -89.33 17.52 -64.47
C LYS C 182 -90.11 16.64 -63.49
N PRO C 183 -90.85 17.24 -62.53
CA PRO C 183 -91.63 16.40 -61.60
C PRO C 183 -92.83 15.77 -62.33
N HIS C 184 -93.27 14.61 -61.84
CA HIS C 184 -94.36 13.87 -62.45
C HIS C 184 -95.73 14.49 -62.13
N ASP C 185 -96.50 14.81 -63.17
CA ASP C 185 -97.86 15.35 -63.09
C ASP C 185 -98.82 14.20 -62.79
N CYS C 186 -98.89 13.85 -61.49
CA CYS C 186 -99.69 12.76 -60.95
CA CYS C 186 -99.70 12.76 -60.97
C CYS C 186 -101.15 13.14 -60.72
N VAL C 187 -101.48 14.44 -60.72
CA VAL C 187 -102.85 14.97 -60.54
C VAL C 187 -103.10 15.84 -61.79
N PRO C 188 -103.33 15.22 -62.98
CA PRO C 188 -103.42 16.04 -64.21
C PRO C 188 -104.77 16.72 -64.49
N THR C 189 -105.89 16.19 -63.98
CA THR C 189 -107.20 16.77 -64.32
C THR C 189 -107.56 17.97 -63.43
N ARG C 190 -108.31 18.92 -64.02
CA ARG C 190 -108.79 20.13 -63.37
C ARG C 190 -109.63 19.79 -62.13
N ALA C 191 -110.56 18.84 -62.24
CA ALA C 191 -111.45 18.42 -61.15
C ALA C 191 -110.67 17.85 -59.97
N ASP C 192 -109.66 17.01 -60.21
CA ASP C 192 -108.88 16.42 -59.12
C ASP C 192 -107.89 17.44 -58.52
N ARG C 193 -107.41 18.43 -59.33
CA ARG C 193 -106.55 19.53 -58.87
C ARG C 193 -107.36 20.46 -57.93
N ILE C 194 -108.66 20.69 -58.25
CA ILE C 194 -109.58 21.48 -57.43
C ILE C 194 -109.84 20.74 -56.11
N ALA C 195 -110.13 19.42 -56.18
CA ALA C 195 -110.40 18.60 -54.99
C ALA C 195 -109.16 18.53 -54.07
N LEU C 196 -107.95 18.51 -54.66
CA LEU C 196 -106.67 18.47 -53.95
C LEU C 196 -106.42 19.80 -53.23
N LEU C 197 -106.52 20.91 -53.99
CA LEU C 197 -106.29 22.26 -53.46
C LEU C 197 -107.32 22.62 -52.37
N GLU C 198 -108.59 22.19 -52.53
CA GLU C 198 -109.61 22.45 -51.52
C GLU C 198 -109.42 21.58 -50.29
N GLY C 199 -108.99 20.34 -50.50
CA GLY C 199 -108.71 19.41 -49.41
C GLY C 199 -107.51 19.86 -48.60
N PHE C 200 -106.49 20.43 -49.28
CA PHE C 200 -105.30 20.95 -48.62
C PHE C 200 -105.59 22.26 -47.86
N ASN C 201 -106.28 23.23 -48.50
CA ASN C 201 -106.55 24.54 -47.92
C ASN C 201 -107.65 24.54 -46.83
N PHE C 202 -108.72 23.76 -47.01
CA PHE C 202 -109.85 23.81 -46.08
C PHE C 202 -110.04 22.56 -45.25
N HIS C 203 -109.44 21.42 -45.64
CA HIS C 203 -109.69 20.18 -44.89
C HIS C 203 -108.41 19.39 -44.56
N TRP C 204 -107.22 20.01 -44.65
CA TRP C 204 -105.95 19.34 -44.39
C TRP C 204 -105.92 18.49 -43.11
N ARG C 205 -106.65 18.87 -42.04
CA ARG C 205 -106.68 18.14 -40.76
C ARG C 205 -107.28 16.72 -40.87
N ASP C 206 -108.05 16.45 -41.94
CA ASP C 206 -108.67 15.15 -42.15
C ASP C 206 -107.71 14.18 -42.90
N TRP C 207 -106.54 14.67 -43.36
CA TRP C 207 -105.46 13.93 -44.04
C TRP C 207 -105.75 13.52 -45.49
N THR C 208 -107.04 13.52 -45.89
CA THR C 208 -107.57 13.08 -47.18
C THR C 208 -106.82 13.61 -48.43
N TYR C 209 -106.45 14.90 -48.45
CA TYR C 209 -105.76 15.50 -49.60
C TYR C 209 -104.46 14.72 -49.98
N ARG C 210 -103.87 14.00 -48.99
CA ARG C 210 -102.61 13.26 -49.12
C ARG C 210 -102.77 11.98 -49.98
N ASP C 211 -104.01 11.46 -50.07
CA ASP C 211 -104.42 10.29 -50.86
C ASP C 211 -104.78 10.69 -52.31
N ALA C 212 -104.39 11.91 -52.76
CA ALA C 212 -104.64 12.43 -54.11
C ALA C 212 -104.06 11.50 -55.17
N VAL C 213 -103.04 10.75 -54.76
CA VAL C 213 -102.32 9.68 -55.45
C VAL C 213 -102.36 8.51 -54.47
N THR C 214 -102.69 7.30 -54.95
CA THR C 214 -102.73 6.11 -54.09
C THR C 214 -101.32 5.92 -53.48
N PRO C 215 -101.18 6.08 -52.14
CA PRO C 215 -99.85 6.05 -51.53
C PRO C 215 -99.31 4.63 -51.32
N GLN C 216 -98.00 4.45 -51.59
CA GLN C 216 -97.28 3.21 -51.39
C GLN C 216 -97.25 2.91 -49.90
N GLU C 217 -97.11 3.98 -49.10
CA GLU C 217 -97.08 3.97 -47.65
C GLU C 217 -97.67 5.30 -47.12
N ARG C 218 -98.42 5.19 -46.03
CA ARG C 218 -99.02 6.30 -45.28
C ARG C 218 -98.31 6.43 -43.93
N TYR C 219 -98.59 7.52 -43.21
CA TYR C 219 -98.10 7.68 -41.84
C TYR C 219 -98.84 6.67 -41.00
N SER C 220 -98.18 6.02 -40.03
CA SER C 220 -98.85 5.08 -39.13
C SER C 220 -99.90 5.83 -38.30
N GLU C 221 -100.80 5.11 -37.61
CA GLU C 221 -101.81 5.77 -36.78
C GLU C 221 -101.14 6.53 -35.63
N GLU C 222 -99.99 6.02 -35.16
CA GLU C 222 -99.17 6.63 -34.11
C GLU C 222 -98.53 7.93 -34.60
N GLN C 223 -97.97 7.91 -35.84
CA GLN C 223 -97.37 9.08 -36.48
C GLN C 223 -98.44 10.16 -36.74
N LYS C 224 -99.64 9.75 -37.18
CA LYS C 224 -100.79 10.64 -37.42
C LYS C 224 -101.24 11.29 -36.12
N ALA C 225 -101.31 10.50 -35.01
CA ALA C 225 -101.70 10.96 -33.68
C ALA C 225 -100.70 12.00 -33.16
N TYR C 226 -99.39 11.78 -33.43
CA TYR C 226 -98.32 12.69 -33.04
C TYR C 226 -98.47 14.03 -33.80
N PHE C 227 -98.63 13.99 -35.14
CA PHE C 227 -98.71 15.20 -35.95
C PHE C 227 -100.06 15.94 -35.78
N SER C 228 -101.17 15.25 -35.40
CA SER C 228 -102.44 15.93 -35.19
CA SER C 228 -102.45 15.91 -35.17
C SER C 228 -102.40 16.75 -33.88
N THR C 229 -101.43 16.44 -33.01
CA THR C 229 -101.22 17.16 -31.75
C THR C 229 -100.52 18.48 -32.10
N PRO C 230 -101.05 19.64 -31.64
CA PRO C 230 -100.40 20.92 -31.94
C PRO C 230 -98.94 20.93 -31.44
N PRO C 231 -98.00 21.50 -32.23
CA PRO C 231 -96.57 21.51 -31.84
C PRO C 231 -96.30 21.94 -30.39
N ALA C 232 -97.08 22.91 -29.86
CA ALA C 232 -96.97 23.44 -28.50
C ALA C 232 -97.29 22.38 -27.43
N GLN C 233 -97.87 21.24 -27.83
CA GLN C 233 -98.30 20.16 -26.94
C GLN C 233 -97.57 18.84 -27.19
N ARG C 234 -96.61 18.81 -28.13
CA ARG C 234 -95.84 17.58 -28.42
C ARG C 234 -94.88 17.28 -27.24
N LEU C 235 -95.10 16.12 -26.56
CA LEU C 235 -94.36 15.69 -25.37
C LEU C 235 -94.24 14.16 -25.26
N GLU D 6 -75.91 30.27 -1.03
CA GLU D 6 -75.46 29.65 -2.27
C GLU D 6 -74.35 30.51 -2.95
N PRO D 7 -73.06 30.12 -2.76
CA PRO D 7 -71.94 30.85 -3.37
C PRO D 7 -71.45 30.19 -4.67
N LYS D 8 -71.99 28.97 -4.99
CA LYS D 8 -71.77 28.27 -6.26
C LYS D 8 -72.55 29.08 -7.35
N VAL D 9 -73.67 29.72 -6.91
CA VAL D 9 -74.51 30.59 -7.74
C VAL D 9 -73.72 31.88 -8.10
N ALA D 10 -72.90 32.42 -7.18
CA ALA D 10 -72.04 33.58 -7.42
C ALA D 10 -70.93 33.25 -8.44
N GLU D 11 -70.43 31.99 -8.42
CA GLU D 11 -69.43 31.44 -9.32
C GLU D 11 -70.02 31.34 -10.75
N LEU D 12 -71.27 30.85 -10.88
CA LEU D 12 -72.00 30.78 -12.17
C LEU D 12 -72.18 32.18 -12.76
N LYS D 13 -72.60 33.16 -11.95
CA LYS D 13 -72.83 34.54 -12.36
C LYS D 13 -71.52 35.15 -12.88
N GLN D 14 -70.42 34.95 -12.15
CA GLN D 14 -69.09 35.46 -12.54
C GLN D 14 -68.61 34.84 -13.88
N LYS D 15 -68.84 33.52 -14.05
CA LYS D 15 -68.49 32.77 -15.26
C LYS D 15 -69.23 33.29 -16.48
N ILE D 16 -70.56 33.52 -16.36
CA ILE D 16 -71.39 34.02 -17.47
C ILE D 16 -71.02 35.47 -17.77
N GLU D 17 -70.88 36.29 -16.70
CA GLU D 17 -70.52 37.71 -16.74
C GLU D 17 -69.17 37.94 -17.41
N ASP D 18 -68.11 37.22 -17.02
CA ASP D 18 -66.77 37.41 -17.55
C ASP D 18 -66.60 36.84 -18.96
N THR D 19 -67.53 35.99 -19.39
CA THR D 19 -67.55 35.46 -20.76
C THR D 19 -68.08 36.53 -21.73
N LEU D 20 -69.10 37.28 -21.32
CA LEU D 20 -69.80 38.21 -22.19
C LEU D 20 -69.49 39.71 -22.01
N CYS D 21 -69.26 40.22 -20.77
CA CYS D 21 -69.03 41.65 -20.51
CA CYS D 21 -69.03 41.65 -20.53
C CYS D 21 -67.83 42.21 -21.34
N PRO D 22 -66.67 41.51 -21.57
CA PRO D 22 -65.62 42.13 -22.41
C PRO D 22 -66.02 42.34 -23.88
N PHE D 23 -67.15 41.75 -24.30
CA PHE D 23 -67.64 41.80 -25.68
C PHE D 23 -68.83 42.75 -25.86
N GLY D 24 -69.12 43.57 -24.86
CA GLY D 24 -70.18 44.57 -24.91
C GLY D 24 -71.55 44.09 -24.50
N PHE D 25 -71.62 43.06 -23.65
CA PHE D 25 -72.88 42.53 -23.15
C PHE D 25 -73.03 42.80 -21.66
N GLU D 26 -74.25 42.72 -21.15
CA GLU D 26 -74.59 42.82 -19.74
C GLU D 26 -75.47 41.66 -19.40
N VAL D 27 -75.31 41.13 -18.19
CA VAL D 27 -75.98 39.92 -17.71
C VAL D 27 -76.71 40.22 -16.38
N TYR D 28 -77.99 39.83 -16.28
CA TYR D 28 -78.81 40.09 -15.10
C TYR D 28 -79.54 38.86 -14.64
N PRO D 29 -79.39 38.45 -13.36
CA PRO D 29 -80.09 37.23 -12.90
C PRO D 29 -81.56 37.50 -12.58
N PHE D 30 -82.36 36.44 -12.67
CA PHE D 30 -83.78 36.48 -12.29
C PHE D 30 -84.27 35.05 -12.05
N GLN D 31 -85.37 34.90 -11.30
CA GLN D 31 -86.04 33.62 -11.10
C GLN D 31 -87.08 33.49 -12.17
N VAL D 32 -87.27 32.29 -12.71
CA VAL D 32 -88.25 31.98 -13.76
C VAL D 32 -89.67 32.42 -13.28
N ALA D 33 -89.97 32.23 -11.96
CA ALA D 33 -91.23 32.59 -11.29
C ALA D 33 -91.64 34.04 -11.53
N TRP D 34 -90.67 34.98 -11.48
CA TRP D 34 -90.90 36.42 -11.67
C TRP D 34 -91.41 36.73 -13.06
N TYR D 35 -90.87 36.02 -14.05
CA TYR D 35 -91.21 36.15 -15.46
C TYR D 35 -92.61 35.54 -15.69
N ASN D 36 -92.81 34.29 -15.25
CA ASN D 36 -94.04 33.53 -15.42
C ASN D 36 -95.25 34.15 -14.71
N GLU D 37 -95.08 34.72 -13.51
CA GLU D 37 -96.20 35.29 -12.75
C GLU D 37 -96.82 36.55 -13.43
N LEU D 38 -96.07 37.22 -14.31
CA LEU D 38 -96.52 38.42 -15.02
C LEU D 38 -97.20 38.09 -16.35
N LEU D 39 -97.12 36.83 -16.78
CA LEU D 39 -97.61 36.43 -18.08
C LEU D 39 -98.74 35.41 -18.05
N PRO D 40 -99.58 35.36 -19.13
CA PRO D 40 -100.59 34.29 -19.22
C PRO D 40 -99.90 32.92 -19.41
N PRO D 41 -100.53 31.79 -18.99
CA PRO D 41 -99.86 30.48 -19.10
C PRO D 41 -99.23 30.11 -20.46
N ALA D 42 -99.74 30.68 -21.56
CA ALA D 42 -99.23 30.47 -22.92
C ALA D 42 -97.72 30.77 -23.03
N PHE D 43 -97.27 31.88 -22.40
CA PHE D 43 -95.89 32.35 -22.48
C PHE D 43 -94.99 31.84 -21.37
N HIS D 44 -95.49 30.99 -20.47
CA HIS D 44 -94.70 30.46 -19.36
C HIS D 44 -93.57 29.57 -19.82
N LEU D 45 -92.39 29.70 -19.16
CA LEU D 45 -91.22 28.85 -19.39
C LEU D 45 -91.49 27.53 -18.62
N PRO D 46 -91.38 26.35 -19.27
CA PRO D 46 -91.71 25.09 -18.57
C PRO D 46 -90.60 24.66 -17.60
N LEU D 47 -90.38 25.48 -16.56
CA LEU D 47 -89.36 25.26 -15.55
C LEU D 47 -89.88 25.61 -14.16
N PRO D 48 -89.37 24.95 -13.07
CA PRO D 48 -89.80 25.34 -11.71
C PRO D 48 -89.50 26.83 -11.45
N GLY D 49 -90.39 27.48 -10.71
CA GLY D 49 -90.27 28.89 -10.35
C GLY D 49 -88.91 29.36 -9.88
N PRO D 50 -88.25 28.67 -8.89
CA PRO D 50 -86.95 29.17 -8.40
C PRO D 50 -85.76 28.93 -9.34
N THR D 51 -86.00 28.41 -10.57
CA THR D 51 -84.92 28.16 -11.55
C THR D 51 -84.19 29.48 -11.91
N LEU D 52 -82.85 29.44 -11.84
CA LEU D 52 -81.99 30.56 -12.14
C LEU D 52 -81.96 30.80 -13.65
N ALA D 53 -82.12 32.07 -14.02
CA ALA D 53 -82.07 32.51 -15.40
C ALA D 53 -81.28 33.80 -15.47
N PHE D 54 -80.69 34.09 -16.64
CA PHE D 54 -79.94 35.32 -16.86
C PHE D 54 -80.45 36.02 -18.10
N LEU D 55 -80.73 37.34 -17.98
CA LEU D 55 -81.11 38.14 -19.13
C LEU D 55 -79.86 38.78 -19.74
N VAL D 56 -79.69 38.63 -21.05
CA VAL D 56 -78.53 39.15 -21.76
C VAL D 56 -78.94 40.32 -22.65
N LEU D 57 -78.22 41.43 -22.54
CA LEU D 57 -78.42 42.58 -23.37
C LEU D 57 -77.10 43.01 -24.00
N SER D 58 -77.14 43.68 -25.14
CA SER D 58 -75.97 44.21 -25.79
C SER D 58 -75.94 45.74 -25.59
N THR D 59 -74.76 46.29 -25.29
CA THR D 59 -74.58 47.72 -25.04
C THR D 59 -74.03 48.34 -26.34
N PRO D 60 -73.83 49.68 -26.46
CA PRO D 60 -73.24 50.23 -27.71
C PRO D 60 -71.84 49.67 -28.03
N ALA D 61 -71.09 49.21 -27.00
CA ALA D 61 -69.73 48.66 -27.16
C ALA D 61 -69.68 47.32 -27.93
N PHE D 63 -70.82 46.40 -30.79
CA PHE D 63 -70.54 46.58 -32.22
C PHE D 63 -69.02 46.54 -32.51
N ASP D 64 -68.22 47.31 -31.75
CA ASP D 64 -66.76 47.37 -31.93
C ASP D 64 -66.00 46.17 -31.29
N ARG D 65 -66.42 45.66 -30.11
CA ARG D 65 -65.70 44.58 -29.42
C ARG D 65 -66.19 43.18 -29.74
N ALA D 66 -67.34 43.03 -30.42
CA ALA D 66 -67.85 41.71 -30.75
C ALA D 66 -68.11 41.58 -32.23
N LEU D 67 -68.93 42.47 -32.82
CA LEU D 67 -69.33 42.37 -34.21
C LEU D 67 -68.19 42.60 -35.22
N LYS D 68 -67.49 43.73 -35.16
CA LYS D 68 -66.41 44.05 -36.10
C LYS D 68 -65.35 42.91 -36.11
N PRO D 69 -64.82 42.40 -34.95
CA PRO D 69 -63.87 41.28 -35.00
C PRO D 69 -64.47 40.00 -35.59
N PHE D 70 -65.78 39.75 -35.34
CA PHE D 70 -66.50 38.60 -35.84
C PHE D 70 -66.62 38.63 -37.37
N LEU D 71 -66.87 39.82 -37.95
CA LEU D 71 -67.03 39.99 -39.38
C LEU D 71 -65.75 39.77 -40.17
N GLN D 72 -64.62 40.20 -39.61
CA GLN D 72 -63.35 40.11 -40.32
C GLN D 72 -62.70 38.73 -40.17
N SER D 73 -63.15 37.90 -39.22
CA SER D 73 -62.48 36.63 -38.95
C SER D 73 -63.35 35.39 -39.07
N CYS D 74 -64.67 35.54 -38.97
CA CYS D 74 -65.50 34.34 -38.94
C CYS D 74 -66.35 34.17 -40.20
N HIS D 75 -66.52 32.89 -40.59
CA HIS D 75 -67.34 32.54 -41.74
C HIS D 75 -68.80 32.78 -41.38
N LEU D 76 -69.47 33.58 -42.21
CA LEU D 76 -70.87 33.93 -42.05
C LEU D 76 -71.76 32.96 -42.80
N ARG D 77 -72.74 32.38 -42.11
CA ARG D 77 -73.72 31.50 -42.73
C ARG D 77 -74.53 32.30 -43.73
N LEU D 79 -77.66 33.66 -45.85
CA LEU D 79 -79.04 34.10 -45.57
C LEU D 79 -79.34 34.21 -44.05
N THR D 80 -78.28 34.38 -43.22
CA THR D 80 -78.41 34.54 -41.77
C THR D 80 -77.86 35.92 -41.38
N ASP D 81 -78.50 36.60 -40.39
CA ASP D 81 -78.09 37.93 -39.95
C ASP D 81 -76.72 37.90 -39.22
N PRO D 82 -75.77 38.78 -39.63
CA PRO D 82 -74.42 38.79 -39.00
C PRO D 82 -74.40 39.07 -37.49
N VAL D 83 -75.26 39.99 -36.99
CA VAL D 83 -75.37 40.33 -35.55
C VAL D 83 -75.93 39.12 -34.78
N ASP D 84 -76.99 38.47 -35.30
CA ASP D 84 -77.62 37.30 -34.68
C ASP D 84 -76.64 36.12 -34.56
N GLN D 85 -75.80 35.91 -35.58
CA GLN D 85 -74.76 34.88 -35.62
C GLN D 85 -73.65 35.19 -34.61
N CYS D 86 -73.20 36.47 -34.56
CA CYS D 86 -72.18 36.97 -33.65
C CYS D 86 -72.62 36.73 -32.22
N VAL D 87 -73.89 37.07 -31.90
CA VAL D 87 -74.44 36.89 -30.55
C VAL D 87 -74.57 35.40 -30.24
N ALA D 88 -75.02 34.58 -31.21
CA ALA D 88 -75.13 33.11 -31.06
C ALA D 88 -73.75 32.50 -30.73
N TYR D 89 -72.71 33.02 -31.37
CA TYR D 89 -71.33 32.61 -31.14
C TYR D 89 -70.94 32.86 -29.68
N HIS D 90 -71.22 34.08 -29.14
CA HIS D 90 -70.90 34.45 -27.78
C HIS D 90 -71.81 33.76 -26.80
N LEU D 91 -73.07 33.46 -27.18
CA LEU D 91 -73.98 32.72 -26.32
C LEU D 91 -73.48 31.26 -26.22
N GLY D 92 -72.87 30.76 -27.29
CA GLY D 92 -72.28 29.44 -27.35
C GLY D 92 -71.01 29.33 -26.52
N ARG D 93 -70.29 30.46 -26.33
CA ARG D 93 -69.11 30.54 -25.47
C ARG D 93 -69.50 30.40 -24.01
N VAL D 94 -70.75 30.80 -23.64
CA VAL D 94 -71.30 30.66 -22.29
C VAL D 94 -71.48 29.17 -21.99
N ARG D 95 -71.93 28.41 -23.00
CA ARG D 95 -72.07 26.95 -22.97
C ARG D 95 -70.74 26.29 -22.63
N GLU D 96 -69.64 26.75 -23.27
CA GLU D 96 -68.27 26.24 -23.06
C GLU D 96 -67.71 26.62 -21.68
N SER D 97 -68.17 27.74 -21.10
CA SER D 97 -67.74 28.20 -19.77
C SER D 97 -68.38 27.36 -18.66
N LEU D 98 -69.48 26.64 -18.99
CA LEU D 98 -70.22 25.81 -18.04
C LEU D 98 -70.40 24.39 -18.62
N PRO D 99 -69.31 23.60 -18.83
CA PRO D 99 -69.49 22.25 -19.42
C PRO D 99 -70.21 21.26 -18.49
N GLU D 100 -70.16 21.49 -17.15
CA GLU D 100 -70.79 20.63 -16.15
C GLU D 100 -72.31 20.77 -16.12
N LEU D 101 -72.84 21.82 -16.77
CA LEU D 101 -74.27 22.09 -16.80
C LEU D 101 -74.88 22.03 -18.18
N GLN D 102 -76.13 21.54 -18.23
CA GLN D 102 -76.95 21.53 -19.42
C GLN D 102 -77.79 22.80 -19.32
N ILE D 103 -77.43 23.78 -20.15
CA ILE D 103 -78.06 25.11 -20.15
C ILE D 103 -78.93 25.27 -21.40
N GLU D 104 -79.97 26.09 -21.27
CA GLU D 104 -80.89 26.41 -22.36
C GLU D 104 -80.69 27.89 -22.73
N ILE D 105 -80.47 28.17 -24.01
CA ILE D 105 -80.29 29.52 -24.50
C ILE D 105 -81.41 29.85 -25.50
N ILE D 106 -82.17 30.93 -25.21
CA ILE D 106 -83.23 31.42 -26.11
C ILE D 106 -82.91 32.85 -26.48
N ALA D 107 -82.61 33.09 -27.76
CA ALA D 107 -82.32 34.42 -28.26
C ALA D 107 -83.64 35.21 -28.51
N ASP D 108 -83.54 36.54 -28.56
CA ASP D 108 -84.65 37.47 -28.76
C ASP D 108 -85.43 37.22 -30.05
N TYR D 109 -84.72 36.80 -31.12
CA TYR D 109 -85.25 36.62 -32.47
C TYR D 109 -85.95 35.28 -32.69
N GLU D 110 -85.74 34.31 -31.78
CA GLU D 110 -86.31 32.97 -31.87
C GLU D 110 -87.85 32.98 -31.78
N VAL D 111 -88.50 32.21 -32.68
CA VAL D 111 -89.95 32.06 -32.76
C VAL D 111 -90.33 30.59 -32.80
N HIS D 112 -91.57 30.29 -32.40
CA HIS D 112 -92.11 28.94 -32.49
C HIS D 112 -92.59 28.68 -33.92
N PRO D 113 -92.78 27.42 -34.38
CA PRO D 113 -93.29 27.21 -35.76
C PRO D 113 -94.49 28.11 -36.13
N ASN D 114 -95.39 28.42 -35.15
CA ASN D 114 -96.56 29.31 -35.34
C ASN D 114 -96.19 30.82 -35.36
N ARG D 115 -94.87 31.14 -35.43
CA ARG D 115 -94.26 32.48 -35.54
C ARG D 115 -94.41 33.30 -34.24
N ARG D 116 -94.81 32.68 -33.14
CA ARG D 116 -94.88 33.36 -31.85
C ARG D 116 -93.50 33.39 -31.20
N PRO D 117 -93.07 34.52 -30.59
CA PRO D 117 -91.74 34.56 -29.94
C PRO D 117 -91.64 33.53 -28.82
N LYS D 118 -90.47 32.89 -28.69
CA LYS D 118 -90.23 31.89 -27.66
C LYS D 118 -90.15 32.56 -26.28
N ILE D 119 -89.56 33.77 -26.23
CA ILE D 119 -89.48 34.58 -25.00
C ILE D 119 -89.94 36.02 -25.29
N LEU D 120 -90.51 36.64 -24.26
CA LEU D 120 -90.92 38.04 -24.24
C LEU D 120 -89.76 38.74 -23.52
N ALA D 121 -88.76 39.16 -24.33
CA ALA D 121 -87.48 39.76 -23.97
C ALA D 121 -87.60 40.93 -23.00
N GLN D 122 -88.62 41.79 -23.20
CA GLN D 122 -88.85 42.99 -22.40
C GLN D 122 -89.39 42.67 -21.02
N THR D 123 -90.25 41.63 -20.88
CA THR D 123 -90.76 41.19 -19.58
C THR D 123 -89.58 40.62 -18.76
N ALA D 124 -88.68 39.87 -19.43
CA ALA D 124 -87.50 39.28 -18.82
C ALA D 124 -86.52 40.39 -18.35
N ALA D 125 -86.33 41.45 -19.17
CA ALA D 125 -85.46 42.60 -18.88
C ALA D 125 -85.95 43.39 -17.67
N HIS D 126 -87.29 43.50 -17.53
CA HIS D 126 -87.93 44.19 -16.43
C HIS D 126 -87.73 43.43 -15.10
N VAL D 127 -88.11 42.13 -15.06
CA VAL D 127 -88.00 41.29 -13.85
C VAL D 127 -86.53 41.02 -13.44
N ALA D 128 -85.58 41.17 -14.37
CA ALA D 128 -84.15 41.00 -14.10
C ALA D 128 -83.52 42.33 -13.60
N GLY D 129 -84.34 43.39 -13.54
CA GLY D 129 -83.97 44.73 -13.10
C GLY D 129 -83.02 45.44 -14.03
N ALA D 130 -82.91 44.97 -15.29
CA ALA D 130 -82.01 45.51 -16.30
C ALA D 130 -82.50 46.82 -16.90
N ALA D 131 -83.78 46.87 -17.29
CA ALA D 131 -84.40 48.02 -17.93
C ALA D 131 -85.88 48.01 -17.66
N TYR D 132 -86.42 49.17 -17.20
CA TYR D 132 -87.84 49.32 -16.92
C TYR D 132 -88.63 49.22 -18.24
N TYR D 133 -89.62 48.33 -18.25
CA TYR D 133 -90.47 48.08 -19.41
C TYR D 133 -91.69 49.02 -19.36
N TYR D 134 -91.62 50.10 -20.17
CA TYR D 134 -92.70 51.09 -20.27
C TYR D 134 -93.75 50.64 -21.26
N GLN D 135 -94.96 50.44 -20.75
CA GLN D 135 -96.09 49.98 -21.52
C GLN D 135 -97.23 50.98 -21.51
N ARG D 136 -98.23 50.72 -22.36
CA ARG D 136 -99.47 51.48 -22.52
C ARG D 136 -100.19 51.67 -21.18
N GLN D 137 -100.31 50.55 -20.41
CA GLN D 137 -100.94 50.46 -19.08
C GLN D 137 -100.25 51.39 -18.06
N ASP D 138 -99.00 51.83 -18.34
CA ASP D 138 -98.23 52.73 -17.47
C ASP D 138 -98.60 54.20 -17.75
N VAL D 139 -99.57 54.41 -18.65
CA VAL D 139 -100.09 55.73 -19.00
C VAL D 139 -101.60 55.74 -18.66
N GLU D 140 -101.97 56.55 -17.64
CA GLU D 140 -103.35 56.71 -17.20
C GLU D 140 -104.11 57.54 -18.23
N ALA D 141 -105.43 57.28 -18.38
CA ALA D 141 -106.32 57.95 -19.35
C ALA D 141 -105.64 58.02 -20.73
N ASP D 142 -105.26 56.85 -21.23
CA ASP D 142 -104.57 56.56 -22.48
C ASP D 142 -105.20 57.32 -23.67
N PRO D 143 -104.42 58.10 -24.46
CA PRO D 143 -105.02 58.86 -25.57
C PRO D 143 -104.93 58.18 -26.94
N TRP D 144 -104.56 56.88 -27.00
CA TRP D 144 -104.29 56.24 -28.29
C TRP D 144 -105.44 55.48 -28.98
N GLY D 145 -106.43 55.01 -28.25
CA GLY D 145 -107.56 54.33 -28.89
C GLY D 145 -107.24 52.95 -29.42
N ASN D 146 -108.02 52.48 -30.43
CA ASN D 146 -107.86 51.12 -30.98
C ASN D 146 -106.77 51.03 -32.02
N GLN D 147 -105.53 51.01 -31.53
CA GLN D 147 -104.30 50.88 -32.33
C GLN D 147 -103.24 50.20 -31.48
N ARG D 148 -102.23 49.60 -32.13
CA ARG D 148 -101.15 48.96 -31.40
C ARG D 148 -100.17 50.01 -30.89
N ILE D 149 -99.92 49.98 -29.58
CA ILE D 149 -98.95 50.82 -28.89
C ILE D 149 -98.02 49.85 -28.20
N SER D 150 -96.92 49.54 -28.87
CA SER D 150 -95.91 48.62 -28.37
C SER D 150 -95.06 49.27 -27.25
N GLY D 151 -94.75 48.46 -26.24
CA GLY D 151 -93.93 48.88 -25.11
C GLY D 151 -92.45 48.94 -25.44
N VAL D 152 -91.68 49.67 -24.59
CA VAL D 152 -90.24 49.87 -24.75
C VAL D 152 -89.53 49.93 -23.39
N CYS D 153 -88.38 49.23 -23.32
CA CYS D 153 -87.48 49.18 -22.17
C CYS D 153 -86.49 50.32 -22.25
N ILE D 154 -86.21 50.92 -21.11
CA ILE D 154 -85.23 51.99 -21.03
C ILE D 154 -84.18 51.59 -20.00
N HIS D 155 -82.91 51.53 -20.44
CA HIS D 155 -81.72 51.21 -19.63
C HIS D 155 -81.28 52.46 -18.81
N PRO D 156 -81.05 52.34 -17.48
CA PRO D 156 -80.70 53.54 -16.68
C PRO D 156 -79.40 54.24 -17.10
N ARG D 157 -78.52 53.56 -17.83
CA ARG D 157 -77.24 54.08 -18.25
C ARG D 157 -77.20 54.40 -19.74
N PHE D 158 -77.87 53.57 -20.58
CA PHE D 158 -77.81 53.77 -22.03
C PHE D 158 -79.11 54.28 -22.65
N GLY D 159 -80.16 54.46 -21.84
CA GLY D 159 -81.45 54.88 -22.37
C GLY D 159 -82.00 53.75 -23.23
N GLY D 160 -82.19 54.03 -24.51
CA GLY D 160 -82.64 53.05 -25.49
C GLY D 160 -81.53 52.57 -26.40
N TRP D 161 -80.27 52.98 -26.12
CA TRP D 161 -79.09 52.60 -26.91
C TRP D 161 -78.53 51.27 -26.40
N PHE D 162 -79.32 50.23 -26.59
CA PHE D 162 -79.05 48.85 -26.22
C PHE D 162 -80.07 47.95 -26.95
N ALA D 163 -79.89 46.63 -26.89
CA ALA D 163 -80.84 45.65 -27.42
C ALA D 163 -80.84 44.44 -26.51
N ILE D 164 -81.98 43.77 -26.35
CA ILE D 164 -82.09 42.54 -25.54
C ILE D 164 -81.69 41.39 -26.50
N ARG D 165 -80.74 40.54 -26.09
CA ARG D 165 -80.21 39.51 -26.99
C ARG D 165 -80.65 38.07 -26.63
N GLY D 166 -81.09 37.86 -25.41
CA GLY D 166 -81.56 36.54 -25.03
C GLY D 166 -81.60 36.25 -23.55
N VAL D 167 -82.00 35.01 -23.24
CA VAL D 167 -82.04 34.48 -21.88
C VAL D 167 -81.22 33.18 -21.83
N VAL D 168 -80.47 33.02 -20.74
CA VAL D 168 -79.70 31.82 -20.41
C VAL D 168 -80.44 31.18 -19.23
N LEU D 169 -80.92 29.96 -19.41
CA LEU D 169 -81.66 29.23 -18.37
C LEU D 169 -80.81 28.13 -17.83
N LEU D 170 -80.82 27.96 -16.48
CA LEU D 170 -80.00 26.97 -15.79
C LEU D 170 -80.90 25.93 -15.10
N PRO D 171 -81.53 24.98 -15.85
CA PRO D 171 -82.40 23.98 -15.20
C PRO D 171 -81.63 23.15 -14.17
N GLY D 172 -82.24 22.96 -13.00
CA GLY D 172 -81.64 22.24 -11.88
C GLY D 172 -81.00 23.19 -10.87
N ILE D 173 -80.64 24.41 -11.33
CA ILE D 173 -80.06 25.46 -10.48
C ILE D 173 -81.25 26.27 -9.97
N GLU D 174 -81.65 25.96 -8.73
CA GLU D 174 -82.78 26.54 -8.02
C GLU D 174 -82.28 27.59 -6.99
N VAL D 175 -82.71 28.85 -7.15
CA VAL D 175 -82.32 29.95 -6.28
C VAL D 175 -83.61 30.56 -5.69
N PRO D 176 -84.21 29.92 -4.66
CA PRO D 176 -85.49 30.41 -4.13
C PRO D 176 -85.42 31.72 -3.33
N ASP D 177 -84.24 32.05 -2.79
CA ASP D 177 -84.01 33.23 -1.96
C ASP D 177 -83.32 34.35 -2.73
N LEU D 178 -83.29 34.27 -4.09
CA LEU D 178 -82.72 35.33 -4.93
C LEU D 178 -83.56 36.59 -4.72
N PRO D 179 -82.96 37.71 -4.30
CA PRO D 179 -83.78 38.90 -3.99
C PRO D 179 -84.22 39.65 -5.25
N PRO D 180 -85.54 39.98 -5.37
CA PRO D 180 -86.00 40.74 -6.53
C PRO D 180 -85.46 42.16 -6.51
N ARG D 181 -84.78 42.54 -7.60
CA ARG D 181 -84.20 43.86 -7.80
C ARG D 181 -85.06 44.57 -8.84
N LYS D 182 -85.89 45.51 -8.39
CA LYS D 182 -86.80 46.26 -9.24
C LYS D 182 -86.04 47.13 -10.26
N PRO D 183 -86.51 47.22 -11.52
CA PRO D 183 -85.82 48.11 -12.48
C PRO D 183 -86.06 49.58 -12.10
N HIS D 184 -85.11 50.45 -12.44
CA HIS D 184 -85.20 51.87 -12.16
C HIS D 184 -86.23 52.56 -13.05
N ASP D 185 -87.19 53.27 -12.42
CA ASP D 185 -88.21 54.05 -13.11
C ASP D 185 -87.58 55.39 -13.50
N CYS D 186 -86.84 55.37 -14.61
CA CYS D 186 -86.09 56.47 -15.20
C CYS D 186 -86.97 57.44 -15.98
N VAL D 187 -88.18 57.01 -16.39
CA VAL D 187 -89.15 57.83 -17.14
C VAL D 187 -90.44 57.80 -16.29
N PRO D 188 -90.48 58.53 -15.14
CA PRO D 188 -91.64 58.40 -14.23
C PRO D 188 -92.88 59.21 -14.60
N THR D 189 -92.76 60.31 -15.35
CA THR D 189 -93.95 61.14 -15.62
C THR D 189 -94.76 60.64 -16.83
N ARG D 190 -96.08 60.86 -16.76
CA ARG D 190 -97.05 60.50 -17.79
C ARG D 190 -96.68 61.13 -19.14
N ALA D 191 -96.35 62.43 -19.16
CA ALA D 191 -95.99 63.17 -20.37
C ALA D 191 -94.74 62.60 -21.03
N ASP D 192 -93.73 62.23 -20.23
CA ASP D 192 -92.48 61.67 -20.74
C ASP D 192 -92.65 60.23 -21.23
N ARG D 193 -93.55 59.46 -20.60
CA ARG D 193 -93.93 58.10 -20.97
C ARG D 193 -94.69 58.12 -22.31
N ILE D 194 -95.55 59.12 -22.53
CA ILE D 194 -96.31 59.31 -23.78
C ILE D 194 -95.32 59.66 -24.89
N ALA D 195 -94.39 60.61 -24.63
CA ALA D 195 -93.38 61.05 -25.61
C ALA D 195 -92.46 59.88 -26.02
N LEU D 196 -92.13 58.99 -25.05
CA LEU D 196 -91.28 57.82 -25.25
C LEU D 196 -92.01 56.78 -26.10
N LEU D 197 -93.24 56.42 -25.72
CA LEU D 197 -94.05 55.43 -26.42
C LEU D 197 -94.39 55.89 -27.84
N GLU D 198 -94.63 57.18 -28.06
CA GLU D 198 -94.92 57.73 -29.39
C GLU D 198 -93.66 57.79 -30.24
N GLY D 199 -92.53 58.12 -29.61
CA GLY D 199 -91.23 58.16 -30.26
C GLY D 199 -90.82 56.78 -30.74
N PHE D 200 -91.09 55.74 -29.92
CA PHE D 200 -90.77 54.35 -30.23
C PHE D 200 -91.71 53.76 -31.30
N ASN D 201 -93.04 53.97 -31.13
CA ASN D 201 -94.03 53.40 -32.04
C ASN D 201 -94.11 54.08 -33.40
N PHE D 202 -94.00 55.43 -33.44
CA PHE D 202 -94.17 56.15 -34.70
C PHE D 202 -92.91 56.81 -35.27
N HIS D 203 -91.81 56.91 -34.51
CA HIS D 203 -90.64 57.61 -35.07
C HIS D 203 -89.33 56.95 -34.74
N TRP D 204 -89.33 55.62 -34.45
CA TRP D 204 -88.12 54.90 -34.04
C TRP D 204 -86.93 55.03 -35.01
N ARG D 205 -87.17 55.23 -36.32
CA ARG D 205 -86.10 55.34 -37.31
C ARG D 205 -85.25 56.62 -37.12
N ASP D 206 -85.77 57.62 -36.38
CA ASP D 206 -85.00 58.84 -36.14
C ASP D 206 -84.16 58.76 -34.82
N TRP D 207 -84.19 57.59 -34.14
CA TRP D 207 -83.40 57.22 -32.92
C TRP D 207 -83.74 58.00 -31.64
N THR D 208 -84.50 59.10 -31.75
CA THR D 208 -84.84 60.05 -30.69
C THR D 208 -85.33 59.40 -29.40
N TYR D 209 -86.21 58.38 -29.46
CA TYR D 209 -86.77 57.74 -28.26
C TYR D 209 -85.68 57.19 -27.33
N ARG D 210 -84.52 56.85 -27.90
CA ARG D 210 -83.40 56.24 -27.18
C ARG D 210 -82.73 57.24 -26.22
N ASP D 211 -83.01 58.54 -26.43
CA ASP D 211 -82.52 59.66 -25.63
C ASP D 211 -83.51 60.06 -24.51
N ALA D 212 -84.54 59.21 -24.23
CA ALA D 212 -85.56 59.41 -23.17
C ALA D 212 -84.91 59.61 -21.79
N VAL D 213 -83.69 59.05 -21.65
CA VAL D 213 -82.77 59.11 -20.53
C VAL D 213 -81.43 59.50 -21.17
N THR D 214 -80.71 60.44 -20.55
CA THR D 214 -79.43 60.90 -21.08
C THR D 214 -78.41 59.72 -21.02
N PRO D 215 -77.96 59.24 -22.22
CA PRO D 215 -77.11 58.05 -22.24
C PRO D 215 -75.64 58.35 -21.98
N GLN D 216 -74.98 57.43 -21.24
CA GLN D 216 -73.55 57.46 -20.94
C GLN D 216 -72.78 57.31 -22.26
N GLU D 217 -73.37 56.51 -23.18
CA GLU D 217 -72.86 56.22 -24.51
C GLU D 217 -74.02 55.91 -25.46
N ARG D 218 -73.89 56.38 -26.71
CA ARG D 218 -74.80 56.13 -27.83
C ARG D 218 -74.12 55.21 -28.83
N TYR D 219 -74.86 54.73 -29.83
CA TYR D 219 -74.28 53.98 -30.93
C TYR D 219 -73.49 54.97 -31.75
N SER D 220 -72.29 54.58 -32.24
CA SER D 220 -71.49 55.45 -33.10
C SER D 220 -72.27 55.73 -34.40
N GLU D 221 -71.82 56.72 -35.20
CA GLU D 221 -72.49 57.02 -36.46
C GLU D 221 -72.37 55.83 -37.42
N GLU D 222 -71.25 55.07 -37.33
CA GLU D 222 -70.99 53.85 -38.10
C GLU D 222 -71.97 52.74 -37.69
N GLN D 223 -72.19 52.55 -36.36
CA GLN D 223 -73.11 51.56 -35.82
C GLN D 223 -74.56 51.91 -36.23
N LYS D 224 -74.92 53.21 -36.18
CA LYS D 224 -76.23 53.71 -36.58
C LYS D 224 -76.47 53.48 -38.09
N ALA D 225 -75.43 53.71 -38.93
CA ALA D 225 -75.47 53.48 -40.39
C ALA D 225 -75.68 52.01 -40.70
N TYR D 226 -75.05 51.12 -39.91
CA TYR D 226 -75.18 49.68 -40.03
C TYR D 226 -76.62 49.24 -39.71
N PHE D 227 -77.17 49.68 -38.57
CA PHE D 227 -78.51 49.29 -38.15
C PHE D 227 -79.62 49.98 -38.96
N SER D 228 -79.37 51.17 -39.59
CA SER D 228 -80.35 51.84 -40.46
C SER D 228 -80.56 51.04 -41.75
N THR D 229 -79.56 50.21 -42.11
CA THR D 229 -79.59 49.34 -43.28
C THR D 229 -80.53 48.17 -42.97
N PRO D 230 -81.53 47.87 -43.84
CA PRO D 230 -82.43 46.74 -43.57
C PRO D 230 -81.66 45.42 -43.46
N PRO D 231 -82.03 44.53 -42.50
CA PRO D 231 -81.25 43.29 -42.28
C PRO D 231 -80.95 42.49 -43.55
N ALA D 232 -81.89 42.47 -44.51
CA ALA D 232 -81.79 41.76 -45.79
C ALA D 232 -80.69 42.36 -46.72
N GLN D 233 -80.17 43.56 -46.41
CA GLN D 233 -79.16 44.21 -47.26
C GLN D 233 -77.79 44.41 -46.54
N ARG D 234 -77.61 43.85 -45.32
CA ARG D 234 -76.39 44.01 -44.51
C ARG D 234 -75.21 43.19 -45.05
N LYS E 8 -65.33 -4.68 -41.89
CA LYS E 8 -65.14 -4.42 -40.46
C LYS E 8 -63.73 -3.86 -40.25
N VAL E 9 -62.71 -4.73 -40.02
CA VAL E 9 -61.31 -4.33 -39.92
C VAL E 9 -60.86 -3.82 -41.30
N ALA E 10 -61.33 -4.50 -42.38
CA ALA E 10 -61.04 -4.17 -43.76
C ALA E 10 -61.75 -2.89 -44.17
N GLU E 11 -62.93 -2.63 -43.59
CA GLU E 11 -63.72 -1.42 -43.87
C GLU E 11 -63.04 -0.21 -43.21
N LEU E 12 -62.63 -0.37 -41.93
CA LEU E 12 -61.96 0.69 -41.16
C LEU E 12 -60.60 1.00 -41.75
N LYS E 13 -59.84 -0.07 -42.12
CA LYS E 13 -58.52 0.03 -42.76
C LYS E 13 -58.61 0.84 -44.05
N GLN E 14 -59.62 0.55 -44.92
CA GLN E 14 -59.84 1.25 -46.19
C GLN E 14 -60.11 2.74 -45.97
N LYS E 15 -60.95 3.07 -44.97
CA LYS E 15 -61.26 4.47 -44.64
C LYS E 15 -59.99 5.23 -44.19
N ILE E 16 -59.15 4.59 -43.34
CA ILE E 16 -57.90 5.19 -42.84
C ILE E 16 -56.89 5.29 -44.02
N GLU E 17 -56.82 4.26 -44.88
CA GLU E 17 -55.94 4.23 -46.05
C GLU E 17 -56.31 5.29 -47.08
N ASP E 18 -57.61 5.46 -47.35
CA ASP E 18 -58.10 6.48 -48.29
C ASP E 18 -57.74 7.87 -47.82
N THR E 19 -57.72 8.07 -46.49
CA THR E 19 -57.35 9.34 -45.87
C THR E 19 -55.83 9.60 -45.91
N LEU E 20 -55.01 8.57 -45.52
CA LEU E 20 -53.58 8.73 -45.34
C LEU E 20 -52.66 8.32 -46.48
N CYS E 21 -52.95 7.21 -47.19
CA CYS E 21 -52.08 6.69 -48.27
C CYS E 21 -51.81 7.73 -49.39
N PRO E 22 -52.76 8.60 -49.85
CA PRO E 22 -52.39 9.60 -50.87
C PRO E 22 -51.36 10.62 -50.41
N PHE E 23 -51.08 10.71 -49.09
CA PHE E 23 -50.15 11.67 -48.50
C PHE E 23 -48.80 11.05 -48.08
N GLY E 24 -48.53 9.81 -48.49
CA GLY E 24 -47.26 9.17 -48.22
C GLY E 24 -47.18 8.37 -46.94
N PHE E 25 -48.32 7.86 -46.48
CA PHE E 25 -48.41 7.06 -45.28
C PHE E 25 -48.82 5.62 -45.54
N GLU E 26 -48.49 4.74 -44.60
CA GLU E 26 -48.88 3.33 -44.62
C GLU E 26 -49.54 3.03 -43.31
N VAL E 27 -50.54 2.14 -43.33
CA VAL E 27 -51.36 1.79 -42.17
C VAL E 27 -51.38 0.27 -41.97
N TYR E 28 -51.12 -0.18 -40.72
CA TYR E 28 -51.04 -1.59 -40.38
C TYR E 28 -51.87 -1.93 -39.17
N PRO E 29 -52.84 -2.88 -39.26
CA PRO E 29 -53.63 -3.22 -38.06
C PRO E 29 -52.88 -4.11 -37.08
N PHE E 30 -53.27 -4.03 -35.81
CA PHE E 30 -52.77 -4.90 -34.77
C PHE E 30 -53.76 -4.90 -33.59
N GLN E 31 -53.66 -5.91 -32.74
CA GLN E 31 -54.41 -6.02 -31.50
C GLN E 31 -53.56 -5.39 -30.40
N VAL E 32 -54.18 -4.63 -29.49
CA VAL E 32 -53.49 -3.99 -28.35
C VAL E 32 -52.71 -5.06 -27.54
N ALA E 33 -53.31 -6.27 -27.39
CA ALA E 33 -52.73 -7.44 -26.68
C ALA E 33 -51.34 -7.78 -27.15
N TRP E 34 -51.08 -7.74 -28.49
CA TRP E 34 -49.79 -8.08 -29.09
C TRP E 34 -48.70 -7.14 -28.64
N TYR E 35 -49.04 -5.86 -28.53
CA TYR E 35 -48.16 -4.78 -28.09
C TYR E 35 -47.88 -4.93 -26.59
N ASN E 36 -48.95 -5.01 -25.78
CA ASN E 36 -48.91 -5.10 -24.32
C ASN E 36 -48.21 -6.36 -23.79
N GLU E 37 -48.35 -7.51 -24.47
CA GLU E 37 -47.74 -8.77 -24.00
C GLU E 37 -46.22 -8.78 -24.10
N LEU E 38 -45.65 -7.93 -24.95
CA LEU E 38 -44.20 -7.84 -25.16
C LEU E 38 -43.54 -6.84 -24.22
N LEU E 39 -44.34 -6.05 -23.50
CA LEU E 39 -43.86 -4.96 -22.67
C LEU E 39 -44.16 -5.08 -21.20
N PRO E 40 -43.32 -4.46 -20.33
CA PRO E 40 -43.65 -4.43 -18.89
C PRO E 40 -44.90 -3.58 -18.63
N PRO E 41 -45.67 -3.84 -17.53
CA PRO E 41 -46.92 -3.07 -17.30
C PRO E 41 -46.84 -1.55 -17.41
N ALA E 42 -45.66 -0.95 -17.14
CA ALA E 42 -45.43 0.50 -17.24
C ALA E 42 -45.83 1.06 -18.63
N PHE E 43 -45.48 0.33 -19.71
CA PHE E 43 -45.72 0.78 -21.08
C PHE E 43 -47.03 0.31 -21.70
N HIS E 44 -47.88 -0.37 -20.93
CA HIS E 44 -49.15 -0.87 -21.44
C HIS E 44 -50.14 0.23 -21.82
N LEU E 45 -50.90 -0.03 -22.89
CA LEU E 45 -52.00 0.82 -23.31
C LEU E 45 -53.22 0.43 -22.46
N PRO E 46 -53.92 1.39 -21.81
CA PRO E 46 -55.04 1.01 -20.93
C PRO E 46 -56.31 0.68 -21.73
N LEU E 47 -56.23 -0.41 -22.50
CA LEU E 47 -57.32 -0.88 -23.36
C LEU E 47 -57.42 -2.38 -23.33
N PRO E 48 -58.63 -2.98 -23.52
CA PRO E 48 -58.73 -4.46 -23.59
C PRO E 48 -57.86 -5.01 -24.72
N GLY E 49 -57.26 -6.18 -24.48
CA GLY E 49 -56.40 -6.87 -25.44
C GLY E 49 -56.89 -6.94 -26.88
N PRO E 50 -58.16 -7.38 -27.15
CA PRO E 50 -58.62 -7.49 -28.55
C PRO E 50 -58.93 -6.15 -29.25
N THR E 51 -58.71 -4.99 -28.60
CA THR E 51 -58.97 -3.68 -29.20
C THR E 51 -58.15 -3.50 -30.48
N LEU E 52 -58.80 -3.01 -31.53
CA LEU E 52 -58.19 -2.73 -32.83
C LEU E 52 -57.37 -1.45 -32.75
N ALA E 53 -56.15 -1.53 -33.29
CA ALA E 53 -55.23 -0.41 -33.40
C ALA E 53 -54.59 -0.41 -34.77
N PHE E 54 -54.12 0.74 -35.22
CA PHE E 54 -53.43 0.89 -36.50
C PHE E 54 -52.12 1.58 -36.29
N LEU E 55 -51.04 1.01 -36.83
CA LEU E 55 -49.74 1.65 -36.79
C LEU E 55 -49.55 2.47 -38.08
N VAL E 56 -49.17 3.74 -37.92
CA VAL E 56 -48.96 4.65 -39.05
C VAL E 56 -47.47 4.93 -39.22
N LEU E 57 -46.98 4.74 -40.46
CA LEU E 57 -45.61 5.06 -40.86
C LEU E 57 -45.66 6.07 -41.98
N SER E 58 -44.59 6.82 -42.15
CA SER E 58 -44.44 7.72 -43.29
C SER E 58 -43.37 7.14 -44.22
N THR E 59 -43.61 7.24 -45.53
CA THR E 59 -42.75 6.67 -46.57
C THR E 59 -41.92 7.82 -47.16
N PRO E 60 -40.91 7.59 -48.03
CA PRO E 60 -40.19 8.75 -48.60
C PRO E 60 -41.10 9.76 -49.31
N ALA E 61 -42.28 9.32 -49.76
CA ALA E 61 -43.29 10.08 -50.47
C ALA E 61 -43.99 11.14 -49.63
N PHE E 63 -42.83 13.55 -47.66
CA PHE E 63 -42.19 14.86 -47.75
C PHE E 63 -42.80 15.72 -48.88
N ASP E 64 -42.88 15.16 -50.10
CA ASP E 64 -43.43 15.85 -51.27
C ASP E 64 -44.96 15.87 -51.30
N ARG E 65 -45.62 14.77 -50.86
CA ARG E 65 -47.07 14.66 -50.92
C ARG E 65 -47.80 15.28 -49.73
N ALA E 66 -47.16 15.40 -48.56
CA ALA E 66 -47.85 15.97 -47.41
C ALA E 66 -47.14 17.18 -46.84
N LEU E 67 -45.81 17.10 -46.54
CA LEU E 67 -45.09 18.23 -45.92
C LEU E 67 -45.03 19.48 -46.81
N LYS E 68 -44.51 19.37 -48.05
CA LYS E 68 -44.38 20.54 -48.94
C LYS E 68 -45.75 21.24 -49.13
N PRO E 69 -46.88 20.53 -49.48
CA PRO E 69 -48.18 21.23 -49.59
C PRO E 69 -48.64 21.85 -48.25
N PHE E 70 -48.31 21.21 -47.10
CA PHE E 70 -48.68 21.69 -45.77
C PHE E 70 -47.98 23.01 -45.46
N LEU E 71 -46.70 23.15 -45.87
CA LEU E 71 -45.90 24.36 -45.65
C LEU E 71 -46.42 25.54 -46.49
N GLN E 72 -47.08 25.22 -47.63
CA GLN E 72 -47.63 26.13 -48.62
C GLN E 72 -48.99 26.70 -48.21
N SER E 73 -49.89 25.88 -47.65
CA SER E 73 -51.25 26.30 -47.35
C SER E 73 -51.62 26.42 -45.87
N CYS E 74 -50.81 25.87 -44.95
CA CYS E 74 -51.19 25.94 -43.54
C CYS E 74 -50.29 26.84 -42.69
N HIS E 75 -50.89 27.45 -41.65
CA HIS E 75 -50.21 28.27 -40.65
C HIS E 75 -49.48 27.35 -39.66
N LEU E 76 -48.22 27.68 -39.37
CA LEU E 76 -47.42 26.87 -38.44
C LEU E 76 -47.39 27.48 -37.07
N ARG E 77 -47.67 26.67 -36.03
CA ARG E 77 -47.58 27.14 -34.66
C ARG E 77 -46.10 27.40 -34.36
N LEU E 79 -42.52 27.65 -32.51
CA LEU E 79 -41.63 26.75 -31.76
C LEU E 79 -42.10 25.28 -31.81
N THR E 80 -42.85 24.94 -32.88
CA THR E 80 -43.40 23.61 -33.10
C THR E 80 -42.87 23.11 -34.43
N ASP E 81 -42.34 21.87 -34.44
CA ASP E 81 -41.75 21.19 -35.58
C ASP E 81 -42.78 21.02 -36.74
N PRO E 82 -42.43 21.44 -37.98
CA PRO E 82 -43.39 21.39 -39.10
C PRO E 82 -43.87 20.00 -39.49
N VAL E 83 -42.98 18.97 -39.42
CA VAL E 83 -43.31 17.58 -39.75
C VAL E 83 -44.29 17.02 -38.70
N ASP E 84 -44.06 17.29 -37.40
CA ASP E 84 -44.95 16.86 -36.31
C ASP E 84 -46.33 17.51 -36.44
N GLN E 85 -46.38 18.78 -36.91
CA GLN E 85 -47.61 19.55 -37.17
C GLN E 85 -48.37 19.03 -38.37
N CYS E 86 -47.64 18.60 -39.42
CA CYS E 86 -48.18 18.05 -40.66
C CYS E 86 -48.82 16.68 -40.37
N VAL E 87 -48.13 15.82 -39.60
CA VAL E 87 -48.56 14.46 -39.21
C VAL E 87 -49.78 14.55 -38.31
N ALA E 88 -49.77 15.44 -37.29
CA ALA E 88 -50.92 15.69 -36.41
C ALA E 88 -52.16 16.10 -37.22
N TYR E 89 -51.98 16.95 -38.24
CA TYR E 89 -53.04 17.40 -39.14
C TYR E 89 -53.69 16.23 -39.91
N HIS E 90 -52.87 15.33 -40.48
CA HIS E 90 -53.33 14.17 -41.23
C HIS E 90 -53.90 13.11 -40.31
N LEU E 91 -53.39 13.01 -39.05
CA LEU E 91 -53.93 12.07 -38.06
C LEU E 91 -55.30 12.59 -37.59
N GLY E 92 -55.48 13.91 -37.60
CA GLY E 92 -56.74 14.55 -37.24
C GLY E 92 -57.78 14.38 -38.33
N ARG E 93 -57.33 14.20 -39.60
CA ARG E 93 -58.21 13.96 -40.74
C ARG E 93 -58.79 12.56 -40.67
N VAL E 94 -58.05 11.61 -40.05
CA VAL E 94 -58.50 10.25 -39.77
C VAL E 94 -59.69 10.35 -38.81
N ARG E 95 -59.61 11.26 -37.84
CA ARG E 95 -60.69 11.55 -36.90
C ARG E 95 -61.97 12.00 -37.66
N GLU E 96 -61.83 12.86 -38.70
CA GLU E 96 -62.95 13.34 -39.54
C GLU E 96 -63.47 12.25 -40.49
N SER E 97 -62.64 11.26 -40.86
CA SER E 97 -63.05 10.17 -41.75
C SER E 97 -63.92 9.13 -41.02
N LEU E 98 -63.85 9.12 -39.66
CA LEU E 98 -64.62 8.22 -38.80
C LEU E 98 -65.41 9.05 -37.75
N PRO E 99 -66.41 9.88 -38.14
CA PRO E 99 -67.10 10.73 -37.15
C PRO E 99 -67.96 9.96 -36.14
N GLU E 100 -68.45 8.77 -36.51
CA GLU E 100 -69.30 7.93 -35.66
C GLU E 100 -68.49 7.26 -34.54
N LEU E 101 -67.15 7.27 -34.66
CA LEU E 101 -66.25 6.61 -33.73
C LEU E 101 -65.38 7.55 -32.91
N GLN E 102 -65.27 7.23 -31.60
CA GLN E 102 -64.38 7.91 -30.67
C GLN E 102 -63.05 7.18 -30.77
N ILE E 103 -62.07 7.83 -31.40
CA ILE E 103 -60.76 7.24 -31.62
C ILE E 103 -59.70 7.96 -30.75
N GLU E 104 -58.61 7.25 -30.45
CA GLU E 104 -57.47 7.79 -29.70
C GLU E 104 -56.26 7.79 -30.62
N ILE E 105 -55.52 8.88 -30.64
CA ILE E 105 -54.34 9.02 -31.49
C ILE E 105 -53.12 9.38 -30.62
N ILE E 106 -52.05 8.59 -30.75
CA ILE E 106 -50.77 8.83 -30.08
C ILE E 106 -49.67 8.88 -31.13
N ALA E 107 -49.06 10.06 -31.31
CA ALA E 107 -47.95 10.21 -32.24
C ALA E 107 -46.64 9.74 -31.59
N ASP E 108 -45.63 9.42 -32.42
CA ASP E 108 -44.30 8.93 -32.01
C ASP E 108 -43.55 9.89 -31.05
N TYR E 109 -43.76 11.22 -31.24
CA TYR E 109 -43.08 12.29 -30.54
C TYR E 109 -43.71 12.63 -29.17
N GLU E 110 -44.91 12.11 -28.90
CA GLU E 110 -45.62 12.39 -27.66
C GLU E 110 -44.92 11.74 -26.44
N VAL E 111 -44.83 12.52 -25.36
CA VAL E 111 -44.21 12.16 -24.09
C VAL E 111 -45.15 12.51 -22.94
N HIS E 112 -45.00 11.77 -21.83
CA HIS E 112 -45.72 12.05 -20.60
C HIS E 112 -45.03 13.24 -19.89
N PRO E 113 -45.64 13.91 -18.87
CA PRO E 113 -44.94 15.01 -18.18
C PRO E 113 -43.51 14.66 -17.71
N ASN E 114 -43.25 13.38 -17.32
CA ASN E 114 -41.92 12.90 -16.90
C ASN E 114 -40.96 12.63 -18.09
N ARG E 115 -41.36 13.04 -19.31
CA ARG E 115 -40.60 12.97 -20.57
C ARG E 115 -40.46 11.52 -21.12
N ARG E 116 -41.24 10.57 -20.59
CA ARG E 116 -41.24 9.21 -21.08
C ARG E 116 -42.15 9.12 -22.31
N PRO E 117 -41.75 8.37 -23.37
CA PRO E 117 -42.64 8.23 -24.55
C PRO E 117 -43.95 7.56 -24.19
N LYS E 118 -45.06 8.06 -24.77
CA LYS E 118 -46.39 7.51 -24.53
C LYS E 118 -46.51 6.13 -25.19
N ILE E 119 -45.90 5.95 -26.39
CA ILE E 119 -45.86 4.67 -27.11
C ILE E 119 -44.43 4.33 -27.50
N LEU E 120 -44.14 3.03 -27.55
CA LEU E 120 -42.89 2.47 -28.02
C LEU E 120 -43.18 2.04 -29.44
N ALA E 121 -42.99 3.01 -30.37
CA ALA E 121 -43.29 2.99 -31.81
C ALA E 121 -42.78 1.76 -32.53
N GLN E 122 -41.56 1.32 -32.19
CA GLN E 122 -40.89 0.17 -32.82
C GLN E 122 -41.51 -1.17 -32.41
N THR E 123 -41.97 -1.30 -31.15
CA THR E 123 -42.67 -2.51 -30.68
C THR E 123 -44.02 -2.60 -31.44
N ALA E 124 -44.70 -1.46 -31.63
CA ALA E 124 -45.97 -1.38 -32.36
C ALA E 124 -45.78 -1.74 -33.84
N ALA E 125 -44.70 -1.25 -34.48
CA ALA E 125 -44.36 -1.51 -35.88
C ALA E 125 -44.04 -3.00 -36.12
N HIS E 126 -43.41 -3.66 -35.13
CA HIS E 126 -43.07 -5.07 -35.19
C HIS E 126 -44.35 -5.95 -35.13
N VAL E 127 -45.20 -5.74 -34.08
CA VAL E 127 -46.44 -6.52 -33.88
C VAL E 127 -47.51 -6.23 -34.96
N ALA E 128 -47.42 -5.11 -35.68
CA ALA E 128 -48.33 -4.77 -36.77
C ALA E 128 -47.82 -5.34 -38.11
N GLY E 129 -46.65 -6.01 -38.08
CA GLY E 129 -45.99 -6.63 -39.22
C GLY E 129 -45.46 -5.64 -40.24
N ALA E 130 -45.30 -4.37 -39.84
CA ALA E 130 -44.85 -3.28 -40.71
C ALA E 130 -43.35 -3.31 -40.98
N ALA E 131 -42.55 -3.55 -39.92
CA ALA E 131 -41.09 -3.53 -39.98
C ALA E 131 -40.52 -4.31 -38.82
N TYR E 132 -39.61 -5.25 -39.13
CA TYR E 132 -38.94 -6.09 -38.14
C TYR E 132 -38.07 -5.21 -37.24
N TYR E 133 -38.27 -5.32 -35.92
CA TYR E 133 -37.56 -4.56 -34.90
C TYR E 133 -36.30 -5.31 -34.49
N TYR E 134 -35.15 -4.86 -35.03
CA TYR E 134 -33.84 -5.45 -34.76
C TYR E 134 -33.24 -4.84 -33.52
N GLN E 135 -33.13 -5.68 -32.51
CA GLN E 135 -32.64 -5.32 -31.20
C GLN E 135 -31.35 -6.07 -30.92
N ARG E 136 -30.67 -5.66 -29.86
CA ARG E 136 -29.45 -6.23 -29.32
C ARG E 136 -29.56 -7.73 -29.08
N GLN E 137 -30.66 -8.15 -28.44
CA GLN E 137 -31.03 -9.54 -28.09
C GLN E 137 -31.12 -10.44 -29.36
N ASP E 138 -31.18 -9.82 -30.56
CA ASP E 138 -31.25 -10.50 -31.85
C ASP E 138 -29.86 -10.84 -32.39
N VAL E 139 -28.82 -10.50 -31.61
CA VAL E 139 -27.42 -10.79 -31.91
C VAL E 139 -26.91 -11.72 -30.82
N GLU E 140 -26.55 -12.94 -31.21
CA GLU E 140 -26.03 -13.94 -30.28
C GLU E 140 -24.59 -13.57 -29.88
N ALA E 141 -24.18 -13.91 -28.65
CA ALA E 141 -22.86 -13.59 -28.08
C ALA E 141 -22.53 -12.11 -28.33
N ASP E 142 -23.42 -11.27 -27.82
CA ASP E 142 -23.45 -9.81 -27.90
C ASP E 142 -22.05 -9.22 -27.63
N PRO E 143 -21.44 -8.50 -28.60
CA PRO E 143 -20.07 -8.00 -28.40
C PRO E 143 -19.92 -6.59 -27.81
N TRP E 144 -21.01 -5.91 -27.47
CA TRP E 144 -20.98 -4.50 -27.12
C TRP E 144 -20.72 -4.11 -25.66
N GLY E 145 -20.95 -5.01 -24.70
CA GLY E 145 -20.69 -4.71 -23.29
C GLY E 145 -21.66 -3.71 -22.68
N ASN E 146 -21.22 -3.00 -21.59
CA ASN E 146 -22.08 -2.07 -20.86
C ASN E 146 -22.17 -0.70 -21.51
N GLN E 147 -22.99 -0.62 -22.56
CA GLN E 147 -23.29 0.60 -23.32
C GLN E 147 -24.67 0.45 -23.92
N ARG E 148 -25.33 1.56 -24.26
CA ARG E 148 -26.65 1.52 -24.89
C ARG E 148 -26.50 1.14 -26.37
N ILE E 149 -27.24 0.10 -26.78
CA ILE E 149 -27.33 -0.36 -28.16
C ILE E 149 -28.80 -0.31 -28.46
N SER E 150 -29.24 0.80 -29.07
CA SER E 150 -30.62 1.02 -29.43
C SER E 150 -31.03 0.17 -30.66
N GLY E 151 -32.25 -0.34 -30.61
CA GLY E 151 -32.84 -1.14 -31.68
C GLY E 151 -33.30 -0.31 -32.85
N VAL E 152 -33.47 -0.96 -34.02
CA VAL E 152 -33.90 -0.30 -35.27
C VAL E 152 -34.81 -1.22 -36.10
N CYS E 153 -35.91 -0.65 -36.62
CA CYS E 153 -36.88 -1.30 -37.50
C CYS E 153 -36.43 -1.16 -38.92
N ILE E 154 -36.60 -2.24 -39.68
CA ILE E 154 -36.25 -2.25 -41.11
C ILE E 154 -37.51 -2.63 -41.89
N HIS E 155 -37.94 -1.74 -42.76
CA HIS E 155 -39.10 -1.90 -43.63
C HIS E 155 -38.71 -2.84 -44.83
N PRO E 156 -39.53 -3.87 -45.17
CA PRO E 156 -39.14 -4.79 -46.26
C PRO E 156 -38.97 -4.12 -47.64
N ARG E 157 -39.57 -2.95 -47.88
CA ARG E 157 -39.46 -2.26 -49.15
C ARG E 157 -38.60 -1.02 -49.08
N PHE E 158 -38.66 -0.27 -47.97
CA PHE E 158 -37.91 0.98 -47.87
C PHE E 158 -36.65 0.89 -47.01
N GLY E 159 -36.35 -0.28 -46.47
CA GLY E 159 -35.20 -0.43 -45.57
C GLY E 159 -35.43 0.45 -44.33
N GLY E 160 -34.55 1.42 -44.14
CA GLY E 160 -34.67 2.38 -43.05
C GLY E 160 -35.18 3.73 -43.51
N TRP E 161 -35.57 3.87 -44.79
CA TRP E 161 -36.06 5.11 -45.39
C TRP E 161 -37.56 5.26 -45.17
N PHE E 162 -37.91 5.43 -43.89
CA PHE E 162 -39.26 5.59 -43.38
C PHE E 162 -39.15 6.07 -41.94
N ALA E 163 -40.27 6.46 -41.34
CA ALA E 163 -40.36 6.83 -39.93
C ALA E 163 -41.69 6.38 -39.39
N ILE E 164 -41.76 5.98 -38.11
CA ILE E 164 -43.01 5.60 -37.47
C ILE E 164 -43.64 6.90 -36.99
N ARG E 165 -44.91 7.14 -37.32
CA ARG E 165 -45.53 8.43 -37.02
C ARG E 165 -46.60 8.37 -35.92
N GLY E 166 -47.13 7.21 -35.65
CA GLY E 166 -48.13 7.10 -34.59
C GLY E 166 -49.00 5.87 -34.64
N VAL E 167 -49.89 5.79 -33.64
CA VAL E 167 -50.88 4.72 -33.52
C VAL E 167 -52.27 5.37 -33.42
N VAL E 168 -53.23 4.74 -34.10
CA VAL E 168 -54.65 5.08 -34.08
C VAL E 168 -55.32 3.94 -33.31
N LEU E 169 -55.94 4.27 -32.17
CA LEU E 169 -56.62 3.28 -31.33
C LEU E 169 -58.12 3.45 -31.47
N LEU E 170 -58.84 2.33 -31.58
CA LEU E 170 -60.29 2.32 -31.75
C LEU E 170 -60.97 1.61 -30.57
N PRO E 171 -61.10 2.28 -29.39
CA PRO E 171 -61.75 1.63 -28.23
C PRO E 171 -63.19 1.23 -28.55
N GLY E 172 -63.57 0.01 -28.16
CA GLY E 172 -64.88 -0.54 -28.44
C GLY E 172 -64.93 -1.42 -29.67
N ILE E 173 -63.94 -1.25 -30.58
CA ILE E 173 -63.79 -2.09 -31.79
C ILE E 173 -62.87 -3.23 -31.40
N GLU E 174 -63.44 -4.38 -31.11
CA GLU E 174 -62.68 -5.54 -30.68
C GLU E 174 -62.61 -6.56 -31.79
N VAL E 175 -61.38 -6.93 -32.15
CA VAL E 175 -61.03 -7.88 -33.21
C VAL E 175 -60.23 -9.07 -32.60
N PRO E 176 -60.82 -9.93 -31.70
CA PRO E 176 -60.04 -11.02 -31.10
C PRO E 176 -59.53 -12.10 -32.07
N ASP E 177 -60.09 -12.13 -33.28
CA ASP E 177 -59.76 -13.11 -34.30
C ASP E 177 -58.83 -12.56 -35.37
N LEU E 178 -58.39 -11.29 -35.22
CA LEU E 178 -57.43 -10.67 -36.15
C LEU E 178 -56.16 -11.54 -36.17
N PRO E 179 -55.75 -12.00 -37.37
CA PRO E 179 -54.60 -12.90 -37.44
C PRO E 179 -53.26 -12.16 -37.34
N PRO E 180 -52.35 -12.62 -36.45
CA PRO E 180 -51.04 -11.96 -36.36
C PRO E 180 -50.24 -12.18 -37.65
N ARG E 181 -49.79 -11.08 -38.24
CA ARG E 181 -48.94 -11.08 -39.44
C ARG E 181 -47.52 -10.72 -38.97
N LYS E 182 -46.62 -11.72 -38.91
CA LYS E 182 -45.24 -11.53 -38.45
C LYS E 182 -44.46 -10.60 -39.38
N PRO E 183 -43.60 -9.69 -38.85
CA PRO E 183 -42.80 -8.84 -39.75
C PRO E 183 -41.72 -9.67 -40.45
N HIS E 184 -41.31 -9.23 -41.64
CA HIS E 184 -40.34 -9.95 -42.44
C HIS E 184 -38.91 -9.74 -41.93
N ASP E 185 -38.20 -10.86 -41.67
CA ASP E 185 -36.80 -10.88 -41.24
C ASP E 185 -35.90 -10.67 -42.46
N CYS E 186 -35.77 -9.40 -42.85
CA CYS E 186 -35.02 -8.96 -44.02
CA CYS E 186 -35.01 -8.94 -44.01
C CYS E 186 -33.50 -8.81 -43.74
N VAL E 187 -33.08 -8.84 -42.46
CA VAL E 187 -31.66 -8.76 -42.04
C VAL E 187 -31.44 -10.01 -41.16
N PRO E 188 -31.35 -11.22 -41.77
CA PRO E 188 -31.31 -12.44 -40.94
C PRO E 188 -29.95 -12.82 -40.32
N THR E 189 -28.82 -12.43 -40.93
CA THR E 189 -27.53 -12.90 -40.41
C THR E 189 -26.99 -12.03 -39.27
N ARG E 190 -26.24 -12.66 -38.35
CA ARG E 190 -25.59 -12.04 -37.21
C ARG E 190 -24.70 -10.87 -37.63
N ALA E 191 -23.85 -11.07 -38.66
CA ALA E 191 -22.93 -10.04 -39.16
C ALA E 191 -23.66 -8.82 -39.69
N ASP E 192 -24.78 -9.04 -40.41
CA ASP E 192 -25.57 -7.95 -40.99
C ASP E 192 -26.37 -7.22 -39.94
N ARG E 193 -26.80 -7.93 -38.89
CA ARG E 193 -27.52 -7.37 -37.73
C ARG E 193 -26.56 -6.48 -36.89
N ILE E 194 -25.30 -6.91 -36.75
CA ILE E 194 -24.24 -6.14 -36.06
C ILE E 194 -23.94 -4.88 -36.86
N ALA E 195 -23.77 -5.00 -38.20
CA ALA E 195 -23.48 -3.86 -39.09
C ALA E 195 -24.63 -2.84 -39.08
N LEU E 196 -25.88 -3.32 -39.00
CA LEU E 196 -27.09 -2.49 -38.96
C LEU E 196 -27.17 -1.73 -37.62
N LEU E 197 -27.05 -2.46 -36.49
CA LEU E 197 -27.12 -1.89 -35.15
C LEU E 197 -25.98 -0.89 -34.90
N GLU E 198 -24.77 -1.17 -35.43
CA GLU E 198 -23.64 -0.24 -35.28
C GLU E 198 -23.80 0.99 -36.18
N GLY E 199 -24.35 0.78 -37.38
CA GLY E 199 -24.64 1.85 -38.34
C GLY E 199 -25.67 2.81 -37.79
N PHE E 200 -26.71 2.27 -37.12
CA PHE E 200 -27.79 3.04 -36.51
C PHE E 200 -27.33 3.77 -35.25
N ASN E 201 -26.64 3.07 -34.33
CA ASN E 201 -26.22 3.64 -33.06
C ASN E 201 -25.05 4.62 -33.17
N PHE E 202 -24.05 4.34 -34.01
CA PHE E 202 -22.85 5.17 -34.07
C PHE E 202 -22.67 5.98 -35.34
N HIS E 203 -23.43 5.72 -36.43
CA HIS E 203 -23.18 6.45 -37.68
C HIS E 203 -24.46 6.84 -38.41
N TRP E 204 -25.58 6.97 -37.70
CA TRP E 204 -26.88 7.27 -38.32
C TRP E 204 -26.89 8.56 -39.18
N ARG E 205 -26.02 9.53 -38.89
CA ARG E 205 -25.97 10.78 -39.66
C ARG E 205 -25.47 10.58 -41.09
N ASP E 206 -24.82 9.43 -41.37
CA ASP E 206 -24.35 9.15 -42.71
C ASP E 206 -25.39 8.37 -43.56
N TRP E 207 -26.61 8.07 -42.97
CA TRP E 207 -27.79 7.44 -43.60
C TRP E 207 -27.64 5.96 -44.00
N THR E 208 -26.41 5.44 -44.06
CA THR E 208 -26.00 4.11 -44.53
C THR E 208 -26.82 2.94 -43.94
N TYR E 209 -27.15 2.96 -42.63
CA TYR E 209 -27.91 1.87 -42.00
C TYR E 209 -29.26 1.63 -42.71
N ARG E 210 -29.82 2.69 -43.35
CA ARG E 210 -31.12 2.66 -44.01
C ARG E 210 -31.11 1.81 -45.28
N ASP E 211 -29.91 1.50 -45.79
CA ASP E 211 -29.68 0.67 -46.97
C ASP E 211 -29.40 -0.79 -46.60
N ALA E 212 -29.72 -1.20 -45.34
CA ALA E 212 -29.54 -2.58 -44.82
C ALA E 212 -30.31 -3.60 -45.68
N VAL E 213 -31.35 -3.10 -46.35
CA VAL E 213 -32.19 -3.72 -47.36
C VAL E 213 -32.18 -2.75 -48.52
N THR E 214 -32.02 -3.24 -49.77
CA THR E 214 -32.02 -2.37 -50.96
C THR E 214 -33.41 -1.72 -51.03
N PRO E 215 -33.48 -0.38 -50.84
CA PRO E 215 -34.79 0.28 -50.84
C PRO E 215 -35.38 0.47 -52.24
N GLN E 216 -36.71 0.37 -52.34
CA GLN E 216 -37.49 0.62 -53.53
C GLN E 216 -37.39 2.13 -53.87
N GLU E 217 -37.30 2.93 -52.80
CA GLU E 217 -37.19 4.38 -52.84
C GLU E 217 -36.47 4.85 -51.58
N ARG E 218 -35.63 5.87 -51.75
CA ARG E 218 -34.91 6.56 -50.69
C ARG E 218 -35.48 7.96 -50.55
N TYR E 219 -35.06 8.69 -49.51
CA TYR E 219 -35.41 10.10 -49.37
C TYR E 219 -34.67 10.84 -50.45
N SER E 220 -35.29 11.85 -51.08
CA SER E 220 -34.63 12.68 -52.09
C SER E 220 -33.46 13.43 -51.43
N GLU E 221 -32.56 14.03 -52.23
CA GLU E 221 -31.45 14.79 -51.68
C GLU E 221 -31.97 16.00 -50.89
N GLU E 222 -33.11 16.58 -51.34
CA GLU E 222 -33.80 17.71 -50.72
C GLU E 222 -34.37 17.28 -49.35
N GLN E 223 -35.02 16.10 -49.28
CA GLN E 223 -35.58 15.54 -48.07
C GLN E 223 -34.47 15.22 -47.06
N LYS E 224 -33.34 14.66 -47.55
CA LYS E 224 -32.16 14.34 -46.74
C LYS E 224 -31.55 15.62 -46.16
N ALA E 225 -31.44 16.68 -46.98
CA ALA E 225 -30.92 17.99 -46.56
C ALA E 225 -31.79 18.61 -45.47
N TYR E 226 -33.12 18.45 -45.59
CA TYR E 226 -34.09 18.93 -44.60
C TYR E 226 -33.90 18.20 -43.27
N PHE E 227 -33.86 16.85 -43.29
CA PHE E 227 -33.75 16.05 -42.08
C PHE E 227 -32.36 16.11 -41.45
N SER E 228 -31.29 16.38 -42.22
CA SER E 228 -29.93 16.50 -41.68
C SER E 228 -29.80 17.81 -40.86
N THR E 229 -30.70 18.76 -41.11
CA THR E 229 -30.76 20.02 -40.38
C THR E 229 -31.39 19.75 -39.00
N PRO E 230 -30.74 20.18 -37.88
CA PRO E 230 -31.33 19.94 -36.56
C PRO E 230 -32.71 20.60 -36.44
N PRO E 231 -33.68 19.93 -35.77
CA PRO E 231 -35.05 20.48 -35.71
C PRO E 231 -35.15 21.95 -35.31
N ALA E 232 -34.27 22.42 -34.42
CA ALA E 232 -34.22 23.81 -33.94
C ALA E 232 -33.90 24.82 -35.07
N GLN E 233 -33.40 24.33 -36.20
CA GLN E 233 -32.98 25.14 -37.34
C GLN E 233 -33.81 24.88 -38.62
N ARG E 234 -34.75 23.91 -38.59
CA ARG E 234 -35.56 23.51 -39.75
C ARG E 234 -36.50 24.62 -40.24
N LEU E 235 -37.06 25.44 -39.33
CA LEU E 235 -37.92 26.58 -39.65
C LEU E 235 -37.16 27.62 -40.51
N ALA E 236 -35.84 27.82 -40.23
CA ALA E 236 -34.95 28.75 -40.95
C ALA E 236 -34.78 28.43 -42.45
N LEU E 237 -34.90 27.14 -42.87
CA LEU E 237 -34.80 26.81 -44.31
C LEU E 237 -36.12 26.23 -44.82
N PRO F 7 -55.47 50.87 -24.38
CA PRO F 7 -56.08 51.23 -25.67
C PRO F 7 -56.83 50.02 -26.24
N LYS F 8 -56.49 49.60 -27.48
CA LYS F 8 -56.97 48.37 -28.11
C LYS F 8 -56.31 47.21 -27.36
N VAL F 9 -55.17 47.52 -26.68
CA VAL F 9 -54.35 46.62 -25.85
C VAL F 9 -55.04 46.37 -24.47
N ALA F 10 -55.71 47.39 -23.93
CA ALA F 10 -56.48 47.26 -22.67
C ALA F 10 -57.70 46.31 -22.85
N GLU F 11 -58.29 46.35 -24.07
CA GLU F 11 -59.40 45.51 -24.53
C GLU F 11 -58.93 44.06 -24.60
N LEU F 12 -57.75 43.79 -25.20
CA LEU F 12 -57.14 42.45 -25.29
C LEU F 12 -56.87 41.88 -23.90
N LYS F 13 -56.29 42.69 -22.99
CA LYS F 13 -56.00 42.28 -21.62
C LYS F 13 -57.28 41.80 -20.92
N GLN F 14 -58.35 42.62 -21.01
CA GLN F 14 -59.63 42.36 -20.38
C GLN F 14 -60.27 41.05 -20.88
N LYS F 15 -60.22 40.82 -22.22
CA LYS F 15 -60.75 39.62 -22.88
C LYS F 15 -60.04 38.36 -22.41
N ILE F 16 -58.68 38.40 -22.34
CA ILE F 16 -57.87 37.26 -21.88
C ILE F 16 -58.13 37.01 -20.39
N GLU F 17 -58.20 38.10 -19.60
CA GLU F 17 -58.40 38.03 -18.15
C GLU F 17 -59.78 37.46 -17.80
N ASP F 18 -60.85 38.03 -18.42
CA ASP F 18 -62.21 37.64 -18.13
C ASP F 18 -62.51 36.24 -18.63
N THR F 19 -61.75 35.75 -19.62
CA THR F 19 -61.86 34.34 -20.05
C THR F 19 -61.31 33.36 -18.98
N LEU F 20 -60.19 33.72 -18.33
CA LEU F 20 -59.49 32.82 -17.44
C LEU F 20 -59.71 33.00 -15.93
N CYS F 21 -59.83 34.27 -15.42
CA CYS F 21 -59.98 34.56 -13.99
CA CYS F 21 -59.98 34.57 -13.99
C CYS F 21 -61.18 33.83 -13.34
N PRO F 22 -62.38 33.62 -13.97
CA PRO F 22 -63.43 32.87 -13.23
C PRO F 22 -63.12 31.39 -13.05
N PHE F 23 -62.03 30.91 -13.64
CA PHE F 23 -61.63 29.51 -13.64
C PHE F 23 -60.40 29.23 -12.78
N GLY F 24 -60.04 30.19 -11.93
CA GLY F 24 -58.92 30.07 -10.99
C GLY F 24 -57.55 30.31 -11.61
N PHE F 25 -57.48 31.17 -12.62
CA PHE F 25 -56.28 31.57 -13.32
C PHE F 25 -56.01 33.05 -13.13
N GLU F 26 -54.73 33.45 -13.28
CA GLU F 26 -54.29 34.84 -13.25
C GLU F 26 -53.45 35.08 -14.48
N VAL F 27 -53.52 36.30 -15.00
CA VAL F 27 -52.87 36.70 -16.25
C VAL F 27 -52.02 37.96 -16.01
N TYR F 28 -50.77 37.95 -16.49
CA TYR F 28 -49.84 39.07 -16.29
C TYR F 28 -49.17 39.47 -17.59
N PRO F 29 -49.26 40.75 -18.01
CA PRO F 29 -48.58 41.15 -19.26
C PRO F 29 -47.08 41.34 -19.09
N PHE F 30 -46.37 41.17 -20.21
CA PHE F 30 -44.93 41.42 -20.29
C PHE F 30 -44.54 41.60 -21.74
N GLN F 31 -43.40 42.23 -21.97
CA GLN F 31 -42.81 42.39 -23.29
C GLN F 31 -41.87 41.21 -23.50
N VAL F 32 -41.83 40.62 -24.71
CA VAL F 32 -40.95 39.48 -25.05
C VAL F 32 -39.47 39.85 -24.75
N ALA F 33 -39.07 41.11 -24.98
CA ALA F 33 -37.73 41.67 -24.75
C ALA F 33 -37.23 41.42 -23.33
N TRP F 34 -38.12 41.57 -22.32
CA TRP F 34 -37.79 41.38 -20.90
C TRP F 34 -37.38 39.95 -20.61
N TYR F 35 -38.06 39.00 -21.24
CA TYR F 35 -37.82 37.57 -21.12
C TYR F 35 -36.51 37.21 -21.81
N ASN F 36 -36.38 37.60 -23.09
CA ASN F 36 -35.23 37.32 -23.94
C ASN F 36 -33.91 37.93 -23.44
N GLU F 37 -33.94 39.14 -22.85
CA GLU F 37 -32.71 39.80 -22.38
C GLU F 37 -32.07 39.09 -21.17
N LEU F 38 -32.83 38.29 -20.43
CA LEU F 38 -32.34 37.57 -19.24
C LEU F 38 -31.80 36.20 -19.58
N LEU F 39 -32.02 35.74 -20.83
CA LEU F 39 -31.68 34.39 -21.25
C LEU F 39 -30.65 34.31 -22.37
N PRO F 40 -29.91 33.17 -22.44
CA PRO F 40 -29.00 32.96 -23.60
C PRO F 40 -29.80 32.81 -24.90
N PRO F 41 -29.23 33.14 -26.08
CA PRO F 41 -29.99 33.07 -27.35
C PRO F 41 -30.76 31.78 -27.64
N ALA F 42 -30.29 30.63 -27.09
CA ALA F 42 -30.93 29.32 -27.22
C ALA F 42 -32.42 29.36 -26.81
N PHE F 43 -32.72 30.04 -25.68
CA PHE F 43 -34.06 30.09 -25.09
C PHE F 43 -34.92 31.25 -25.57
N HIS F 44 -34.43 32.07 -26.50
CA HIS F 44 -35.17 33.23 -26.99
C HIS F 44 -36.42 32.87 -27.77
N LEU F 45 -37.47 33.68 -27.58
CA LEU F 45 -38.71 33.55 -28.32
C LEU F 45 -38.48 34.27 -29.67
N PRO F 46 -38.78 33.63 -30.82
CA PRO F 46 -38.50 34.28 -32.12
C PRO F 46 -39.55 35.35 -32.47
N LEU F 47 -39.60 36.40 -31.63
CA LEU F 47 -40.54 37.51 -31.80
C LEU F 47 -39.87 38.84 -31.52
N PRO F 48 -40.31 39.95 -32.16
CA PRO F 48 -39.74 41.27 -31.82
C PRO F 48 -39.90 41.60 -30.32
N GLY F 49 -38.90 42.26 -29.76
CA GLY F 49 -38.87 42.66 -28.36
C GLY F 49 -40.15 43.27 -27.79
N PRO F 50 -40.75 44.30 -28.45
CA PRO F 50 -41.95 44.94 -27.89
C PRO F 50 -43.24 44.10 -27.97
N THR F 51 -43.19 42.86 -28.53
CA THR F 51 -44.37 41.98 -28.65
C THR F 51 -45.01 41.76 -27.28
N LEU F 52 -46.35 41.89 -27.24
CA LEU F 52 -47.14 41.67 -26.05
C LEU F 52 -47.30 40.18 -25.79
N ALA F 53 -47.05 39.81 -24.53
CA ALA F 53 -47.19 38.44 -24.06
C ALA F 53 -47.90 38.46 -22.73
N PHE F 54 -48.54 37.35 -22.37
CA PHE F 54 -49.21 37.19 -21.09
C PHE F 54 -48.75 35.93 -20.42
N LEU F 55 -48.37 36.02 -19.13
CA LEU F 55 -48.02 34.86 -18.34
C LEU F 55 -49.27 34.36 -17.61
N VAL F 56 -49.56 33.07 -17.73
CA VAL F 56 -50.76 32.47 -17.12
C VAL F 56 -50.34 31.57 -15.99
N LEU F 57 -50.98 31.74 -14.86
CA LEU F 57 -50.75 30.86 -13.74
C LEU F 57 -52.11 30.43 -13.17
N SER F 58 -52.12 29.34 -12.44
CA SER F 58 -53.33 28.88 -11.79
C SER F 58 -53.19 29.11 -10.29
N THR F 59 -54.30 29.45 -9.63
CA THR F 59 -54.37 29.69 -8.18
C THR F 59 -54.97 28.43 -7.51
N PRO F 60 -55.07 28.34 -6.16
CA PRO F 60 -55.74 27.17 -5.54
C PRO F 60 -57.20 26.95 -6.00
N ALA F 61 -57.89 28.00 -6.47
CA ALA F 61 -59.29 27.96 -6.92
C ALA F 61 -59.51 27.21 -8.23
N PHE F 63 -58.64 24.20 -9.15
CA PHE F 63 -59.04 22.80 -8.92
C PHE F 63 -60.58 22.65 -8.86
N ASP F 64 -61.24 23.46 -8.03
CA ASP F 64 -62.69 23.42 -7.86
C ASP F 64 -63.47 24.10 -8.99
N ARG F 65 -62.93 25.21 -9.54
CA ARG F 65 -63.61 26.01 -10.56
C ARG F 65 -63.37 25.55 -12.00
N ALA F 66 -62.25 24.85 -12.27
CA ALA F 66 -61.93 24.41 -13.62
C ALA F 66 -61.76 22.91 -13.73
N LEU F 67 -60.90 22.29 -12.90
CA LEU F 67 -60.59 20.86 -13.02
C LEU F 67 -61.78 19.95 -12.67
N LYS F 68 -62.40 20.08 -11.47
CA LYS F 68 -63.52 19.22 -11.08
C LYS F 68 -64.66 19.28 -12.13
N PRO F 69 -65.13 20.48 -12.60
CA PRO F 69 -66.17 20.48 -13.66
C PRO F 69 -65.70 19.81 -14.96
N PHE F 70 -64.40 19.95 -15.29
CA PHE F 70 -63.82 19.39 -16.51
C PHE F 70 -63.81 17.85 -16.46
N LEU F 71 -63.50 17.28 -15.29
CA LEU F 71 -63.45 15.83 -15.11
C LEU F 71 -64.81 15.18 -15.16
N GLN F 72 -65.82 15.85 -14.60
CA GLN F 72 -67.15 15.28 -14.49
C GLN F 72 -67.96 15.48 -15.77
N SER F 73 -67.48 16.27 -16.73
CA SER F 73 -68.31 16.49 -17.91
C SER F 73 -67.58 16.40 -19.26
N CYS F 74 -66.23 16.40 -19.27
CA CYS F 74 -65.49 16.34 -20.52
C CYS F 74 -64.77 15.00 -20.67
N HIS F 75 -64.62 14.59 -21.95
CA HIS F 75 -63.93 13.36 -22.34
C HIS F 75 -62.43 13.56 -22.23
N LEU F 76 -61.79 12.70 -21.43
CA LEU F 76 -60.36 12.72 -21.21
C LEU F 76 -59.67 11.87 -22.25
N ARG F 77 -58.74 12.46 -23.01
CA ARG F 77 -58.03 11.69 -24.00
C ARG F 77 -57.05 10.78 -23.27
N LEU F 79 -54.00 8.41 -21.99
CA LEU F 79 -52.60 8.61 -21.63
C LEU F 79 -52.18 10.11 -21.62
N THR F 80 -53.15 11.02 -21.39
CA THR F 80 -52.93 12.46 -21.27
C THR F 80 -53.32 12.91 -19.86
N ASP F 81 -52.49 13.77 -19.25
CA ASP F 81 -52.74 14.31 -17.92
C ASP F 81 -54.03 15.18 -17.91
N PRO F 82 -54.99 14.90 -16.99
CA PRO F 82 -56.25 15.67 -16.95
C PRO F 82 -56.10 17.17 -16.70
N VAL F 83 -55.11 17.59 -15.85
CA VAL F 83 -54.87 19.01 -15.50
C VAL F 83 -54.40 19.77 -16.75
N ASP F 84 -53.42 19.19 -17.47
CA ASP F 84 -52.87 19.72 -18.71
C ASP F 84 -53.94 19.81 -19.78
N GLN F 85 -54.89 18.84 -19.77
CA GLN F 85 -56.01 18.82 -20.70
C GLN F 85 -57.02 19.92 -20.35
N CYS F 86 -57.21 20.16 -19.07
CA CYS F 86 -58.08 21.20 -18.55
C CYS F 86 -57.53 22.56 -18.91
N VAL F 87 -56.21 22.74 -18.66
CA VAL F 87 -55.49 23.99 -18.94
C VAL F 87 -55.47 24.24 -20.46
N ALA F 88 -55.23 23.20 -21.28
CA ALA F 88 -55.26 23.28 -22.76
C ALA F 88 -56.64 23.76 -23.25
N TYR F 89 -57.72 23.25 -22.64
CA TYR F 89 -59.11 23.60 -22.95
C TYR F 89 -59.36 25.11 -22.70
N HIS F 90 -58.98 25.62 -21.50
CA HIS F 90 -59.16 27.02 -21.12
C HIS F 90 -58.26 27.95 -21.92
N LEU F 91 -57.05 27.49 -22.31
CA LEU F 91 -56.14 28.26 -23.15
C LEU F 91 -56.71 28.36 -24.56
N GLY F 92 -57.43 27.32 -24.99
CA GLY F 92 -58.11 27.27 -26.27
C GLY F 92 -59.31 28.21 -26.32
N ARG F 93 -59.93 28.46 -25.16
CA ARG F 93 -61.04 29.40 -25.02
C ARG F 93 -60.54 30.84 -25.22
N VAL F 94 -59.24 31.12 -24.92
CA VAL F 94 -58.59 32.43 -25.12
C VAL F 94 -58.52 32.68 -26.63
N ARG F 95 -58.15 31.64 -27.39
CA ARG F 95 -58.10 31.65 -28.85
C ARG F 95 -59.43 32.05 -29.44
N GLU F 96 -60.51 31.50 -28.86
CA GLU F 96 -61.92 31.70 -29.20
C GLU F 96 -62.41 33.11 -28.86
N SER F 97 -61.82 33.76 -27.85
CA SER F 97 -62.15 35.11 -27.39
C SER F 97 -61.51 36.17 -28.29
N LEU F 98 -60.47 35.79 -29.06
CA LEU F 98 -59.73 36.67 -29.95
C LEU F 98 -59.67 36.06 -31.39
N PRO F 99 -60.82 35.92 -32.11
CA PRO F 99 -60.76 35.33 -33.46
C PRO F 99 -60.04 36.21 -34.49
N GLU F 100 -60.02 37.55 -34.28
CA GLU F 100 -59.38 38.52 -35.17
C GLU F 100 -57.84 38.47 -35.09
N LEU F 101 -57.30 37.76 -34.08
CA LEU F 101 -55.86 37.65 -33.91
C LEU F 101 -55.35 36.23 -34.02
N GLN F 102 -54.14 36.11 -34.59
CA GLN F 102 -53.40 34.87 -34.65
C GLN F 102 -52.50 34.90 -33.41
N ILE F 103 -52.83 34.07 -32.41
CA ILE F 103 -52.12 34.03 -31.14
C ILE F 103 -51.33 32.73 -31.02
N GLU F 104 -50.27 32.77 -30.21
CA GLU F 104 -49.44 31.61 -29.95
C GLU F 104 -49.53 31.26 -28.48
N ILE F 105 -49.74 30.00 -28.17
CA ILE F 105 -49.86 29.53 -26.80
C ILE F 105 -48.80 28.45 -26.54
N ILE F 106 -47.98 28.65 -25.49
CA ILE F 106 -46.97 27.70 -25.05
C ILE F 106 -47.25 27.35 -23.60
N ALA F 107 -47.58 26.10 -23.36
CA ALA F 107 -47.83 25.57 -22.04
C ALA F 107 -46.51 25.26 -21.33
N ASP F 108 -46.52 25.27 -19.97
CA ASP F 108 -45.35 24.98 -19.13
C ASP F 108 -44.73 23.60 -19.40
N TYR F 109 -45.57 22.63 -19.76
CA TYR F 109 -45.23 21.22 -19.96
C TYR F 109 -44.67 20.91 -21.35
N GLU F 110 -44.84 21.84 -22.31
CA GLU F 110 -44.39 21.66 -23.68
C GLU F 110 -42.86 21.62 -23.79
N VAL F 111 -42.38 20.65 -24.60
CA VAL F 111 -40.97 20.38 -24.84
C VAL F 111 -40.72 20.27 -26.35
N HIS F 112 -39.50 20.59 -26.75
CA HIS F 112 -39.06 20.41 -28.13
C HIS F 112 -38.77 18.88 -28.37
N PRO F 113 -38.64 18.39 -29.62
CA PRO F 113 -38.27 16.96 -29.83
C PRO F 113 -37.07 16.48 -28.98
N ASN F 114 -36.08 17.35 -28.72
CA ASN F 114 -34.89 17.05 -27.90
C ASN F 114 -35.17 17.10 -26.38
N ARG F 115 -36.45 17.17 -25.98
CA ARG F 115 -36.99 17.16 -24.61
C ARG F 115 -36.66 18.46 -23.82
N ARG F 116 -36.19 19.50 -24.49
CA ARG F 116 -35.93 20.78 -23.84
C ARG F 116 -37.23 21.56 -23.71
N PRO F 117 -37.48 22.26 -22.57
CA PRO F 117 -38.71 23.07 -22.44
C PRO F 117 -38.76 24.19 -23.48
N LYS F 118 -39.95 24.42 -24.04
CA LYS F 118 -40.15 25.47 -25.04
C LYS F 118 -40.05 26.87 -24.39
N ILE F 119 -40.55 27.00 -23.15
CA ILE F 119 -40.45 28.23 -22.35
C ILE F 119 -39.91 27.91 -20.95
N LEU F 120 -39.22 28.90 -20.38
CA LEU F 120 -38.72 28.88 -19.03
C LEU F 120 -39.75 29.71 -18.23
N ALA F 121 -40.78 29.01 -17.76
CA ALA F 121 -41.98 29.50 -17.07
C ALA F 121 -41.70 30.47 -15.92
N GLN F 122 -40.65 30.19 -15.13
CA GLN F 122 -40.28 30.99 -13.96
C GLN F 122 -39.64 32.30 -14.35
N THR F 123 -38.84 32.34 -15.45
CA THR F 123 -38.25 33.59 -15.96
C THR F 123 -39.40 34.50 -16.45
N ALA F 124 -40.40 33.91 -17.14
CA ALA F 124 -41.58 34.61 -17.64
C ALA F 124 -42.42 35.17 -16.48
N ALA F 125 -42.62 34.38 -15.40
CA ALA F 125 -43.37 34.78 -14.20
C ALA F 125 -42.70 35.93 -13.45
N HIS F 126 -41.36 35.96 -13.44
CA HIS F 126 -40.57 37.01 -12.81
C HIS F 126 -40.71 38.34 -13.58
N VAL F 127 -40.42 38.34 -14.90
CA VAL F 127 -40.50 39.54 -15.76
C VAL F 127 -41.93 40.06 -15.93
N ALA F 128 -42.95 39.22 -15.68
CA ALA F 128 -44.37 39.64 -15.77
C ALA F 128 -44.85 40.18 -14.41
N GLY F 129 -43.95 40.19 -13.41
CA GLY F 129 -44.20 40.67 -12.05
C GLY F 129 -45.19 39.84 -11.26
N ALA F 130 -45.42 38.59 -11.71
CA ALA F 130 -46.37 37.65 -11.10
C ALA F 130 -45.85 37.01 -9.82
N ALA F 131 -44.59 36.55 -9.85
CA ALA F 131 -43.96 35.86 -8.73
C ALA F 131 -42.47 36.00 -8.83
N TYR F 132 -41.83 36.43 -7.73
CA TYR F 132 -40.38 36.59 -7.68
C TYR F 132 -39.71 35.20 -7.82
N TYR F 133 -38.79 35.10 -8.77
CA TYR F 133 -38.05 33.88 -9.05
C TYR F 133 -36.79 33.80 -8.18
N TYR F 134 -36.86 33.00 -7.10
CA TYR F 134 -35.73 32.82 -6.18
C TYR F 134 -34.81 31.73 -6.65
N GLN F 135 -33.57 32.12 -6.96
CA GLN F 135 -32.55 31.26 -7.50
C GLN F 135 -31.38 31.16 -6.56
N ARG F 136 -30.50 30.22 -6.88
CA ARG F 136 -29.24 29.96 -6.20
C ARG F 136 -28.38 31.22 -6.07
N GLN F 137 -28.24 31.99 -7.17
CA GLN F 137 -27.50 33.26 -7.31
C GLN F 137 -28.05 34.36 -6.36
N ASP F 138 -29.27 34.19 -5.83
CA ASP F 138 -29.92 35.13 -4.91
C ASP F 138 -29.51 34.86 -3.46
N VAL F 139 -28.59 33.90 -3.28
CA VAL F 139 -28.00 33.53 -2.01
C VAL F 139 -26.49 33.77 -2.10
N GLU F 140 -25.99 34.73 -1.32
CA GLU F 140 -24.56 35.05 -1.26
C GLU F 140 -23.83 33.94 -0.50
N ALA F 141 -22.55 33.70 -0.82
CA ALA F 141 -21.70 32.67 -0.20
C ALA F 141 -22.48 31.35 -0.09
N ASP F 142 -22.93 30.91 -1.26
CA ASP F 142 -23.68 29.72 -1.59
C ASP F 142 -23.13 28.48 -0.83
N PRO F 143 -23.94 27.82 0.03
CA PRO F 143 -23.42 26.68 0.80
C PRO F 143 -23.58 25.28 0.17
N TRP F 144 -24.16 25.19 -1.03
CA TRP F 144 -24.56 23.91 -1.60
C TRP F 144 -23.53 23.09 -2.39
N GLY F 145 -22.47 23.69 -2.91
CA GLY F 145 -21.47 22.92 -3.66
C GLY F 145 -21.93 22.43 -5.02
N ASN F 146 -21.27 21.38 -5.56
CA ASN F 146 -21.57 20.86 -6.90
C ASN F 146 -22.79 19.94 -6.92
N GLN F 147 -23.96 20.54 -6.90
CA GLN F 147 -25.24 19.86 -6.96
C GLN F 147 -26.27 20.80 -7.56
N ARG F 148 -27.37 20.25 -8.09
CA ARG F 148 -28.43 21.07 -8.67
C ARG F 148 -29.27 21.67 -7.56
N ILE F 149 -29.41 23.00 -7.61
CA ILE F 149 -30.27 23.76 -6.71
C ILE F 149 -31.20 24.53 -7.62
N SER F 150 -32.38 23.95 -7.85
CA SER F 150 -33.39 24.51 -8.72
C SER F 150 -34.11 25.68 -8.04
N GLY F 151 -34.40 26.71 -8.83
CA GLY F 151 -35.07 27.91 -8.37
C GLY F 151 -36.57 27.72 -8.21
N VAL F 152 -37.21 28.62 -7.44
CA VAL F 152 -38.63 28.58 -7.14
C VAL F 152 -39.22 30.00 -7.07
N CYS F 153 -40.39 30.17 -7.70
CA CYS F 153 -41.19 31.39 -7.71
C CYS F 153 -42.11 31.41 -6.50
N ILE F 154 -42.23 32.58 -5.89
CA ILE F 154 -43.12 32.76 -4.74
C ILE F 154 -44.10 33.88 -5.08
N HIS F 155 -45.39 33.54 -5.07
CA HIS F 155 -46.51 34.44 -5.34
C HIS F 155 -46.78 35.31 -4.09
N PRO F 156 -46.96 36.65 -4.24
CA PRO F 156 -47.18 37.50 -3.05
C PRO F 156 -48.41 37.18 -2.20
N ARG F 157 -49.47 36.59 -2.77
CA ARG F 157 -50.63 36.28 -1.93
CA ARG F 157 -50.72 36.26 -2.07
C ARG F 157 -50.86 34.76 -1.78
N PHE F 158 -50.29 33.90 -2.65
CA PHE F 158 -50.45 32.45 -2.46
C PHE F 158 -49.20 31.71 -1.99
N GLY F 159 -48.07 32.42 -1.92
CA GLY F 159 -46.79 31.78 -1.58
C GLY F 159 -46.40 30.87 -2.73
N GLY F 160 -46.29 29.57 -2.43
CA GLY F 160 -46.00 28.55 -3.43
C GLY F 160 -47.22 27.74 -3.83
N TRP F 161 -48.42 28.14 -3.36
CA TRP F 161 -49.70 27.47 -3.64
C TRP F 161 -50.29 28.00 -4.94
N PHE F 162 -49.60 27.71 -6.03
CA PHE F 162 -49.94 28.09 -7.39
C PHE F 162 -49.05 27.27 -8.34
N ALA F 163 -49.30 27.33 -9.64
CA ALA F 163 -48.47 26.71 -10.66
C ALA F 163 -48.48 27.61 -11.89
N ILE F 164 -47.36 27.68 -12.64
CA ILE F 164 -47.29 28.46 -13.87
C ILE F 164 -47.85 27.53 -14.98
N ARG F 165 -48.84 28.01 -15.74
CA ARG F 165 -49.52 27.17 -16.73
C ARG F 165 -49.12 27.45 -18.20
N GLY F 166 -48.63 28.64 -18.49
CA GLY F 166 -48.17 28.95 -19.84
C GLY F 166 -48.06 30.40 -20.19
N VAL F 167 -47.71 30.67 -21.44
CA VAL F 167 -47.59 32.02 -22.00
C VAL F 167 -48.51 32.13 -23.24
N VAL F 168 -49.15 33.30 -23.38
CA VAL F 168 -49.99 33.66 -24.52
C VAL F 168 -49.22 34.76 -25.23
N LEU F 169 -48.82 34.51 -26.46
CA LEU F 169 -48.07 35.47 -27.25
C LEU F 169 -48.98 36.03 -28.32
N LEU F 170 -48.88 37.36 -28.51
CA LEU F 170 -49.71 38.08 -29.48
C LEU F 170 -48.82 38.72 -30.55
N PRO F 171 -48.32 37.94 -31.54
CA PRO F 171 -47.47 38.54 -32.59
C PRO F 171 -48.20 39.62 -33.36
N GLY F 172 -47.54 40.76 -33.58
CA GLY F 172 -48.12 41.91 -34.26
C GLY F 172 -48.63 42.97 -33.31
N ILE F 173 -48.90 42.57 -32.04
CA ILE F 173 -49.33 43.49 -31.00
C ILE F 173 -48.05 43.94 -30.27
N GLU F 174 -47.57 45.14 -30.60
CA GLU F 174 -46.36 45.69 -30.02
C GLU F 174 -46.68 46.79 -29.00
N VAL F 175 -46.11 46.64 -27.79
CA VAL F 175 -46.30 47.53 -26.65
C VAL F 175 -44.90 48.00 -26.14
N PRO F 176 -44.14 48.81 -26.93
CA PRO F 176 -42.79 49.21 -26.47
C PRO F 176 -42.76 50.11 -25.23
N ASP F 177 -43.91 50.70 -24.88
CA ASP F 177 -44.04 51.60 -23.74
C ASP F 177 -44.67 50.93 -22.52
N LEU F 178 -45.01 49.60 -22.61
CA LEU F 178 -45.55 48.84 -21.47
C LEU F 178 -44.53 48.92 -20.30
N PRO F 179 -44.96 49.41 -19.11
CA PRO F 179 -44.00 49.63 -18.02
C PRO F 179 -43.60 48.37 -17.26
N PRO F 180 -42.29 48.17 -16.99
CA PRO F 180 -41.88 46.98 -16.22
C PRO F 180 -42.41 47.07 -14.80
N ARG F 181 -43.09 46.02 -14.37
CA ARG F 181 -43.61 45.90 -13.00
C ARG F 181 -42.78 44.82 -12.33
N LYS F 182 -41.88 45.22 -11.44
CA LYS F 182 -40.98 44.29 -10.75
C LYS F 182 -41.76 43.36 -9.81
N PRO F 183 -41.39 42.06 -9.73
CA PRO F 183 -42.09 41.18 -8.80
C PRO F 183 -41.74 41.54 -7.34
N HIS F 184 -42.65 41.27 -6.42
CA HIS F 184 -42.46 41.55 -5.00
C HIS F 184 -41.47 40.59 -4.35
N ASP F 185 -40.42 41.13 -3.72
CA ASP F 185 -39.40 40.36 -3.00
C ASP F 185 -39.97 40.00 -1.63
N CYS F 186 -40.81 38.98 -1.59
CA CYS F 186 -41.52 38.44 -0.44
C CYS F 186 -40.65 37.63 0.50
N VAL F 187 -39.51 37.09 0.00
CA VAL F 187 -38.55 36.30 0.77
C VAL F 187 -37.20 37.05 0.65
N PRO F 188 -37.03 38.19 1.37
CA PRO F 188 -35.82 38.99 1.16
C PRO F 188 -34.56 38.54 1.88
N THR F 189 -34.67 37.79 3.01
CA THR F 189 -33.44 37.43 3.75
C THR F 189 -32.77 36.16 3.20
N ARG F 190 -31.44 36.11 3.34
CA ARG F 190 -30.59 34.98 2.94
C ARG F 190 -31.03 33.69 3.61
N ALA F 191 -31.27 33.70 4.95
CA ALA F 191 -31.69 32.51 5.69
C ALA F 191 -33.03 31.96 5.20
N ASP F 192 -34.00 32.83 4.90
CA ASP F 192 -35.31 32.45 4.43
C ASP F 192 -35.28 31.94 2.97
N ARG F 193 -34.38 32.50 2.14
CA ARG F 193 -34.12 32.09 0.78
C ARG F 193 -33.47 30.68 0.76
N ILE F 194 -32.59 30.39 1.71
CA ILE F 194 -31.92 29.09 1.86
C ILE F 194 -32.97 28.05 2.30
N ALA F 195 -33.81 28.38 3.30
CA ALA F 195 -34.88 27.51 3.81
C ALA F 195 -35.90 27.17 2.70
N LEU F 196 -36.21 28.16 1.85
CA LEU F 196 -37.14 28.03 0.73
C LEU F 196 -36.55 27.12 -0.36
N LEU F 197 -35.31 27.39 -0.80
CA LEU F 197 -34.63 26.62 -1.81
C LEU F 197 -34.40 25.17 -1.37
N GLU F 198 -34.08 24.94 -0.09
CA GLU F 198 -33.88 23.58 0.45
C GLU F 198 -35.20 22.84 0.60
N GLY F 199 -36.24 23.58 0.99
CA GLY F 199 -37.58 23.05 1.12
C GLY F 199 -38.12 22.58 -0.22
N PHE F 200 -37.85 23.40 -1.28
CA PHE F 200 -38.29 23.13 -2.65
C PHE F 200 -37.48 21.98 -3.30
N ASN F 201 -36.15 22.00 -3.16
CA ASN F 201 -35.29 21.02 -3.81
C ASN F 201 -35.29 19.66 -3.13
N PHE F 202 -35.32 19.61 -1.79
CA PHE F 202 -35.20 18.34 -1.07
C PHE F 202 -36.46 17.88 -0.34
N HIS F 203 -37.48 18.73 -0.15
CA HIS F 203 -38.63 18.28 0.66
C HIS F 203 -39.95 18.74 0.08
N TRP F 204 -40.01 18.98 -1.23
CA TRP F 204 -41.22 19.52 -1.88
C TRP F 204 -42.50 18.67 -1.66
N ARG F 205 -42.34 17.36 -1.46
CA ARG F 205 -43.50 16.48 -1.25
C ARG F 205 -44.21 16.73 0.08
N ASP F 206 -43.56 17.43 1.04
CA ASP F 206 -44.20 17.75 2.31
C ASP F 206 -44.92 19.12 2.29
N TRP F 207 -44.90 19.84 1.13
CA TRP F 207 -45.62 21.09 0.82
C TRP F 207 -45.13 22.36 1.53
N THR F 208 -44.37 22.21 2.61
CA THR F 208 -43.85 23.24 3.51
C THR F 208 -43.24 24.48 2.82
N TYR F 209 -42.46 24.31 1.73
CA TYR F 209 -41.83 25.45 1.03
C TYR F 209 -42.87 26.47 0.54
N ARG F 210 -44.09 26.01 0.28
CA ARG F 210 -45.18 26.82 -0.26
C ARG F 210 -45.69 27.85 0.75
N ASP F 211 -45.36 27.64 2.04
CA ASP F 211 -45.72 28.53 3.15
C ASP F 211 -44.60 29.54 3.46
N ALA F 212 -43.63 29.72 2.52
CA ALA F 212 -42.52 30.69 2.64
C ALA F 212 -43.04 32.12 2.86
N VAL F 213 -44.27 32.36 2.39
CA VAL F 213 -45.10 33.54 2.55
C VAL F 213 -46.42 32.99 3.06
N THR F 214 -47.01 33.63 4.10
CA THR F 214 -48.30 33.19 4.64
C THR F 214 -49.33 33.33 3.51
N PRO F 215 -49.88 32.19 3.02
CA PRO F 215 -50.81 32.27 1.89
C PRO F 215 -52.21 32.73 2.31
N GLN F 216 -52.86 33.48 1.41
CA GLN F 216 -54.24 33.93 1.55
C GLN F 216 -55.15 32.70 1.43
N GLU F 217 -54.71 31.73 0.63
CA GLU F 217 -55.37 30.47 0.36
C GLU F 217 -54.34 29.41 0.00
N ARG F 218 -54.57 28.18 0.50
CA ARG F 218 -53.78 26.98 0.21
C ARG F 218 -54.61 26.05 -0.63
N TYR F 219 -53.99 24.98 -1.14
CA TYR F 219 -54.71 23.92 -1.83
C TYR F 219 -55.52 23.19 -0.76
N SER F 220 -56.76 22.80 -1.06
CA SER F 220 -57.57 22.02 -0.11
C SER F 220 -56.89 20.67 0.15
N GLU F 221 -57.33 19.93 1.18
CA GLU F 221 -56.76 18.61 1.45
C GLU F 221 -57.03 17.66 0.29
N GLU F 222 -58.19 17.85 -0.40
CA GLU F 222 -58.61 17.08 -1.58
C GLU F 222 -57.69 17.36 -2.75
N GLN F 223 -57.39 18.67 -3.01
CA GLN F 223 -56.48 19.11 -4.07
C GLN F 223 -55.05 18.60 -3.81
N LYS F 224 -54.60 18.64 -2.54
CA LYS F 224 -53.28 18.12 -2.13
C LYS F 224 -53.20 16.62 -2.35
N ALA F 225 -54.29 15.86 -2.03
CA ALA F 225 -54.38 14.41 -2.21
C ALA F 225 -54.31 14.04 -3.70
N TYR F 226 -54.92 14.87 -4.55
CA TYR F 226 -54.91 14.69 -5.99
C TYR F 226 -53.49 14.92 -6.54
N PHE F 227 -52.86 16.06 -6.23
CA PHE F 227 -51.52 16.36 -6.72
C PHE F 227 -50.41 15.47 -6.11
N SER F 228 -50.59 14.91 -4.87
CA SER F 228 -49.57 14.02 -4.27
CA SER F 228 -49.60 14.01 -4.26
C SER F 228 -49.58 12.67 -4.98
N THR F 229 -50.64 12.39 -5.77
CA THR F 229 -50.74 11.18 -6.58
C THR F 229 -49.84 11.41 -7.81
N PRO F 230 -48.92 10.47 -8.12
CA PRO F 230 -48.08 10.65 -9.31
C PRO F 230 -48.92 10.78 -10.58
N PRO F 231 -48.54 11.71 -11.53
CA PRO F 231 -49.36 11.93 -12.74
C PRO F 231 -49.75 10.67 -13.52
N ALA F 232 -48.91 9.61 -13.48
CA ALA F 232 -49.15 8.32 -14.14
C ALA F 232 -50.31 7.52 -13.48
N GLN F 233 -50.77 7.96 -12.29
CA GLN F 233 -51.83 7.32 -11.54
C GLN F 233 -53.11 8.17 -11.37
N ARG F 234 -53.16 9.38 -11.97
CA ARG F 234 -54.29 10.31 -11.80
C ARG F 234 -55.59 9.92 -12.53
N PRO G 7 -15.75 -25.68 2.36
CA PRO G 7 -14.69 -26.00 1.39
C PRO G 7 -13.65 -24.86 1.32
N LYS G 8 -13.14 -24.53 0.10
CA LYS G 8 -12.24 -23.40 -0.14
C LYS G 8 -13.05 -22.08 0.03
N VAL G 9 -14.39 -22.16 -0.22
CA VAL G 9 -15.39 -21.08 -0.07
C VAL G 9 -15.46 -20.60 1.37
N ALA G 10 -15.39 -21.52 2.35
CA ALA G 10 -15.43 -21.22 3.77
C ALA G 10 -14.12 -20.57 4.23
N GLU G 11 -12.99 -21.02 3.65
CA GLU G 11 -11.64 -20.50 3.96
C GLU G 11 -11.49 -19.07 3.44
N LEU G 12 -11.92 -18.83 2.18
CA LEU G 12 -11.87 -17.51 1.55
C LEU G 12 -12.81 -16.54 2.24
N LYS G 13 -14.03 -17.02 2.60
CA LYS G 13 -15.04 -16.24 3.31
C LYS G 13 -14.50 -15.75 4.64
N GLN G 14 -13.82 -16.64 5.41
CA GLN G 14 -13.23 -16.33 6.71
C GLN G 14 -12.16 -15.24 6.58
N LYS G 15 -11.30 -15.32 5.55
CA LYS G 15 -10.24 -14.33 5.30
C LYS G 15 -10.84 -12.95 5.02
N ILE G 16 -11.89 -12.88 4.18
CA ILE G 16 -12.59 -11.64 3.84
C ILE G 16 -13.35 -11.11 5.07
N GLU G 17 -14.01 -12.00 5.84
CA GLU G 17 -14.74 -11.66 7.07
C GLU G 17 -13.82 -11.12 8.15
N ASP G 18 -12.64 -11.74 8.35
CA ASP G 18 -11.67 -11.28 9.35
C ASP G 18 -11.17 -9.88 9.01
N THR G 19 -11.12 -9.55 7.70
CA THR G 19 -10.71 -8.23 7.23
C THR G 19 -11.83 -7.19 7.41
N LEU G 20 -13.07 -7.53 7.01
CA LEU G 20 -14.16 -6.57 6.94
C LEU G 20 -15.15 -6.54 8.09
N CYS G 21 -15.52 -7.69 8.67
CA CYS G 21 -16.53 -7.75 9.74
C CYS G 21 -16.19 -6.87 10.97
N PRO G 22 -14.92 -6.73 11.45
CA PRO G 22 -14.67 -5.83 12.59
C PRO G 22 -14.95 -4.35 12.29
N PHE G 23 -15.14 -4.00 11.00
CA PHE G 23 -15.33 -2.62 10.55
C PHE G 23 -16.78 -2.30 10.14
N GLY G 24 -17.71 -3.20 10.48
CA GLY G 24 -19.14 -2.98 10.24
C GLY G 24 -19.64 -3.46 8.89
N PHE G 25 -18.97 -4.44 8.30
CA PHE G 25 -19.38 -5.01 7.01
C PHE G 25 -19.86 -6.45 7.17
N GLU G 26 -20.62 -6.95 6.19
CA GLU G 26 -21.10 -8.31 6.05
C GLU G 26 -20.74 -8.79 4.67
N VAL G 27 -20.40 -10.09 4.55
CA VAL G 27 -19.90 -10.72 3.33
C VAL G 27 -20.74 -11.97 2.99
N TYR G 28 -21.19 -12.08 1.73
CA TYR G 28 -22.05 -13.16 1.27
C TYR G 28 -21.55 -13.77 -0.04
N PRO G 29 -21.33 -15.11 -0.11
CA PRO G 29 -20.84 -15.69 -1.37
C PRO G 29 -21.95 -15.90 -2.40
N PHE G 30 -21.55 -15.91 -3.68
CA PHE G 30 -22.43 -16.19 -4.79
C PHE G 30 -21.60 -16.59 -6.00
N GLN G 31 -22.23 -17.24 -6.97
CA GLN G 31 -21.63 -17.59 -8.25
C GLN G 31 -21.95 -16.46 -9.22
N VAL G 32 -21.01 -16.08 -10.08
CA VAL G 32 -21.18 -15.03 -11.10
C VAL G 32 -22.41 -15.37 -12.00
N ALA G 33 -22.64 -16.67 -12.28
CA ALA G 33 -23.76 -17.20 -13.10
C ALA G 33 -25.12 -16.76 -12.58
N TRP G 34 -25.28 -16.73 -11.24
CA TRP G 34 -26.56 -16.35 -10.63
C TRP G 34 -26.89 -14.91 -10.93
N TYR G 35 -25.85 -14.08 -10.87
CA TYR G 35 -25.92 -12.65 -11.17
C TYR G 35 -26.18 -12.46 -12.67
N ASN G 36 -25.30 -13.03 -13.51
CA ASN G 36 -25.38 -12.92 -14.95
C ASN G 36 -26.66 -13.52 -15.56
N GLU G 37 -27.19 -14.65 -15.01
CA GLU G 37 -28.40 -15.27 -15.58
C GLU G 37 -29.65 -14.39 -15.40
N LEU G 38 -29.67 -13.44 -14.44
CA LEU G 38 -30.82 -12.56 -14.23
C LEU G 38 -30.75 -11.26 -14.99
N LEU G 39 -29.67 -11.04 -15.76
CA LEU G 39 -29.46 -9.73 -16.39
C LEU G 39 -29.27 -9.77 -17.89
N PRO G 40 -29.57 -8.65 -18.60
CA PRO G 40 -29.25 -8.62 -20.05
C PRO G 40 -27.73 -8.61 -20.27
N PRO G 41 -27.22 -9.11 -21.43
CA PRO G 41 -25.76 -9.20 -21.65
C PRO G 41 -24.94 -7.94 -21.35
N ALA G 42 -25.53 -6.75 -21.49
CA ALA G 42 -24.89 -5.46 -21.23
C ALA G 42 -24.28 -5.40 -19.82
N PHE G 43 -25.01 -5.92 -18.80
CA PHE G 43 -24.59 -5.86 -17.39
C PHE G 43 -23.80 -7.06 -16.92
N HIS G 44 -23.50 -8.01 -17.81
CA HIS G 44 -22.77 -9.21 -17.42
C HIS G 44 -21.33 -8.94 -16.99
N LEU G 45 -20.87 -9.71 -15.98
CA LEU G 45 -19.50 -9.71 -15.52
C LEU G 45 -18.72 -10.63 -16.47
N PRO G 46 -17.60 -10.18 -17.07
CA PRO G 46 -16.89 -11.04 -18.06
C PRO G 46 -16.07 -12.13 -17.40
N LEU G 47 -16.76 -13.02 -16.70
CA LEU G 47 -16.14 -14.14 -15.96
C LEU G 47 -16.93 -15.42 -16.15
N PRO G 48 -16.27 -16.61 -16.09
CA PRO G 48 -17.05 -17.87 -16.19
C PRO G 48 -18.10 -17.95 -15.08
N GLY G 49 -19.27 -18.50 -15.42
CA GLY G 49 -20.40 -18.67 -14.49
C GLY G 49 -20.05 -19.19 -13.10
N PRO G 50 -19.28 -20.31 -12.96
CA PRO G 50 -19.00 -20.85 -11.61
C PRO G 50 -17.99 -20.04 -10.79
N THR G 51 -17.48 -18.90 -11.29
CA THR G 51 -16.53 -18.04 -10.56
C THR G 51 -17.12 -17.59 -9.22
N LEU G 52 -16.33 -17.70 -8.15
CA LEU G 52 -16.69 -17.29 -6.81
C LEU G 52 -16.63 -15.76 -6.68
N ALA G 53 -17.69 -15.20 -6.10
CA ALA G 53 -17.81 -13.78 -5.83
C ALA G 53 -18.38 -13.57 -4.43
N PHE G 54 -18.10 -12.41 -3.83
CA PHE G 54 -18.63 -12.05 -2.52
C PHE G 54 -19.31 -10.70 -2.57
N LEU G 55 -20.52 -10.61 -2.02
CA LEU G 55 -21.23 -9.35 -1.92
C LEU G 55 -20.93 -8.73 -0.56
N VAL G 56 -20.54 -7.44 -0.56
CA VAL G 56 -20.20 -6.70 0.64
C VAL G 56 -21.27 -5.65 0.91
N LEU G 57 -21.77 -5.62 2.13
CA LEU G 57 -22.72 -4.61 2.52
C LEU G 57 -22.22 -4.00 3.83
N SER G 58 -22.66 -2.79 4.15
CA SER G 58 -22.30 -2.11 5.40
C SER G 58 -23.51 -2.08 6.33
N THR G 59 -23.26 -2.31 7.62
CA THR G 59 -24.33 -2.35 8.63
C THR G 59 -24.35 -0.99 9.34
N PRO G 60 -25.29 -0.69 10.28
CA PRO G 60 -25.22 0.60 10.98
C PRO G 60 -23.89 0.84 11.74
N ALA G 61 -23.18 -0.25 12.13
CA ALA G 61 -21.90 -0.21 12.87
C ALA G 61 -20.71 0.34 12.05
N PHE G 63 -20.35 3.14 10.33
CA PHE G 63 -20.11 4.55 10.57
C PHE G 63 -19.12 4.78 11.73
N ASP G 64 -19.38 4.14 12.90
CA ASP G 64 -18.56 4.28 14.11
C ASP G 64 -17.28 3.47 14.05
N ARG G 65 -17.31 2.28 13.45
CA ARG G 65 -16.15 1.37 13.40
C ARG G 65 -15.20 1.61 12.22
N ALA G 66 -15.70 2.18 11.11
CA ALA G 66 -14.88 2.40 9.93
C ALA G 66 -14.79 3.87 9.56
N LEU G 67 -15.94 4.57 9.36
CA LEU G 67 -15.92 5.96 8.88
C LEU G 67 -15.33 6.96 9.88
N LYS G 68 -15.83 7.03 11.13
CA LYS G 68 -15.31 7.98 12.12
C LYS G 68 -13.78 7.81 12.32
N PRO G 69 -13.21 6.59 12.52
CA PRO G 69 -11.74 6.47 12.62
C PRO G 69 -11.01 6.88 11.32
N PHE G 70 -11.64 6.62 10.14
CA PHE G 70 -11.06 6.97 8.84
C PHE G 70 -10.97 8.49 8.66
N LEU G 71 -11.95 9.23 9.16
CA LEU G 71 -11.97 10.69 9.09
C LEU G 71 -10.84 11.31 9.95
N GLN G 72 -10.03 10.47 10.66
CA GLN G 72 -8.87 10.89 11.46
C GLN G 72 -7.55 10.37 10.89
N SER G 73 -7.60 9.79 9.69
CA SER G 73 -6.42 9.30 8.99
C SER G 73 -5.93 10.37 8.01
N CYS G 74 -4.68 10.25 7.53
CA CYS G 74 -4.09 11.22 6.60
C CYS G 74 -4.58 11.00 5.15
N HIS G 75 -5.31 9.89 4.89
CA HIS G 75 -5.85 9.52 3.58
C HIS G 75 -6.88 10.49 2.99
N LEU G 76 -7.51 11.36 3.81
CA LEU G 76 -8.58 12.24 3.32
C LEU G 76 -8.12 13.08 2.11
N ARG G 77 -9.02 13.17 1.11
CA ARG G 77 -8.87 13.83 -0.19
C ARG G 77 -9.92 14.86 -0.42
N LEU G 79 -12.63 17.05 -2.60
CA LEU G 79 -13.67 16.81 -3.60
C LEU G 79 -13.99 15.30 -3.82
N THR G 80 -13.60 14.43 -2.87
CA THR G 80 -13.87 13.00 -2.89
C THR G 80 -14.74 12.65 -1.68
N ASP G 81 -15.83 11.90 -1.90
CA ASP G 81 -16.75 11.47 -0.84
C ASP G 81 -16.02 10.62 0.22
N PRO G 82 -16.10 11.02 1.52
CA PRO G 82 -15.36 10.29 2.57
C PRO G 82 -15.79 8.84 2.77
N VAL G 83 -17.10 8.54 2.62
CA VAL G 83 -17.64 7.17 2.79
C VAL G 83 -17.08 6.27 1.68
N ASP G 84 -17.09 6.76 0.44
CA ASP G 84 -16.57 6.05 -0.73
C ASP G 84 -15.04 5.80 -0.60
N GLN G 85 -14.30 6.74 0.02
CA GLN G 85 -12.86 6.59 0.28
C GLN G 85 -12.62 5.50 1.32
N CYS G 86 -13.46 5.51 2.38
CA CYS G 86 -13.44 4.55 3.48
C CYS G 86 -13.72 3.12 2.96
N VAL G 87 -14.77 2.97 2.13
CA VAL G 87 -15.16 1.69 1.52
C VAL G 87 -14.03 1.19 0.59
N ALA G 88 -13.50 2.07 -0.30
CA ALA G 88 -12.39 1.72 -1.22
C ALA G 88 -11.16 1.23 -0.46
N TYR G 89 -10.84 1.90 0.67
CA TYR G 89 -9.74 1.59 1.58
C TYR G 89 -9.87 0.17 2.15
N HIS G 90 -11.03 -0.15 2.74
CA HIS G 90 -11.30 -1.44 3.36
C HIS G 90 -11.41 -2.55 2.31
N LEU G 91 -11.89 -2.22 1.10
CA LEU G 91 -11.96 -3.21 0.03
C LEU G 91 -10.54 -3.55 -0.45
N GLY G 92 -9.64 -2.55 -0.41
CA GLY G 92 -8.23 -2.70 -0.76
C GLY G 92 -7.50 -3.58 0.24
N ARG G 93 -7.96 -3.55 1.52
CA ARG G 93 -7.40 -4.38 2.59
C ARG G 93 -7.71 -5.87 2.34
N VAL G 94 -8.81 -6.18 1.63
CA VAL G 94 -9.22 -7.55 1.25
C VAL G 94 -8.17 -8.09 0.28
N ARG G 95 -7.72 -7.24 -0.67
CA ARG G 95 -6.64 -7.53 -1.62
C ARG G 95 -5.38 -8.00 -0.89
N GLU G 96 -5.00 -7.27 0.17
CA GLU G 96 -3.81 -7.54 0.98
C GLU G 96 -3.96 -8.82 1.81
N SER G 97 -5.20 -9.21 2.17
CA SER G 97 -5.49 -10.42 2.94
C SER G 97 -5.35 -11.68 2.09
N LEU G 98 -5.39 -11.51 0.74
CA LEU G 98 -5.30 -12.61 -0.22
C LEU G 98 -4.16 -12.32 -1.24
N PRO G 99 -2.87 -12.28 -0.80
CA PRO G 99 -1.79 -11.96 -1.75
C PRO G 99 -1.54 -13.03 -2.83
N GLU G 100 -1.92 -14.30 -2.54
CA GLU G 100 -1.75 -15.44 -3.46
C GLU G 100 -2.75 -15.39 -4.62
N LEU G 101 -3.78 -14.54 -4.51
CA LEU G 101 -4.84 -14.43 -5.52
C LEU G 101 -4.90 -13.07 -6.18
N GLN G 102 -5.23 -13.06 -7.47
CA GLN G 102 -5.47 -11.84 -8.23
C GLN G 102 -6.98 -11.67 -8.16
N ILE G 103 -7.44 -10.67 -7.39
CA ILE G 103 -8.85 -10.45 -7.16
C ILE G 103 -9.31 -9.16 -7.85
N GLU G 104 -10.62 -9.09 -8.15
CA GLU G 104 -11.23 -7.92 -8.76
C GLU G 104 -12.23 -7.35 -7.77
N ILE G 105 -12.23 -6.04 -7.60
CA ILE G 105 -13.13 -5.36 -6.69
C ILE G 105 -13.91 -4.26 -7.42
N ILE G 106 -15.25 -4.29 -7.29
CA ILE G 106 -16.13 -3.27 -7.85
C ILE G 106 -17.01 -2.72 -6.73
N ALA G 107 -16.85 -1.44 -6.42
CA ALA G 107 -17.70 -0.77 -5.42
C ALA G 107 -19.04 -0.33 -6.06
N ASP G 108 -20.08 -0.13 -5.22
CA ASP G 108 -21.42 0.27 -5.62
C ASP G 108 -21.47 1.59 -6.42
N TYR G 109 -20.57 2.53 -6.10
CA TYR G 109 -20.52 3.89 -6.66
C TYR G 109 -19.77 3.98 -8.00
N GLU G 110 -19.02 2.93 -8.36
CA GLU G 110 -18.23 2.87 -9.59
C GLU G 110 -19.13 2.90 -10.84
N VAL G 111 -18.70 3.72 -11.82
CA VAL G 111 -19.37 3.89 -13.10
C VAL G 111 -18.37 3.76 -14.24
N HIS G 112 -18.86 3.34 -15.41
CA HIS G 112 -18.06 3.28 -16.62
C HIS G 112 -17.94 4.72 -17.19
N PRO G 113 -17.03 5.02 -18.16
CA PRO G 113 -16.97 6.39 -18.73
C PRO G 113 -18.33 6.94 -19.19
N ASN G 114 -19.24 6.07 -19.68
CA ASN G 114 -20.60 6.45 -20.13
C ASN G 114 -21.60 6.65 -18.96
N ARG G 115 -21.07 6.69 -17.70
CA ARG G 115 -21.78 6.94 -16.43
C ARG G 115 -22.71 5.77 -16.01
N ARG G 116 -22.57 4.61 -16.66
CA ARG G 116 -23.36 3.44 -16.31
C ARG G 116 -22.73 2.73 -15.13
N PRO G 117 -23.52 2.23 -14.14
CA PRO G 117 -22.93 1.50 -13.00
C PRO G 117 -22.20 0.25 -13.48
N LYS G 118 -21.03 -0.03 -12.90
CA LYS G 118 -20.25 -1.21 -13.24
C LYS G 118 -20.96 -2.49 -12.74
N ILE G 119 -21.63 -2.41 -11.57
CA ILE G 119 -22.41 -3.51 -11.00
C ILE G 119 -23.78 -3.03 -10.58
N LEU G 120 -24.75 -3.95 -10.64
CA LEU G 120 -26.10 -3.78 -10.18
C LEU G 120 -26.13 -4.45 -8.81
N ALA G 121 -25.78 -3.66 -7.80
CA ALA G 121 -25.57 -4.00 -6.39
C ALA G 121 -26.72 -4.80 -5.78
N GLN G 122 -27.97 -4.43 -6.08
CA GLN G 122 -29.19 -5.04 -5.55
C GLN G 122 -29.44 -6.43 -6.12
N THR G 123 -29.12 -6.67 -7.40
CA THR G 123 -29.23 -7.98 -8.03
C THR G 123 -28.20 -8.92 -7.35
N ALA G 124 -26.98 -8.41 -7.09
CA ALA G 124 -25.91 -9.17 -6.42
C ALA G 124 -26.30 -9.51 -4.98
N ALA G 125 -26.95 -8.56 -4.24
CA ALA G 125 -27.40 -8.74 -2.86
C ALA G 125 -28.50 -9.79 -2.76
N HIS G 126 -29.37 -9.86 -3.78
CA HIS G 126 -30.46 -10.82 -3.85
C HIS G 126 -29.91 -12.25 -4.06
N VAL G 127 -29.09 -12.46 -5.12
CA VAL G 127 -28.52 -13.79 -5.47
C VAL G 127 -27.51 -14.28 -4.42
N ALA G 128 -26.97 -13.39 -3.58
CA ALA G 128 -26.03 -13.76 -2.51
C ALA G 128 -26.80 -14.06 -1.20
N GLY G 129 -28.13 -13.94 -1.24
CA GLY G 129 -29.04 -14.19 -0.13
C GLY G 129 -28.93 -13.21 1.02
N ALA G 130 -28.33 -12.04 0.75
CA ALA G 130 -28.09 -11.00 1.75
C ALA G 130 -29.33 -10.17 2.07
N ALA G 131 -30.10 -9.82 1.03
CA ALA G 131 -31.25 -8.92 1.13
C ALA G 131 -32.17 -9.11 -0.05
N TYR G 132 -33.45 -9.42 0.21
CA TYR G 132 -34.45 -9.61 -0.83
C TYR G 132 -34.65 -8.30 -1.59
N TYR G 133 -34.49 -8.37 -2.93
CA TYR G 133 -34.65 -7.23 -3.83
C TYR G 133 -36.08 -7.10 -4.28
N TYR G 134 -36.81 -6.13 -3.68
CA TYR G 134 -38.21 -5.84 -3.99
C TYR G 134 -38.29 -4.84 -5.14
N GLN G 135 -38.90 -5.28 -6.22
CA GLN G 135 -39.07 -4.61 -7.50
C GLN G 135 -40.56 -4.48 -7.85
N ARG G 136 -40.88 -3.66 -8.88
CA ARG G 136 -42.24 -3.48 -9.42
C ARG G 136 -42.94 -4.80 -9.66
N GLN G 137 -42.27 -5.69 -10.42
CA GLN G 137 -42.69 -7.04 -10.84
C GLN G 137 -43.19 -7.88 -9.67
N ASP G 138 -42.82 -7.52 -8.42
CA ASP G 138 -43.18 -8.22 -7.18
C ASP G 138 -44.53 -7.72 -6.66
N VAL G 139 -45.16 -6.81 -7.40
CA VAL G 139 -46.49 -6.29 -7.12
C VAL G 139 -47.38 -6.65 -8.32
N GLU G 140 -48.36 -7.56 -8.08
CA GLU G 140 -49.35 -7.95 -9.09
C GLU G 140 -50.27 -6.78 -9.34
N ALA G 141 -50.82 -6.68 -10.57
CA ALA G 141 -51.69 -5.59 -11.03
C ALA G 141 -51.01 -4.25 -10.66
N ASP G 142 -49.78 -4.12 -11.20
CA ASP G 142 -48.86 -2.99 -11.04
C ASP G 142 -49.64 -1.68 -11.19
N PRO G 143 -49.77 -0.89 -10.09
CA PRO G 143 -50.62 0.31 -10.12
C PRO G 143 -50.00 1.62 -10.57
N TRP G 144 -48.69 1.65 -10.79
CA TRP G 144 -47.95 2.89 -10.97
C TRP G 144 -47.90 3.50 -12.37
N GLY G 145 -48.18 2.73 -13.42
CA GLY G 145 -48.17 3.24 -14.79
C GLY G 145 -46.79 3.62 -15.31
N ASN G 146 -46.75 4.55 -16.29
CA ASN G 146 -45.51 4.94 -16.98
C ASN G 146 -44.69 5.96 -16.20
N GLN G 147 -43.99 5.47 -15.18
CA GLN G 147 -43.10 6.23 -14.30
C GLN G 147 -42.04 5.28 -13.75
N ARG G 148 -40.90 5.82 -13.29
CA ARG G 148 -39.86 4.99 -12.71
C ARG G 148 -40.23 4.64 -11.28
N ILE G 149 -40.21 3.33 -10.98
CA ILE G 149 -40.43 2.77 -9.65
C ILE G 149 -39.21 1.93 -9.41
N SER G 150 -38.24 2.51 -8.70
CA SER G 150 -36.99 1.87 -8.39
C SER G 150 -37.17 0.84 -7.27
N GLY G 151 -36.48 -0.28 -7.42
CA GLY G 151 -36.51 -1.36 -6.45
C GLY G 151 -35.66 -1.08 -5.23
N VAL G 152 -35.92 -1.83 -4.13
CA VAL G 152 -35.22 -1.69 -2.86
C VAL G 152 -35.04 -3.07 -2.18
N CYS G 153 -33.83 -3.28 -1.66
CA CYS G 153 -33.43 -4.45 -0.89
C CYS G 153 -33.77 -4.26 0.57
N ILE G 154 -34.23 -5.33 1.21
CA ILE G 154 -34.56 -5.28 2.64
C ILE G 154 -33.77 -6.41 3.33
N HIS G 155 -32.90 -6.00 4.28
CA HIS G 155 -32.07 -6.89 5.09
C HIS G 155 -32.94 -7.54 6.20
N PRO G 156 -32.84 -8.88 6.42
CA PRO G 156 -33.71 -9.52 7.46
C PRO G 156 -33.50 -9.03 8.89
N ARG G 157 -32.32 -8.48 9.23
CA ARG G 157 -32.03 -7.96 10.56
C ARG G 157 -32.06 -6.45 10.65
N PHE G 158 -31.61 -5.76 9.61
CA PHE G 158 -31.52 -4.30 9.65
C PHE G 158 -32.59 -3.57 8.86
N GLY G 159 -33.49 -4.30 8.17
CA GLY G 159 -34.50 -3.68 7.33
C GLY G 159 -33.79 -2.96 6.18
N GLY G 160 -33.95 -1.66 6.13
CA GLY G 160 -33.30 -0.80 5.14
C GLY G 160 -32.13 -0.02 5.70
N TRP G 161 -31.74 -0.28 6.97
CA TRP G 161 -30.64 0.38 7.67
C TRP G 161 -29.32 -0.32 7.38
N PHE G 162 -28.92 -0.24 6.13
CA PHE G 162 -27.72 -0.82 5.56
C PHE G 162 -27.52 -0.21 4.19
N ALA G 163 -26.37 -0.47 3.57
CA ALA G 163 -26.07 -0.06 2.21
C ALA G 163 -25.20 -1.15 1.55
N ILE G 164 -25.35 -1.36 0.24
CA ILE G 164 -24.53 -2.32 -0.50
C ILE G 164 -23.25 -1.58 -0.89
N ARG G 165 -22.09 -2.15 -0.60
CA ARG G 165 -20.84 -1.42 -0.80
C ARG G 165 -19.96 -1.96 -1.95
N GLY G 166 -20.19 -3.18 -2.37
CA GLY G 166 -19.41 -3.72 -3.47
C GLY G 166 -19.38 -5.22 -3.61
N VAL G 167 -18.65 -5.68 -4.62
CA VAL G 167 -18.47 -7.10 -4.93
C VAL G 167 -16.96 -7.39 -5.06
N VAL G 168 -16.55 -8.54 -4.50
CA VAL G 168 -15.20 -9.06 -4.56
C VAL G 168 -15.27 -10.28 -5.49
N LEU G 169 -14.55 -10.22 -6.60
CA LEU G 169 -14.54 -11.30 -7.59
C LEU G 169 -13.21 -12.04 -7.52
N LEU G 170 -13.28 -13.37 -7.57
CA LEU G 170 -12.08 -14.22 -7.45
C LEU G 170 -11.89 -15.05 -8.71
N PRO G 171 -11.39 -14.45 -9.82
CA PRO G 171 -11.21 -15.23 -11.07
C PRO G 171 -10.27 -16.40 -10.87
N GLY G 172 -10.66 -17.57 -11.40
CA GLY G 172 -9.89 -18.78 -11.26
C GLY G 172 -10.40 -19.68 -10.15
N ILE G 173 -11.21 -19.11 -9.23
CA ILE G 173 -11.79 -19.89 -8.14
C ILE G 173 -13.18 -20.20 -8.56
N GLU G 174 -13.35 -21.44 -9.01
CA GLU G 174 -14.63 -21.92 -9.54
C GLU G 174 -15.30 -22.82 -8.54
N VAL G 175 -16.57 -22.48 -8.24
CA VAL G 175 -17.39 -23.18 -7.24
C VAL G 175 -18.76 -23.58 -7.89
N PRO G 176 -18.76 -24.49 -8.92
CA PRO G 176 -20.03 -24.84 -9.60
C PRO G 176 -21.08 -25.52 -8.70
N ASP G 177 -20.65 -26.08 -7.57
CA ASP G 177 -21.53 -26.78 -6.65
C ASP G 177 -21.89 -25.92 -5.44
N LEU G 178 -21.60 -24.60 -5.49
CA LEU G 178 -21.98 -23.68 -4.41
C LEU G 178 -23.51 -23.65 -4.38
N PRO G 179 -24.14 -23.97 -3.24
CA PRO G 179 -25.60 -24.03 -3.21
C PRO G 179 -26.26 -22.65 -3.15
N PRO G 180 -27.24 -22.38 -4.04
CA PRO G 180 -27.94 -21.08 -3.96
C PRO G 180 -28.76 -20.97 -2.68
N ARG G 181 -28.53 -19.89 -1.93
CA ARG G 181 -29.22 -19.55 -0.69
C ARG G 181 -30.14 -18.37 -1.00
N LYS G 182 -31.43 -18.63 -1.11
CA LYS G 182 -32.44 -17.64 -1.41
C LYS G 182 -32.55 -16.57 -0.29
N PRO G 183 -32.73 -15.28 -0.67
CA PRO G 183 -32.92 -14.25 0.36
C PRO G 183 -34.28 -14.39 1.04
N HIS G 184 -34.38 -13.95 2.30
CA HIS G 184 -35.60 -14.01 3.08
C HIS G 184 -36.64 -12.97 2.62
N ASP G 185 -37.85 -13.45 2.30
CA ASP G 185 -38.98 -12.63 1.89
C ASP G 185 -39.63 -12.06 3.15
N CYS G 186 -39.04 -10.97 3.65
CA CYS G 186 -39.40 -10.25 4.86
C CYS G 186 -40.59 -9.33 4.69
N VAL G 187 -40.92 -8.95 3.45
CA VAL G 187 -42.06 -8.06 3.12
C VAL G 187 -42.92 -8.87 2.12
N PRO G 188 -43.66 -9.89 2.60
CA PRO G 188 -44.37 -10.78 1.64
C PRO G 188 -45.68 -10.25 1.06
N THR G 189 -46.38 -9.33 1.74
CA THR G 189 -47.71 -8.83 1.31
C THR G 189 -47.60 -7.76 0.23
N ARG G 190 -48.56 -7.74 -0.71
CA ARG G 190 -48.66 -6.77 -1.80
C ARG G 190 -48.77 -5.34 -1.25
N ALA G 191 -49.64 -5.11 -0.25
CA ALA G 191 -49.83 -3.79 0.35
C ALA G 191 -48.55 -3.27 1.03
N ASP G 192 -47.79 -4.12 1.70
CA ASP G 192 -46.55 -3.75 2.38
C ASP G 192 -45.42 -3.51 1.38
N ARG G 193 -45.43 -4.25 0.24
CA ARG G 193 -44.49 -4.09 -0.87
C ARG G 193 -44.73 -2.73 -1.58
N ILE G 194 -46.01 -2.35 -1.75
CA ILE G 194 -46.41 -1.06 -2.33
C ILE G 194 -45.99 0.08 -1.39
N ALA G 195 -46.25 -0.06 -0.07
CA ALA G 195 -45.88 0.96 0.94
C ALA G 195 -44.37 1.15 1.00
N LEU G 196 -43.59 0.05 0.85
CA LEU G 196 -42.14 0.02 0.86
C LEU G 196 -41.60 0.74 -0.39
N LEU G 197 -42.07 0.33 -1.58
CA LEU G 197 -41.63 0.90 -2.85
C LEU G 197 -41.99 2.38 -2.96
N GLU G 198 -43.15 2.80 -2.44
CA GLU G 198 -43.56 4.21 -2.47
C GLU G 198 -42.75 5.02 -1.43
N GLY G 199 -42.47 4.41 -0.28
CA GLY G 199 -41.67 5.03 0.78
C GLY G 199 -40.25 5.28 0.32
N PHE G 200 -39.68 4.33 -0.44
CA PHE G 200 -38.35 4.39 -1.01
C PHE G 200 -38.26 5.39 -2.17
N ASN G 201 -39.21 5.30 -3.13
CA ASN G 201 -39.18 6.13 -4.33
C ASN G 201 -39.57 7.58 -4.07
N PHE G 202 -40.57 7.84 -3.22
CA PHE G 202 -41.09 9.19 -3.05
C PHE G 202 -40.82 9.82 -1.69
N HIS G 203 -40.39 9.07 -0.67
CA HIS G 203 -40.23 9.68 0.67
C HIS G 203 -38.98 9.21 1.41
N TRP G 204 -37.97 8.70 0.70
CA TRP G 204 -36.75 8.15 1.30
C TRP G 204 -36.03 9.11 2.29
N ARG G 205 -36.17 10.44 2.14
CA ARG G 205 -35.49 11.40 3.03
C ARG G 205 -36.02 11.39 4.46
N ASP G 206 -37.24 10.84 4.67
CA ASP G 206 -37.84 10.72 6.00
C ASP G 206 -37.49 9.35 6.66
N TRP G 207 -36.58 8.54 6.03
CA TRP G 207 -36.00 7.27 6.51
C TRP G 207 -36.98 6.10 6.70
N THR G 208 -38.30 6.36 6.85
CA THR G 208 -39.41 5.45 7.18
C THR G 208 -39.40 4.09 6.44
N TYR G 209 -39.09 4.04 5.12
CA TYR G 209 -39.08 2.78 4.35
C TYR G 209 -38.13 1.74 4.97
N ARG G 210 -37.09 2.21 5.69
CA ARG G 210 -36.05 1.36 6.28
C ARG G 210 -36.58 0.53 7.45
N ASP G 211 -37.75 0.91 7.98
CA ASP G 211 -38.46 0.24 9.08
C ASP G 211 -39.52 -0.75 8.56
N ALA G 212 -39.46 -1.11 7.25
CA ALA G 212 -40.36 -2.09 6.61
C ALA G 212 -40.33 -3.44 7.34
N VAL G 213 -39.21 -3.72 7.99
CA VAL G 213 -38.89 -4.82 8.89
C VAL G 213 -38.39 -4.15 10.13
N THR G 214 -38.85 -4.59 11.32
CA THR G 214 -38.40 -4.04 12.61
C THR G 214 -36.88 -4.27 12.70
N PRO G 215 -36.06 -3.20 12.69
CA PRO G 215 -34.61 -3.40 12.69
C PRO G 215 -34.06 -3.77 14.06
N GLN G 216 -33.04 -4.68 14.09
CA GLN G 216 -32.30 -5.05 15.30
C GLN G 216 -31.55 -3.78 15.78
N GLU G 217 -31.11 -3.01 14.78
CA GLU G 217 -30.35 -1.78 14.93
C GLU G 217 -30.65 -0.82 13.76
N ARG G 218 -30.66 0.48 14.07
CA ARG G 218 -30.83 1.60 13.15
C ARG G 218 -29.56 2.43 13.13
N TYR G 219 -29.49 3.38 12.20
CA TYR G 219 -28.39 4.35 12.18
C TYR G 219 -28.61 5.26 13.38
N SER G 220 -27.54 5.64 14.08
CA SER G 220 -27.64 6.59 15.21
C SER G 220 -28.15 7.95 14.69
N GLU G 221 -28.56 8.86 15.59
CA GLU G 221 -29.02 10.18 15.18
C GLU G 221 -27.88 10.97 14.52
N GLU G 222 -26.64 10.72 14.97
CA GLU G 222 -25.41 11.31 14.42
C GLU G 222 -25.16 10.80 12.98
N GLN G 223 -25.29 9.46 12.77
CA GLN G 223 -25.14 8.83 11.46
C GLN G 223 -26.22 9.33 10.49
N LYS G 224 -27.47 9.46 10.98
CA LYS G 224 -28.60 9.98 10.20
C LYS G 224 -28.37 11.44 9.81
N ALA G 225 -27.82 12.27 10.74
CA ALA G 225 -27.50 13.68 10.51
C ALA G 225 -26.43 13.82 9.42
N TYR G 226 -25.44 12.91 9.43
CA TYR G 226 -24.37 12.86 8.44
C TYR G 226 -24.95 12.54 7.05
N PHE G 227 -25.75 11.47 6.96
CA PHE G 227 -26.31 11.02 5.68
C PHE G 227 -27.43 11.94 5.16
N SER G 228 -28.13 12.71 6.05
CA SER G 228 -29.17 13.67 5.64
C SER G 228 -28.54 14.85 4.93
N THR G 229 -27.23 15.07 5.16
CA THR G 229 -26.46 16.12 4.53
C THR G 229 -26.17 15.67 3.08
N PRO G 230 -26.54 16.48 2.05
CA PRO G 230 -26.25 16.07 0.66
C PRO G 230 -24.75 15.84 0.46
N PRO G 231 -24.36 14.78 -0.30
CA PRO G 231 -22.93 14.48 -0.49
C PRO G 231 -22.07 15.68 -0.88
N ALA G 232 -22.61 16.63 -1.68
CA ALA G 232 -21.92 17.85 -2.13
C ALA G 232 -21.55 18.77 -0.96
N GLN G 233 -22.13 18.54 0.24
CA GLN G 233 -21.93 19.37 1.42
C GLN G 233 -21.25 18.62 2.56
N ARG G 234 -20.83 17.36 2.33
CA ARG G 234 -20.12 16.55 3.32
C ARG G 234 -18.61 16.83 3.29
N LYS H 8 8.89 30.22 -7.57
CA LYS H 8 8.48 28.93 -7.06
C LYS H 8 7.67 28.16 -8.10
N VAL H 9 6.90 28.90 -8.92
CA VAL H 9 6.05 28.40 -10.00
C VAL H 9 6.88 27.64 -11.03
N ALA H 10 8.03 28.23 -11.46
CA ALA H 10 8.92 27.63 -12.44
C ALA H 10 9.58 26.36 -11.89
N GLU H 11 9.86 26.33 -10.59
CA GLU H 11 10.48 25.20 -9.88
C GLU H 11 9.48 24.04 -9.79
N LEU H 12 8.23 24.35 -9.38
CA LEU H 12 7.16 23.36 -9.27
C LEU H 12 6.77 22.81 -10.64
N LYS H 13 6.68 23.71 -11.65
CA LYS H 13 6.38 23.37 -13.04
C LYS H 13 7.40 22.37 -13.57
N GLN H 14 8.71 22.61 -13.33
CA GLN H 14 9.82 21.75 -13.77
C GLN H 14 9.70 20.35 -13.17
N LYS H 15 9.39 20.27 -11.86
CA LYS H 15 9.21 18.98 -11.16
C LYS H 15 8.08 18.16 -11.80
N ILE H 16 6.93 18.81 -12.08
CA ILE H 16 5.75 18.19 -12.69
C ILE H 16 6.06 17.80 -14.14
N GLU H 17 6.75 18.69 -14.90
CA GLU H 17 7.14 18.46 -16.29
C GLU H 17 8.12 17.30 -16.43
N ASP H 18 9.11 17.21 -15.53
CA ASP H 18 10.08 16.11 -15.55
C ASP H 18 9.39 14.77 -15.31
N THR H 19 8.29 14.78 -14.52
CA THR H 19 7.48 13.58 -14.24
C THR H 19 6.60 13.21 -15.44
N LEU H 20 5.89 14.21 -16.03
CA LEU H 20 4.87 13.91 -17.05
C LEU H 20 5.26 14.11 -18.51
N CYS H 21 6.06 15.13 -18.86
CA CYS H 21 6.43 15.40 -20.26
C CYS H 21 7.08 14.20 -20.98
N PRO H 22 7.96 13.35 -20.37
CA PRO H 22 8.47 12.17 -21.11
C PRO H 22 7.40 11.15 -21.49
N PHE H 23 6.19 11.27 -20.91
CA PHE H 23 5.11 10.30 -21.11
C PHE H 23 3.99 10.84 -22.03
N GLY H 24 4.25 11.96 -22.71
CA GLY H 24 3.31 12.52 -23.67
C GLY H 24 2.30 13.51 -23.11
N PHE H 25 2.63 14.14 -21.99
CA PHE H 25 1.75 15.12 -21.34
C PHE H 25 2.34 16.51 -21.43
N GLU H 26 1.49 17.52 -21.25
CA GLU H 26 1.84 18.95 -21.18
C GLU H 26 1.19 19.52 -19.93
N VAL H 27 1.88 20.46 -19.29
CA VAL H 27 1.50 21.05 -18.00
C VAL H 27 1.45 22.59 -18.12
N TYR H 28 0.36 23.20 -17.64
CA TYR H 28 0.13 24.65 -17.74
C TYR H 28 -0.32 25.22 -16.41
N PRO H 29 0.36 26.25 -15.86
CA PRO H 29 -0.07 26.82 -14.57
C PRO H 29 -1.25 27.75 -14.70
N PHE H 30 -1.99 27.89 -13.61
CA PHE H 30 -3.10 28.84 -13.51
C PHE H 30 -3.43 29.06 -12.04
N GLN H 31 -4.12 30.16 -11.76
CA GLN H 31 -4.62 30.48 -10.42
C GLN H 31 -6.03 29.93 -10.35
N VAL H 32 -6.42 29.35 -9.19
CA VAL H 32 -7.77 28.82 -8.95
C VAL H 32 -8.81 29.91 -9.23
N ALA H 33 -8.51 31.19 -8.87
CA ALA H 33 -9.37 32.38 -9.08
C ALA H 33 -9.82 32.53 -10.52
N TRP H 34 -8.92 32.29 -11.49
CA TRP H 34 -9.23 32.44 -12.91
C TRP H 34 -10.29 31.46 -13.36
N TYR H 35 -10.22 30.24 -12.84
CA TYR H 35 -11.15 29.16 -13.11
C TYR H 35 -12.51 29.48 -12.45
N ASN H 36 -12.50 29.76 -11.14
CA ASN H 36 -13.68 30.04 -10.33
C ASN H 36 -14.45 31.28 -10.76
N GLU H 37 -13.76 32.36 -11.21
CA GLU H 37 -14.44 33.61 -11.60
C GLU H 37 -15.28 33.46 -12.87
N LEU H 38 -15.00 32.44 -13.71
CA LEU H 38 -15.71 32.20 -14.95
C LEU H 38 -16.91 31.28 -14.77
N LEU H 39 -17.04 30.66 -13.60
CA LEU H 39 -18.05 29.63 -13.34
C LEU H 39 -19.03 29.98 -12.24
N PRO H 40 -20.26 29.37 -12.29
CA PRO H 40 -21.20 29.53 -11.18
C PRO H 40 -20.69 28.85 -9.91
N PRO H 41 -21.12 29.30 -8.69
CA PRO H 41 -20.58 28.73 -7.44
C PRO H 41 -20.56 27.20 -7.31
N ALA H 42 -21.49 26.51 -8.00
CA ALA H 42 -21.61 25.06 -8.00
C ALA H 42 -20.29 24.37 -8.41
N PHE H 43 -19.61 24.91 -9.44
CA PHE H 43 -18.40 24.34 -10.01
C PHE H 43 -17.11 24.86 -9.38
N HIS H 44 -17.19 25.73 -8.36
CA HIS H 44 -16.01 26.29 -7.73
C HIS H 44 -15.16 25.27 -6.98
N LEU H 45 -13.84 25.44 -7.06
CA LEU H 45 -12.87 24.64 -6.31
C LEU H 45 -12.78 25.27 -4.91
N PRO H 46 -12.92 24.50 -3.81
CA PRO H 46 -12.95 25.13 -2.47
C PRO H 46 -11.55 25.49 -1.96
N LEU H 47 -10.88 26.36 -2.71
CA LEU H 47 -9.51 26.81 -2.41
C LEU H 47 -9.39 28.31 -2.56
N PRO H 48 -8.47 28.97 -1.82
CA PRO H 48 -8.28 30.43 -2.01
C PRO H 48 -7.89 30.74 -3.47
N GLY H 49 -8.41 31.85 -3.99
CA GLY H 49 -8.16 32.32 -5.34
C GLY H 49 -6.71 32.26 -5.83
N PRO H 50 -5.71 32.77 -5.05
CA PRO H 50 -4.31 32.74 -5.54
C PRO H 50 -3.64 31.36 -5.54
N THR H 51 -4.35 30.27 -5.13
CA THR H 51 -3.79 28.91 -5.10
C THR H 51 -3.29 28.51 -6.48
N LEU H 52 -2.08 27.95 -6.53
CA LEU H 52 -1.45 27.47 -7.74
C LEU H 52 -2.04 26.13 -8.14
N ALA H 53 -2.37 26.01 -9.43
CA ALA H 53 -2.90 24.82 -10.04
C ALA H 53 -2.23 24.59 -11.38
N PHE H 54 -2.21 23.34 -11.83
CA PHE H 54 -1.65 22.97 -13.14
C PHE H 54 -2.66 22.17 -13.94
N LEU H 55 -2.85 22.55 -15.21
CA LEU H 55 -3.71 21.82 -16.11
C LEU H 55 -2.85 20.81 -16.88
N VAL H 56 -3.28 19.55 -16.91
CA VAL H 56 -2.59 18.45 -17.60
C VAL H 56 -3.39 18.01 -18.84
N LEU H 57 -2.71 17.99 -20.00
CA LEU H 57 -3.25 17.50 -21.26
C LEU H 57 -2.39 16.38 -21.75
N SER H 58 -2.94 15.50 -22.58
CA SER H 58 -2.18 14.44 -23.25
C SER H 58 -2.06 14.82 -24.73
N THR H 59 -0.89 14.61 -25.31
CA THR H 59 -0.61 14.90 -26.71
C THR H 59 -0.75 13.59 -27.50
N PRO H 60 -0.62 13.57 -28.86
CA PRO H 60 -0.68 12.28 -29.57
C PRO H 60 0.40 11.27 -29.11
N ALA H 61 1.51 11.74 -28.51
CA ALA H 61 2.64 10.89 -28.04
C ALA H 61 2.29 10.06 -26.81
N PHE H 63 -0.15 7.94 -26.18
CA PHE H 63 -0.54 6.57 -26.53
C PHE H 63 0.66 5.63 -26.58
N ASP H 64 1.72 6.02 -27.30
CA ASP H 64 2.93 5.20 -27.46
C ASP H 64 3.86 5.26 -26.25
N ARG H 65 3.99 6.43 -25.62
CA ARG H 65 4.91 6.65 -24.50
C ARG H 65 4.36 6.27 -23.13
N ALA H 66 3.03 6.32 -22.95
CA ALA H 66 2.43 6.01 -21.64
C ALA H 66 1.48 4.83 -21.69
N LEU H 67 0.47 4.84 -22.59
CA LEU H 67 -0.54 3.79 -22.64
C LEU H 67 0.01 2.40 -23.05
N LYS H 68 0.67 2.28 -24.22
CA LYS H 68 1.20 0.97 -24.67
C LYS H 68 2.13 0.35 -23.60
N PRO H 69 3.12 1.07 -22.99
CA PRO H 69 3.92 0.46 -21.92
C PRO H 69 3.10 0.09 -20.68
N PHE H 70 2.05 0.88 -20.38
CA PHE H 70 1.17 0.63 -19.22
C PHE H 70 0.35 -0.66 -19.41
N LEU H 71 -0.08 -0.95 -20.65
CA LEU H 71 -0.84 -2.16 -20.97
C LEU H 71 0.04 -3.41 -20.80
N GLN H 72 1.37 -3.23 -20.60
CA GLN H 72 2.36 -4.30 -20.36
C GLN H 72 2.78 -4.35 -18.87
N SER H 73 2.02 -3.64 -18.00
CA SER H 73 2.29 -3.58 -16.56
C SER H 73 1.33 -4.49 -15.77
N CYS H 74 1.72 -4.80 -14.52
CA CYS H 74 1.00 -5.65 -13.57
C CYS H 74 -0.12 -4.86 -12.85
N HIS H 75 -0.32 -3.57 -13.23
CA HIS H 75 -1.30 -2.67 -12.60
C HIS H 75 -2.77 -2.77 -13.14
N LEU H 76 -3.05 -3.51 -14.26
CA LEU H 76 -4.36 -3.56 -14.91
C LEU H 76 -5.50 -4.16 -14.06
N ARG H 77 -6.77 -3.74 -14.38
CA ARG H 77 -7.98 -4.12 -13.64
C ARG H 77 -9.15 -4.40 -14.55
N LEU H 79 -12.94 -4.44 -15.94
CA LEU H 79 -14.01 -3.45 -16.11
C LEU H 79 -13.57 -1.99 -15.79
N THR H 80 -12.26 -1.71 -15.85
CA THR H 80 -11.72 -0.37 -15.64
C THR H 80 -11.06 0.10 -16.94
N ASP H 81 -11.38 1.32 -17.40
CA ASP H 81 -10.83 1.88 -18.62
C ASP H 81 -9.29 1.99 -18.52
N PRO H 82 -8.55 1.40 -19.51
CA PRO H 82 -7.08 1.40 -19.43
C PRO H 82 -6.43 2.79 -19.51
N VAL H 83 -6.98 3.71 -20.32
CA VAL H 83 -6.47 5.08 -20.49
C VAL H 83 -6.62 5.82 -19.15
N ASP H 84 -7.79 5.69 -18.50
CA ASP H 84 -8.07 6.32 -17.20
C ASP H 84 -7.16 5.76 -16.11
N GLN H 85 -6.84 4.46 -16.14
CA GLN H 85 -5.91 3.81 -15.21
C GLN H 85 -4.50 4.36 -15.40
N CYS H 86 -4.09 4.47 -16.68
CA CYS H 86 -2.81 5.00 -17.11
C CYS H 86 -2.62 6.48 -16.64
N VAL H 87 -3.62 7.33 -16.88
CA VAL H 87 -3.62 8.74 -16.49
C VAL H 87 -3.56 8.87 -14.97
N ALA H 88 -4.41 8.09 -14.23
CA ALA H 88 -4.44 8.08 -12.76
C ALA H 88 -3.07 7.74 -12.17
N TYR H 89 -2.41 6.73 -12.76
CA TYR H 89 -1.08 6.24 -12.41
C TYR H 89 -0.02 7.36 -12.51
N HIS H 90 0.04 8.05 -13.68
CA HIS H 90 1.01 9.12 -13.95
C HIS H 90 0.72 10.35 -13.12
N LEU H 91 -0.55 10.62 -12.81
CA LEU H 91 -0.92 11.74 -11.95
C LEU H 91 -0.47 11.45 -10.50
N GLY H 92 -0.52 10.18 -10.11
CA GLY H 92 -0.04 9.71 -8.81
C GLY H 92 1.46 9.85 -8.67
N ARG H 93 2.19 9.75 -9.79
CA ARG H 93 3.65 9.91 -9.84
C ARG H 93 4.04 11.37 -9.55
N VAL H 94 3.14 12.32 -9.85
CA VAL H 94 3.35 13.75 -9.60
C VAL H 94 3.37 13.97 -8.07
N ARG H 95 2.46 13.28 -7.37
CA ARG H 95 2.38 13.25 -5.91
C ARG H 95 3.71 12.84 -5.28
N GLU H 96 4.34 11.79 -5.83
CA GLU H 96 5.61 11.23 -5.38
C GLU H 96 6.79 12.16 -5.69
N SER H 97 6.68 13.00 -6.73
CA SER H 97 7.72 13.98 -7.12
C SER H 97 7.73 15.19 -6.20
N LEU H 98 6.64 15.38 -5.44
CA LEU H 98 6.47 16.49 -4.50
C LEU H 98 6.11 15.96 -3.10
N PRO H 99 7.01 15.19 -2.41
CA PRO H 99 6.65 14.63 -1.10
C PRO H 99 6.47 15.67 0.02
N GLU H 100 7.11 16.86 -0.12
CA GLU H 100 7.05 17.95 0.86
C GLU H 100 5.70 18.67 0.83
N LEU H 101 4.90 18.44 -0.22
CA LEU H 101 3.59 19.08 -0.41
C LEU H 101 2.44 18.10 -0.37
N GLN H 102 1.31 18.56 0.18
CA GLN H 102 0.07 17.80 0.13
C GLN H 102 -0.67 18.37 -1.06
N ILE H 103 -0.77 17.58 -2.14
CA ILE H 103 -1.36 18.03 -3.38
C ILE H 103 -2.71 17.34 -3.64
N GLU H 104 -3.55 17.97 -4.45
CA GLU H 104 -4.86 17.41 -4.81
C GLU H 104 -4.87 17.19 -6.31
N ILE H 105 -5.36 16.05 -6.73
CA ILE H 105 -5.42 15.69 -8.15
C ILE H 105 -6.84 15.32 -8.55
N ILE H 106 -7.34 15.96 -9.62
CA ILE H 106 -8.66 15.70 -10.18
C ILE H 106 -8.51 15.40 -11.68
N ALA H 107 -8.80 14.17 -12.08
CA ALA H 107 -8.79 13.78 -13.49
C ALA H 107 -10.08 14.21 -14.19
N ASP H 108 -10.05 14.34 -15.53
CA ASP H 108 -11.17 14.76 -16.39
C ASP H 108 -12.43 13.87 -16.24
N TYR H 109 -12.23 12.56 -16.00
CA TYR H 109 -13.26 11.53 -15.95
C TYR H 109 -13.94 11.42 -14.58
N GLU H 110 -13.36 12.04 -13.55
CA GLU H 110 -13.89 12.01 -12.19
C GLU H 110 -15.24 12.74 -12.09
N VAL H 111 -16.17 12.10 -11.37
CA VAL H 111 -17.53 12.59 -11.14
C VAL H 111 -17.85 12.51 -9.65
N HIS H 112 -18.73 13.38 -9.21
CA HIS H 112 -19.24 13.34 -7.84
C HIS H 112 -20.30 12.20 -7.75
N PRO H 113 -20.72 11.74 -6.55
CA PRO H 113 -21.79 10.70 -6.50
C PRO H 113 -23.02 11.01 -7.38
N ASN H 114 -23.40 12.31 -7.51
CA ASN H 114 -24.54 12.77 -8.32
C ASN H 114 -24.23 12.79 -9.85
N ARG H 115 -23.09 12.19 -10.26
CA ARG H 115 -22.59 12.02 -11.63
C ARG H 115 -22.14 13.34 -12.30
N ARG H 116 -22.01 14.42 -11.52
CA ARG H 116 -21.52 15.71 -12.03
C ARG H 116 -20.01 15.68 -12.11
N PRO H 117 -19.40 16.22 -13.22
CA PRO H 117 -17.93 16.26 -13.29
C PRO H 117 -17.34 17.09 -12.15
N LYS H 118 -16.23 16.61 -11.57
CA LYS H 118 -15.57 17.33 -10.47
C LYS H 118 -14.91 18.63 -10.99
N ILE H 119 -14.40 18.60 -12.24
CA ILE H 119 -13.81 19.76 -12.90
C ILE H 119 -14.37 19.91 -14.31
N LEU H 120 -14.44 21.15 -14.77
CA LEU H 120 -14.79 21.52 -16.12
C LEU H 120 -13.46 21.77 -16.81
N ALA H 121 -12.93 20.68 -17.38
CA ALA H 121 -11.60 20.52 -17.99
C ALA H 121 -11.28 21.60 -19.03
N GLN H 122 -12.27 21.98 -19.85
CA GLN H 122 -12.13 22.96 -20.92
C GLN H 122 -12.00 24.38 -20.39
N THR H 123 -12.69 24.73 -19.29
CA THR H 123 -12.57 26.05 -18.65
C THR H 123 -11.15 26.17 -18.06
N ALA H 124 -10.65 25.08 -17.45
CA ALA H 124 -9.31 25.02 -16.87
C ALA H 124 -8.25 25.17 -17.96
N ALA H 125 -8.45 24.50 -19.14
CA ALA H 125 -7.53 24.53 -20.27
C ALA H 125 -7.45 25.93 -20.89
N HIS H 126 -8.56 26.66 -20.91
CA HIS H 126 -8.64 28.02 -21.42
C HIS H 126 -7.88 29.00 -20.49
N VAL H 127 -8.20 29.02 -19.18
CA VAL H 127 -7.56 29.94 -18.21
C VAL H 127 -6.07 29.63 -17.98
N ALA H 128 -5.63 28.41 -18.31
CA ALA H 128 -4.23 27.98 -18.19
C ALA H 128 -3.45 28.31 -19.50
N GLY H 129 -4.16 28.85 -20.48
CA GLY H 129 -3.61 29.24 -21.78
C GLY H 129 -3.19 28.07 -22.67
N ALA H 130 -3.68 26.87 -22.36
CA ALA H 130 -3.31 25.63 -23.05
C ALA H 130 -4.05 25.47 -24.41
N ALA H 131 -5.34 25.75 -24.42
CA ALA H 131 -6.19 25.60 -25.60
C ALA H 131 -7.40 26.49 -25.47
N TYR H 132 -7.65 27.31 -26.50
CA TYR H 132 -8.78 28.21 -26.55
C TYR H 132 -10.08 27.39 -26.56
N TYR H 133 -10.98 27.71 -25.64
CA TYR H 133 -12.25 27.05 -25.48
C TYR H 133 -13.32 27.77 -26.31
N TYR H 134 -13.67 27.12 -27.45
CA TYR H 134 -14.64 27.68 -28.39
C TYR H 134 -16.03 27.25 -28.04
N GLN H 135 -16.85 28.25 -27.71
CA GLN H 135 -18.22 28.04 -27.29
C GLN H 135 -19.21 28.74 -28.23
N ARG H 136 -20.49 28.42 -28.06
CA ARG H 136 -21.66 29.04 -28.71
C ARG H 136 -21.57 30.56 -28.75
N GLN H 137 -21.29 31.16 -27.57
CA GLN H 137 -21.15 32.58 -27.25
C GLN H 137 -20.08 33.29 -28.09
N ASP H 138 -19.13 32.53 -28.65
CA ASP H 138 -18.03 33.00 -29.49
C ASP H 138 -18.48 33.13 -30.94
N VAL H 139 -19.77 32.85 -31.21
CA VAL H 139 -20.39 32.99 -32.53
C VAL H 139 -21.47 34.08 -32.43
N GLU H 140 -21.26 35.24 -33.09
CA GLU H 140 -22.27 36.29 -33.06
C GLU H 140 -23.49 35.84 -33.86
N ALA H 141 -24.70 36.32 -33.46
CA ALA H 141 -25.98 35.93 -34.05
C ALA H 141 -26.04 34.41 -34.16
N ASP H 142 -25.91 33.74 -32.99
CA ASP H 142 -25.92 32.29 -32.76
C ASP H 142 -27.07 31.66 -33.56
N PRO H 143 -26.78 30.75 -34.56
CA PRO H 143 -27.85 30.23 -35.42
C PRO H 143 -28.51 28.92 -34.99
N TRP H 144 -28.10 28.36 -33.84
CA TRP H 144 -28.50 27.01 -33.49
C TRP H 144 -29.82 26.80 -32.73
N GLY H 145 -30.36 27.84 -32.09
CA GLY H 145 -31.63 27.73 -31.37
C GLY H 145 -31.57 26.86 -30.13
N ASN H 146 -32.74 26.32 -29.71
CA ASN H 146 -32.85 25.52 -28.49
C ASN H 146 -32.42 24.06 -28.65
N GLN H 147 -31.10 23.87 -28.69
CA GLN H 147 -30.42 22.58 -28.77
C GLN H 147 -29.06 22.71 -28.09
N ARG H 148 -28.46 21.59 -27.68
CA ARG H 148 -27.15 21.61 -27.06
C ARG H 148 -26.08 21.74 -28.14
N ILE H 149 -25.23 22.76 -27.96
CA ILE H 149 -24.06 23.03 -28.79
C ILE H 149 -22.93 23.06 -27.80
N SER H 150 -22.23 21.91 -27.68
CA SER H 150 -21.11 21.75 -26.76
C SER H 150 -19.87 22.43 -27.32
N GLY H 151 -19.13 23.06 -26.43
CA GLY H 151 -17.88 23.73 -26.76
C GLY H 151 -16.72 22.78 -26.95
N VAL H 152 -15.66 23.27 -27.63
CA VAL H 152 -14.46 22.49 -27.94
C VAL H 152 -13.21 23.36 -27.84
N CYS H 153 -12.16 22.81 -27.23
CA CYS H 153 -10.83 23.40 -27.09
C CYS H 153 -10.01 23.06 -28.28
N ILE H 154 -9.24 24.03 -28.77
CA ILE H 154 -8.32 23.81 -29.90
C ILE H 154 -6.91 24.20 -29.45
N HIS H 155 -6.00 23.21 -29.48
CA HIS H 155 -4.59 23.35 -29.12
C HIS H 155 -3.85 24.06 -30.28
N PRO H 156 -2.99 25.08 -30.00
CA PRO H 156 -2.28 25.79 -31.10
C PRO H 156 -1.36 24.92 -31.97
N ARG H 157 -0.86 23.80 -31.45
CA ARG H 157 0.04 22.91 -32.17
C ARG H 157 -0.63 21.63 -32.62
N PHE H 158 -1.54 21.07 -31.83
CA PHE H 158 -2.16 19.80 -32.17
C PHE H 158 -3.60 19.90 -32.68
N GLY H 159 -4.15 21.10 -32.75
CA GLY H 159 -5.55 21.29 -33.14
C GLY H 159 -6.42 20.63 -32.09
N GLY H 160 -7.18 19.61 -32.52
CA GLY H 160 -8.02 18.83 -31.63
C GLY H 160 -7.46 17.46 -31.31
N TRP H 161 -6.19 17.19 -31.74
CA TRP H 161 -5.49 15.93 -31.53
C TRP H 161 -4.77 15.95 -30.19
N PHE H 162 -5.58 16.01 -29.14
CA PHE H 162 -5.15 16.03 -27.74
C PHE H 162 -6.38 15.74 -26.88
N ALA H 163 -6.19 15.55 -25.58
CA ALA H 163 -7.27 15.38 -24.62
C ALA H 163 -6.85 16.03 -23.31
N ILE H 164 -7.80 16.59 -22.56
CA ILE H 164 -7.53 17.18 -21.24
C ILE H 164 -7.61 16.02 -20.25
N ARG H 165 -6.56 15.86 -19.40
CA ARG H 165 -6.50 14.70 -18.53
C ARG H 165 -6.68 15.00 -17.04
N GLY H 166 -6.53 16.26 -16.64
CA GLY H 166 -6.73 16.59 -15.24
C GLY H 166 -6.08 17.86 -14.75
N VAL H 167 -6.27 18.13 -13.45
CA VAL H 167 -5.72 19.29 -12.77
C VAL H 167 -4.98 18.85 -11.51
N VAL H 168 -3.84 19.49 -11.25
CA VAL H 168 -3.01 19.29 -10.07
C VAL H 168 -3.16 20.57 -9.24
N LEU H 169 -3.67 20.44 -8.03
CA LEU H 169 -3.89 21.58 -7.14
C LEU H 169 -2.88 21.54 -6.02
N LEU H 170 -2.32 22.71 -5.69
CA LEU H 170 -1.28 22.82 -4.67
C LEU H 170 -1.75 23.73 -3.52
N PRO H 171 -2.63 23.24 -2.60
CA PRO H 171 -3.10 24.10 -1.50
C PRO H 171 -1.92 24.57 -0.62
N GLY H 172 -1.91 25.86 -0.29
CA GLY H 172 -0.83 26.44 0.50
C GLY H 172 0.18 27.17 -0.36
N ILE H 173 0.25 26.83 -1.67
CA ILE H 173 1.13 27.48 -2.63
C ILE H 173 0.29 28.57 -3.28
N GLU H 174 0.49 29.81 -2.82
CA GLU H 174 -0.26 30.96 -3.31
C GLU H 174 0.60 31.84 -4.18
N VAL H 175 0.12 32.10 -5.41
CA VAL H 175 0.84 32.89 -6.40
C VAL H 175 -0.11 34.01 -6.91
N PRO H 176 -0.44 35.02 -6.06
CA PRO H 176 -1.37 36.08 -6.51
C PRO H 176 -0.85 36.94 -7.67
N ASP H 177 0.47 36.91 -7.91
CA ASP H 177 1.12 37.72 -8.93
C ASP H 177 1.42 36.89 -10.20
N LEU H 178 0.91 35.65 -10.27
CA LEU H 178 1.06 34.82 -11.47
C LEU H 178 0.37 35.54 -12.64
N PRO H 179 1.10 35.82 -13.75
CA PRO H 179 0.48 36.58 -14.84
C PRO H 179 -0.43 35.70 -15.73
N PRO H 180 -1.66 36.18 -15.99
CA PRO H 180 -2.55 35.41 -16.88
C PRO H 180 -2.04 35.39 -18.31
N ARG H 181 -1.91 34.18 -18.87
CA ARG H 181 -1.48 33.95 -20.24
C ARG H 181 -2.69 33.49 -21.05
N LYS H 182 -3.22 34.40 -21.88
CA LYS H 182 -4.40 34.16 -22.71
C LYS H 182 -4.17 33.02 -23.71
N PRO H 183 -5.16 32.11 -23.92
CA PRO H 183 -4.98 31.06 -24.93
C PRO H 183 -5.01 31.65 -26.34
N HIS H 184 -4.33 31.00 -27.28
CA HIS H 184 -4.24 31.46 -28.66
C HIS H 184 -5.52 31.20 -29.44
N ASP H 185 -6.09 32.28 -30.00
CA ASP H 185 -7.29 32.26 -30.84
C ASP H 185 -6.90 31.80 -32.24
N CYS H 186 -6.77 30.48 -32.39
CA CYS H 186 -6.36 29.78 -33.61
C CYS H 186 -7.50 29.62 -34.62
N VAL H 187 -8.76 29.77 -34.20
CA VAL H 187 -9.96 29.67 -35.06
C VAL H 187 -10.70 31.02 -34.89
N PRO H 188 -10.18 32.11 -35.50
CA PRO H 188 -10.77 33.44 -35.21
C PRO H 188 -12.06 33.81 -35.96
N THR H 189 -12.32 33.24 -37.14
CA THR H 189 -13.51 33.68 -37.91
C THR H 189 -14.78 32.95 -37.50
N ARG H 190 -15.91 33.65 -37.62
CA ARG H 190 -17.27 33.16 -37.35
C ARG H 190 -17.57 31.87 -38.12
N ALA H 191 -17.27 31.85 -39.44
CA ALA H 191 -17.53 30.70 -40.31
C ALA H 191 -16.74 29.48 -39.88
N ASP H 192 -15.47 29.67 -39.49
CA ASP H 192 -14.60 28.58 -39.08
C ASP H 192 -15.00 28.04 -37.68
N ARG H 193 -15.50 28.94 -36.79
CA ARG H 193 -15.99 28.61 -35.46
C ARG H 193 -17.29 27.77 -35.57
N ILE H 194 -18.18 28.12 -36.54
CA ILE H 194 -19.42 27.40 -36.82
C ILE H 194 -19.06 26.00 -37.36
N ALA H 195 -18.10 25.91 -38.33
CA ALA H 195 -17.68 24.65 -38.92
C ALA H 195 -17.05 23.71 -37.87
N LEU H 196 -16.28 24.29 -36.91
CA LEU H 196 -15.62 23.57 -35.81
C LEU H 196 -16.66 23.04 -34.82
N LEU H 197 -17.58 23.91 -34.35
CA LEU H 197 -18.61 23.54 -33.40
C LEU H 197 -19.59 22.51 -33.98
N GLU H 198 -19.92 22.61 -35.29
CA GLU H 198 -20.80 21.65 -35.94
C GLU H 198 -20.07 20.32 -36.20
N GLY H 199 -18.77 20.40 -36.52
CA GLY H 199 -17.91 19.24 -36.72
C GLY H 199 -17.76 18.43 -35.44
N PHE H 200 -17.61 19.14 -34.31
CA PHE H 200 -17.46 18.54 -32.97
C PHE H 200 -18.80 17.94 -32.47
N ASN H 201 -19.89 18.70 -32.57
CA ASN H 201 -21.18 18.29 -32.03
C ASN H 201 -21.88 17.23 -32.87
N PHE H 202 -21.83 17.33 -34.21
CA PHE H 202 -22.58 16.41 -35.07
C PHE H 202 -21.73 15.44 -35.87
N HIS H 203 -20.40 15.59 -35.95
CA HIS H 203 -19.63 14.66 -36.80
C HIS H 203 -18.29 14.26 -36.17
N TRP H 204 -18.16 14.33 -34.84
CA TRP H 204 -16.88 14.04 -34.17
C TRP H 204 -16.26 12.66 -34.49
N ARG H 205 -17.10 11.66 -34.86
CA ARG H 205 -16.59 10.32 -35.16
C ARG H 205 -15.75 10.29 -36.45
N ASP H 206 -15.89 11.30 -37.33
CA ASP H 206 -15.07 11.38 -38.53
C ASP H 206 -13.70 12.12 -38.32
N TRP H 207 -13.39 12.60 -37.06
CA TRP H 207 -12.11 13.22 -36.61
C TRP H 207 -11.80 14.60 -37.18
N THR H 208 -12.46 14.98 -38.28
CA THR H 208 -12.29 16.21 -39.08
C THR H 208 -12.20 17.49 -38.25
N TYR H 209 -13.02 17.70 -37.21
CA TYR H 209 -12.97 18.92 -36.38
C TYR H 209 -11.55 19.15 -35.78
N ARG H 210 -10.78 18.06 -35.57
CA ARG H 210 -9.45 18.09 -34.96
C ARG H 210 -8.40 18.76 -35.86
N ASP H 211 -8.71 18.88 -37.16
CA ASP H 211 -7.88 19.50 -38.18
C ASP H 211 -8.26 20.97 -38.40
N ALA H 212 -9.05 21.58 -37.46
CA ALA H 212 -9.46 23.00 -37.48
C ALA H 212 -8.26 23.94 -37.55
N VAL H 213 -7.10 23.44 -37.09
CA VAL H 213 -5.75 24.00 -37.10
C VAL H 213 -4.91 22.87 -37.66
N THR H 214 -4.00 23.16 -38.61
CA THR H 214 -3.12 22.14 -39.18
C THR H 214 -2.25 21.61 -38.02
N PRO H 215 -2.41 20.32 -37.67
CA PRO H 215 -1.65 19.80 -36.53
C PRO H 215 -0.20 19.48 -36.87
N GLN H 216 0.68 19.69 -35.89
CA GLN H 216 2.10 19.35 -35.99
C GLN H 216 2.23 17.82 -36.01
N GLU H 217 1.29 17.15 -35.32
CA GLU H 217 1.16 15.69 -35.19
C GLU H 217 -0.30 15.33 -34.93
N ARG H 218 -0.75 14.22 -35.54
CA ARG H 218 -2.07 13.62 -35.37
C ARG H 218 -1.94 12.32 -34.61
N TYR H 219 -3.06 11.72 -34.21
CA TYR H 219 -3.06 10.39 -33.62
C TYR H 219 -2.71 9.42 -34.75
N SER H 220 -1.90 8.40 -34.48
CA SER H 220 -1.57 7.37 -35.48
C SER H 220 -2.85 6.63 -35.86
N GLU H 221 -2.82 5.85 -36.96
CA GLU H 221 -3.99 5.07 -37.37
C GLU H 221 -4.33 4.02 -36.30
N GLU H 222 -3.31 3.50 -35.58
CA GLU H 222 -3.46 2.55 -34.49
C GLU H 222 -4.16 3.21 -33.30
N GLN H 223 -3.72 4.46 -32.93
CA GLN H 223 -4.31 5.23 -31.84
C GLN H 223 -5.77 5.59 -32.18
N LYS H 224 -6.04 5.97 -33.43
CA LYS H 224 -7.39 6.29 -33.93
C LYS H 224 -8.29 5.06 -33.84
N ALA H 225 -7.78 3.88 -34.24
CA ALA H 225 -8.50 2.60 -34.22
C ALA H 225 -8.86 2.21 -32.78
N TYR H 226 -7.96 2.48 -31.84
CA TYR H 226 -8.17 2.23 -30.41
C TYR H 226 -9.29 3.13 -29.88
N PHE H 227 -9.20 4.45 -30.14
CA PHE H 227 -10.20 5.40 -29.64
C PHE H 227 -11.54 5.32 -30.38
N SER H 228 -11.58 4.84 -31.63
CA SER H 228 -12.84 4.71 -32.36
C SER H 228 -13.67 3.54 -31.79
N THR H 229 -13.00 2.64 -31.04
CA THR H 229 -13.63 1.52 -30.36
C THR H 229 -14.33 2.07 -29.13
N PRO H 230 -15.65 1.79 -28.93
CA PRO H 230 -16.33 2.31 -27.73
C PRO H 230 -15.66 1.79 -26.45
N PRO H 231 -15.54 2.66 -25.41
CA PRO H 231 -14.87 2.25 -24.16
C PRO H 231 -15.31 0.89 -23.61
N ALA H 232 -16.62 0.56 -23.73
CA ALA H 232 -17.23 -0.70 -23.27
C ALA H 232 -16.62 -1.94 -23.97
N GLN H 233 -15.94 -1.72 -25.13
CA GLN H 233 -15.36 -2.78 -25.95
C GLN H 233 -13.82 -2.77 -25.97
N ARG H 234 -13.19 -1.83 -25.22
CA ARG H 234 -11.72 -1.73 -25.12
C ARG H 234 -11.18 -2.70 -24.07
N PRO I 7 -8.63 -2.00 28.77
CA PRO I 7 -9.86 -1.38 28.24
C PRO I 7 -9.79 -1.22 26.69
N LYS I 8 -9.01 -0.22 26.20
CA LYS I 8 -8.69 0.05 24.80
C LYS I 8 -7.67 -0.99 24.30
N VAL I 9 -6.93 -1.60 25.26
CA VAL I 9 -5.91 -2.63 25.06
C VAL I 9 -6.54 -3.85 24.39
N ALA I 10 -7.71 -4.31 24.89
CA ALA I 10 -8.44 -5.47 24.37
C ALA I 10 -8.97 -5.20 22.95
N GLU I 11 -9.38 -3.95 22.69
CA GLU I 11 -9.88 -3.51 21.38
C GLU I 11 -8.76 -3.51 20.35
N LEU I 12 -7.59 -2.97 20.74
CA LEU I 12 -6.42 -2.90 19.89
C LEU I 12 -5.89 -4.27 19.63
N LYS I 13 -5.79 -5.10 20.68
CA LYS I 13 -5.31 -6.48 20.61
C LYS I 13 -6.14 -7.27 19.61
N GLN I 14 -7.49 -7.11 19.63
CA GLN I 14 -8.41 -7.78 18.72
C GLN I 14 -8.16 -7.37 17.27
N LYS I 15 -7.95 -6.05 17.02
CA LYS I 15 -7.67 -5.55 15.68
C LYS I 15 -6.39 -6.14 15.10
N ILE I 16 -5.33 -6.21 15.91
CA ILE I 16 -4.05 -6.77 15.49
C ILE I 16 -4.20 -8.28 15.30
N GLU I 17 -4.89 -8.97 16.25
CA GLU I 17 -5.13 -10.43 16.19
C GLU I 17 -5.96 -10.82 14.95
N ASP I 18 -6.97 -10.03 14.60
CA ASP I 18 -7.82 -10.29 13.41
C ASP I 18 -7.00 -10.18 12.14
N THR I 19 -5.96 -9.33 12.18
CA THR I 19 -5.05 -9.15 11.05
C THR I 19 -4.02 -10.28 10.98
N LEU I 20 -3.37 -10.62 12.11
CA LEU I 20 -2.23 -11.53 12.10
C LEU I 20 -2.47 -12.98 12.48
N CYS I 21 -3.37 -13.28 13.44
CA CYS I 21 -3.62 -14.67 13.88
C CYS I 21 -4.02 -15.64 12.74
N PRO I 22 -4.85 -15.26 11.72
CA PRO I 22 -5.13 -16.23 10.62
C PRO I 22 -3.90 -16.60 9.79
N PHE I 23 -2.79 -15.86 9.94
CA PHE I 23 -1.58 -16.06 9.15
C PHE I 23 -0.45 -16.74 9.94
N GLY I 24 -0.76 -17.27 11.14
CA GLY I 24 0.19 -18.02 11.95
C GLY I 24 1.00 -17.19 12.91
N PHE I 25 0.47 -16.04 13.34
CA PHE I 25 1.14 -15.17 14.30
C PHE I 25 0.39 -15.10 15.64
N GLU I 26 1.08 -14.70 16.69
CA GLU I 26 0.57 -14.48 18.04
C GLU I 26 0.98 -13.10 18.48
N VAL I 27 0.14 -12.41 19.25
CA VAL I 27 0.31 -11.01 19.67
C VAL I 27 0.18 -10.90 21.20
N TYR I 28 1.15 -10.21 21.84
CA TYR I 28 1.20 -10.05 23.28
C TYR I 28 1.44 -8.60 23.69
N PRO I 29 0.57 -8.00 24.54
CA PRO I 29 0.79 -6.59 24.93
C PRO I 29 1.85 -6.44 26.01
N PHE I 30 2.47 -5.26 26.06
CA PHE I 30 3.44 -4.88 27.08
C PHE I 30 3.59 -3.36 27.11
N GLN I 31 4.13 -2.85 28.23
CA GLN I 31 4.45 -1.44 28.42
C GLN I 31 5.90 -1.24 28.01
N VAL I 32 6.20 -0.16 27.25
CA VAL I 32 7.58 0.17 26.81
C VAL I 32 8.53 0.19 28.04
N ALA I 33 8.04 0.69 29.19
CA ALA I 33 8.75 0.78 30.47
C ALA I 33 9.34 -0.55 30.91
N TRP I 34 8.58 -1.67 30.75
CA TRP I 34 9.01 -3.01 31.16
C TRP I 34 10.25 -3.45 30.38
N TYR I 35 10.26 -3.14 29.08
CA TYR I 35 11.34 -3.44 28.16
C TYR I 35 12.57 -2.58 28.50
N ASN I 36 12.38 -1.26 28.55
CA ASN I 36 13.42 -0.27 28.81
C ASN I 36 14.09 -0.38 30.18
N GLU I 37 13.34 -0.75 31.24
CA GLU I 37 13.90 -0.84 32.59
C GLU I 37 14.90 -2.00 32.75
N LEU I 38 14.82 -3.02 31.87
CA LEU I 38 15.69 -4.19 31.92
C LEU I 38 16.95 -4.01 31.09
N LEU I 39 17.02 -2.93 30.31
CA LEU I 39 18.11 -2.70 29.36
C LEU I 39 18.92 -1.46 29.60
N PRO I 40 20.21 -1.44 29.15
CA PRO I 40 21.00 -0.21 29.23
C PRO I 40 20.43 0.88 28.30
N PRO I 41 20.65 2.19 28.59
CA PRO I 41 20.06 3.27 27.77
C PRO I 41 20.23 3.16 26.24
N ALA I 42 21.32 2.52 25.78
CA ALA I 42 21.61 2.31 24.37
C ALA I 42 20.46 1.61 23.63
N PHE I 43 19.82 0.62 24.27
CA PHE I 43 18.75 -0.18 23.64
C PHE I 43 17.35 0.33 23.91
N HIS I 44 17.20 1.46 24.60
CA HIS I 44 15.90 1.99 24.93
C HIS I 44 15.11 2.46 23.72
N LEU I 45 13.79 2.23 23.75
CA LEU I 45 12.84 2.74 22.76
C LEU I 45 12.55 4.18 23.12
N PRO I 46 12.68 5.16 22.17
CA PRO I 46 12.47 6.58 22.54
C PRO I 46 10.99 6.93 22.70
N LEU I 47 10.33 6.28 23.67
CA LEU I 47 8.90 6.47 23.93
C LEU I 47 8.62 6.54 25.42
N PRO I 48 7.55 7.28 25.86
CA PRO I 48 7.22 7.27 27.30
C PRO I 48 6.93 5.86 27.80
N GLY I 49 7.36 5.58 29.04
CA GLY I 49 7.18 4.29 29.70
C GLY I 49 5.81 3.64 29.55
N PRO I 50 4.68 4.34 29.83
CA PRO I 50 3.36 3.67 29.74
C PRO I 50 2.85 3.39 28.32
N THR I 51 3.63 3.73 27.27
CA THR I 51 3.24 3.48 25.87
C THR I 51 2.94 1.99 25.64
N LEU I 52 1.81 1.73 24.97
CA LEU I 52 1.37 0.39 24.62
C LEU I 52 2.19 -0.15 23.43
N ALA I 53 2.63 -1.39 23.57
CA ALA I 53 3.37 -2.11 22.54
C ALA I 53 2.85 -3.53 22.46
N PHE I 54 3.03 -4.16 21.30
CA PHE I 54 2.66 -5.55 21.10
C PHE I 54 3.84 -6.34 20.56
N LEU I 55 4.12 -7.51 21.15
CA LEU I 55 5.17 -8.40 20.67
C LEU I 55 4.54 -9.40 19.72
N VAL I 56 5.11 -9.49 18.50
CA VAL I 56 4.61 -10.39 17.45
C VAL I 56 5.61 -11.56 17.28
N LEU I 57 5.06 -12.77 17.32
CA LEU I 57 5.84 -13.99 17.10
C LEU I 57 5.12 -14.84 16.06
N SER I 58 5.86 -15.73 15.40
CA SER I 58 5.30 -16.64 14.39
C SER I 58 5.27 -18.05 14.99
N THR I 59 4.19 -18.78 14.73
CA THR I 59 4.02 -20.15 15.21
C THR I 59 4.39 -21.10 14.06
N PRO I 60 4.41 -22.45 14.24
CA PRO I 60 4.71 -23.35 13.11
C PRO I 60 3.74 -23.20 11.93
N ALA I 61 2.54 -22.63 12.16
CA ALA I 61 1.50 -22.45 11.14
C ALA I 61 1.79 -21.33 10.13
N PHE I 63 4.41 -20.76 8.23
CA PHE I 63 5.00 -21.26 6.99
C PHE I 63 3.92 -21.60 5.93
N ASP I 64 2.89 -22.37 6.31
CA ASP I 64 1.81 -22.77 5.41
C ASP I 64 0.77 -21.70 5.19
N ARG I 65 0.46 -20.90 6.23
CA ARG I 65 -0.60 -19.90 6.16
C ARG I 65 -0.15 -18.54 5.63
N ALA I 66 1.13 -18.19 5.78
CA ALA I 66 1.62 -16.89 5.34
C ALA I 66 2.72 -17.00 4.29
N LEU I 67 3.81 -17.76 4.56
CA LEU I 67 4.95 -17.84 3.64
C LEU I 67 4.63 -18.51 2.30
N LYS I 68 4.09 -19.75 2.29
CA LYS I 68 3.76 -20.45 1.05
C LYS I 68 2.83 -19.60 0.16
N PRO I 69 1.69 -19.03 0.64
CA PRO I 69 0.87 -18.17 -0.23
C PRO I 69 1.60 -16.91 -0.71
N PHE I 70 2.49 -16.34 0.13
CA PHE I 70 3.28 -15.16 -0.20
C PHE I 70 4.27 -15.45 -1.34
N LEU I 71 4.87 -16.65 -1.36
CA LEU I 71 5.81 -17.08 -2.41
C LEU I 71 5.10 -17.19 -3.78
N GLN I 72 3.75 -17.13 -3.78
CA GLN I 72 2.89 -17.14 -4.98
C GLN I 72 2.40 -15.70 -5.32
N SER I 73 2.86 -14.69 -4.57
CA SER I 73 2.48 -13.30 -4.81
C SER I 73 3.49 -12.61 -5.72
N CYS I 74 3.13 -11.39 -6.19
CA CYS I 74 3.94 -10.54 -7.07
C CYS I 74 4.97 -9.73 -6.28
N HIS I 75 4.80 -9.67 -4.93
CA HIS I 75 5.62 -8.90 -3.99
C HIS I 75 7.03 -9.49 -3.77
N LEU I 76 7.53 -10.42 -4.62
CA LEU I 76 8.85 -11.00 -4.40
C LEU I 76 9.94 -10.17 -5.08
N ARG I 77 11.10 -10.05 -4.41
CA ARG I 77 12.24 -9.22 -4.82
C ARG I 77 13.53 -10.01 -4.78
N LEU I 79 17.47 -10.96 -4.23
CA LEU I 79 18.44 -10.87 -3.14
C LEU I 79 17.81 -10.42 -1.79
N THR I 80 16.49 -10.54 -1.64
CA THR I 80 15.80 -10.22 -0.39
C THR I 80 15.20 -11.49 0.20
N ASP I 81 15.42 -11.74 1.51
CA ASP I 81 14.93 -12.92 2.21
C ASP I 81 13.39 -13.00 2.13
N PRO I 82 12.83 -14.14 1.63
CA PRO I 82 11.36 -14.24 1.45
C PRO I 82 10.57 -14.20 2.76
N VAL I 83 11.10 -14.79 3.87
CA VAL I 83 10.45 -14.81 5.18
C VAL I 83 10.35 -13.37 5.71
N ASP I 84 11.45 -12.60 5.62
CA ASP I 84 11.51 -11.21 6.05
C ASP I 84 10.55 -10.32 5.24
N GLN I 85 10.39 -10.60 3.94
CA GLN I 85 9.46 -9.88 3.07
C GLN I 85 8.03 -10.17 3.48
N CYS I 86 7.74 -11.45 3.77
CA CYS I 86 6.45 -11.97 4.22
C CYS I 86 6.05 -11.31 5.54
N VAL I 87 6.98 -11.28 6.52
CA VAL I 87 6.76 -10.69 7.85
C VAL I 87 6.51 -9.18 7.72
N ALA I 88 7.35 -8.47 6.93
CA ALA I 88 7.21 -7.02 6.70
C ALA I 88 5.83 -6.68 6.10
N TYR I 89 5.38 -7.50 5.15
CA TYR I 89 4.09 -7.40 4.45
C TYR I 89 2.92 -7.46 5.46
N HIS I 90 2.90 -8.52 6.31
CA HIS I 90 1.84 -8.74 7.31
C HIS I 90 1.89 -7.71 8.42
N LEU I 91 3.09 -7.21 8.75
CA LEU I 91 3.21 -6.14 9.76
C LEU I 91 2.65 -4.84 9.20
N GLY I 92 2.81 -4.62 7.90
CA GLY I 92 2.27 -3.46 7.21
C GLY I 92 0.75 -3.49 7.15
N ARG I 93 0.17 -4.70 7.15
CA ARG I 93 -1.29 -4.91 7.14
C ARG I 93 -1.89 -4.47 8.49
N VAL I 94 -1.08 -4.53 9.57
CA VAL I 94 -1.49 -4.08 10.92
C VAL I 94 -1.71 -2.55 10.86
N ARG I 95 -0.80 -1.84 10.16
CA ARG I 95 -0.88 -0.40 9.90
C ARG I 95 -2.22 -0.03 9.27
N GLU I 96 -2.65 -0.81 8.24
CA GLU I 96 -3.89 -0.61 7.51
C GLU I 96 -5.13 -0.91 8.36
N SER I 97 -5.01 -1.81 9.35
CA SER I 97 -6.10 -2.16 10.26
C SER I 97 -6.37 -1.07 11.30
N LEU I 98 -5.39 -0.15 11.48
CA LEU I 98 -5.47 0.94 12.43
C LEU I 98 -5.18 2.28 11.72
N PRO I 99 -6.04 2.73 10.76
CA PRO I 99 -5.75 3.99 10.03
C PRO I 99 -5.82 5.25 10.91
N GLU I 100 -6.60 5.22 12.02
CA GLU I 100 -6.77 6.35 12.94
C GLU I 100 -5.53 6.58 13.82
N LEU I 101 -4.58 5.64 13.82
CA LEU I 101 -3.36 5.72 14.62
C LEU I 101 -2.10 5.74 13.78
N GLN I 102 -1.10 6.48 14.27
CA GLN I 102 0.25 6.49 13.70
C GLN I 102 1.00 5.48 14.54
N ILE I 103 1.32 4.33 13.93
CA ILE I 103 1.98 3.23 14.63
C ILE I 103 3.42 3.06 14.14
N GLU I 104 4.26 2.45 14.98
CA GLU I 104 5.65 2.18 14.64
C GLU I 104 5.84 0.67 14.66
N ILE I 105 6.53 0.14 13.65
CA ILE I 105 6.77 -1.29 13.52
C ILE I 105 8.27 -1.56 13.37
N ILE I 106 8.80 -2.47 14.21
CA ILE I 106 10.19 -2.90 14.17
C ILE I 106 10.23 -4.42 14.10
N ALA I 107 10.70 -4.99 12.98
CA ALA I 107 10.87 -6.43 12.87
C ALA I 107 12.19 -6.88 13.48
N ASP I 108 12.27 -8.15 13.91
CA ASP I 108 13.41 -8.79 14.56
C ASP I 108 14.73 -8.61 13.81
N TYR I 109 14.66 -8.58 12.46
CA TYR I 109 15.81 -8.58 11.55
C TYR I 109 16.38 -7.19 11.30
N GLU I 110 15.64 -6.14 11.66
CA GLU I 110 16.02 -4.76 11.45
C GLU I 110 17.25 -4.38 12.28
N VAL I 111 18.18 -3.66 11.62
CA VAL I 111 19.42 -3.18 12.21
C VAL I 111 19.60 -1.70 11.89
N HIS I 112 20.32 -1.00 12.79
CA HIS I 112 20.72 0.39 12.57
C HIS I 112 21.89 0.41 11.56
N PRO I 113 22.27 1.57 10.94
CA PRO I 113 23.44 1.56 10.02
C PRO I 113 24.71 0.92 10.61
N ASN I 114 24.92 1.02 11.94
CA ASN I 114 26.06 0.43 12.66
C ASN I 114 25.91 -1.10 12.90
N ARG I 115 24.87 -1.73 12.26
CA ARG I 115 24.53 -3.16 12.28
C ARG I 115 23.99 -3.65 13.65
N ARG I 116 23.65 -2.74 14.53
CA ARG I 116 23.07 -3.11 15.84
C ARG I 116 21.59 -3.37 15.68
N PRO I 117 21.03 -4.42 16.33
CA PRO I 117 19.58 -4.68 16.22
C PRO I 117 18.78 -3.50 16.77
N LYS I 118 17.69 -3.14 16.10
CA LYS I 118 16.85 -2.04 16.55
C LYS I 118 16.10 -2.44 17.85
N ILE I 119 15.70 -3.72 17.97
CA ILE I 119 15.05 -4.27 19.15
C ILE I 119 15.73 -5.56 19.60
N LEU I 120 15.68 -5.82 20.90
CA LEU I 120 16.13 -7.04 21.54
C LEU I 120 14.86 -7.86 21.75
N ALA I 121 14.50 -8.62 20.72
CA ALA I 121 13.30 -9.43 20.54
C ALA I 121 12.98 -10.33 21.74
N GLN I 122 13.98 -10.96 22.33
CA GLN I 122 13.83 -11.89 23.46
C GLN I 122 13.47 -11.18 24.77
N THR I 123 14.02 -9.97 24.99
CA THR I 123 13.68 -9.16 26.17
C THR I 123 12.19 -8.75 26.04
N ALA I 124 11.75 -8.38 24.83
CA ALA I 124 10.38 -7.98 24.53
C ALA I 124 9.43 -9.16 24.73
N ALA I 125 9.82 -10.38 24.30
CA ALA I 125 9.03 -11.61 24.42
C ALA I 125 8.85 -12.02 25.88
N HIS I 126 9.87 -11.78 26.73
CA HIS I 126 9.84 -12.09 28.15
C HIS I 126 8.87 -11.16 28.88
N VAL I 127 9.03 -9.81 28.71
CA VAL I 127 8.20 -8.78 29.38
C VAL I 127 6.74 -8.79 28.88
N ALA I 128 6.49 -9.36 27.69
CA ALA I 128 5.13 -9.47 27.13
C ALA I 128 4.46 -10.80 27.57
N GLY I 129 5.21 -11.61 28.34
CA GLY I 129 4.78 -12.89 28.88
C GLY I 129 4.56 -13.97 27.83
N ALA I 130 5.16 -13.78 26.64
CA ALA I 130 5.02 -14.68 25.50
C ALA I 130 5.89 -15.94 25.64
N ALA I 131 7.14 -15.76 26.05
CA ALA I 131 8.12 -16.84 26.19
C ALA I 131 9.19 -16.45 27.18
N TYR I 132 9.44 -17.32 28.17
CA TYR I 132 10.46 -17.10 29.18
C TYR I 132 11.83 -17.06 28.52
N TYR I 133 12.60 -16.00 28.78
CA TYR I 133 13.93 -15.78 28.24
C TYR I 133 14.97 -16.38 29.20
N TYR I 134 15.51 -17.54 28.84
CA TYR I 134 16.53 -18.26 29.61
C TYR I 134 17.89 -17.81 29.21
N GLN I 135 18.61 -17.26 30.19
CA GLN I 135 19.95 -16.68 30.09
C GLN I 135 20.92 -17.37 31.04
N ARG I 136 22.24 -17.13 30.84
CA ARG I 136 23.34 -17.61 31.70
C ARG I 136 23.01 -17.42 33.18
N GLN I 137 22.62 -16.17 33.53
CA GLN I 137 22.24 -15.65 34.84
C GLN I 137 21.19 -16.50 35.53
N ASP I 138 20.40 -17.24 34.73
CA ASP I 138 19.33 -18.11 35.23
C ASP I 138 19.87 -19.44 35.70
N VAL I 139 21.18 -19.62 35.59
CA VAL I 139 21.87 -20.81 36.00
C VAL I 139 22.82 -20.44 37.13
N GLU I 140 22.55 -20.95 38.35
CA GLU I 140 23.40 -20.71 39.53
C GLU I 140 24.75 -21.37 39.28
N ALA I 141 25.83 -20.80 39.85
CA ALA I 141 27.22 -21.28 39.69
C ALA I 141 27.50 -21.55 38.19
N ASP I 142 27.46 -20.46 37.43
CA ASP I 142 27.71 -20.32 35.99
C ASP I 142 28.98 -21.10 35.61
N PRO I 143 28.84 -22.23 34.89
CA PRO I 143 30.01 -23.07 34.62
C PRO I 143 30.76 -22.76 33.31
N TRP I 144 30.25 -21.85 32.49
CA TRP I 144 30.75 -21.67 31.14
C TRP I 144 32.01 -20.83 30.94
N GLY I 145 32.38 -19.98 31.89
CA GLY I 145 33.59 -19.17 31.77
C GLY I 145 33.51 -18.05 30.72
N ASN I 146 34.69 -17.59 30.24
CA ASN I 146 34.76 -16.47 29.29
C ASN I 146 34.51 -16.90 27.82
N GLN I 147 33.23 -17.12 27.53
CA GLN I 147 32.70 -17.49 26.22
C GLN I 147 31.27 -16.97 26.10
N ARG I 148 30.75 -16.83 24.88
CA ARG I 148 29.40 -16.35 24.67
C ARG I 148 28.43 -17.50 24.89
N ILE I 149 27.46 -17.29 25.77
CA ILE I 149 26.37 -18.21 26.04
C ILE I 149 25.14 -17.38 25.80
N SER I 150 24.60 -17.51 24.58
CA SER I 150 23.41 -16.78 24.14
C SER I 150 22.17 -17.36 24.77
N GLY I 151 21.27 -16.48 25.17
CA GLY I 151 19.99 -16.85 25.75
C GLY I 151 18.98 -17.31 24.72
N VAL I 152 17.96 -18.04 25.19
CA VAL I 152 16.90 -18.58 24.36
C VAL I 152 15.55 -18.53 25.07
N CYS I 153 14.51 -18.11 24.34
CA CYS I 153 13.12 -18.06 24.77
C CYS I 153 12.46 -19.39 24.50
N ILE I 154 11.64 -19.83 25.46
CA ILE I 154 10.88 -21.07 25.31
C ILE I 154 9.41 -20.74 25.47
N HIS I 155 8.63 -21.02 24.41
CA HIS I 155 7.18 -20.81 24.34
C HIS I 155 6.47 -21.94 25.13
N PRO I 156 5.48 -21.64 25.99
CA PRO I 156 4.81 -22.71 26.78
C PRO I 156 4.06 -23.78 25.96
N ARG I 157 3.65 -23.47 24.71
CA ARG I 157 2.93 -24.40 23.84
C ARG I 157 3.79 -24.97 22.73
N PHE I 158 4.70 -24.15 22.17
CA PHE I 158 5.50 -24.60 21.02
C PHE I 158 6.96 -24.91 21.36
N GLY I 159 7.38 -24.67 22.60
CA GLY I 159 8.76 -24.88 22.99
C GLY I 159 9.61 -23.87 22.26
N GLY I 160 10.54 -24.36 21.46
CA GLY I 160 11.38 -23.51 20.63
C GLY I 160 10.94 -23.47 19.18
N TRP I 161 9.78 -24.11 18.85
CA TRP I 161 9.22 -24.16 17.50
C TRP I 161 8.37 -22.91 17.23
N PHE I 162 9.06 -21.77 17.19
CA PHE I 162 8.50 -20.45 16.95
C PHE I 162 9.66 -19.51 16.67
N ALA I 163 9.35 -18.28 16.26
CA ALA I 163 10.35 -17.22 16.06
C ALA I 163 9.72 -15.90 16.44
N ILE I 164 10.51 -14.96 16.98
CA ILE I 164 10.02 -13.63 17.32
C ILE I 164 10.13 -12.81 16.02
N ARG I 165 9.04 -12.13 15.62
CA ARG I 165 9.03 -11.45 14.33
C ARG I 165 9.02 -9.93 14.42
N GLY I 166 8.67 -9.38 15.56
CA GLY I 166 8.70 -7.94 15.71
C GLY I 166 7.84 -7.36 16.80
N VAL I 167 7.85 -6.03 16.88
CA VAL I 167 7.11 -5.25 17.86
C VAL I 167 6.32 -4.17 17.13
N VAL I 168 5.09 -3.96 17.60
CA VAL I 168 4.18 -2.93 17.14
C VAL I 168 4.09 -1.92 18.28
N LEU I 169 4.47 -0.68 17.99
CA LEU I 169 4.44 0.39 18.99
C LEU I 169 3.32 1.34 18.66
N LEU I 170 2.58 1.76 19.70
CA LEU I 170 1.43 2.66 19.55
C LEU I 170 1.65 3.97 20.30
N PRO I 171 2.49 4.91 19.77
CA PRO I 171 2.72 6.18 20.50
C PRO I 171 1.42 6.97 20.69
N GLY I 172 1.23 7.49 21.89
CA GLY I 172 0.01 8.23 22.22
C GLY I 172 -0.98 7.38 23.00
N ILE I 173 -0.86 6.02 22.87
CA ILE I 173 -1.71 5.07 23.58
C ILE I 173 -0.95 4.71 24.84
N GLU I 174 -1.33 5.32 25.97
CA GLU I 174 -0.68 5.08 27.25
C GLU I 174 -1.55 4.22 28.15
N VAL I 175 -0.95 3.13 28.65
CA VAL I 175 -1.60 2.14 29.50
C VAL I 175 -0.78 1.96 30.79
N PRO I 176 -0.67 2.99 31.68
CA PRO I 176 0.17 2.82 32.90
C PRO I 176 -0.33 1.75 33.87
N ASP I 177 -1.59 1.35 33.75
CA ASP I 177 -2.24 0.39 34.63
C ASP I 177 -2.30 -1.01 34.00
N LEU I 178 -1.61 -1.22 32.85
CA LEU I 178 -1.54 -2.53 32.20
C LEU I 178 -0.84 -3.49 33.16
N PRO I 179 -1.49 -4.61 33.52
CA PRO I 179 -0.87 -5.51 34.51
C PRO I 179 0.25 -6.39 33.92
N PRO I 180 1.44 -6.43 34.56
CA PRO I 180 2.50 -7.32 34.05
C PRO I 180 2.12 -8.79 34.20
N ARG I 181 2.20 -9.53 33.08
CA ARG I 181 1.94 -10.96 33.03
C ARG I 181 3.29 -11.66 32.84
N LYS I 182 3.78 -12.30 33.91
CA LYS I 182 5.05 -13.01 33.92
C LYS I 182 5.05 -14.19 32.95
N PRO I 183 6.15 -14.42 32.19
CA PRO I 183 6.20 -15.59 31.31
C PRO I 183 6.29 -16.88 32.13
N HIS I 184 5.78 -17.99 31.58
CA HIS I 184 5.80 -19.29 32.25
C HIS I 184 7.20 -19.91 32.26
N ASP I 185 7.68 -20.27 33.46
CA ASP I 185 8.97 -20.91 33.67
C ASP I 185 8.77 -22.40 33.39
N CYS I 186 8.82 -22.75 32.08
CA CYS I 186 8.62 -24.10 31.53
CA CYS I 186 8.61 -24.11 31.56
C CYS I 186 9.86 -24.99 31.66
N VAL I 187 11.05 -24.38 31.90
CA VAL I 187 12.32 -25.10 32.06
C VAL I 187 12.87 -24.63 33.43
N PRO I 188 12.30 -25.11 34.55
CA PRO I 188 12.69 -24.57 35.86
C PRO I 188 13.98 -25.09 36.48
N THR I 189 14.42 -26.31 36.14
CA THR I 189 15.60 -26.87 36.81
C THR I 189 16.91 -26.43 36.15
N ARG I 190 17.96 -26.31 36.98
CA ARG I 190 19.31 -25.93 36.58
C ARG I 190 19.85 -26.87 35.49
N ALA I 191 19.71 -28.19 35.66
CA ALA I 191 20.20 -29.19 34.72
C ALA I 191 19.53 -29.06 33.35
N ASP I 192 18.20 -28.78 33.34
CA ASP I 192 17.44 -28.63 32.11
C ASP I 192 17.74 -27.31 31.41
N ARG I 193 18.05 -26.26 32.18
CA ARG I 193 18.44 -24.94 31.70
C ARG I 193 19.84 -25.01 31.05
N ILE I 194 20.75 -25.81 31.62
CA ILE I 194 22.10 -26.05 31.09
C ILE I 194 21.99 -26.83 29.77
N ALA I 195 21.17 -27.89 29.75
CA ALA I 195 20.94 -28.70 28.55
C ALA I 195 20.35 -27.87 27.40
N LEU I 196 19.42 -26.95 27.74
CA LEU I 196 18.73 -26.06 26.79
C LEU I 196 19.73 -25.04 26.20
N LEU I 197 20.48 -24.34 27.08
CA LEU I 197 21.45 -23.32 26.69
C LEU I 197 22.58 -23.93 25.86
N GLU I 198 23.04 -25.14 26.20
CA GLU I 198 24.10 -25.82 25.43
C GLU I 198 23.56 -26.34 24.09
N GLY I 199 22.33 -26.85 24.10
CA GLY I 199 21.64 -27.30 22.90
C GLY I 199 21.47 -26.17 21.91
N PHE I 200 21.07 -24.97 22.37
CA PHE I 200 20.85 -23.77 21.57
C PHE I 200 22.18 -23.18 21.04
N ASN I 201 23.17 -23.01 21.93
CA ASN I 201 24.45 -22.40 21.58
C ASN I 201 25.34 -23.29 20.72
N PHE I 202 25.39 -24.61 21.00
CA PHE I 202 26.33 -25.48 20.27
C PHE I 202 25.70 -26.53 19.36
N HIS I 203 24.38 -26.75 19.41
CA HIS I 203 23.79 -27.82 18.58
C HIS I 203 22.47 -27.43 17.95
N TRP I 204 22.19 -26.12 17.79
CA TRP I 204 20.89 -25.63 17.27
C TRP I 204 20.50 -26.21 15.89
N ARG I 205 21.49 -26.59 15.04
CA ARG I 205 21.20 -27.15 13.72
C ARG I 205 20.52 -28.53 13.79
N ASP I 206 20.59 -29.22 14.94
CA ASP I 206 19.95 -30.51 15.08
C ASP I 206 18.50 -30.38 15.65
N TRP I 207 18.00 -29.13 15.89
CA TRP I 207 16.63 -28.75 16.31
C TRP I 207 16.23 -29.13 17.72
N THR I 208 16.96 -30.04 18.35
CA THR I 208 16.72 -30.67 19.66
C THR I 208 16.35 -29.68 20.80
N TYR I 209 17.02 -28.51 20.91
CA TYR I 209 16.73 -27.55 21.98
C TYR I 209 15.25 -27.11 21.97
N ARG I 210 14.59 -27.16 20.79
CA ARG I 210 13.22 -26.71 20.59
C ARG I 210 12.21 -27.63 21.26
N ASP I 211 12.66 -28.84 21.62
CA ASP I 211 11.88 -29.87 22.29
C ASP I 211 12.09 -29.81 23.81
N ALA I 212 12.64 -28.68 24.35
CA ALA I 212 12.85 -28.48 25.80
C ALA I 212 11.52 -28.58 26.58
N VAL I 213 10.42 -28.31 25.87
CA VAL I 213 9.00 -28.43 26.21
C VAL I 213 8.41 -29.17 25.02
N THR I 214 7.61 -30.24 25.22
CA THR I 214 7.04 -30.96 24.07
C THR I 214 6.03 -30.05 23.40
N PRO I 215 6.23 -29.77 22.09
CA PRO I 215 5.32 -28.85 21.39
C PRO I 215 3.96 -29.48 21.05
N GLN I 216 2.94 -28.64 21.00
CA GLN I 216 1.63 -29.08 20.53
C GLN I 216 1.72 -29.28 19.00
N GLU I 217 2.60 -28.50 18.37
CA GLU I 217 2.90 -28.54 16.94
C GLU I 217 4.37 -28.11 16.73
N ARG I 218 5.13 -28.92 15.95
CA ARG I 218 6.50 -28.68 15.49
C ARG I 218 6.44 -28.13 14.07
N TYR I 219 7.58 -27.70 13.53
CA TYR I 219 7.68 -27.32 12.13
C TYR I 219 7.56 -28.61 11.34
N SER I 220 6.86 -28.57 10.20
CA SER I 220 6.75 -29.75 9.32
C SER I 220 8.13 -30.10 8.79
N GLU I 221 8.29 -31.30 8.20
CA GLU I 221 9.59 -31.71 7.64
C GLU I 221 9.98 -30.79 6.48
N GLU I 222 8.97 -30.26 5.76
CA GLU I 222 9.13 -29.31 4.65
C GLU I 222 9.62 -27.95 5.18
N GLN I 223 9.03 -27.46 6.27
CA GLN I 223 9.40 -26.21 6.92
C GLN I 223 10.84 -26.32 7.49
N LYS I 224 11.18 -27.48 8.08
CA LYS I 224 12.50 -27.76 8.62
C LYS I 224 13.55 -27.78 7.50
N ALA I 225 13.21 -28.38 6.34
CA ALA I 225 14.08 -28.46 5.16
C ALA I 225 14.35 -27.06 4.60
N TYR I 226 13.33 -26.19 4.63
CA TYR I 226 13.42 -24.81 4.18
C TYR I 226 14.39 -24.02 5.09
N PHE I 227 14.18 -24.10 6.43
CA PHE I 227 14.98 -23.35 7.39
C PHE I 227 16.40 -23.94 7.57
N SER I 228 16.62 -25.23 7.28
CA SER I 228 17.96 -25.84 7.34
C SER I 228 18.85 -25.31 6.21
N THR I 229 18.21 -24.78 5.15
CA THR I 229 18.90 -24.18 4.01
C THR I 229 19.39 -22.79 4.45
N PRO I 230 20.71 -22.48 4.29
CA PRO I 230 21.22 -21.15 4.68
C PRO I 230 20.48 -20.05 3.89
N PRO I 231 20.15 -18.91 4.55
CA PRO I 231 19.39 -17.84 3.85
C PRO I 231 19.92 -17.46 2.48
N ALA I 232 21.27 -17.45 2.30
CA ALA I 232 21.96 -17.13 1.04
C ALA I 232 21.60 -18.09 -0.10
N GLN I 233 21.01 -19.27 0.23
CA GLN I 233 20.64 -20.31 -0.72
C GLN I 233 19.13 -20.52 -0.85
N ARG I 234 18.32 -19.72 -0.14
CA ARG I 234 16.86 -19.81 -0.17
C ARG I 234 16.28 -19.08 -1.39
N LYS J 8 18.56 1.67 -26.68
CA LYS J 8 17.61 1.48 -25.58
C LYS J 8 18.19 1.96 -24.26
N VAL J 9 19.53 1.84 -24.11
CA VAL J 9 20.31 2.26 -22.94
C VAL J 9 20.13 3.76 -22.70
N ALA J 10 20.22 4.59 -23.76
CA ALA J 10 20.05 6.05 -23.70
C ALA J 10 18.62 6.42 -23.29
N GLU J 11 17.63 5.64 -23.76
CA GLU J 11 16.22 5.85 -23.47
C GLU J 11 15.91 5.51 -21.99
N LEU J 12 16.45 4.37 -21.50
CA LEU J 12 16.28 3.94 -20.12
C LEU J 12 17.02 4.88 -19.17
N LYS J 13 18.23 5.31 -19.57
CA LYS J 13 19.06 6.25 -18.81
C LYS J 13 18.31 7.57 -18.61
N GLN J 14 17.67 8.10 -19.69
CA GLN J 14 16.90 9.34 -19.65
C GLN J 14 15.72 9.25 -18.69
N LYS J 15 14.99 8.11 -18.71
CA LYS J 15 13.86 7.89 -17.81
C LYS J 15 14.29 7.90 -16.34
N ILE J 16 15.42 7.22 -16.02
CA ILE J 16 15.99 7.17 -14.68
C ILE J 16 16.53 8.56 -14.28
N GLU J 17 17.21 9.25 -15.21
CA GLU J 17 17.75 10.60 -14.98
C GLU J 17 16.64 11.63 -14.74
N ASP J 18 15.55 11.57 -15.50
CA ASP J 18 14.42 12.50 -15.31
C ASP J 18 13.81 12.33 -13.94
N THR J 19 13.84 11.09 -13.40
CA THR J 19 13.33 10.76 -12.07
C THR J 19 14.30 11.24 -10.96
N LEU J 20 15.60 10.95 -11.11
CA LEU J 20 16.57 11.18 -10.04
C LEU J 20 17.42 12.44 -10.10
N CYS J 21 17.87 12.88 -11.29
CA CYS J 21 18.75 14.06 -11.41
C CYS J 21 18.18 15.34 -10.78
N PRO J 22 16.86 15.66 -10.85
CA PRO J 22 16.38 16.88 -10.17
C PRO J 22 16.51 16.85 -8.65
N PHE J 23 16.78 15.67 -8.08
CA PHE J 23 16.85 15.44 -6.63
C PHE J 23 18.28 15.27 -6.11
N GLY J 24 19.27 15.57 -6.94
CA GLY J 24 20.67 15.53 -6.52
C GLY J 24 21.38 14.21 -6.73
N PHE J 25 20.89 13.40 -7.68
CA PHE J 25 21.51 12.11 -7.99
C PHE J 25 22.14 12.10 -9.38
N GLU J 26 23.04 11.14 -9.63
CA GLU J 26 23.70 10.87 -10.91
C GLU J 26 23.55 9.40 -11.18
N VAL J 27 23.39 9.03 -12.46
CA VAL J 27 23.10 7.67 -12.96
C VAL J 27 24.16 7.26 -13.99
N TYR J 28 24.73 6.05 -13.85
CA TYR J 28 25.79 5.53 -14.74
C TYR J 28 25.50 4.10 -15.15
N PRO J 29 25.46 3.79 -16.48
CA PRO J 29 25.19 2.40 -16.89
C PRO J 29 26.40 1.50 -16.79
N PHE J 30 26.15 0.20 -16.62
CA PHE J 30 27.17 -0.83 -16.62
C PHE J 30 26.53 -2.18 -16.91
N GLN J 31 27.35 -3.15 -17.32
CA GLN J 31 26.94 -4.54 -17.52
C GLN J 31 27.21 -5.28 -16.22
N VAL J 32 26.29 -6.18 -15.80
CA VAL J 32 26.44 -6.99 -14.59
C VAL J 32 27.78 -7.77 -14.64
N ALA J 33 28.19 -8.24 -15.85
CA ALA J 33 29.45 -8.97 -16.10
C ALA J 33 30.67 -8.25 -15.60
N TRP J 34 30.74 -6.91 -15.80
CA TRP J 34 31.89 -6.08 -15.39
C TRP J 34 32.07 -6.10 -13.90
N TYR J 35 30.95 -6.07 -13.16
CA TYR J 35 30.90 -6.08 -11.71
C TYR J 35 31.29 -7.48 -11.21
N ASN J 36 30.62 -8.53 -11.71
CA ASN J 36 30.81 -9.92 -11.33
C ASN J 36 32.21 -10.47 -11.64
N GLU J 37 32.85 -10.06 -12.77
CA GLU J 37 34.17 -10.59 -13.15
C GLU J 37 35.29 -10.11 -12.22
N LEU J 38 35.06 -9.01 -11.47
CA LEU J 38 36.05 -8.43 -10.56
C LEU J 38 35.93 -9.00 -9.15
N LEU J 39 34.85 -9.75 -8.89
CA LEU J 39 34.52 -10.25 -7.55
C LEU J 39 34.49 -11.76 -7.40
N PRO J 40 34.73 -12.26 -6.16
CA PRO J 40 34.55 -13.71 -5.91
C PRO J 40 33.08 -14.12 -6.03
N PRO J 41 32.76 -15.40 -6.36
CA PRO J 41 31.35 -15.81 -6.58
C PRO J 41 30.34 -15.43 -5.50
N ALA J 42 30.78 -15.30 -4.25
CA ALA J 42 29.94 -14.92 -3.10
C ALA J 42 29.20 -13.61 -3.34
N PHE J 43 29.88 -12.60 -3.94
CA PHE J 43 29.33 -11.26 -4.16
C PHE J 43 28.64 -11.08 -5.52
N HIS J 44 28.57 -12.12 -6.34
CA HIS J 44 27.96 -12.02 -7.65
C HIS J 44 26.46 -11.72 -7.61
N LEU J 45 26.01 -10.94 -8.59
CA LEU J 45 24.58 -10.67 -8.79
C LEU J 45 24.03 -11.84 -9.62
N PRO J 46 22.93 -12.52 -9.19
CA PRO J 46 22.50 -13.72 -9.93
C PRO J 46 21.72 -13.36 -11.20
N LEU J 47 22.43 -12.72 -12.13
CA LEU J 47 21.89 -12.25 -13.41
C LEU J 47 22.85 -12.54 -14.55
N PRO J 48 22.35 -12.73 -15.79
CA PRO J 48 23.28 -12.92 -16.92
C PRO J 48 24.21 -11.72 -17.09
N GLY J 49 25.46 -12.00 -17.48
CA GLY J 49 26.49 -10.98 -17.69
C GLY J 49 26.07 -9.73 -18.46
N PRO J 50 25.43 -9.85 -19.66
CA PRO J 50 25.07 -8.65 -20.44
C PRO J 50 23.90 -7.83 -19.86
N THR J 51 23.31 -8.22 -18.71
CA THR J 51 22.20 -7.48 -18.08
C THR J 51 22.59 -6.03 -17.80
N LEU J 52 21.70 -5.11 -18.17
CA LEU J 52 21.88 -3.68 -17.95
C LEU J 52 21.61 -3.32 -16.50
N ALA J 53 22.51 -2.52 -15.93
CA ALA J 53 22.42 -2.03 -14.58
C ALA J 53 22.81 -0.55 -14.55
N PHE J 54 22.34 0.17 -13.54
CA PHE J 54 22.68 1.58 -13.35
C PHE J 54 23.17 1.82 -11.95
N LEU J 55 24.32 2.52 -11.82
CA LEU J 55 24.83 2.91 -10.54
C LEU J 55 24.32 4.30 -10.19
N VAL J 56 23.80 4.46 -8.97
CA VAL J 56 23.24 5.71 -8.49
C VAL J 56 24.13 6.28 -7.37
N LEU J 57 24.56 7.55 -7.54
CA LEU J 57 25.28 8.32 -6.55
C LEU J 57 24.51 9.54 -6.17
N SER J 58 24.76 10.07 -4.98
CA SER J 58 24.18 11.33 -4.53
C SER J 58 25.28 12.39 -4.54
N THR J 59 24.96 13.58 -5.05
CA THR J 59 25.90 14.70 -5.13
C THR J 59 25.68 15.60 -3.89
N PRO J 60 26.46 16.70 -3.67
CA PRO J 60 26.17 17.58 -2.52
C PRO J 60 24.74 18.20 -2.56
N ALA J 61 24.14 18.27 -3.76
CA ALA J 61 22.80 18.86 -3.95
C ALA J 61 21.65 18.00 -3.39
N PHE J 63 21.13 16.73 -0.43
CA PHE J 63 20.72 17.17 0.91
C PHE J 63 19.59 18.23 0.85
N ASP J 64 19.79 19.29 0.05
CA ASP J 64 18.81 20.37 -0.09
C ASP J 64 17.64 20.02 -1.02
N ARG J 65 17.91 19.27 -2.10
CA ARG J 65 16.90 18.92 -3.12
C ARG J 65 16.05 17.69 -2.78
N ALA J 66 16.59 16.74 -1.99
CA ALA J 66 15.86 15.51 -1.67
C ALA J 66 15.62 15.34 -0.18
N LEU J 67 16.68 15.39 0.65
CA LEU J 67 16.55 15.13 2.10
C LEU J 67 15.71 16.17 2.85
N LYS J 68 16.05 17.48 2.76
CA LYS J 68 15.29 18.54 3.46
C LYS J 68 13.79 18.48 3.10
N PRO J 69 13.37 18.41 1.81
CA PRO J 69 11.93 18.28 1.51
C PRO J 69 11.31 16.99 2.05
N PHE J 70 12.09 15.89 2.08
CA PHE J 70 11.64 14.59 2.57
C PHE J 70 11.38 14.62 4.08
N LEU J 71 12.19 15.37 4.83
CA LEU J 71 12.03 15.54 6.28
C LEU J 71 10.74 16.33 6.60
N GLN J 72 10.13 16.96 5.56
CA GLN J 72 8.85 17.68 5.64
C GLN J 72 7.69 16.77 5.22
N SER J 73 7.99 15.56 4.70
CA SER J 73 6.99 14.58 4.26
C SER J 73 6.39 13.81 5.46
N CYS J 74 5.38 12.96 5.17
CA CYS J 74 4.63 12.09 6.10
C CYS J 74 5.27 10.68 6.18
N HIS J 75 6.24 10.40 5.29
CA HIS J 75 6.89 9.09 5.15
C HIS J 75 7.86 8.74 6.30
N LEU J 76 8.12 9.67 7.24
CA LEU J 76 9.08 9.49 8.33
C LEU J 76 8.67 8.41 9.36
N ARG J 77 9.66 7.61 9.79
CA ARG J 77 9.51 6.47 10.70
C ARG J 77 10.48 6.57 11.87
N LEU J 79 13.11 5.35 14.68
CA LEU J 79 14.33 4.54 14.71
C LEU J 79 14.80 4.09 13.30
N THR J 80 14.41 4.82 12.26
CA THR J 80 14.84 4.56 10.88
C THR J 80 15.62 5.77 10.39
N ASP J 81 16.83 5.55 9.83
CA ASP J 81 17.71 6.61 9.30
C ASP J 81 16.97 7.40 8.20
N PRO J 82 16.85 8.74 8.35
CA PRO J 82 16.11 9.55 7.36
C PRO J 82 16.73 9.57 5.95
N VAL J 83 18.07 9.53 5.84
CA VAL J 83 18.76 9.55 4.54
C VAL J 83 18.44 8.27 3.77
N ASP J 84 18.52 7.12 4.47
CA ASP J 84 18.20 5.80 3.92
C ASP J 84 16.74 5.71 3.47
N GLN J 85 15.84 6.32 4.25
CA GLN J 85 14.41 6.41 3.95
C GLN J 85 14.20 7.20 2.67
N CYS J 86 14.89 8.36 2.57
CA CYS J 86 14.88 9.29 1.44
C CYS J 86 15.37 8.61 0.15
N VAL J 87 16.51 7.91 0.22
CA VAL J 87 17.12 7.19 -0.90
C VAL J 87 16.20 6.06 -1.37
N ALA J 88 15.64 5.26 -0.42
CA ALA J 88 14.69 4.16 -0.70
C ALA J 88 13.49 4.66 -1.47
N TYR J 89 12.93 5.81 -1.03
CA TYR J 89 11.80 6.51 -1.61
C TYR J 89 12.04 6.89 -3.09
N HIS J 90 13.17 7.57 -3.36
CA HIS J 90 13.52 8.02 -4.71
C HIS J 90 13.89 6.85 -5.62
N LEU J 91 14.45 5.78 -5.05
CA LEU J 91 14.77 4.59 -5.83
C LEU J 91 13.46 3.89 -6.23
N GLY J 92 12.45 3.95 -5.35
CA GLY J 92 11.12 3.40 -5.61
C GLY J 92 10.41 4.17 -6.72
N ARG J 93 10.71 5.48 -6.87
CA ARG J 93 10.15 6.34 -7.91
C ARG J 93 10.66 5.92 -9.29
N VAL J 94 11.86 5.30 -9.34
CA VAL J 94 12.48 4.78 -10.59
C VAL J 94 11.61 3.61 -11.08
N ARG J 95 11.15 2.77 -10.15
CA ARG J 95 10.25 1.65 -10.40
C ARG J 95 8.98 2.12 -11.10
N GLU J 96 8.39 3.21 -10.60
CA GLU J 96 7.17 3.82 -11.10
C GLU J 96 7.36 4.49 -12.46
N SER J 97 8.59 4.92 -12.79
CA SER J 97 8.94 5.53 -14.08
C SER J 97 9.07 4.50 -15.19
N LEU J 98 9.23 3.22 -14.81
CA LEU J 98 9.39 2.11 -15.74
C LEU J 98 8.33 1.01 -15.42
N PRO J 99 7.00 1.28 -15.58
CA PRO J 99 5.99 0.26 -15.24
C PRO J 99 5.99 -0.98 -16.16
N GLU J 100 6.50 -0.84 -17.40
CA GLU J 100 6.55 -1.94 -18.37
C GLU J 100 7.65 -2.95 -18.01
N LEU J 101 8.56 -2.59 -17.11
CA LEU J 101 9.69 -3.43 -16.71
C LEU J 101 9.64 -3.86 -15.26
N GLN J 102 10.11 -5.08 -15.01
CA GLN J 102 10.28 -5.60 -13.65
C GLN J 102 11.73 -5.32 -13.33
N ILE J 103 11.97 -4.36 -12.43
CA ILE J 103 13.31 -3.92 -12.09
C ILE J 103 13.67 -4.34 -10.66
N GLU J 104 14.97 -4.44 -10.38
CA GLU J 104 15.50 -4.78 -9.07
C GLU J 104 16.32 -3.61 -8.56
N ILE J 105 16.14 -3.26 -7.30
CA ILE J 105 16.85 -2.14 -6.69
C ILE J 105 17.57 -2.59 -5.42
N ILE J 106 18.86 -2.30 -5.32
CA ILE J 106 19.67 -2.59 -4.14
C ILE J 106 20.37 -1.32 -3.71
N ALA J 107 20.00 -0.79 -2.53
CA ALA J 107 20.64 0.37 -1.93
C ALA J 107 21.98 -0.03 -1.27
N ASP J 108 22.90 0.94 -1.09
CA ASP J 108 24.23 0.77 -0.48
C ASP J 108 24.19 0.19 0.96
N TYR J 109 23.13 0.54 1.72
CA TYR J 109 22.97 0.18 3.13
C TYR J 109 22.35 -1.19 3.36
N GLU J 110 21.81 -1.81 2.30
CA GLU J 110 21.16 -3.10 2.38
C GLU J 110 22.18 -4.21 2.71
N VAL J 111 21.77 -5.10 3.61
CA VAL J 111 22.56 -6.24 4.09
C VAL J 111 21.69 -7.48 4.07
N HIS J 112 22.33 -8.62 3.91
CA HIS J 112 21.67 -9.92 3.97
C HIS J 112 21.42 -10.26 5.46
N PRO J 113 20.58 -11.27 5.81
CA PRO J 113 20.41 -11.63 7.24
C PRO J 113 21.74 -11.85 8.01
N ASN J 114 22.79 -12.38 7.34
CA ASN J 114 24.12 -12.59 7.92
C ASN J 114 24.96 -11.30 8.01
N ARG J 115 24.33 -10.11 7.79
CA ARG J 115 24.90 -8.74 7.89
C ARG J 115 25.91 -8.41 6.78
N ARG J 116 26.00 -9.23 5.75
CA ARG J 116 26.88 -8.97 4.62
C ARG J 116 26.21 -7.98 3.66
N PRO J 117 26.95 -6.97 3.11
CA PRO J 117 26.34 -6.04 2.14
C PRO J 117 25.83 -6.80 0.91
N LYS J 118 24.68 -6.40 0.39
CA LYS J 118 24.09 -7.03 -0.79
C LYS J 118 24.91 -6.67 -2.04
N ILE J 119 25.42 -5.42 -2.09
CA ILE J 119 26.27 -4.93 -3.18
C ILE J 119 27.51 -4.28 -2.62
N LEU J 120 28.60 -4.36 -3.40
CA LEU J 120 29.86 -3.71 -3.14
C LEU J 120 29.83 -2.47 -4.03
N ALA J 121 29.26 -1.40 -3.47
CA ALA J 121 28.95 -0.10 -4.07
C ALA J 121 30.12 0.52 -4.85
N GLN J 122 31.33 0.43 -4.29
CA GLN J 122 32.54 1.00 -4.86
C GLN J 122 33.02 0.26 -6.10
N THR J 123 32.86 -1.08 -6.15
CA THR J 123 33.21 -1.88 -7.32
C THR J 123 32.25 -1.49 -8.46
N ALA J 124 30.95 -1.30 -8.13
CA ALA J 124 29.91 -0.91 -9.09
C ALA J 124 30.19 0.51 -9.64
N ALA J 125 30.64 1.44 -8.77
CA ALA J 125 30.95 2.84 -9.13
C ALA J 125 32.15 2.93 -10.06
N HIS J 126 33.13 2.03 -9.87
CA HIS J 126 34.33 1.95 -10.69
C HIS J 126 33.99 1.44 -12.11
N VAL J 127 33.31 0.27 -12.22
CA VAL J 127 32.95 -0.36 -13.50
C VAL J 127 31.90 0.45 -14.28
N ALA J 128 31.16 1.36 -13.61
CA ALA J 128 30.18 2.22 -14.25
C ALA J 128 30.83 3.55 -14.72
N GLY J 129 32.13 3.69 -14.43
CA GLY J 129 32.94 4.86 -14.79
C GLY J 129 32.59 6.13 -14.03
N ALA J 130 31.89 5.99 -12.89
CA ALA J 130 31.41 7.09 -12.07
C ALA J 130 32.51 7.71 -11.19
N ALA J 131 33.31 6.85 -10.54
CA ALA J 131 34.36 7.27 -9.62
C ALA J 131 35.40 6.18 -9.52
N TYR J 132 36.69 6.55 -9.70
CA TYR J 132 37.80 5.62 -9.60
C TYR J 132 37.89 5.09 -8.17
N TYR J 133 37.95 3.76 -8.02
CA TYR J 133 38.02 3.08 -6.73
C TYR J 133 39.48 2.87 -6.35
N TYR J 134 39.97 3.70 -5.41
CA TYR J 134 41.37 3.64 -4.96
C TYR J 134 41.50 2.69 -3.80
N GLN J 135 42.25 1.63 -4.04
CA GLN J 135 42.51 0.55 -3.11
C GLN J 135 43.99 0.43 -2.78
N ARG J 136 44.34 -0.46 -1.81
CA ARG J 136 45.70 -0.82 -1.40
C ARG J 136 46.59 -1.16 -2.60
N GLN J 137 46.08 -2.01 -3.51
CA GLN J 137 46.69 -2.52 -4.74
C GLN J 137 47.21 -1.42 -5.65
N ASP J 138 46.59 -0.23 -5.58
CA ASP J 138 46.91 0.95 -6.38
C ASP J 138 48.13 1.67 -5.80
N VAL J 139 48.64 1.19 -4.67
CA VAL J 139 49.86 1.71 -4.03
C VAL J 139 50.95 0.66 -4.22
N GLU J 140 51.97 1.03 -5.02
CA GLU J 140 53.17 0.25 -5.29
C GLU J 140 53.92 0.07 -3.95
N ALA J 141 54.49 -1.13 -3.70
CA ALA J 141 55.25 -1.43 -2.48
C ALA J 141 54.46 -0.96 -1.25
N ASP J 142 53.25 -1.56 -1.08
CA ASP J 142 52.25 -1.35 -0.03
C ASP J 142 52.93 -1.21 1.36
N PRO J 143 52.85 -0.03 2.04
CA PRO J 143 53.58 0.13 3.31
C PRO J 143 52.79 -0.18 4.59
N TRP J 144 51.55 -0.63 4.46
CA TRP J 144 50.68 -0.73 5.64
C TRP J 144 50.74 -2.04 6.46
N GLY J 145 51.19 -3.14 5.90
CA GLY J 145 51.25 -4.40 6.64
C GLY J 145 49.89 -5.03 6.93
N ASN J 146 49.84 -5.87 7.97
CA ASN J 146 48.63 -6.63 8.30
C ASN J 146 47.63 -5.80 9.14
N GLN J 147 46.92 -4.93 8.45
CA GLN J 147 45.88 -4.08 8.97
C GLN J 147 44.87 -3.79 7.86
N ARG J 148 43.63 -3.40 8.23
CA ARG J 148 42.61 -3.07 7.23
C ARG J 148 42.88 -1.69 6.69
N ILE J 149 42.98 -1.61 5.36
CA ILE J 149 43.13 -0.37 4.61
C ILE J 149 41.99 -0.41 3.62
N SER J 150 40.89 0.23 4.00
CA SER J 150 39.69 0.29 3.18
C SER J 150 39.87 1.25 2.00
N GLY J 151 39.36 0.85 0.85
CA GLY J 151 39.42 1.63 -0.37
C GLY J 151 38.42 2.77 -0.38
N VAL J 152 38.64 3.75 -1.27
CA VAL J 152 37.80 4.95 -1.41
C VAL J 152 37.71 5.37 -2.88
N CYS J 153 36.47 5.70 -3.33
CA CYS J 153 36.15 6.21 -4.65
C CYS J 153 36.31 7.71 -4.65
N ILE J 154 36.86 8.24 -5.75
CA ILE J 154 37.01 9.68 -5.92
C ILE J 154 36.30 10.09 -7.21
N HIS J 155 35.28 10.96 -7.07
CA HIS J 155 34.47 11.50 -8.18
C HIS J 155 35.28 12.59 -8.92
N PRO J 156 35.35 12.58 -10.28
CA PRO J 156 36.17 13.60 -10.98
C PRO J 156 35.72 15.05 -10.79
N ARG J 157 34.44 15.27 -10.48
CA ARG J 157 33.85 16.59 -10.28
C ARG J 157 33.74 16.99 -8.79
N PHE J 158 33.34 16.04 -7.91
CA PHE J 158 33.12 16.32 -6.49
C PHE J 158 34.19 15.80 -5.52
N GLY J 159 35.26 15.15 -6.02
CA GLY J 159 36.29 14.55 -5.15
C GLY J 159 35.63 13.46 -4.32
N GLY J 160 35.70 13.58 -3.00
CA GLY J 160 35.00 12.67 -2.09
C GLY J 160 33.70 13.21 -1.52
N TRP J 161 33.18 14.35 -2.07
CA TRP J 161 31.93 15.01 -1.64
C TRP J 161 30.73 14.45 -2.41
N PHE J 162 30.47 13.18 -2.18
CA PHE J 162 29.39 12.39 -2.78
C PHE J 162 29.25 11.10 -1.96
N ALA J 163 28.23 10.30 -2.27
CA ALA J 163 28.02 8.99 -1.66
C ALA J 163 27.38 8.08 -2.69
N ILE J 164 27.70 6.77 -2.66
CA ILE J 164 27.08 5.80 -3.55
C ILE J 164 25.77 5.37 -2.89
N ARG J 165 24.65 5.43 -3.63
CA ARG J 165 23.35 5.18 -3.01
C ARG J 165 22.68 3.87 -3.42
N GLY J 166 23.09 3.30 -4.55
CA GLY J 166 22.51 2.04 -4.96
C GLY J 166 22.68 1.66 -6.41
N VAL J 167 22.11 0.51 -6.76
CA VAL J 167 22.12 -0.01 -8.12
C VAL J 167 20.69 -0.35 -8.54
N VAL J 168 20.39 -0.08 -9.80
CA VAL J 168 19.13 -0.37 -10.46
C VAL J 168 19.44 -1.45 -11.48
N LEU J 169 18.82 -2.62 -11.32
CA LEU J 169 19.04 -3.77 -12.21
C LEU J 169 17.84 -3.98 -13.09
N LEU J 170 18.08 -4.24 -14.37
CA LEU J 170 17.01 -4.40 -15.36
C LEU J 170 17.07 -5.81 -15.97
N PRO J 171 16.62 -6.87 -15.24
CA PRO J 171 16.64 -8.23 -15.83
C PRO J 171 15.82 -8.33 -17.12
N GLY J 172 16.39 -8.96 -18.13
CA GLY J 172 15.76 -9.07 -19.45
C GLY J 172 16.24 -8.04 -20.44
N ILE J 173 16.83 -6.93 -19.94
CA ILE J 173 17.44 -5.89 -20.78
C ILE J 173 18.92 -6.25 -20.88
N GLU J 174 19.30 -6.86 -22.01
CA GLU J 174 20.66 -7.31 -22.25
C GLU J 174 21.35 -6.42 -23.27
N VAL J 175 22.52 -5.87 -22.87
CA VAL J 175 23.32 -4.93 -23.66
C VAL J 175 24.78 -5.49 -23.78
N PRO J 176 25.01 -6.62 -24.50
CA PRO J 176 26.37 -7.18 -24.57
C PRO J 176 27.41 -6.28 -25.28
N ASP J 177 26.92 -5.33 -26.08
CA ASP J 177 27.77 -4.41 -26.83
C ASP J 177 27.90 -3.04 -26.15
N LEU J 178 27.44 -2.90 -24.88
CA LEU J 178 27.61 -1.68 -24.11
C LEU J 178 29.12 -1.44 -23.91
N PRO J 179 29.65 -0.27 -24.35
CA PRO J 179 31.10 -0.05 -24.25
C PRO J 179 31.56 0.33 -22.83
N PRO J 180 32.60 -0.37 -22.31
CA PRO J 180 33.11 -0.01 -20.98
C PRO J 180 33.77 1.36 -21.00
N ARG J 181 33.34 2.24 -20.09
CA ARG J 181 33.89 3.58 -19.91
C ARG J 181 34.67 3.58 -18.60
N LYS J 182 36.01 3.60 -18.71
CA LYS J 182 36.91 3.55 -17.56
C LYS J 182 36.78 4.82 -16.67
N PRO J 183 36.79 4.70 -15.32
CA PRO J 183 36.72 5.91 -14.49
C PRO J 183 38.00 6.74 -14.62
N HIS J 184 37.90 8.03 -14.33
CA HIS J 184 39.05 8.90 -14.46
C HIS J 184 40.01 8.73 -13.29
N ASP J 185 41.30 8.51 -13.61
CA ASP J 185 42.34 8.38 -12.60
C ASP J 185 42.78 9.80 -12.14
N CYS J 186 41.99 10.40 -11.25
CA CYS J 186 42.11 11.75 -10.71
C CYS J 186 43.17 11.89 -9.62
N VAL J 187 43.60 10.79 -8.98
CA VAL J 187 44.63 10.77 -7.94
C VAL J 187 45.72 9.82 -8.44
N PRO J 188 46.54 10.25 -9.44
CA PRO J 188 47.49 9.29 -10.06
C PRO J 188 48.78 9.04 -9.31
N THR J 189 49.24 9.99 -8.47
CA THR J 189 50.53 9.84 -7.81
C THR J 189 50.44 9.05 -6.48
N ARG J 190 51.41 8.07 -6.30
CA ARG J 190 51.57 7.15 -5.16
C ARG J 190 51.42 7.88 -3.83
N ALA J 191 52.09 9.03 -3.69
CA ALA J 191 52.06 9.84 -2.48
C ALA J 191 50.65 10.36 -2.19
N ASP J 192 49.92 10.79 -3.22
CA ASP J 192 48.55 11.29 -3.07
C ASP J 192 47.55 10.17 -2.78
N ARG J 193 47.80 8.96 -3.32
CA ARG J 193 47.01 7.76 -3.09
C ARG J 193 47.16 7.31 -1.64
N ILE J 194 48.39 7.39 -1.09
CA ILE J 194 48.72 7.06 0.30
C ILE J 194 48.03 8.07 1.24
N ALA J 195 48.15 9.37 0.94
CA ALA J 195 47.54 10.45 1.74
C ALA J 195 46.00 10.34 1.74
N LEU J 196 45.41 9.95 0.61
CA LEU J 196 43.97 9.74 0.43
C LEU J 196 43.49 8.53 1.26
N LEU J 197 44.15 7.38 1.11
CA LEU J 197 43.81 6.16 1.83
C LEU J 197 43.99 6.31 3.34
N GLU J 198 45.04 7.02 3.78
CA GLU J 198 45.27 7.25 5.21
C GLU J 198 44.27 8.29 5.77
N GLY J 199 43.93 9.30 4.96
CA GLY J 199 42.94 10.32 5.30
C GLY J 199 41.56 9.72 5.48
N PHE J 200 41.21 8.78 4.59
CA PHE J 200 39.92 8.07 4.61
C PHE J 200 39.87 7.05 5.77
N ASN J 201 40.90 6.23 5.94
CA ASN J 201 40.92 5.18 6.95
C ASN J 201 41.10 5.71 8.39
N PHE J 202 41.97 6.73 8.60
CA PHE J 202 42.28 7.16 9.96
C PHE J 202 41.81 8.54 10.34
N HIS J 203 41.33 9.37 9.37
CA HIS J 203 40.94 10.75 9.72
C HIS J 203 39.71 11.24 8.97
N TRP J 204 38.83 10.33 8.52
CA TRP J 204 37.64 10.67 7.73
C TRP J 204 36.69 11.67 8.41
N ARG J 205 36.67 11.73 9.75
CA ARG J 205 35.80 12.69 10.47
C ARG J 205 36.22 14.15 10.25
N ASP J 206 37.45 14.39 9.76
CA ASP J 206 37.97 15.74 9.51
C ASP J 206 37.66 16.21 8.07
N TRP J 207 37.02 15.35 7.23
CA TRP J 207 36.53 15.61 5.85
C TRP J 207 37.61 15.79 4.77
N THR J 208 38.85 16.05 5.16
CA THR J 208 40.03 16.39 4.33
C THR J 208 40.25 15.44 3.13
N TYR J 209 40.08 14.12 3.28
CA TYR J 209 40.29 13.16 2.19
C TYR J 209 39.40 13.49 0.97
N ARG J 210 38.25 14.16 1.20
CA ARG J 210 37.27 14.48 0.17
C ARG J 210 37.77 15.55 -0.79
N ASP J 211 38.84 16.28 -0.39
CA ASP J 211 39.47 17.33 -1.16
C ASP J 211 40.67 16.80 -1.94
N ALA J 212 40.79 15.45 -2.09
CA ALA J 212 41.87 14.79 -2.85
C ALA J 212 41.91 15.28 -4.31
N VAL J 213 40.76 15.74 -4.79
CA VAL J 213 40.49 16.41 -6.05
C VAL J 213 39.78 17.68 -5.64
N THR J 214 40.17 18.85 -6.21
CA THR J 214 39.51 20.13 -5.92
C THR J 214 38.06 19.97 -6.37
N PRO J 215 37.11 20.00 -5.42
CA PRO J 215 35.71 19.80 -5.80
C PRO J 215 35.09 21.05 -6.42
N GLN J 216 34.14 20.84 -7.34
CA GLN J 216 33.35 21.91 -7.96
C GLN J 216 32.37 22.45 -6.90
N GLU J 217 31.94 21.55 -6.00
CA GLU J 217 31.00 21.80 -4.90
C GLU J 217 31.28 20.81 -3.79
N ARG J 218 31.18 21.31 -2.56
CA ARG J 218 31.32 20.54 -1.34
C ARG J 218 29.98 20.47 -0.67
N TYR J 219 29.89 19.72 0.43
CA TYR J 219 28.70 19.72 1.28
C TYR J 219 28.68 21.06 2.00
N SER J 220 27.49 21.69 2.15
CA SER J 220 27.34 22.92 2.91
C SER J 220 27.74 22.68 4.37
N GLU J 221 27.94 23.74 5.17
CA GLU J 221 28.30 23.59 6.58
C GLU J 221 27.15 22.93 7.34
N GLU J 222 25.90 23.18 6.90
CA GLU J 222 24.67 22.57 7.46
C GLU J 222 24.65 21.06 7.18
N GLN J 223 24.97 20.66 5.91
CA GLN J 223 25.03 19.26 5.49
C GLN J 223 26.15 18.53 6.25
N LYS J 224 27.30 19.19 6.43
CA LYS J 224 28.45 18.65 7.18
C LYS J 224 28.08 18.44 8.65
N ALA J 225 27.35 19.40 9.26
CA ALA J 225 26.88 19.35 10.65
C ALA J 225 25.90 18.18 10.85
N TYR J 226 25.03 17.93 9.85
CA TYR J 226 24.10 16.82 9.86
C TYR J 226 24.85 15.48 9.82
N PHE J 227 25.77 15.32 8.86
CA PHE J 227 26.50 14.08 8.69
C PHE J 227 27.55 13.83 9.79
N SER J 228 28.07 14.89 10.46
CA SER J 228 29.04 14.69 11.54
CA SER J 228 29.04 14.72 11.55
C SER J 228 28.34 14.15 12.78
N THR J 229 27.00 14.27 12.84
CA THR J 229 26.18 13.74 13.92
C THR J 229 26.09 12.22 13.69
N PRO J 230 26.45 11.38 14.71
CA PRO J 230 26.35 9.92 14.52
C PRO J 230 24.91 9.51 14.17
N PRO J 231 24.73 8.54 13.23
CA PRO J 231 23.35 8.14 12.84
C PRO J 231 22.41 7.85 14.01
N ALA J 232 22.94 7.27 15.12
CA ALA J 232 22.20 6.96 16.36
C ALA J 232 21.59 8.22 17.03
N GLN J 233 22.06 9.42 16.65
CA GLN J 233 21.65 10.69 17.21
C GLN J 233 20.91 11.60 16.22
N ARG J 234 20.71 11.13 14.96
CA ARG J 234 20.00 11.87 13.91
C ARG J 234 18.49 11.68 14.04
N LYS K 8 52.95 -7.36 54.69
CA LYS K 8 53.73 -7.94 53.57
C LYS K 8 53.43 -7.22 52.25
N VAL K 9 52.21 -6.62 52.13
CA VAL K 9 51.75 -5.87 50.95
C VAL K 9 52.77 -4.80 50.59
N ALA K 10 53.27 -4.06 51.61
CA ALA K 10 54.25 -2.99 51.44
C ALA K 10 55.59 -3.54 51.00
N GLU K 11 55.97 -4.74 51.49
CA GLU K 11 57.22 -5.42 51.13
C GLU K 11 57.17 -5.87 49.68
N LEU K 12 56.05 -6.52 49.28
CA LEU K 12 55.84 -7.01 47.91
C LEU K 12 55.75 -5.84 46.94
N LYS K 13 55.02 -4.77 47.31
CA LYS K 13 54.86 -3.55 46.52
C LYS K 13 56.21 -2.90 46.25
N GLN K 14 57.08 -2.78 47.28
CA GLN K 14 58.43 -2.21 47.17
C GLN K 14 59.29 -3.01 46.20
N LYS K 15 59.25 -4.35 46.27
CA LYS K 15 60.00 -5.22 45.37
C LYS K 15 59.57 -5.02 43.91
N ILE K 16 58.24 -4.93 43.67
CA ILE K 16 57.66 -4.74 42.33
C ILE K 16 58.00 -3.31 41.86
N GLU K 17 57.89 -2.30 42.75
CA GLU K 17 58.21 -0.90 42.44
C GLU K 17 59.69 -0.70 42.11
N ASP K 18 60.60 -1.32 42.88
CA ASP K 18 62.04 -1.22 42.62
C ASP K 18 62.38 -1.81 41.25
N THR K 19 61.63 -2.83 40.82
CA THR K 19 61.80 -3.48 39.52
C THR K 19 61.24 -2.60 38.39
N LEU K 20 60.00 -2.07 38.54
CA LEU K 20 59.31 -1.39 37.46
C LEU K 20 59.36 0.13 37.43
N CYS K 21 59.28 0.83 38.59
CA CYS K 21 59.26 2.29 38.64
C CYS K 21 60.46 2.97 37.94
N PRO K 22 61.74 2.47 38.01
CA PRO K 22 62.81 3.15 37.25
C PRO K 22 62.64 3.10 35.72
N PHE K 23 61.70 2.26 35.22
CA PHE K 23 61.46 2.06 33.80
C PHE K 23 60.17 2.71 33.29
N GLY K 24 59.56 3.58 34.09
CA GLY K 24 58.39 4.35 33.69
C GLY K 24 57.05 3.69 33.95
N PHE K 25 57.00 2.82 34.96
CA PHE K 25 55.77 2.13 35.34
C PHE K 25 55.30 2.56 36.73
N GLU K 26 54.01 2.31 37.00
CA GLU K 26 53.35 2.54 38.29
C GLU K 26 52.63 1.26 38.66
N VAL K 27 52.58 0.95 39.95
CA VAL K 27 52.03 -0.29 40.51
C VAL K 27 51.00 0.04 41.58
N TYR K 28 49.82 -0.60 41.52
CA TYR K 28 48.71 -0.34 42.43
C TYR K 28 48.13 -1.62 42.97
N PRO K 29 48.07 -1.83 44.31
CA PRO K 29 47.51 -3.09 44.82
C PRO K 29 45.98 -3.10 44.80
N PHE K 30 45.43 -4.31 44.78
CA PHE K 30 44.00 -4.51 44.86
C PHE K 30 43.69 -5.97 45.27
N GLN K 31 42.47 -6.19 45.73
CA GLN K 31 41.96 -7.51 46.04
C GLN K 31 41.16 -7.96 44.82
N VAL K 32 41.33 -9.22 44.44
CA VAL K 32 40.68 -9.84 43.30
C VAL K 32 39.15 -9.70 43.44
N ALA K 33 38.61 -9.79 44.70
CA ALA K 33 37.19 -9.65 45.02
C ALA K 33 36.60 -8.34 44.48
N TRP K 34 37.37 -7.23 44.56
CA TRP K 34 36.93 -5.90 44.13
C TRP K 34 36.67 -5.89 42.62
N TYR K 35 37.55 -6.56 41.87
CA TYR K 35 37.49 -6.68 40.42
C TYR K 35 36.30 -7.59 40.03
N ASN K 36 36.24 -8.80 40.63
CA ASN K 36 35.23 -9.81 40.37
C ASN K 36 33.81 -9.38 40.74
N GLU K 37 33.62 -8.60 41.82
CA GLU K 37 32.27 -8.21 42.25
C GLU K 37 31.61 -7.21 41.29
N LEU K 38 32.41 -6.49 40.48
CA LEU K 38 31.89 -5.51 39.52
C LEU K 38 31.57 -6.13 38.16
N LEU K 39 31.96 -7.38 37.95
CA LEU K 39 31.85 -8.06 36.67
C LEU K 39 30.95 -9.29 36.67
N PRO K 40 30.37 -9.64 35.50
CA PRO K 40 29.61 -10.90 35.40
C PRO K 40 30.55 -12.12 35.56
N PRO K 41 30.05 -13.30 36.03
CA PRO K 41 30.94 -14.46 36.25
C PRO K 41 31.88 -14.84 35.10
N ALA K 42 31.50 -14.55 33.85
CA ALA K 42 32.30 -14.80 32.65
C ALA K 42 33.70 -14.20 32.75
N PHE K 43 33.82 -12.96 33.25
CA PHE K 43 35.08 -12.23 33.32
C PHE K 43 35.86 -12.41 34.64
N HIS K 44 35.37 -13.24 35.55
CA HIS K 44 36.01 -13.45 36.85
C HIS K 44 37.36 -14.13 36.77
N LEU K 45 38.30 -13.70 37.64
CA LEU K 45 39.60 -14.31 37.78
C LEU K 45 39.42 -15.54 38.67
N PRO K 46 39.90 -16.74 38.27
CA PRO K 46 39.65 -17.95 39.09
C PRO K 46 40.54 -18.00 40.34
N LEU K 47 40.39 -17.01 41.23
CA LEU K 47 41.18 -16.89 42.45
C LEU K 47 40.31 -16.50 43.63
N PRO K 48 40.66 -16.92 44.89
CA PRO K 48 39.87 -16.45 46.05
C PRO K 48 39.85 -14.92 46.15
N GLY K 49 38.73 -14.36 46.59
CA GLY K 49 38.51 -12.94 46.73
C GLY K 49 39.65 -12.13 47.37
N PRO K 50 40.18 -12.54 48.56
CA PRO K 50 41.24 -11.76 49.21
C PRO K 50 42.64 -11.81 48.56
N THR K 51 42.81 -12.52 47.42
CA THR K 51 44.11 -12.64 46.76
C THR K 51 44.67 -11.27 46.35
N LEU K 52 45.94 -11.06 46.67
CA LEU K 52 46.65 -9.85 46.33
C LEU K 52 46.97 -9.81 44.83
N ALA K 53 46.67 -8.66 44.22
CA ALA K 53 46.94 -8.37 42.83
C ALA K 53 47.51 -6.99 42.70
N PHE K 54 48.28 -6.73 41.65
CA PHE K 54 48.83 -5.42 41.37
C PHE K 54 48.48 -5.01 39.95
N LEU K 55 48.00 -3.78 39.77
CA LEU K 55 47.74 -3.28 38.45
C LEU K 55 48.96 -2.46 38.01
N VAL K 56 49.45 -2.73 36.80
CA VAL K 56 50.60 -2.06 36.24
C VAL K 56 50.16 -1.12 35.11
N LEU K 57 50.62 0.12 35.22
CA LEU K 57 50.42 1.21 34.26
C LEU K 57 51.74 1.65 33.72
N SER K 58 51.77 2.17 32.49
CA SER K 58 52.97 2.81 31.96
C SER K 58 52.69 4.31 31.91
N THR K 59 53.68 5.12 32.30
CA THR K 59 53.56 6.59 32.33
C THR K 59 54.21 7.14 31.06
N PRO K 60 54.22 8.46 30.77
CA PRO K 60 54.95 8.93 29.56
C PRO K 60 56.44 8.59 29.58
N ALA K 61 57.01 8.38 30.78
CA ALA K 61 58.42 8.08 31.01
C ALA K 61 58.86 6.68 30.50
N PHE K 63 58.53 5.20 27.54
CA PHE K 63 59.07 5.23 26.17
C PHE K 63 60.61 5.43 26.14
N ASP K 64 61.10 6.45 26.87
CA ASP K 64 62.53 6.78 26.94
C ASP K 64 63.31 5.87 27.90
N ARG K 65 62.70 5.48 29.02
CA ARG K 65 63.37 4.69 30.07
C ARG K 65 63.32 3.19 29.82
N ALA K 66 62.29 2.68 29.11
CA ALA K 66 62.16 1.25 28.88
C ALA K 66 62.21 0.87 27.40
N LEU K 67 61.37 1.48 26.54
CA LEU K 67 61.30 1.10 25.13
C LEU K 67 62.58 1.39 24.33
N LYS K 68 63.06 2.65 24.33
CA LYS K 68 64.27 3.01 23.57
C LYS K 68 65.48 2.10 23.97
N PRO K 69 65.82 1.89 25.27
CA PRO K 69 66.92 0.96 25.61
C PRO K 69 66.63 -0.49 25.21
N PHE K 70 65.35 -0.92 25.24
CA PHE K 70 64.94 -2.28 24.84
C PHE K 70 65.18 -2.50 23.34
N LEU K 71 64.93 -1.47 22.51
CA LEU K 71 65.11 -1.55 21.07
C LEU K 71 66.59 -1.62 20.67
N GLN K 72 67.48 -1.05 21.52
CA GLN K 72 68.92 -0.99 21.27
C GLN K 72 69.66 -2.23 21.77
N SER K 73 69.24 -2.81 22.90
CA SER K 73 69.95 -3.94 23.50
C SER K 73 69.27 -5.29 23.33
N CYS K 74 68.00 -5.35 22.92
CA CYS K 74 67.33 -6.66 22.86
C CYS K 74 66.86 -7.03 21.44
N HIS K 75 66.72 -8.35 21.22
CA HIS K 75 66.29 -8.90 19.95
C HIS K 75 64.77 -8.96 19.90
N LEU K 76 64.20 -8.46 18.80
CA LEU K 76 62.76 -8.44 18.63
C LEU K 76 62.29 -9.62 17.82
N ARG K 77 61.27 -10.31 18.36
CA ARG K 77 60.58 -11.40 17.69
C ARG K 77 59.90 -10.83 16.47
N LEU K 79 57.14 -10.12 13.64
CA LEU K 79 55.70 -9.85 13.60
C LEU K 79 55.08 -9.64 15.01
N THR K 80 55.91 -9.26 16.01
CA THR K 80 55.46 -8.98 17.38
C THR K 80 55.73 -7.52 17.69
N ASP K 81 54.72 -6.84 18.26
CA ASP K 81 54.76 -5.44 18.65
C ASP K 81 55.90 -5.18 19.66
N PRO K 82 56.81 -4.20 19.37
CA PRO K 82 57.96 -3.95 20.27
C PRO K 82 57.61 -3.48 21.66
N VAL K 83 56.52 -2.67 21.83
CA VAL K 83 56.05 -2.18 23.14
C VAL K 83 55.58 -3.38 23.97
N ASP K 84 54.76 -4.28 23.38
CA ASP K 84 54.24 -5.48 24.05
C ASP K 84 55.38 -6.41 24.47
N GLN K 85 56.47 -6.48 23.67
CA GLN K 85 57.68 -7.26 23.98
C GLN K 85 58.44 -6.64 25.15
N CYS K 86 58.57 -5.31 25.14
CA CYS K 86 59.21 -4.51 26.17
C CYS K 86 58.47 -4.68 27.53
N VAL K 87 57.13 -4.57 27.51
CA VAL K 87 56.25 -4.73 28.67
C VAL K 87 56.38 -6.18 29.20
N ALA K 88 56.30 -7.19 28.30
CA ALA K 88 56.42 -8.61 28.68
C ALA K 88 57.77 -8.88 29.37
N TYR K 89 58.86 -8.28 28.87
CA TYR K 89 60.21 -8.38 29.40
C TYR K 89 60.28 -7.85 30.85
N HIS K 90 59.77 -6.62 31.10
CA HIS K 90 59.77 -6.00 32.42
C HIS K 90 58.81 -6.68 33.38
N LEU K 91 57.71 -7.27 32.87
CA LEU K 91 56.79 -8.03 33.71
C LEU K 91 57.45 -9.34 34.12
N GLY K 92 58.31 -9.88 33.25
CA GLY K 92 59.09 -11.09 33.52
C GLY K 92 60.17 -10.85 34.55
N ARG K 93 60.66 -9.59 34.65
CA ARG K 93 61.66 -9.18 35.64
C ARG K 93 61.03 -9.17 37.04
N VAL K 94 59.69 -8.96 37.14
CA VAL K 94 58.94 -8.99 38.39
C VAL K 94 58.98 -10.44 38.91
N ARG K 95 58.83 -11.41 38.01
CA ARG K 95 58.92 -12.85 38.29
C ARG K 95 60.25 -13.20 38.94
N GLU K 96 61.36 -12.68 38.38
CA GLU K 96 62.74 -12.87 38.87
C GLU K 96 62.99 -12.14 40.19
N SER K 97 62.25 -11.03 40.43
CA SER K 97 62.34 -10.23 41.66
C SER K 97 61.73 -10.99 42.85
N LEU K 98 60.80 -11.94 42.58
CA LEU K 98 60.09 -12.74 43.59
C LEU K 98 60.26 -14.24 43.30
N PRO K 99 61.49 -14.82 43.40
CA PRO K 99 61.66 -16.25 43.05
C PRO K 99 60.97 -17.22 44.02
N GLU K 100 60.74 -16.81 45.27
CA GLU K 100 60.10 -17.64 46.30
C GLU K 100 58.58 -17.78 46.06
N LEU K 101 58.01 -16.94 45.17
CA LEU K 101 56.57 -16.95 44.88
C LEU K 101 56.25 -17.36 43.47
N GLN K 102 55.12 -18.09 43.33
CA GLN K 102 54.57 -18.45 42.04
C GLN K 102 53.55 -17.38 41.73
N ILE K 103 53.88 -16.52 40.77
CA ILE K 103 53.04 -15.38 40.40
C ILE K 103 52.42 -15.60 38.99
N GLU K 104 51.28 -14.94 38.75
CA GLU K 104 50.59 -14.99 37.46
C GLU K 104 50.59 -13.58 36.86
N ILE K 105 50.90 -13.46 35.58
CA ILE K 105 50.96 -12.17 34.90
C ILE K 105 50.04 -12.20 33.68
N ILE K 106 49.11 -11.23 33.61
CA ILE K 106 48.20 -11.07 32.46
C ILE K 106 48.37 -9.65 31.92
N ALA K 107 48.89 -9.54 30.70
CA ALA K 107 49.05 -8.24 30.06
C ALA K 107 47.72 -7.79 29.43
N ASP K 108 47.58 -6.46 29.18
CA ASP K 108 46.37 -5.83 28.61
C ASP K 108 45.97 -6.40 27.23
N TYR K 109 46.98 -6.79 26.41
CA TYR K 109 46.87 -7.24 25.03
C TYR K 109 46.49 -8.73 24.91
N GLU K 110 46.59 -9.49 26.00
CA GLU K 110 46.28 -10.92 26.01
C GLU K 110 44.76 -11.20 25.81
N VAL K 111 44.48 -12.20 24.94
CA VAL K 111 43.14 -12.65 24.58
C VAL K 111 43.05 -14.16 24.67
N HIS K 112 41.84 -14.67 24.93
CA HIS K 112 41.57 -16.11 24.92
C HIS K 112 41.47 -16.58 23.45
N PRO K 113 41.53 -17.91 23.15
CA PRO K 113 41.40 -18.35 21.74
C PRO K 113 40.20 -17.76 20.99
N ASN K 114 39.08 -17.49 21.69
CA ASN K 114 37.86 -16.90 21.13
C ASN K 114 37.97 -15.35 20.96
N ARG K 115 39.19 -14.78 21.11
CA ARG K 115 39.55 -13.36 20.95
C ARG K 115 39.00 -12.43 22.08
N ARG K 116 38.48 -13.00 23.17
CA ARG K 116 38.00 -12.20 24.29
C ARG K 116 39.17 -11.80 25.19
N PRO K 117 39.23 -10.54 25.68
CA PRO K 117 40.34 -10.14 26.58
C PRO K 117 40.37 -10.99 27.85
N LYS K 118 41.55 -11.38 28.30
CA LYS K 118 41.72 -12.18 29.52
C LYS K 118 41.39 -11.32 30.75
N ILE K 119 41.74 -10.02 30.72
CA ILE K 119 41.42 -9.06 31.79
C ILE K 119 40.79 -7.81 31.19
N LEU K 120 39.89 -7.20 31.97
CA LEU K 120 39.27 -5.91 31.67
C LEU K 120 40.08 -4.89 32.47
N ALA K 121 41.14 -4.40 31.81
CA ALA K 121 42.21 -3.52 32.31
C ALA K 121 41.68 -2.27 33.03
N GLN K 122 40.61 -1.67 32.50
CA GLN K 122 40.02 -0.44 33.04
C GLN K 122 39.25 -0.67 34.34
N THR K 123 38.60 -1.84 34.48
CA THR K 123 37.89 -2.20 35.73
C THR K 123 38.96 -2.42 36.82
N ALA K 124 40.10 -3.07 36.46
CA ALA K 124 41.22 -3.30 37.37
C ALA K 124 41.87 -1.98 37.80
N ALA K 125 42.05 -1.02 36.88
CA ALA K 125 42.62 0.31 37.13
C ALA K 125 41.76 1.13 38.08
N HIS K 126 40.42 1.00 37.96
CA HIS K 126 39.45 1.70 38.81
C HIS K 126 39.51 1.16 40.25
N VAL K 127 39.37 -0.18 40.45
CA VAL K 127 39.37 -0.84 41.78
C VAL K 127 40.76 -0.78 42.47
N ALA K 128 41.83 -0.52 41.71
CA ALA K 128 43.18 -0.38 42.26
C ALA K 128 43.46 1.10 42.63
N GLY K 129 42.46 1.98 42.39
CA GLY K 129 42.53 3.42 42.66
C GLY K 129 43.52 4.18 41.79
N ALA K 130 43.94 3.58 40.66
CA ALA K 130 44.94 4.14 39.75
C ALA K 130 44.37 5.24 38.86
N ALA K 131 43.17 5.01 38.29
CA ALA K 131 42.52 5.91 37.35
C ALA K 131 41.05 5.65 37.34
N TYR K 132 40.25 6.74 37.51
CA TYR K 132 38.80 6.66 37.49
C TYR K 132 38.33 6.22 36.09
N TYR K 133 37.50 5.18 36.05
CA TYR K 133 36.96 4.61 34.81
C TYR K 133 35.66 5.31 34.47
N TYR K 134 35.71 6.23 33.49
CA TYR K 134 34.54 6.99 33.05
C TYR K 134 33.79 6.24 31.96
N GLN K 135 32.56 5.90 32.27
CA GLN K 135 31.71 5.11 31.40
C GLN K 135 30.48 5.90 31.02
N ARG K 136 29.80 5.41 30.01
CA ARG K 136 28.56 5.92 29.47
C ARG K 136 27.54 6.20 30.58
N GLN K 137 27.42 5.24 31.54
CA GLN K 137 26.49 5.31 32.66
C GLN K 137 26.87 6.37 33.73
N ASP K 138 28.07 6.99 33.59
CA ASP K 138 28.52 8.06 34.46
C ASP K 138 27.94 9.40 33.92
N VAL K 139 27.19 9.31 32.78
CA VAL K 139 26.49 10.43 32.14
C VAL K 139 24.98 10.16 32.27
N GLU K 140 24.29 11.06 32.99
CA GLU K 140 22.84 10.97 33.19
C GLU K 140 22.13 11.46 31.94
N ALA K 141 20.94 10.91 31.65
CA ALA K 141 20.13 11.23 30.46
C ALA K 141 21.04 11.19 29.23
N ASP K 142 21.75 10.06 29.13
CA ASP K 142 22.72 9.67 28.11
C ASP K 142 22.19 10.10 26.70
N PRO K 143 22.96 10.90 25.93
CA PRO K 143 22.47 11.40 24.64
C PRO K 143 22.84 10.58 23.40
N TRP K 144 23.51 9.43 23.58
CA TRP K 144 24.12 8.73 22.43
C TRP K 144 23.28 7.68 21.65
N GLY K 145 22.24 7.14 22.24
CA GLY K 145 21.39 6.16 21.55
C GLY K 145 22.06 4.82 21.30
N ASN K 146 21.61 4.07 20.25
CA ASN K 146 22.08 2.72 19.99
C ASN K 146 23.37 2.68 19.20
N GLN K 147 24.47 2.96 19.90
CA GLN K 147 25.83 2.95 19.38
C GLN K 147 26.79 2.62 20.51
N ARG K 148 28.00 2.16 20.17
CA ARG K 148 29.00 1.84 21.19
C ARG K 148 29.65 3.12 21.67
N ILE K 149 29.63 3.32 23.00
CA ILE K 149 30.28 4.40 23.69
C ILE K 149 31.20 3.73 24.67
N SER K 150 32.46 3.55 24.27
CA SER K 150 33.49 2.93 25.08
C SER K 150 33.97 3.87 26.20
N GLY K 151 34.22 3.28 27.36
CA GLY K 151 34.70 3.98 28.54
C GLY K 151 36.18 4.28 28.48
N VAL K 152 36.62 5.27 29.30
CA VAL K 152 38.02 5.71 29.36
C VAL K 152 38.42 6.06 30.81
N CYS K 153 39.63 5.61 31.20
CA CYS K 153 40.27 5.88 32.49
C CYS K 153 41.05 7.16 32.40
N ILE K 154 40.97 7.96 33.46
CA ILE K 154 41.70 9.22 33.53
C ILE K 154 42.55 9.18 34.78
N HIS K 155 43.86 9.29 34.59
CA HIS K 155 44.87 9.30 35.64
C HIS K 155 44.90 10.70 36.31
N PRO K 156 44.90 10.79 37.67
CA PRO K 156 44.89 12.13 38.32
C PRO K 156 46.10 13.04 38.01
N ARG K 157 47.24 12.46 37.62
CA ARG K 157 48.45 13.23 37.32
C ARG K 157 48.73 13.34 35.84
N PHE K 158 48.47 12.26 35.07
CA PHE K 158 48.79 12.25 33.65
C PHE K 158 47.58 12.40 32.72
N GLY K 159 46.38 12.52 33.28
CA GLY K 159 45.16 12.58 32.47
C GLY K 159 45.01 11.28 31.70
N GLY K 160 45.05 11.36 30.38
CA GLY K 160 44.97 10.18 29.52
C GLY K 160 46.32 9.79 28.93
N TRP K 161 47.41 10.45 29.38
CA TRP K 161 48.77 10.21 28.90
C TRP K 161 49.43 9.09 29.70
N PHE K 162 48.86 7.90 29.56
CA PHE K 162 49.28 6.65 30.20
C PHE K 162 48.58 5.50 29.46
N ALA K 163 48.97 4.26 29.77
CA ALA K 163 48.32 3.05 29.26
C ALA K 163 48.34 2.00 30.34
N ILE K 164 47.32 1.14 30.41
CA ILE K 164 47.27 0.04 31.38
C ILE K 164 48.05 -1.11 30.72
N ARG K 165 49.03 -1.70 31.44
CA ARG K 165 49.90 -2.70 30.82
C ARG K 165 49.67 -4.14 31.32
N GLY K 166 49.05 -4.29 32.47
CA GLY K 166 48.77 -5.62 32.96
C GLY K 166 48.48 -5.73 34.43
N VAL K 167 48.21 -6.96 34.87
CA VAL K 167 47.97 -7.30 36.26
C VAL K 167 48.96 -8.41 36.68
N VAL K 168 49.50 -8.28 37.90
CA VAL K 168 50.36 -9.24 38.55
C VAL K 168 49.53 -9.86 39.67
N LEU K 169 49.29 -11.16 39.58
CA LEU K 169 48.49 -11.89 40.57
C LEU K 169 49.40 -12.73 41.44
N LEU K 170 49.15 -12.73 42.74
CA LEU K 170 49.96 -13.48 43.71
C LEU K 170 49.09 -14.52 44.44
N PRO K 171 48.78 -15.67 43.79
CA PRO K 171 47.96 -16.71 44.46
C PRO K 171 48.62 -17.22 45.74
N GLY K 172 47.84 -17.34 46.81
CA GLY K 172 48.37 -17.76 48.11
C GLY K 172 48.66 -16.60 49.04
N ILE K 173 48.85 -15.38 48.48
CA ILE K 173 49.05 -14.15 49.24
C ILE K 173 47.67 -13.52 49.40
N GLU K 174 47.05 -13.73 50.57
CA GLU K 174 45.71 -13.23 50.85
C GLU K 174 45.76 -12.05 51.80
N VAL K 175 45.12 -10.95 51.36
CA VAL K 175 45.07 -9.67 52.07
C VAL K 175 43.59 -9.26 52.26
N PRO K 176 42.78 -9.98 53.09
CA PRO K 176 41.35 -9.61 53.23
C PRO K 176 41.09 -8.26 53.87
N ASP K 177 42.09 -7.74 54.59
CA ASP K 177 42.02 -6.46 55.29
C ASP K 177 42.71 -5.33 54.52
N LEU K 178 43.06 -5.56 53.22
CA LEU K 178 43.62 -4.51 52.38
C LEU K 178 42.54 -3.43 52.21
N PRO K 179 42.85 -2.17 52.55
CA PRO K 179 41.79 -1.14 52.48
C PRO K 179 41.54 -0.64 51.06
N PRO K 180 40.25 -0.60 50.64
CA PRO K 180 39.96 -0.08 49.30
C PRO K 180 40.23 1.43 49.21
N ARG K 181 41.01 1.81 48.20
CA ARG K 181 41.26 3.23 47.96
CA ARG K 181 41.37 3.19 47.87
C ARG K 181 40.59 3.60 46.61
N LYS K 182 39.53 4.41 46.74
CA LYS K 182 38.71 4.86 45.62
C LYS K 182 39.51 5.72 44.63
N PRO K 183 39.31 5.56 43.30
CA PRO K 183 40.02 6.43 42.36
C PRO K 183 39.45 7.87 42.41
N HIS K 184 40.28 8.85 42.06
CA HIS K 184 39.91 10.27 42.10
C HIS K 184 39.02 10.67 40.94
N ASP K 185 37.87 11.27 41.24
CA ASP K 185 36.91 11.78 40.26
C ASP K 185 37.39 13.14 39.75
N CYS K 186 38.32 13.08 38.80
CA CYS K 186 39.00 14.20 38.16
C CYS K 186 38.17 14.89 37.09
N VAL K 187 37.15 14.21 36.54
CA VAL K 187 36.26 14.75 35.50
C VAL K 187 34.83 14.65 36.10
N PRO K 188 34.45 15.52 37.06
CA PRO K 188 33.18 15.34 37.76
C PRO K 188 31.90 15.80 37.04
N THR K 189 31.99 16.79 36.14
CA THR K 189 30.76 17.32 35.54
C THR K 189 30.31 16.51 34.33
N ARG K 190 28.99 16.48 34.11
CA ARG K 190 28.30 15.81 33.00
C ARG K 190 28.86 16.29 31.66
N ALA K 191 28.99 17.62 31.48
CA ALA K 191 29.48 18.22 30.22
C ALA K 191 30.91 17.80 29.90
N ASP K 192 31.77 17.73 30.93
CA ASP K 192 33.18 17.34 30.76
C ASP K 192 33.32 15.84 30.52
N ARG K 193 32.43 15.04 31.11
CA ARG K 193 32.37 13.58 30.92
C ARG K 193 31.88 13.24 29.48
N ILE K 194 30.92 14.02 28.95
CA ILE K 194 30.43 13.90 27.57
C ILE K 194 31.56 14.26 26.60
N ALA K 195 32.27 15.40 26.84
CA ALA K 195 33.38 15.86 26.00
C ALA K 195 34.52 14.85 26.00
N LEU K 196 34.79 14.20 27.14
CA LEU K 196 35.83 13.19 27.30
C LEU K 196 35.46 11.92 26.51
N LEU K 197 34.25 11.39 26.74
CA LEU K 197 33.77 10.19 26.09
C LEU K 197 33.66 10.37 24.56
N GLU K 198 33.26 11.56 24.10
CA GLU K 198 33.19 11.82 22.65
C GLU K 198 34.58 12.00 22.04
N GLY K 199 35.50 12.61 22.77
CA GLY K 199 36.88 12.78 22.34
C GLY K 199 37.58 11.45 22.23
N PHE K 200 37.32 10.55 23.19
CA PHE K 200 37.91 9.21 23.21
C PHE K 200 37.31 8.31 22.11
N ASN K 201 35.98 8.27 21.97
CA ASN K 201 35.30 7.42 21.01
C ASN K 201 35.41 7.88 19.56
N PHE K 202 35.32 9.18 19.29
CA PHE K 202 35.30 9.66 17.92
C PHE K 202 36.53 10.46 17.49
N HIS K 203 37.40 10.89 18.41
CA HIS K 203 38.53 11.74 17.97
C HIS K 203 39.83 11.42 18.65
N TRP K 204 39.99 10.17 19.14
CA TRP K 204 41.17 9.77 19.91
C TRP K 204 42.51 10.00 19.20
N ARG K 205 42.54 9.95 17.87
CA ARG K 205 43.80 10.15 17.11
C ARG K 205 44.35 11.57 17.25
N ASP K 206 43.50 12.54 17.66
CA ASP K 206 43.89 13.93 17.82
C ASP K 206 44.51 14.19 19.22
N TRP K 207 44.55 13.16 20.10
CA TRP K 207 45.19 13.14 21.43
C TRP K 207 44.51 13.98 22.52
N THR K 208 43.61 14.89 22.13
CA THR K 208 42.92 15.90 22.95
C THR K 208 42.18 15.35 24.20
N TYR K 209 41.51 14.18 24.10
CA TYR K 209 40.80 13.62 25.27
C TYR K 209 41.74 13.42 26.47
N ARG K 210 43.05 13.22 26.20
CA ARG K 210 44.07 12.93 27.20
C ARG K 210 44.36 14.14 28.10
N ASP K 211 43.94 15.34 27.66
CA ASP K 211 44.08 16.61 28.37
C ASP K 211 42.83 16.94 29.19
N ALA K 212 41.93 15.96 29.42
CA ALA K 212 40.71 16.10 30.22
C ALA K 212 41.01 16.59 31.64
N VAL K 213 42.23 16.32 32.08
CA VAL K 213 42.90 16.75 33.31
C VAL K 213 44.21 17.32 32.83
N THR K 214 44.62 18.50 33.34
CA THR K 214 45.91 19.10 32.96
C THR K 214 47.01 18.12 33.38
N PRO K 215 47.75 17.55 32.41
CA PRO K 215 48.74 16.54 32.77
C PRO K 215 50.05 17.16 33.28
N GLN K 216 50.66 16.47 34.24
CA GLN K 216 51.95 16.87 34.81
C GLN K 216 53.04 16.62 33.75
N GLU K 217 52.77 15.66 32.86
CA GLU K 217 53.63 15.26 31.74
C GLU K 217 52.78 14.61 30.65
N ARG K 218 53.09 14.94 29.40
CA ARG K 218 52.50 14.37 28.19
C ARG K 218 53.52 13.45 27.52
N TYR K 219 53.09 12.70 26.49
CA TYR K 219 54.00 11.94 25.65
C TYR K 219 54.79 12.96 24.85
N SER K 220 56.10 12.72 24.65
CA SER K 220 56.92 13.60 23.82
C SER K 220 56.39 13.57 22.38
N GLU K 221 56.83 14.51 21.53
CA GLU K 221 56.40 14.54 20.13
C GLU K 221 56.88 13.27 19.41
N GLU K 222 58.05 12.73 19.83
CA GLU K 222 58.66 11.51 19.32
C GLU K 222 57.79 10.29 19.71
N GLN K 223 57.36 10.24 20.99
CA GLN K 223 56.50 9.17 21.49
C GLN K 223 55.13 9.20 20.79
N LYS K 224 54.57 10.41 20.56
CA LYS K 224 53.31 10.60 19.86
C LYS K 224 53.44 10.14 18.40
N ALA K 225 54.57 10.46 17.74
CA ALA K 225 54.85 10.07 16.35
C ALA K 225 54.95 8.53 16.23
N TYR K 226 55.54 7.87 17.25
CA TYR K 226 55.66 6.43 17.31
C TYR K 226 54.28 5.78 17.43
N PHE K 227 53.47 6.25 18.40
CA PHE K 227 52.15 5.67 18.64
C PHE K 227 51.12 6.03 17.57
N SER K 228 51.28 7.17 16.83
CA SER K 228 50.38 7.56 15.73
C SER K 228 50.57 6.62 14.55
N THR K 229 51.72 5.94 14.49
CA THR K 229 52.01 4.95 13.45
C THR K 229 51.23 3.67 13.80
N PRO K 230 50.40 3.13 12.86
CA PRO K 230 49.67 1.88 13.16
C PRO K 230 50.65 0.75 13.55
N PRO K 231 50.27 -0.09 14.55
CA PRO K 231 51.18 -1.16 15.02
C PRO K 231 51.82 -2.01 13.91
N ALA K 232 51.08 -2.25 12.81
CA ALA K 232 51.54 -3.02 11.65
C ALA K 232 52.73 -2.35 10.92
N GLN K 233 53.01 -1.04 11.19
CA GLN K 233 54.11 -0.33 10.53
C GLN K 233 55.18 0.16 11.51
N ARG K 234 55.13 -0.27 12.78
CA ARG K 234 56.13 0.10 13.79
C ARG K 234 57.32 -0.89 13.75
N PRO L 7 71.60 -30.78 2.62
CA PRO L 7 73.04 -30.71 2.98
C PRO L 7 73.16 -30.54 4.50
N LYS L 8 73.49 -29.32 4.98
CA LYS L 8 73.49 -28.98 6.42
C LYS L 8 72.07 -28.46 6.73
N VAL L 9 71.22 -28.42 5.68
CA VAL L 9 69.80 -28.07 5.72
C VAL L 9 69.06 -29.36 6.11
N ALA L 10 69.50 -30.53 5.58
CA ALA L 10 69.00 -31.86 5.95
C ALA L 10 69.21 -32.09 7.46
N GLU L 11 70.31 -31.51 8.01
CA GLU L 11 70.68 -31.54 9.41
C GLU L 11 69.66 -30.74 10.22
N LEU L 12 69.27 -29.53 9.78
CA LEU L 12 68.24 -28.69 10.44
C LEU L 12 66.89 -29.38 10.46
N LYS L 13 66.48 -29.93 9.33
CA LYS L 13 65.25 -30.69 9.16
C LYS L 13 65.16 -31.85 10.16
N GLN L 14 66.25 -32.64 10.28
CA GLN L 14 66.33 -33.79 11.17
C GLN L 14 66.21 -33.38 12.66
N LYS L 15 66.86 -32.27 13.04
CA LYS L 15 66.84 -31.74 14.39
C LYS L 15 65.45 -31.31 14.78
N ILE L 16 64.73 -30.58 13.90
CA ILE L 16 63.36 -30.08 14.19
C ILE L 16 62.39 -31.24 14.28
N GLU L 17 62.47 -32.16 13.31
CA GLU L 17 61.66 -33.37 13.22
C GLU L 17 61.83 -34.26 14.44
N ASP L 18 63.08 -34.56 14.84
CA ASP L 18 63.36 -35.47 15.95
C ASP L 18 63.05 -34.88 17.34
N THR L 19 62.92 -33.55 17.42
CA THR L 19 62.44 -32.85 18.62
C THR L 19 60.92 -33.06 18.77
N LEU L 20 60.17 -32.94 17.67
CA LEU L 20 58.72 -32.95 17.70
C LEU L 20 57.99 -34.26 17.35
N CYS L 21 58.48 -35.08 16.37
CA CYS L 21 57.79 -36.31 15.96
CA CYS L 21 57.78 -36.30 15.96
C CYS L 21 57.54 -37.30 17.11
N PRO L 22 58.44 -37.51 18.12
CA PRO L 22 58.08 -38.44 19.20
C PRO L 22 56.90 -37.98 20.09
N PHE L 23 56.50 -36.71 19.93
CA PHE L 23 55.44 -36.09 20.74
C PHE L 23 54.12 -35.91 19.97
N GLY L 24 54.01 -36.54 18.80
CA GLY L 24 52.79 -36.54 17.98
C GLY L 24 52.66 -35.38 17.02
N PHE L 25 53.79 -34.84 16.57
CA PHE L 25 53.80 -33.74 15.60
C PHE L 25 54.40 -34.19 14.28
N GLU L 26 54.15 -33.42 13.22
CA GLU L 26 54.71 -33.62 11.90
C GLU L 26 55.24 -32.29 11.43
N VAL L 27 56.34 -32.31 10.68
CA VAL L 27 57.07 -31.12 10.25
C VAL L 27 57.27 -31.19 8.73
N TYR L 28 56.97 -30.08 8.04
CA TYR L 28 57.05 -30.02 6.58
C TYR L 28 57.78 -28.78 6.12
N PRO L 29 58.85 -28.91 5.31
CA PRO L 29 59.55 -27.70 4.85
C PRO L 29 58.85 -26.98 3.72
N PHE L 30 59.10 -25.69 3.62
CA PHE L 30 58.61 -24.84 2.53
C PHE L 30 59.46 -23.59 2.44
N GLN L 31 59.40 -22.93 1.28
CA GLN L 31 60.04 -21.64 1.06
C GLN L 31 59.02 -20.56 1.38
N VAL L 32 59.44 -19.48 2.03
CA VAL L 32 58.57 -18.32 2.38
C VAL L 32 57.88 -17.79 1.11
N ALA L 33 58.59 -17.78 -0.04
CA ALA L 33 58.10 -17.33 -1.36
C ALA L 33 56.82 -18.03 -1.79
N TRP L 34 56.70 -19.34 -1.53
CA TRP L 34 55.52 -20.15 -1.90
C TRP L 34 54.28 -19.69 -1.15
N TYR L 35 54.46 -19.34 0.12
CA TYR L 35 53.41 -18.84 1.00
C TYR L 35 53.00 -17.42 0.58
N ASN L 36 53.98 -16.52 0.46
CA ASN L 36 53.79 -15.11 0.10
C ASN L 36 53.20 -14.89 -1.28
N GLU L 37 53.56 -15.72 -2.29
CA GLU L 37 53.05 -15.52 -3.67
C GLU L 37 51.56 -15.83 -3.80
N LEU L 38 50.99 -16.59 -2.85
CA LEU L 38 49.57 -16.96 -2.87
C LEU L 38 48.70 -15.95 -2.13
N LEU L 39 49.32 -15.01 -1.41
CA LEU L 39 48.64 -14.07 -0.55
C LEU L 39 48.80 -12.61 -0.93
N PRO L 40 47.82 -11.74 -0.53
CA PRO L 40 48.00 -10.28 -0.73
C PRO L 40 49.13 -9.74 0.15
N PRO L 41 49.81 -8.62 -0.23
CA PRO L 41 50.95 -8.10 0.58
C PRO L 41 50.72 -7.93 2.09
N ALA L 42 49.46 -7.72 2.51
CA ALA L 42 49.08 -7.57 3.93
C ALA L 42 49.55 -8.76 4.79
N PHE L 43 49.38 -9.99 4.25
CA PHE L 43 49.66 -11.27 4.91
C PHE L 43 51.07 -11.80 4.69
N HIS L 44 51.93 -11.06 4.00
CA HIS L 44 53.27 -11.52 3.71
C HIS L 44 54.15 -11.60 4.95
N LEU L 45 55.03 -12.63 4.99
CA LEU L 45 56.04 -12.78 6.03
C LEU L 45 57.21 -11.86 5.64
N PRO L 46 57.71 -10.98 6.53
CA PRO L 46 58.77 -10.05 6.12
C PRO L 46 60.14 -10.73 6.09
N LEU L 47 60.28 -11.68 5.17
CA LEU L 47 61.51 -12.46 4.99
C LEU L 47 61.79 -12.67 3.52
N PRO L 48 63.09 -12.83 3.12
CA PRO L 48 63.38 -13.13 1.70
C PRO L 48 62.70 -14.42 1.25
N GLY L 49 62.23 -14.46 0.00
CA GLY L 49 61.55 -15.59 -0.61
C GLY L 49 62.19 -16.96 -0.36
N PRO L 50 63.51 -17.15 -0.60
CA PRO L 50 64.11 -18.49 -0.42
C PRO L 50 64.29 -18.93 1.03
N THR L 51 63.89 -18.12 2.04
CA THR L 51 64.01 -18.46 3.47
C THR L 51 63.30 -19.77 3.77
N LEU L 52 64.01 -20.66 4.49
CA LEU L 52 63.50 -21.95 4.92
C LEU L 52 62.53 -21.78 6.07
N ALA L 53 61.39 -22.45 5.93
CA ALA L 53 60.35 -22.47 6.95
C ALA L 53 59.84 -23.89 7.11
N PHE L 54 59.27 -24.20 8.28
CA PHE L 54 58.69 -25.50 8.56
C PHE L 54 57.27 -25.34 9.06
N LEU L 55 56.32 -26.10 8.49
CA LEU L 55 54.96 -26.10 8.97
C LEU L 55 54.81 -27.25 9.99
N VAL L 56 54.27 -26.94 11.17
CA VAL L 56 54.10 -27.93 12.25
C VAL L 56 52.61 -28.25 12.41
N LEU L 57 52.29 -29.54 12.43
CA LEU L 57 50.95 -29.99 12.68
C LEU L 57 50.96 -31.01 13.80
N SER L 58 49.84 -31.17 14.50
CA SER L 58 49.69 -32.20 15.54
C SER L 58 48.81 -33.33 14.99
N THR L 59 49.19 -34.57 15.25
CA THR L 59 48.44 -35.76 14.81
C THR L 59 47.57 -36.25 15.98
N PRO L 60 46.71 -37.30 15.82
CA PRO L 60 45.94 -37.80 16.99
C PRO L 60 46.81 -38.25 18.19
N ALA L 61 48.08 -38.63 17.93
CA ALA L 61 49.02 -39.13 18.95
C ALA L 61 49.50 -38.06 19.92
N PHE L 63 47.91 -35.93 21.80
CA PHE L 63 47.12 -35.90 23.04
C PHE L 63 47.73 -36.81 24.13
N ASP L 64 48.03 -38.08 23.79
CA ASP L 64 48.60 -39.05 24.71
C ASP L 64 50.13 -38.89 24.90
N ARG L 65 50.87 -38.53 23.84
CA ARG L 65 52.33 -38.41 23.86
C ARG L 65 52.86 -37.08 24.36
N ALA L 66 52.07 -35.99 24.23
CA ALA L 66 52.51 -34.65 24.63
C ALA L 66 51.60 -34.03 25.69
N LEU L 67 50.28 -33.96 25.45
CA LEU L 67 49.36 -33.25 26.36
C LEU L 67 49.18 -33.94 27.73
N LYS L 68 48.80 -35.23 27.80
CA LYS L 68 48.61 -35.90 29.09
C LYS L 68 49.93 -35.85 29.92
N PRO L 69 51.17 -36.14 29.39
CA PRO L 69 52.38 -35.96 30.24
C PRO L 69 52.60 -34.51 30.70
N PHE L 70 52.22 -33.52 29.84
CA PHE L 70 52.36 -32.09 30.14
C PHE L 70 51.43 -31.67 31.29
N LEU L 71 50.20 -32.21 31.32
CA LEU L 71 49.21 -31.89 32.35
C LEU L 71 49.60 -32.49 33.69
N GLN L 72 50.17 -33.72 33.65
CA GLN L 72 50.60 -34.51 34.79
C GLN L 72 51.72 -33.86 35.59
N SER L 73 52.63 -33.14 34.91
CA SER L 73 53.83 -32.64 35.56
C SER L 73 54.11 -31.15 35.42
N CYS L 74 53.54 -30.47 34.43
CA CYS L 74 53.90 -29.06 34.23
C CYS L 74 52.88 -28.10 34.80
N HIS L 75 53.38 -26.96 35.32
CA HIS L 75 52.54 -25.91 35.89
C HIS L 75 51.80 -25.19 34.78
N LEU L 76 50.49 -25.12 34.89
CA LEU L 76 49.68 -24.44 33.89
C LEU L 76 49.43 -23.02 34.31
N ARG L 77 49.78 -22.08 33.43
CA ARG L 77 49.53 -20.64 33.59
C ARG L 77 48.05 -20.43 33.72
N LEU L 79 44.40 -18.87 33.21
CA LEU L 79 43.59 -18.39 32.08
C LEU L 79 44.25 -18.63 30.70
N THR L 80 45.15 -19.62 30.61
CA THR L 80 45.83 -20.02 29.37
C THR L 80 45.42 -21.45 29.03
N ASP L 81 45.10 -21.67 27.76
CA ASP L 81 44.70 -22.96 27.21
C ASP L 81 45.84 -23.99 27.36
N PRO L 82 45.57 -25.16 27.97
CA PRO L 82 46.64 -26.17 28.19
C PRO L 82 47.28 -26.72 26.91
N VAL L 83 46.51 -26.93 25.83
CA VAL L 83 47.01 -27.42 24.53
C VAL L 83 48.00 -26.38 23.96
N ASP L 84 47.61 -25.09 23.96
CA ASP L 84 48.45 -23.97 23.45
C ASP L 84 49.74 -23.84 24.27
N GLN L 85 49.69 -24.13 25.60
CA GLN L 85 50.87 -24.14 26.49
C GLN L 85 51.78 -25.32 26.17
N CYS L 86 51.19 -26.49 25.94
CA CYS L 86 51.86 -27.73 25.56
C CYS L 86 52.61 -27.54 24.23
N VAL L 87 51.91 -26.99 23.22
CA VAL L 87 52.47 -26.71 21.88
C VAL L 87 53.61 -25.67 22.01
N ALA L 88 53.40 -24.57 22.77
CA ALA L 88 54.43 -23.54 23.03
C ALA L 88 55.70 -24.13 23.66
N TYR L 89 55.53 -25.08 24.58
CA TYR L 89 56.60 -25.78 25.28
C TYR L 89 57.46 -26.59 24.30
N HIS L 90 56.82 -27.40 23.44
CA HIS L 90 57.50 -28.22 22.45
C HIS L 90 58.10 -27.38 21.33
N LEU L 91 57.48 -26.23 21.00
CA LEU L 91 58.03 -25.30 20.00
C LEU L 91 59.27 -24.62 20.58
N GLY L 92 59.33 -24.43 21.90
CA GLY L 92 60.45 -23.88 22.63
C GLY L 92 61.59 -24.87 22.76
N ARG L 93 61.30 -26.17 22.65
CA ARG L 93 62.30 -27.22 22.63
C ARG L 93 63.02 -27.22 21.28
N VAL L 94 62.36 -26.76 20.19
CA VAL L 94 62.95 -26.63 18.83
C VAL L 94 64.03 -25.53 18.91
N ARG L 95 63.73 -24.43 19.62
CA ARG L 95 64.64 -23.33 19.87
C ARG L 95 65.93 -23.83 20.53
N GLU L 96 65.81 -24.72 21.55
CA GLU L 96 66.92 -25.33 22.28
C GLU L 96 67.72 -26.34 21.44
N SER L 97 67.08 -26.97 20.43
CA SER L 97 67.73 -27.91 19.52
C SER L 97 68.60 -27.18 18.50
N LEU L 98 68.37 -25.86 18.31
CA LEU L 98 69.11 -25.03 17.37
C LEU L 98 69.65 -23.77 18.08
N PRO L 99 70.58 -23.91 19.07
CA PRO L 99 71.07 -22.71 19.78
C PRO L 99 71.92 -21.77 18.90
N GLU L 100 72.54 -22.30 17.82
CA GLU L 100 73.39 -21.53 16.90
C GLU L 100 72.57 -20.60 15.99
N LEU L 101 71.25 -20.81 15.93
CA LEU L 101 70.37 -20.03 15.07
C LEU L 101 69.36 -19.22 15.83
N GLN L 102 69.06 -18.02 15.29
CA GLN L 102 67.99 -17.18 15.79
C GLN L 102 66.80 -17.52 14.90
N ILE L 103 65.81 -18.22 15.50
CA ILE L 103 64.65 -18.73 14.79
C ILE L 103 63.40 -17.94 15.23
N GLU L 104 62.39 -17.94 14.36
CA GLU L 104 61.12 -17.29 14.64
C GLU L 104 60.04 -18.35 14.66
N ILE L 105 59.20 -18.32 15.68
CA ILE L 105 58.11 -19.29 15.83
C ILE L 105 56.79 -18.53 15.90
N ILE L 106 55.83 -18.89 15.04
CA ILE L 106 54.48 -18.34 15.03
C ILE L 106 53.49 -19.47 15.16
N ALA L 107 52.76 -19.53 16.26
CA ALA L 107 51.74 -20.55 16.49
C ALA L 107 50.43 -20.14 15.76
N ASP L 108 49.55 -21.11 15.49
CA ASP L 108 48.28 -20.94 14.80
C ASP L 108 47.35 -19.95 15.48
N TYR L 109 47.38 -19.90 16.84
CA TYR L 109 46.51 -19.13 17.72
C TYR L 109 46.95 -17.67 17.88
N GLU L 110 48.18 -17.33 17.50
CA GLU L 110 48.74 -15.99 17.58
C GLU L 110 48.05 -14.98 16.64
N VAL L 111 47.76 -13.79 17.21
CA VAL L 111 47.08 -12.68 16.53
C VAL L 111 47.84 -11.38 16.78
N HIS L 112 47.72 -10.45 15.86
CA HIS L 112 48.29 -9.10 16.00
C HIS L 112 47.38 -8.29 16.98
N PRO L 113 47.82 -7.14 17.55
CA PRO L 113 46.91 -6.36 18.41
C PRO L 113 45.52 -6.08 17.80
N ASN L 114 45.43 -5.94 16.46
CA ASN L 114 44.15 -5.73 15.74
C ASN L 114 43.32 -7.03 15.55
N ARG L 115 43.73 -8.13 16.23
CA ARG L 115 43.11 -9.46 16.28
C ARG L 115 43.22 -10.23 14.95
N ARG L 116 44.06 -9.78 14.03
CA ARG L 116 44.28 -10.50 12.78
C ARG L 116 45.30 -11.61 12.99
N PRO L 117 45.10 -12.83 12.42
CA PRO L 117 46.08 -13.92 12.60
C PRO L 117 47.43 -13.53 12.03
N LYS L 118 48.51 -13.89 12.75
CA LYS L 118 49.87 -13.59 12.31
C LYS L 118 50.22 -14.44 11.07
N ILE L 119 49.75 -15.71 11.03
CA ILE L 119 49.92 -16.61 9.89
C ILE L 119 48.58 -17.22 9.48
N LEU L 120 48.48 -17.53 8.19
CA LEU L 120 47.36 -18.23 7.59
C LEU L 120 47.84 -19.68 7.47
N ALA L 121 47.62 -20.44 8.56
CA ALA L 121 48.04 -21.81 8.83
C ALA L 121 47.75 -22.79 7.69
N GLN L 122 46.57 -22.66 7.07
CA GLN L 122 46.12 -23.55 6.00
C GLN L 122 46.84 -23.30 4.69
N THR L 123 47.18 -22.04 4.37
CA THR L 123 47.95 -21.68 3.16
C THR L 123 49.37 -22.29 3.33
N ALA L 124 49.94 -22.21 4.55
CA ALA L 124 51.25 -22.74 4.88
C ALA L 124 51.25 -24.27 4.76
N ALA L 125 50.17 -24.95 5.25
CA ALA L 125 50.04 -26.41 5.19
C ALA L 125 49.98 -26.91 3.76
N HIS L 126 49.26 -26.17 2.88
CA HIS L 126 49.11 -26.48 1.47
C HIS L 126 50.47 -26.40 0.74
N VAL L 127 51.17 -25.24 0.83
CA VAL L 127 52.47 -25.01 0.14
C VAL L 127 53.59 -25.90 0.72
N ALA L 128 53.42 -26.43 1.94
CA ALA L 128 54.40 -27.32 2.57
C ALA L 128 54.11 -28.79 2.20
N GLY L 129 53.04 -29.02 1.41
CA GLY L 129 52.58 -30.33 0.95
C GLY L 129 52.04 -31.22 2.04
N ALA L 130 51.69 -30.65 3.20
CA ALA L 130 51.20 -31.39 4.36
C ALA L 130 49.75 -31.84 4.24
N ALA L 131 48.88 -30.93 3.79
CA ALA L 131 47.46 -31.18 3.65
C ALA L 131 46.88 -30.23 2.62
N TYR L 132 46.11 -30.79 1.66
CA TYR L 132 45.47 -30.02 0.61
C TYR L 132 44.42 -29.11 1.24
N TYR L 133 44.52 -27.80 0.91
CA TYR L 133 43.61 -26.77 1.41
C TYR L 133 42.39 -26.64 0.47
N TYR L 134 41.27 -27.26 0.87
CA TYR L 134 40.02 -27.22 0.09
C TYR L 134 39.27 -25.96 0.43
N GLN L 135 39.07 -25.13 -0.59
CA GLN L 135 38.42 -23.84 -0.48
C GLN L 135 37.20 -23.80 -1.36
N ARG L 136 36.36 -22.75 -1.21
CA ARG L 136 35.17 -22.66 -2.01
C ARG L 136 35.52 -22.44 -3.51
N GLN L 137 36.74 -21.86 -3.80
CA GLN L 137 37.36 -21.66 -5.13
C GLN L 137 37.41 -22.97 -5.91
N ASP L 138 37.58 -24.10 -5.16
CA ASP L 138 37.76 -25.47 -5.66
C ASP L 138 36.45 -26.17 -6.02
N VAL L 139 35.32 -25.44 -5.94
CA VAL L 139 34.01 -25.94 -6.33
C VAL L 139 33.52 -25.05 -7.50
N GLU L 140 33.40 -25.65 -8.71
CA GLU L 140 32.87 -24.96 -9.88
C GLU L 140 31.38 -24.72 -9.68
N ALA L 141 30.88 -23.59 -10.21
CA ALA L 141 29.47 -23.17 -10.11
C ALA L 141 29.02 -23.26 -8.65
N ASP L 142 29.77 -22.56 -7.80
CA ASP L 142 29.65 -22.39 -6.35
C ASP L 142 28.17 -22.18 -5.96
N PRO L 143 27.56 -23.07 -5.15
CA PRO L 143 26.12 -22.95 -4.82
C PRO L 143 25.75 -22.14 -3.56
N TRP L 144 26.73 -21.59 -2.84
CA TRP L 144 26.49 -21.03 -1.52
C TRP L 144 26.02 -19.57 -1.42
N GLY L 145 26.25 -18.74 -2.45
CA GLY L 145 25.82 -17.34 -2.40
C GLY L 145 26.62 -16.48 -1.43
N ASN L 146 26.01 -15.37 -0.96
CA ASN L 146 26.70 -14.40 -0.12
C ASN L 146 26.70 -14.79 1.36
N GLN L 147 27.59 -15.72 1.67
CA GLN L 147 27.82 -16.24 3.01
C GLN L 147 29.26 -16.69 3.13
N ARG L 148 29.79 -16.78 4.36
CA ARG L 148 31.16 -17.24 4.56
C ARG L 148 31.21 -18.76 4.44
N ILE L 149 32.11 -19.25 3.58
CA ILE L 149 32.38 -20.67 3.38
C ILE L 149 33.85 -20.80 3.60
N SER L 150 34.22 -21.15 4.83
CA SER L 150 35.59 -21.31 5.26
C SER L 150 36.19 -22.60 4.70
N GLY L 151 37.46 -22.51 4.29
CA GLY L 151 38.21 -23.63 3.74
C GLY L 151 38.71 -24.58 4.82
N VAL L 152 39.06 -25.80 4.41
CA VAL L 152 39.52 -26.86 5.30
C VAL L 152 40.61 -27.72 4.62
N CYS L 153 41.68 -28.01 5.38
CA CYS L 153 42.80 -28.87 4.99
C CYS L 153 42.48 -30.31 5.32
N ILE L 154 42.86 -31.21 4.43
CA ILE L 154 42.65 -32.65 4.64
C ILE L 154 44.00 -33.32 4.50
N HIS L 155 44.42 -33.99 5.56
CA HIS L 155 45.66 -34.75 5.66
C HIS L 155 45.49 -36.13 4.94
N PRO L 156 46.47 -36.54 4.09
CA PRO L 156 46.33 -37.84 3.38
C PRO L 156 46.23 -39.10 4.27
N ARG L 157 46.82 -39.08 5.49
CA ARG L 157 46.79 -40.21 6.44
CA ARG L 157 46.79 -40.20 6.45
C ARG L 157 45.71 -40.05 7.51
N PHE L 158 45.49 -38.82 8.02
CA PHE L 158 44.53 -38.58 9.10
C PHE L 158 43.21 -37.89 8.72
N GLY L 159 43.00 -37.60 7.44
CA GLY L 159 41.81 -36.86 7.02
C GLY L 159 41.81 -35.50 7.70
N GLY L 160 40.80 -35.25 8.53
CA GLY L 160 40.70 -34.01 9.29
C GLY L 160 41.07 -34.18 10.76
N TRP L 161 41.57 -35.38 11.13
CA TRP L 161 41.96 -35.72 12.51
C TRP L 161 43.39 -35.28 12.77
N PHE L 162 43.59 -33.97 12.75
CA PHE L 162 44.85 -33.26 12.98
C PHE L 162 44.53 -31.77 13.20
N ALA L 163 45.53 -30.99 13.59
CA ALA L 163 45.43 -29.54 13.74
C ALA L 163 46.76 -28.91 13.33
N ILE L 164 46.72 -27.70 12.73
CA ILE L 164 47.94 -26.99 12.36
C ILE L 164 48.37 -26.23 13.62
N ARG L 165 49.62 -26.36 14.05
CA ARG L 165 50.06 -25.79 15.32
C ARG L 165 51.00 -24.59 15.18
N GLY L 166 51.63 -24.43 14.03
CA GLY L 166 52.51 -23.29 13.84
C GLY L 166 53.50 -23.41 12.71
N VAL L 167 54.30 -22.37 12.54
CA VAL L 167 55.40 -22.29 11.56
C VAL L 167 56.70 -21.93 12.31
N VAL L 168 57.79 -22.57 11.91
CA VAL L 168 59.15 -22.34 12.39
C VAL L 168 59.88 -21.67 11.22
N LEU L 169 60.33 -20.45 11.41
CA LEU L 169 61.05 -19.70 10.38
C LEU L 169 62.52 -19.62 10.75
N LEU L 170 63.36 -19.81 9.74
CA LEU L 170 64.81 -19.82 9.92
C LEU L 170 65.45 -18.69 9.09
N PRO L 171 65.39 -17.41 9.57
CA PRO L 171 66.00 -16.31 8.78
C PRO L 171 67.51 -16.52 8.60
N GLY L 172 67.99 -16.33 7.37
CA GLY L 172 69.40 -16.54 7.05
C GLY L 172 69.67 -17.89 6.40
N ILE L 173 68.74 -18.85 6.56
CA ILE L 173 68.82 -20.17 5.96
C ILE L 173 68.01 -20.08 4.68
N GLU L 174 68.71 -19.94 3.55
CA GLU L 174 68.09 -19.79 2.24
C GLU L 174 68.24 -21.05 1.41
N VAL L 175 67.09 -21.55 0.92
CA VAL L 175 66.97 -22.79 0.14
C VAL L 175 66.23 -22.50 -1.19
N PRO L 176 66.82 -21.70 -2.13
CA PRO L 176 66.10 -21.38 -3.37
C PRO L 176 65.80 -22.56 -4.28
N ASP L 177 66.54 -23.67 -4.11
CA ASP L 177 66.39 -24.86 -4.93
C ASP L 177 65.59 -25.96 -4.21
N LEU L 178 64.90 -25.62 -3.09
CA LEU L 178 64.02 -26.55 -2.38
C LEU L 178 62.87 -26.91 -3.33
N PRO L 179 62.66 -28.21 -3.63
CA PRO L 179 61.64 -28.56 -4.63
C PRO L 179 60.21 -28.50 -4.09
N PRO L 180 59.28 -27.88 -4.85
CA PRO L 180 57.88 -27.80 -4.42
C PRO L 180 57.19 -29.14 -4.44
N ARG L 181 56.71 -29.59 -3.29
CA ARG L 181 55.98 -30.86 -3.18
C ARG L 181 54.50 -30.54 -3.00
N LYS L 182 53.72 -30.76 -4.06
CA LYS L 182 52.30 -30.52 -4.09
C LYS L 182 51.54 -31.39 -3.05
N PRO L 183 50.54 -30.81 -2.34
CA PRO L 183 49.76 -31.65 -1.43
C PRO L 183 48.86 -32.62 -2.23
N HIS L 184 48.54 -33.78 -1.66
CA HIS L 184 47.72 -34.81 -2.29
C HIS L 184 46.26 -34.40 -2.35
N ASP L 185 45.66 -34.43 -3.55
CA ASP L 185 44.26 -34.12 -3.78
C ASP L 185 43.40 -35.36 -3.42
N CYS L 186 43.23 -35.58 -2.13
CA CYS L 186 42.52 -36.68 -1.49
C CYS L 186 41.01 -36.60 -1.64
N VAL L 187 40.44 -35.39 -1.89
CA VAL L 187 39.00 -35.16 -2.05
C VAL L 187 38.86 -34.50 -3.44
N PRO L 188 39.01 -35.30 -4.55
CA PRO L 188 39.04 -34.68 -5.88
C PRO L 188 37.69 -34.31 -6.51
N THR L 189 36.57 -34.95 -6.11
CA THR L 189 35.30 -34.67 -6.78
C THR L 189 34.57 -33.45 -6.18
N ARG L 190 33.79 -32.76 -7.04
CA ARG L 190 32.99 -31.60 -6.68
C ARG L 190 32.00 -31.94 -5.57
N ALA L 191 31.28 -33.07 -5.68
CA ALA L 191 30.28 -33.49 -4.68
C ALA L 191 30.91 -33.74 -3.32
N ASP L 192 32.09 -34.36 -3.29
CA ASP L 192 32.80 -34.67 -2.05
C ASP L 192 33.41 -33.42 -1.41
N ARG L 193 33.84 -32.44 -2.24
CA ARG L 193 34.35 -31.15 -1.82
C ARG L 193 33.22 -30.29 -1.20
N ILE L 194 32.00 -30.38 -1.77
CA ILE L 194 30.80 -29.68 -1.25
C ILE L 194 30.42 -30.30 0.10
N ALA L 195 30.39 -31.65 0.19
CA ALA L 195 30.05 -32.37 1.42
C ALA L 195 31.06 -32.05 2.54
N LEU L 196 32.34 -31.90 2.17
CA LEU L 196 33.44 -31.59 3.10
C LEU L 196 33.29 -30.16 3.63
N LEU L 197 33.14 -29.19 2.72
CA LEU L 197 33.01 -27.77 3.06
C LEU L 197 31.75 -27.51 3.88
N GLU L 198 30.64 -28.20 3.57
CA GLU L 198 29.38 -28.05 4.34
C GLU L 198 29.47 -28.72 5.71
N GLY L 199 30.15 -29.88 5.76
CA GLY L 199 30.40 -30.60 7.00
C GLY L 199 31.26 -29.79 7.94
N PHE L 200 32.29 -29.12 7.42
CA PHE L 200 33.21 -28.28 8.18
C PHE L 200 32.55 -26.96 8.64
N ASN L 201 31.86 -26.26 7.74
CA ASN L 201 31.26 -24.98 8.03
C ASN L 201 30.01 -25.05 8.90
N PHE L 202 29.13 -26.02 8.67
CA PHE L 202 27.86 -26.09 9.38
C PHE L 202 27.72 -27.25 10.36
N HIS L 203 28.61 -28.26 10.36
CA HIS L 203 28.38 -29.40 11.27
C HIS L 203 29.66 -29.92 11.89
N TRP L 204 30.70 -29.08 12.00
CA TRP L 204 32.01 -29.50 12.53
C TRP L 204 31.96 -30.14 13.94
N ARG L 205 30.96 -29.79 14.77
CA ARG L 205 30.86 -30.37 16.12
C ARG L 205 30.52 -31.86 16.10
N ASP L 206 30.03 -32.40 14.96
CA ASP L 206 29.71 -33.82 14.89
C ASP L 206 30.88 -34.65 14.35
N TRP L 207 32.05 -34.01 14.07
CA TRP L 207 33.35 -34.58 13.68
C TRP L 207 33.41 -35.21 12.27
N THR L 208 32.27 -35.48 11.65
CA THR L 208 32.05 -36.18 10.38
C THR L 208 32.95 -35.67 9.22
N TYR L 209 33.14 -34.35 9.06
CA TYR L 209 33.97 -33.83 7.96
C TYR L 209 35.41 -34.41 7.98
N ARG L 210 35.89 -34.81 9.17
CA ARG L 210 37.25 -35.32 9.39
C ARG L 210 37.45 -36.71 8.75
N ASP L 211 36.33 -37.39 8.42
CA ASP L 211 36.31 -38.71 7.78
C ASP L 211 36.18 -38.59 6.26
N ALA L 212 36.42 -37.38 5.68
CA ALA L 212 36.37 -37.12 4.23
C ALA L 212 37.33 -38.05 3.46
N VAL L 213 38.37 -38.52 4.17
CA VAL L 213 39.37 -39.52 3.79
C VAL L 213 39.34 -40.50 4.94
N THR L 214 39.35 -41.82 4.64
CA THR L 214 39.36 -42.85 5.69
C THR L 214 40.66 -42.67 6.48
N PRO L 215 40.56 -42.29 7.77
CA PRO L 215 41.79 -42.02 8.54
C PRO L 215 42.48 -43.29 9.02
N GLN L 216 43.82 -43.25 9.08
CA GLN L 216 44.64 -44.34 9.60
C GLN L 216 44.46 -44.40 11.10
N GLU L 217 44.16 -43.24 11.70
CA GLU L 217 43.92 -43.03 13.12
C GLU L 217 43.02 -41.79 13.31
N ARG L 218 42.08 -41.89 14.26
CA ARG L 218 41.18 -40.84 14.69
C ARG L 218 41.59 -40.41 16.09
N TYR L 219 40.98 -39.33 16.59
CA TYR L 219 41.15 -38.92 17.97
C TYR L 219 40.42 -39.97 18.82
N SER L 220 40.99 -40.37 19.96
CA SER L 220 40.33 -41.31 20.87
C SER L 220 39.03 -40.68 21.39
N GLU L 221 38.15 -41.48 22.02
CA GLU L 221 36.90 -40.96 22.57
C GLU L 221 37.20 -39.94 23.67
N GLU L 222 38.29 -40.16 24.43
CA GLU L 222 38.78 -39.29 25.49
C GLU L 222 39.26 -37.95 24.91
N GLN L 223 40.04 -38.00 23.81
CA GLN L 223 40.55 -36.81 23.11
C GLN L 223 39.38 -36.00 22.52
N LYS L 224 38.37 -36.69 21.95
CA LYS L 224 37.16 -36.06 21.40
C LYS L 224 36.36 -35.37 22.53
N ALA L 225 36.21 -36.05 23.68
CA ALA L 225 35.51 -35.51 24.86
C ALA L 225 36.20 -34.25 25.37
N TYR L 226 37.54 -34.23 25.35
CA TYR L 226 38.34 -33.09 25.75
C TYR L 226 38.10 -31.89 24.78
N PHE L 227 38.21 -32.14 23.46
CA PHE L 227 38.05 -31.07 22.47
C PHE L 227 36.61 -30.64 22.27
N SER L 228 35.61 -31.50 22.58
CA SER L 228 34.18 -31.12 22.49
C SER L 228 33.83 -30.14 23.60
N THR L 229 34.65 -30.09 24.68
CA THR L 229 34.51 -29.17 25.79
C THR L 229 34.99 -27.80 25.32
N PRO L 230 34.17 -26.72 25.47
CA PRO L 230 34.64 -25.39 25.04
C PRO L 230 35.91 -24.99 25.80
N PRO L 231 36.89 -24.35 25.09
CA PRO L 231 38.17 -23.99 25.75
C PRO L 231 38.04 -23.30 27.10
N ALA L 232 37.01 -22.45 27.28
CA ALA L 232 36.72 -21.69 28.50
C ALA L 232 36.40 -22.61 29.69
N GLN L 233 36.09 -23.90 29.42
CA GLN L 233 35.73 -24.90 30.44
C GLN L 233 36.74 -26.04 30.55
N ARG L 234 37.74 -26.04 29.70
CA ARG L 234 38.69 -27.15 29.56
C ARG L 234 39.49 -27.52 30.81
N LEU L 235 39.95 -26.53 31.61
CA LEU L 235 40.73 -26.82 32.81
C LEU L 235 39.94 -27.66 33.84
N ALA L 236 38.60 -27.44 33.92
CA ALA L 236 37.68 -28.23 34.74
C ALA L 236 37.73 -29.71 34.26
N LEU L 237 38.42 -30.55 35.07
CA LEU L 237 38.75 -31.99 34.95
C LEU L 237 40.24 -32.13 34.61
N GLU M 6 57.20 -53.22 24.02
CA GLU M 6 56.15 -52.69 24.88
C GLU M 6 55.86 -51.19 24.54
N PRO M 7 54.58 -50.79 24.31
CA PRO M 7 54.25 -49.42 23.84
C PRO M 7 54.70 -48.23 24.71
N LYS M 8 54.53 -48.27 26.04
CA LYS M 8 54.95 -47.16 26.90
C LYS M 8 56.50 -47.11 27.03
N VAL M 9 57.21 -48.26 26.80
CA VAL M 9 58.67 -48.40 26.86
C VAL M 9 59.32 -47.99 25.49
N ALA M 10 58.66 -48.36 24.39
CA ALA M 10 59.10 -48.01 23.03
C ALA M 10 58.97 -46.50 22.80
N GLU M 11 57.96 -45.87 23.44
CA GLU M 11 57.69 -44.43 23.43
C GLU M 11 58.84 -43.70 24.14
N LEU M 12 59.27 -44.19 25.33
CA LEU M 12 60.42 -43.63 26.10
C LEU M 12 61.71 -43.71 25.30
N LYS M 13 61.98 -44.89 24.69
CA LYS M 13 63.17 -45.12 23.87
C LYS M 13 63.22 -44.12 22.72
N GLN M 14 62.09 -43.95 21.99
CA GLN M 14 61.97 -43.06 20.84
C GLN M 14 62.23 -41.60 21.23
N LYS M 15 61.70 -41.16 22.38
CA LYS M 15 61.86 -39.81 22.91
C LYS M 15 63.31 -39.54 23.22
N ILE M 16 64.03 -40.47 23.86
CA ILE M 16 65.45 -40.27 24.18
C ILE M 16 66.30 -40.27 22.92
N GLU M 17 66.05 -41.29 22.09
CA GLU M 17 66.72 -41.50 20.81
C GLU M 17 66.60 -40.26 19.93
N ASP M 18 65.40 -39.68 19.81
CA ASP M 18 65.14 -38.55 18.92
C ASP M 18 65.62 -37.20 19.50
N THR M 19 65.85 -37.15 20.82
CA THR M 19 66.46 -35.97 21.47
C THR M 19 67.97 -35.96 21.16
N LEU M 20 68.63 -37.13 21.23
CA LEU M 20 70.07 -37.20 21.12
C LEU M 20 70.66 -37.59 19.76
N CYS M 21 70.04 -38.53 18.99
CA CYS M 21 70.60 -39.01 17.71
CA CYS M 21 70.61 -39.02 17.72
C CYS M 21 70.87 -37.88 16.69
N PRO M 22 70.03 -36.80 16.55
CA PRO M 22 70.40 -35.75 15.56
C PRO M 22 71.68 -34.97 15.92
N PHE M 23 72.17 -35.12 17.16
CA PHE M 23 73.32 -34.38 17.67
C PHE M 23 74.58 -35.22 17.75
N GLY M 24 74.56 -36.40 17.12
CA GLY M 24 75.72 -37.28 17.05
C GLY M 24 75.88 -38.25 18.22
N PHE M 25 74.77 -38.61 18.87
CA PHE M 25 74.78 -39.57 19.96
C PHE M 25 74.05 -40.84 19.56
N GLU M 26 74.29 -41.92 20.31
CA GLU M 26 73.64 -43.21 20.15
C GLU M 26 73.18 -43.64 21.52
N VAL M 27 72.03 -44.29 21.59
CA VAL M 27 71.37 -44.67 22.82
C VAL M 27 71.07 -46.18 22.78
N TYR M 28 71.41 -46.88 23.86
CA TYR M 28 71.24 -48.34 23.94
C TYR M 28 70.57 -48.74 25.24
N PRO M 29 69.44 -49.48 25.19
CA PRO M 29 68.79 -49.86 26.45
C PRO M 29 69.48 -51.05 27.12
N PHE M 30 69.32 -51.13 28.43
CA PHE M 30 69.79 -52.26 29.23
C PHE M 30 69.05 -52.29 30.55
N GLN M 31 69.06 -53.44 31.20
CA GLN M 31 68.50 -53.64 32.53
C GLN M 31 69.62 -53.40 33.51
N VAL M 32 69.34 -52.73 34.64
CA VAL M 32 70.31 -52.44 35.70
C VAL M 32 70.96 -53.77 36.18
N ALA M 33 70.17 -54.87 36.25
CA ALA M 33 70.60 -56.22 36.66
C ALA M 33 71.80 -56.73 35.88
N TRP M 34 71.82 -56.48 34.55
CA TRP M 34 72.90 -56.93 33.66
C TRP M 34 74.22 -56.28 34.03
N TYR M 35 74.16 -54.98 34.39
CA TYR M 35 75.32 -54.18 34.80
C TYR M 35 75.81 -54.65 36.17
N ASN M 36 74.89 -54.70 37.15
CA ASN M 36 75.16 -55.08 38.52
C ASN M 36 75.69 -56.50 38.70
N GLU M 37 75.19 -57.48 37.90
CA GLU M 37 75.61 -58.88 38.04
C GLU M 37 77.07 -59.13 37.63
N LEU M 38 77.66 -58.23 36.82
CA LEU M 38 79.05 -58.34 36.35
C LEU M 38 80.03 -57.65 37.28
N LEU M 39 79.53 -56.88 38.25
CA LEU M 39 80.36 -56.06 39.13
C LEU M 39 80.30 -56.42 40.60
N PRO M 40 81.38 -56.10 41.36
CA PRO M 40 81.31 -56.29 42.82
C PRO M 40 80.30 -55.31 43.45
N PRO M 41 79.71 -55.63 44.63
CA PRO M 41 78.69 -54.75 45.22
C PRO M 41 79.04 -53.26 45.33
N ALA M 42 80.33 -52.91 45.45
CA ALA M 42 80.83 -51.53 45.52
C ALA M 42 80.32 -50.65 44.36
N PHE M 43 80.32 -51.21 43.13
CA PHE M 43 79.95 -50.49 41.92
C PHE M 43 78.49 -50.62 41.52
N HIS M 44 77.67 -51.30 42.32
CA HIS M 44 76.25 -51.49 42.01
C HIS M 44 75.44 -50.20 42.01
N LEU M 45 74.47 -50.13 41.09
CA LEU M 45 73.53 -49.03 41.03
C LEU M 45 72.41 -49.36 42.04
N PRO M 46 72.04 -48.43 42.96
CA PRO M 46 71.03 -48.77 43.98
C PRO M 46 69.61 -48.74 43.42
N LEU M 47 69.34 -49.64 42.45
CA LEU M 47 68.04 -49.71 41.78
C LEU M 47 67.62 -51.16 41.59
N PRO M 48 66.29 -51.46 41.54
CA PRO M 48 65.86 -52.85 41.25
C PRO M 48 66.41 -53.33 39.90
N GLY M 49 66.79 -54.60 39.84
CA GLY M 49 67.35 -55.23 38.64
C GLY M 49 66.63 -54.94 37.34
N PRO M 50 65.28 -55.10 37.25
CA PRO M 50 64.59 -54.87 35.96
C PRO M 50 64.48 -53.40 35.54
N THR M 51 65.02 -52.42 36.32
CA THR M 51 64.97 -50.99 35.99
C THR M 51 65.60 -50.72 34.62
N LEU M 52 64.90 -49.94 33.80
CA LEU M 52 65.33 -49.54 32.48
C LEU M 52 66.39 -48.45 32.57
N ALA M 53 67.47 -48.66 31.84
CA ALA M 53 68.58 -47.72 31.74
C ALA M 53 68.98 -47.59 30.26
N PHE M 54 69.64 -46.48 29.93
CA PHE M 54 70.12 -46.23 28.58
C PHE M 54 71.56 -45.81 28.61
N LEU M 55 72.39 -46.45 27.77
CA LEU M 55 73.78 -46.06 27.66
C LEU M 55 73.91 -45.07 26.51
N VAL M 56 74.59 -43.94 26.76
CA VAL M 56 74.75 -42.87 25.76
C VAL M 56 76.22 -42.81 25.33
N LEU M 57 76.44 -42.82 24.04
CA LEU M 57 77.76 -42.67 23.45
C LEU M 57 77.72 -41.57 22.44
N SER M 58 78.86 -40.98 22.16
CA SER M 58 78.99 -39.95 21.12
C SER M 58 79.74 -40.56 19.94
N THR M 59 79.29 -40.24 18.73
CA THR M 59 79.89 -40.73 17.48
C THR M 59 80.80 -39.63 16.93
N PRO M 60 81.58 -39.84 15.83
CA PRO M 60 82.40 -38.73 15.29
C PRO M 60 81.58 -37.47 14.89
N ALA M 61 80.28 -37.64 14.58
CA ALA M 61 79.35 -36.56 14.17
C ALA M 61 79.02 -35.56 15.28
N PHE M 63 80.94 -33.81 17.27
CA PHE M 63 81.79 -32.62 17.21
C PHE M 63 81.17 -31.50 16.34
N ASP M 64 80.77 -31.83 15.11
CA ASP M 64 80.19 -30.87 14.18
C ASP M 64 78.72 -30.57 14.45
N ARG M 65 77.93 -31.57 14.87
CA ARG M 65 76.48 -31.45 15.11
C ARG M 65 76.08 -30.91 16.48
N ALA M 66 76.94 -31.12 17.51
CA ALA M 66 76.61 -30.67 18.86
C ALA M 66 77.64 -29.68 19.40
N LEU M 67 78.93 -30.03 19.41
CA LEU M 67 79.97 -29.19 20.02
C LEU M 67 80.19 -27.85 19.31
N LYS M 68 80.50 -27.84 18.01
CA LYS M 68 80.73 -26.57 17.28
C LYS M 68 79.54 -25.60 17.45
N PRO M 69 78.24 -26.01 17.21
CA PRO M 69 77.13 -25.06 17.45
C PRO M 69 77.03 -24.61 18.90
N PHE M 70 77.49 -25.42 19.85
CA PHE M 70 77.45 -25.13 21.28
C PHE M 70 78.50 -24.08 21.68
N LEU M 71 79.76 -24.28 21.24
CA LEU M 71 80.88 -23.38 21.51
C LEU M 71 80.64 -21.96 21.00
N GLN M 72 79.99 -21.85 19.84
CA GLN M 72 79.77 -20.57 19.18
C GLN M 72 78.48 -19.87 19.63
N SER M 73 77.65 -20.49 20.47
CA SER M 73 76.40 -19.85 20.85
C SER M 73 76.10 -19.85 22.34
N CYS M 74 76.68 -20.79 23.09
CA CYS M 74 76.33 -20.93 24.50
C CYS M 74 77.43 -20.44 25.41
N HIS M 75 77.03 -19.89 26.58
CA HIS M 75 77.93 -19.40 27.60
C HIS M 75 78.61 -20.59 28.26
N LEU M 76 79.93 -20.60 28.19
CA LEU M 76 80.77 -21.62 28.76
C LEU M 76 81.06 -21.31 30.21
N ARG M 77 80.78 -22.26 31.11
CA ARG M 77 81.09 -22.12 32.53
C ARG M 77 82.59 -22.07 32.69
N LEU M 79 86.24 -22.81 34.19
CA LEU M 79 86.98 -23.99 34.64
C LEU M 79 86.20 -25.32 34.43
N THR M 80 85.29 -25.34 33.44
CA THR M 80 84.51 -26.51 33.05
C THR M 80 84.83 -26.85 31.61
N ASP M 81 85.04 -28.14 31.35
CA ASP M 81 85.36 -28.67 30.03
C ASP M 81 84.18 -28.44 29.07
N PRO M 82 84.42 -27.84 27.88
CA PRO M 82 83.32 -27.54 26.94
C PRO M 82 82.55 -28.75 26.42
N VAL M 83 83.23 -29.91 26.17
CA VAL M 83 82.59 -31.14 25.70
C VAL M 83 81.65 -31.66 26.79
N ASP M 84 82.13 -31.72 28.06
CA ASP M 84 81.35 -32.18 29.22
C ASP M 84 80.13 -31.30 29.44
N GLN M 85 80.26 -29.98 29.17
CA GLN M 85 79.17 -28.99 29.25
C GLN M 85 78.14 -29.21 28.13
N CYS M 86 78.63 -29.43 26.90
CA CYS M 86 77.84 -29.73 25.71
C CYS M 86 77.01 -31.00 25.95
N VAL M 87 77.66 -32.06 26.46
CA VAL M 87 77.04 -33.34 26.77
C VAL M 87 76.00 -33.15 27.89
N ALA M 88 76.34 -32.41 28.98
CA ALA M 88 75.42 -32.09 30.09
C ALA M 88 74.17 -31.35 29.58
N TYR M 89 74.34 -30.42 28.63
CA TYR M 89 73.27 -29.66 28.01
C TYR M 89 72.28 -30.60 27.28
N HIS M 90 72.80 -31.51 26.40
CA HIS M 90 71.99 -32.46 25.64
C HIS M 90 71.38 -33.54 26.54
N LEU M 91 72.05 -33.91 27.65
CA LEU M 91 71.51 -34.87 28.62
C LEU M 91 70.36 -34.21 29.37
N GLY M 92 70.47 -32.90 29.59
CA GLY M 92 69.43 -32.08 30.23
C GLY M 92 68.23 -31.93 29.34
N ARG M 93 68.41 -31.98 28.00
CA ARG M 93 67.31 -31.92 27.04
C ARG M 93 66.47 -33.21 27.10
N VAL M 94 67.08 -34.35 27.50
CA VAL M 94 66.41 -35.65 27.70
C VAL M 94 65.42 -35.50 28.85
N ARG M 95 65.85 -34.80 29.92
CA ARG M 95 65.06 -34.45 31.09
C ARG M 95 63.80 -33.71 30.68
N GLU M 96 63.93 -32.72 29.78
CA GLU M 96 62.81 -31.91 29.25
C GLU M 96 61.89 -32.70 28.33
N SER M 97 62.39 -33.76 27.65
CA SER M 97 61.62 -34.62 26.77
C SER M 97 60.71 -35.55 27.58
N LEU M 98 61.03 -35.77 28.87
CA LEU M 98 60.29 -36.63 29.78
C LEU M 98 59.92 -35.87 31.06
N PRO M 99 59.05 -34.82 31.01
CA PRO M 99 58.75 -34.05 32.24
C PRO M 99 57.94 -34.86 33.29
N GLU M 100 57.24 -35.92 32.86
CA GLU M 100 56.41 -36.77 33.72
C GLU M 100 57.26 -37.83 34.46
N LEU M 101 58.56 -37.95 34.12
CA LEU M 101 59.44 -38.91 34.75
C LEU M 101 60.55 -38.27 35.53
N GLN M 102 60.87 -38.85 36.68
CA GLN M 102 62.00 -38.43 37.49
C GLN M 102 63.13 -39.36 37.06
N ILE M 103 64.10 -38.79 36.29
CA ILE M 103 65.18 -39.58 35.72
C ILE M 103 66.50 -39.23 36.39
N GLU M 104 67.43 -40.18 36.34
CA GLU M 104 68.76 -39.99 36.90
C GLU M 104 69.76 -40.04 35.76
N ILE M 105 70.69 -39.10 35.75
CA ILE M 105 71.71 -39.03 34.71
C ILE M 105 73.11 -39.04 35.38
N ILE M 106 73.96 -39.99 34.95
CA ILE M 106 75.34 -40.11 35.42
C ILE M 106 76.26 -40.05 34.20
N ALA M 107 77.04 -39.00 34.10
CA ALA M 107 77.99 -38.86 33.00
C ALA M 107 79.28 -39.67 33.30
N ASP M 108 80.05 -40.00 32.24
CA ASP M 108 81.29 -40.79 32.30
C ASP M 108 82.36 -40.18 33.22
N TYR M 109 82.41 -38.83 33.30
CA TYR M 109 83.41 -38.04 34.01
C TYR M 109 83.11 -37.89 35.52
N GLU M 110 81.87 -38.17 35.94
CA GLU M 110 81.42 -38.05 37.33
C GLU M 110 82.13 -39.02 38.28
N VAL M 111 82.54 -38.48 39.44
CA VAL M 111 83.24 -39.19 40.50
C VAL M 111 82.59 -38.90 41.85
N HIS M 112 82.73 -39.85 42.78
CA HIS M 112 82.28 -39.66 44.16
C HIS M 112 83.33 -38.76 44.90
N PRO M 113 83.01 -38.19 46.09
CA PRO M 113 84.04 -37.40 46.81
C PRO M 113 85.41 -38.11 46.98
N ASN M 114 85.42 -39.46 47.10
CA ASN M 114 86.64 -40.27 47.22
C ASN M 114 87.36 -40.49 45.85
N ARG M 115 86.92 -39.77 44.79
CA ARG M 115 87.45 -39.75 43.42
C ARG M 115 87.18 -41.06 42.64
N ARG M 116 86.31 -41.91 43.14
CA ARG M 116 85.95 -43.14 42.44
C ARG M 116 84.87 -42.84 41.41
N PRO M 117 84.95 -43.43 40.19
CA PRO M 117 83.89 -43.18 39.18
C PRO M 117 82.53 -43.65 39.66
N LYS M 118 81.48 -42.87 39.37
CA LYS M 118 80.12 -43.21 39.77
C LYS M 118 79.61 -44.41 38.94
N ILE M 119 79.98 -44.45 37.66
CA ILE M 119 79.65 -45.56 36.75
C ILE M 119 80.91 -46.06 36.05
N LEU M 120 80.89 -47.34 35.72
CA LEU M 120 81.90 -48.02 34.92
C LEU M 120 81.30 -48.09 33.53
N ALA M 121 81.54 -47.03 32.75
CA ALA M 121 81.02 -46.72 31.42
C ALA M 121 81.16 -47.87 30.42
N GLN M 122 82.30 -48.56 30.45
CA GLN M 122 82.61 -49.67 29.56
C GLN M 122 81.82 -50.93 29.88
N THR M 123 81.56 -51.21 31.17
CA THR M 123 80.71 -52.36 31.56
C THR M 123 79.27 -52.09 31.08
N ALA M 124 78.79 -50.83 31.22
CA ALA M 124 77.46 -50.41 30.77
C ALA M 124 77.34 -50.53 29.23
N ALA M 125 78.39 -50.10 28.47
CA ALA M 125 78.43 -50.16 27.00
C ALA M 125 78.40 -51.61 26.50
N HIS M 126 79.05 -52.53 27.24
CA HIS M 126 79.08 -53.95 26.91
C HIS M 126 77.68 -54.59 27.09
N VAL M 127 77.06 -54.41 28.29
CA VAL M 127 75.76 -55.03 28.61
C VAL M 127 74.60 -54.39 27.80
N ALA M 128 74.80 -53.19 27.27
CA ALA M 128 73.80 -52.51 26.45
C ALA M 128 73.97 -52.90 24.96
N GLY M 129 74.96 -53.75 24.68
CA GLY M 129 75.27 -54.27 23.35
C GLY M 129 75.81 -53.24 22.39
N ALA M 130 76.30 -52.10 22.93
CA ALA M 130 76.79 -50.97 22.15
C ALA M 130 78.20 -51.19 21.60
N ALA M 131 79.10 -51.73 22.44
CA ALA M 131 80.50 -51.93 22.10
C ALA M 131 81.07 -52.99 23.00
N TYR M 132 81.72 -54.00 22.40
CA TYR M 132 82.33 -55.09 23.13
C TYR M 132 83.51 -54.55 23.96
N TYR M 133 83.50 -54.85 25.27
CA TYR M 133 84.52 -54.43 26.20
C TYR M 133 85.67 -55.46 26.26
N TYR M 134 86.78 -55.12 25.58
CA TYR M 134 87.98 -55.97 25.51
C TYR M 134 88.88 -55.65 26.68
N GLN M 135 89.05 -56.66 27.51
CA GLN M 135 89.80 -56.62 28.75
C GLN M 135 90.97 -57.59 28.76
N ARG M 136 91.79 -57.50 29.80
CA ARG M 136 92.95 -58.34 30.04
C ARG M 136 92.58 -59.83 30.09
N GLN M 137 91.57 -60.17 30.90
CA GLN M 137 91.01 -61.51 31.12
C GLN M 137 90.55 -62.17 29.80
N ASP M 138 90.35 -61.36 28.73
CA ASP M 138 89.93 -61.81 27.40
C ASP M 138 91.13 -62.30 26.58
N VAL M 139 92.35 -62.27 27.17
CA VAL M 139 93.59 -62.72 26.56
C VAL M 139 94.15 -63.88 27.40
N GLU M 140 94.18 -65.09 26.82
CA GLU M 140 94.70 -66.32 27.43
C GLU M 140 96.22 -66.20 27.51
N ALA M 141 96.84 -66.82 28.54
CA ALA M 141 98.29 -66.82 28.79
C ALA M 141 98.85 -65.39 28.60
N ASP M 142 98.26 -64.48 29.38
CA ASP M 142 98.49 -63.05 29.51
C ASP M 142 100.01 -62.72 29.54
N PRO M 143 100.52 -61.90 28.58
CA PRO M 143 101.97 -61.61 28.55
C PRO M 143 102.46 -60.37 29.32
N TRP M 144 101.60 -59.66 30.07
CA TRP M 144 101.98 -58.36 30.60
C TRP M 144 102.54 -58.27 32.03
N GLY M 145 102.37 -59.27 32.86
CA GLY M 145 102.92 -59.22 34.21
C GLY M 145 102.24 -58.23 35.14
N ASN M 146 102.95 -57.80 36.21
CA ASN M 146 102.39 -56.90 37.22
C ASN M 146 102.43 -55.43 36.80
N GLN M 147 101.48 -55.09 35.95
CA GLN M 147 101.27 -53.74 35.43
C GLN M 147 99.79 -53.58 35.09
N ARG M 148 99.32 -52.32 35.04
CA ARG M 148 97.94 -52.02 34.68
C ARG M 148 97.77 -52.16 33.17
N ILE M 149 96.80 -52.97 32.77
CA ILE M 149 96.39 -53.17 31.38
C ILE M 149 94.92 -52.84 31.38
N SER M 150 94.61 -51.59 31.04
CA SER M 150 93.25 -51.09 30.99
C SER M 150 92.49 -51.61 29.77
N GLY M 151 91.22 -51.94 29.98
CA GLY M 151 90.34 -52.43 28.93
C GLY M 151 89.84 -51.33 28.01
N VAL M 152 89.36 -51.73 26.81
CA VAL M 152 88.86 -50.82 25.78
C VAL M 152 87.67 -51.44 25.02
N CYS M 153 86.64 -50.60 24.79
CA CYS M 153 85.43 -50.92 24.02
C CYS M 153 85.65 -50.62 22.56
N ILE M 154 85.13 -51.50 21.71
CA ILE M 154 85.23 -51.32 20.26
C ILE M 154 83.83 -51.35 19.68
N HIS M 155 83.44 -50.26 19.03
CA HIS M 155 82.14 -50.05 18.38
C HIS M 155 82.14 -50.80 17.02
N PRO M 156 81.08 -51.56 16.69
CA PRO M 156 81.09 -52.33 15.41
C PRO M 156 81.18 -51.47 14.12
N ARG M 157 80.78 -50.18 14.17
CA ARG M 157 80.81 -49.23 13.05
C ARG M 157 81.97 -48.26 13.09
N PHE M 158 82.27 -47.74 14.29
CA PHE M 158 83.27 -46.68 14.44
C PHE M 158 84.59 -47.15 15.03
N GLY M 159 84.70 -48.44 15.36
CA GLY M 159 85.90 -48.96 15.99
C GLY M 159 86.05 -48.29 17.34
N GLY M 160 87.13 -47.54 17.54
CA GLY M 160 87.38 -46.76 18.76
C GLY M 160 87.09 -45.27 18.60
N TRP M 161 86.56 -44.86 17.41
CA TRP M 161 86.23 -43.47 17.10
C TRP M 161 84.86 -43.11 17.63
N PHE M 162 84.76 -43.12 18.94
CA PHE M 162 83.57 -42.81 19.74
C PHE M 162 84.01 -42.60 21.20
N ALA M 163 83.11 -42.13 22.05
CA ALA M 163 83.34 -42.01 23.47
C ALA M 163 82.04 -42.34 24.21
N ILE M 164 82.13 -42.92 25.41
CA ILE M 164 80.95 -43.20 26.24
C ILE M 164 80.67 -41.90 27.01
N ARG M 165 79.44 -41.41 26.98
CA ARG M 165 79.14 -40.11 27.58
C ARG M 165 78.30 -40.17 28.87
N GLY M 166 77.59 -41.26 29.07
CA GLY M 166 76.81 -41.42 30.29
C GLY M 166 75.73 -42.46 30.23
N VAL M 167 75.02 -42.58 31.35
CA VAL M 167 73.88 -43.47 31.51
C VAL M 167 72.66 -42.63 31.97
N VAL M 168 71.48 -42.97 31.43
CA VAL M 168 70.20 -42.40 31.77
C VAL M 168 69.44 -43.52 32.48
N LEU M 169 69.09 -43.30 33.73
CA LEU M 169 68.37 -44.31 34.52
C LEU M 169 66.96 -43.85 34.70
N LEU M 170 66.01 -44.76 34.50
CA LEU M 170 64.59 -44.44 34.60
C LEU M 170 63.97 -45.24 35.79
N PRO M 171 64.19 -44.78 37.06
CA PRO M 171 63.59 -45.51 38.20
C PRO M 171 62.07 -45.56 38.12
N GLY M 172 61.52 -46.73 38.38
CA GLY M 172 60.09 -46.97 38.33
C GLY M 172 59.65 -47.63 37.03
N ILE M 173 60.49 -47.51 35.98
CA ILE M 173 60.25 -48.13 34.67
C ILE M 173 60.97 -49.47 34.70
N GLU M 174 60.21 -50.55 34.90
CA GLU M 174 60.77 -51.89 35.00
C GLU M 174 60.45 -52.71 33.77
N VAL M 175 61.50 -53.27 33.16
CA VAL M 175 61.44 -54.04 31.91
C VAL M 175 62.08 -55.44 32.15
N PRO M 176 61.49 -56.33 32.99
CA PRO M 176 62.14 -57.62 33.27
C PRO M 176 62.27 -58.55 32.05
N ASP M 177 61.47 -58.30 31.01
CA ASP M 177 61.45 -59.10 29.79
C ASP M 177 62.22 -58.44 28.65
N LEU M 178 63.01 -57.37 28.95
CA LEU M 178 63.89 -56.74 27.96
C LEU M 178 64.93 -57.79 27.51
N PRO M 179 65.03 -58.09 26.20
CA PRO M 179 65.95 -59.17 25.78
C PRO M 179 67.41 -58.72 25.74
N PRO M 180 68.33 -59.50 26.36
CA PRO M 180 69.75 -59.13 26.28
C PRO M 180 70.29 -59.26 24.87
N ARG M 181 70.87 -58.17 24.37
CA ARG M 181 71.50 -58.10 23.06
C ARG M 181 73.01 -58.06 23.31
N LYS M 182 73.69 -59.17 23.01
CA LYS M 182 75.13 -59.30 23.23
C LYS M 182 75.90 -58.36 22.30
N PRO M 183 77.00 -57.71 22.78
CA PRO M 183 77.79 -56.87 21.88
C PRO M 183 78.54 -57.72 20.85
N HIS M 184 78.80 -57.16 19.67
CA HIS M 184 79.51 -57.82 18.59
C HIS M 184 80.98 -58.00 18.90
N ASP M 185 81.47 -59.25 18.87
CA ASP M 185 82.87 -59.58 19.07
C ASP M 185 83.60 -59.32 17.76
N CYS M 186 83.92 -58.05 17.50
CA CYS M 186 84.60 -57.50 16.33
C CYS M 186 86.10 -57.77 16.32
N VAL M 187 86.69 -58.02 17.50
CA VAL M 187 88.14 -58.30 17.66
C VAL M 187 88.22 -59.68 18.34
N PRO M 188 87.93 -60.79 17.60
CA PRO M 188 87.83 -62.10 18.27
C PRO M 188 89.15 -62.82 18.56
N THR M 189 90.22 -62.55 17.79
CA THR M 189 91.48 -63.30 17.99
C THR M 189 92.35 -62.72 19.11
N ARG M 190 93.11 -63.62 19.75
CA ARG M 190 94.05 -63.31 20.83
C ARG M 190 95.09 -62.27 20.37
N ALA M 191 95.70 -62.47 19.18
CA ALA M 191 96.73 -61.58 18.65
C ALA M 191 96.20 -60.17 18.39
N ASP M 192 94.97 -60.06 17.88
CA ASP M 192 94.34 -58.78 17.59
C ASP M 192 93.89 -58.07 18.88
N ARG M 193 93.49 -58.84 19.91
CA ARG M 193 93.11 -58.35 21.24
C ARG M 193 94.36 -57.80 21.98
N ILE M 194 95.51 -58.45 21.81
CA ILE M 194 96.81 -58.02 22.36
C ILE M 194 97.23 -56.72 21.67
N ALA M 195 97.15 -56.66 20.33
CA ALA M 195 97.51 -55.46 19.54
C ALA M 195 96.63 -54.25 19.92
N LEU M 196 95.34 -54.51 20.19
CA LEU M 196 94.35 -53.50 20.57
C LEU M 196 94.66 -52.97 21.98
N LEU M 197 94.83 -53.89 22.97
CA LEU M 197 95.10 -53.53 24.35
C LEU M 197 96.44 -52.82 24.49
N GLU M 198 97.45 -53.20 23.72
CA GLU M 198 98.77 -52.53 23.75
C GLU M 198 98.70 -51.17 23.06
N GLY M 199 97.92 -51.08 21.99
CA GLY M 199 97.70 -49.83 21.27
C GLY M 199 97.00 -48.80 22.14
N PHE M 200 96.02 -49.26 22.92
CA PHE M 200 95.22 -48.42 23.84
C PHE M 200 96.03 -48.00 25.07
N ASN M 201 96.72 -48.95 25.71
CA ASN M 201 97.46 -48.70 26.94
C ASN M 201 98.76 -47.94 26.73
N PHE M 202 99.53 -48.24 25.68
CA PHE M 202 100.83 -47.63 25.48
C PHE M 202 100.94 -46.65 24.30
N HIS M 203 99.97 -46.60 23.39
CA HIS M 203 100.15 -45.70 22.23
C HIS M 203 98.89 -44.96 21.83
N TRP M 204 97.93 -44.79 22.77
CA TRP M 204 96.64 -44.17 22.46
C TRP M 204 96.73 -42.76 21.80
N ARG M 205 97.80 -42.01 22.05
CA ARG M 205 97.98 -40.66 21.48
C ARG M 205 98.19 -40.70 19.96
N ASP M 206 98.52 -41.86 19.38
CA ASP M 206 98.68 -41.96 17.94
C ASP M 206 97.38 -42.42 17.24
N TRP M 207 96.27 -42.62 18.02
CA TRP M 207 94.90 -42.96 17.59
C TRP M 207 94.70 -44.34 16.93
N THR M 208 95.78 -45.05 16.59
CA THR M 208 95.85 -46.33 15.88
C THR M 208 94.93 -47.41 16.46
N TYR M 209 94.80 -47.53 17.79
CA TYR M 209 93.94 -48.58 18.39
C TYR M 209 92.47 -48.44 17.93
N ARG M 210 92.04 -47.22 17.56
CA ARG M 210 90.68 -46.90 17.14
C ARG M 210 90.33 -47.53 15.79
N ASP M 211 91.36 -47.94 15.02
CA ASP M 211 91.23 -48.59 13.71
C ASP M 211 91.26 -50.12 13.84
N ALA M 212 91.08 -50.67 15.07
CA ALA M 212 91.05 -52.12 15.33
C ALA M 212 89.97 -52.84 14.48
N VAL M 213 88.95 -52.06 14.09
CA VAL M 213 87.84 -52.35 13.19
C VAL M 213 87.85 -51.20 12.20
N THR M 214 87.72 -51.49 10.90
CA THR M 214 87.70 -50.43 9.88
C THR M 214 86.47 -49.55 10.16
N PRO M 215 86.70 -48.27 10.52
CA PRO M 215 85.57 -47.40 10.86
C PRO M 215 84.85 -46.85 9.64
N GLN M 216 83.52 -46.74 9.74
CA GLN M 216 82.71 -46.15 8.67
C GLN M 216 82.94 -44.65 8.63
N GLU M 217 83.39 -44.10 9.76
CA GLU M 217 83.74 -42.70 9.95
C GLU M 217 84.75 -42.57 11.10
N ARG M 218 85.75 -41.69 10.91
CA ARG M 218 86.76 -41.31 11.90
C ARG M 218 86.51 -39.90 12.34
N TYR M 219 87.20 -39.44 13.38
CA TYR M 219 87.18 -38.05 13.79
C TYR M 219 87.89 -37.25 12.71
N SER M 220 87.36 -36.07 12.32
CA SER M 220 88.01 -35.22 11.34
C SER M 220 89.37 -34.77 11.88
N GLU M 221 90.24 -34.20 11.02
CA GLU M 221 91.56 -33.73 11.47
C GLU M 221 91.41 -32.61 12.49
N GLU M 222 90.34 -31.80 12.34
CA GLU M 222 89.98 -30.70 13.24
C GLU M 222 89.56 -31.24 14.60
N GLN M 223 88.71 -32.30 14.61
CA GLN M 223 88.25 -32.96 15.83
C GLN M 223 89.44 -33.62 16.57
N LYS M 224 90.35 -34.25 15.81
CA LYS M 224 91.56 -34.88 16.35
C LYS M 224 92.48 -33.84 16.98
N ALA M 225 92.63 -32.67 16.32
CA ALA M 225 93.46 -31.53 16.80
C ALA M 225 92.89 -30.97 18.09
N TYR M 226 91.55 -30.90 18.19
CA TYR M 226 90.84 -30.44 19.37
C TYR M 226 91.09 -31.41 20.55
N PHE M 227 90.89 -32.71 20.33
CA PHE M 227 91.04 -33.70 21.40
C PHE M 227 92.51 -33.97 21.77
N SER M 228 93.48 -33.73 20.86
CA SER M 228 94.92 -33.88 21.17
C SER M 228 95.37 -32.78 22.15
N THR M 229 94.62 -31.68 22.21
CA THR M 229 94.85 -30.56 23.11
C THR M 229 94.43 -30.98 24.52
N PRO M 230 95.32 -30.83 25.54
CA PRO M 230 94.94 -31.21 26.91
C PRO M 230 93.71 -30.44 27.39
N PRO M 231 92.79 -31.12 28.12
CA PRO M 231 91.54 -30.46 28.56
C PRO M 231 91.73 -29.11 29.24
N ALA M 232 92.83 -28.92 29.99
CA ALA M 232 93.13 -27.67 30.69
C ALA M 232 93.38 -26.47 29.72
N GLN M 233 93.70 -26.75 28.44
CA GLN M 233 93.98 -25.73 27.42
C GLN M 233 92.91 -25.68 26.31
N ARG M 234 91.78 -26.36 26.49
CA ARG M 234 90.75 -26.43 25.46
C ARG M 234 89.95 -25.14 25.27
N LEU M 235 89.59 -24.42 26.38
CA LEU M 235 88.88 -23.13 26.28
C LEU M 235 89.76 -22.16 25.42
N ALA M 236 91.09 -22.16 25.67
CA ALA M 236 92.09 -21.38 24.93
C ALA M 236 92.17 -21.82 23.48
N LYS N 8 79.14 -0.81 46.40
CA LYS N 8 78.74 -1.95 45.57
C LYS N 8 79.06 -3.26 46.28
N VAL N 9 80.27 -3.38 46.89
CA VAL N 9 80.76 -4.57 47.63
C VAL N 9 79.82 -4.87 48.79
N ALA N 10 79.44 -3.83 49.57
CA ALA N 10 78.58 -3.96 50.74
C ALA N 10 77.17 -4.35 50.33
N GLU N 11 76.71 -3.86 49.17
CA GLU N 11 75.38 -4.14 48.63
C GLU N 11 75.32 -5.61 48.15
N LEU N 12 76.36 -6.04 47.42
CA LEU N 12 76.46 -7.42 46.90
C LEU N 12 76.60 -8.41 48.05
N LYS N 13 77.44 -8.07 49.06
CA LYS N 13 77.67 -8.86 50.25
C LYS N 13 76.38 -9.09 51.01
N GLN N 14 75.57 -8.02 51.21
CA GLN N 14 74.28 -8.05 51.91
C GLN N 14 73.29 -8.98 51.19
N LYS N 15 73.22 -8.90 49.85
CA LYS N 15 72.33 -9.75 49.05
C LYS N 15 72.71 -11.23 49.20
N ILE N 16 74.03 -11.55 49.18
CA ILE N 16 74.54 -12.93 49.32
C ILE N 16 74.31 -13.39 50.78
N GLU N 17 74.56 -12.50 51.78
CA GLU N 17 74.34 -12.80 53.20
C GLU N 17 72.86 -13.05 53.53
N ASP N 18 71.95 -12.22 52.97
CA ASP N 18 70.51 -12.41 53.19
C ASP N 18 70.05 -13.74 52.63
N THR N 19 70.68 -14.21 51.54
CA THR N 19 70.40 -15.50 50.93
C THR N 19 70.96 -16.67 51.76
N LEU N 20 72.25 -16.58 52.18
CA LEU N 20 72.94 -17.71 52.81
C LEU N 20 73.01 -17.73 54.33
N CYS N 21 73.20 -16.58 55.01
CA CYS N 21 73.37 -16.55 56.47
C CYS N 21 72.19 -17.19 57.24
N PRO N 22 70.89 -17.07 56.85
CA PRO N 22 69.83 -17.77 57.61
C PRO N 22 69.93 -19.29 57.56
N PHE N 23 70.74 -19.83 56.64
CA PHE N 23 70.88 -21.27 56.43
C PHE N 23 72.19 -21.85 56.99
N GLY N 24 72.91 -21.08 57.83
CA GLY N 24 74.12 -21.54 58.49
C GLY N 24 75.41 -21.34 57.73
N PHE N 25 75.45 -20.34 56.83
CA PHE N 25 76.64 -20.03 56.05
C PHE N 25 77.21 -18.69 56.42
N GLU N 26 78.49 -18.46 56.07
CA GLU N 26 79.22 -17.22 56.25
C GLU N 26 79.86 -16.87 54.93
N VAL N 27 79.94 -15.58 54.61
CA VAL N 27 80.41 -15.07 53.33
C VAL N 27 81.52 -14.04 53.56
N TYR N 28 82.64 -14.18 52.83
CA TYR N 28 83.81 -13.32 52.99
C TYR N 28 84.31 -12.84 51.64
N PRO N 29 84.43 -11.50 51.42
CA PRO N 29 84.92 -11.03 50.12
C PRO N 29 86.44 -11.12 50.00
N PHE N 30 86.91 -11.22 48.76
CA PHE N 30 88.33 -11.19 48.44
C PHE N 30 88.49 -10.83 46.98
N GLN N 31 89.70 -10.40 46.62
CA GLN N 31 90.09 -10.13 45.25
C GLN N 31 90.73 -11.39 44.69
N VAL N 32 90.44 -11.73 43.43
CA VAL N 32 91.02 -12.92 42.75
C VAL N 32 92.57 -12.86 42.82
N ALA N 33 93.17 -11.65 42.69
CA ALA N 33 94.61 -11.38 42.75
C ALA N 33 95.27 -11.94 44.02
N TRP N 34 94.61 -11.82 45.18
CA TRP N 34 95.13 -12.29 46.48
C TRP N 34 95.31 -13.80 46.48
N TYR N 35 94.35 -14.51 45.88
CA TYR N 35 94.32 -15.95 45.75
C TYR N 35 95.42 -16.39 44.77
N ASN N 36 95.41 -15.82 43.56
CA ASN N 36 96.33 -16.14 42.48
C ASN N 36 97.79 -15.84 42.78
N GLU N 37 98.09 -14.76 43.53
CA GLU N 37 99.49 -14.40 43.84
C GLU N 37 100.18 -15.40 44.76
N LEU N 38 99.41 -16.16 45.56
CA LEU N 38 99.93 -17.16 46.50
C LEU N 38 100.13 -18.53 45.88
N LEU N 39 99.62 -18.73 44.66
CA LEU N 39 99.60 -20.03 44.00
C LEU N 39 100.40 -20.08 42.71
N PRO N 40 100.90 -21.29 42.34
CA PRO N 40 101.54 -21.45 41.03
C PRO N 40 100.49 -21.28 39.90
N PRO N 41 100.92 -20.84 38.68
CA PRO N 41 99.95 -20.60 37.58
C PRO N 41 98.91 -21.71 37.31
N ALA N 42 99.24 -22.97 37.61
CA ALA N 42 98.34 -24.11 37.43
C ALA N 42 96.98 -23.91 38.13
N PHE N 43 96.99 -23.35 39.36
CA PHE N 43 95.80 -23.18 40.17
C PHE N 43 95.12 -21.83 40.03
N HIS N 44 95.61 -20.97 39.12
CA HIS N 44 95.04 -19.63 38.95
C HIS N 44 93.63 -19.64 38.39
N LEU N 45 92.80 -18.71 38.87
CA LEU N 45 91.46 -18.47 38.38
C LEU N 45 91.60 -17.59 37.13
N PRO N 46 90.98 -17.96 35.98
CA PRO N 46 91.18 -17.17 34.75
C PRO N 46 90.32 -15.89 34.74
N LEU N 47 90.60 -14.99 35.71
CA LEU N 47 89.88 -13.74 35.88
C LEU N 47 90.84 -12.60 36.19
N PRO N 48 90.51 -11.33 35.81
CA PRO N 48 91.38 -10.20 36.18
C PRO N 48 91.55 -10.11 37.70
N GLY N 49 92.74 -9.75 38.15
CA GLY N 49 93.09 -9.62 39.56
C GLY N 49 92.07 -8.90 40.45
N PRO N 50 91.59 -7.68 40.08
CA PRO N 50 90.64 -6.96 40.94
C PRO N 50 89.22 -7.54 41.00
N THR N 51 88.92 -8.65 40.30
CA THR N 51 87.59 -9.28 40.28
C THR N 51 87.16 -9.65 41.71
N LEU N 52 85.91 -9.28 42.04
CA LEU N 52 85.29 -9.57 43.33
C LEU N 52 84.89 -11.03 43.40
N ALA N 53 85.25 -11.67 44.52
CA ALA N 53 84.93 -13.05 44.81
C ALA N 53 84.48 -13.15 46.25
N PHE N 54 83.73 -14.20 46.56
CA PHE N 54 83.22 -14.46 47.90
C PHE N 54 83.52 -15.89 48.33
N LEU N 55 84.12 -16.05 49.50
CA LEU N 55 84.36 -17.38 50.04
C LEU N 55 83.17 -17.76 50.93
N VAL N 56 82.64 -18.96 50.72
CA VAL N 56 81.49 -19.46 51.47
C VAL N 56 81.92 -20.59 52.43
N LEU N 57 81.53 -20.40 53.72
CA LEU N 57 81.76 -21.35 54.82
C LEU N 57 80.47 -21.85 55.37
N SER N 58 80.44 -23.09 55.82
CA SER N 58 79.27 -23.57 56.56
C SER N 58 79.67 -23.65 58.05
N THR N 59 78.77 -23.21 58.91
CA THR N 59 79.00 -23.19 60.35
C THR N 59 78.32 -24.43 60.94
N PRO N 60 78.44 -24.71 62.27
CA PRO N 60 77.70 -25.86 62.83
C PRO N 60 76.18 -25.83 62.61
N ALA N 61 75.60 -24.63 62.41
CA ALA N 61 74.15 -24.39 62.25
C ALA N 61 73.58 -24.83 60.89
N PHE N 63 73.71 -27.70 59.36
CA PHE N 63 73.14 -29.04 59.43
C PHE N 63 71.63 -28.98 59.75
N ASP N 64 71.26 -28.23 60.80
CA ASP N 64 69.86 -28.07 61.25
C ASP N 64 69.08 -27.08 60.42
N ARG N 65 69.71 -25.99 59.97
CA ARG N 65 69.03 -24.92 59.23
C ARG N 65 68.93 -25.14 57.72
N ALA N 66 69.87 -25.92 57.14
CA ALA N 66 69.86 -26.15 55.70
C ALA N 66 69.70 -27.62 55.34
N LEU N 67 70.56 -28.52 55.88
CA LEU N 67 70.51 -29.94 55.50
C LEU N 67 69.22 -30.67 55.92
N LYS N 68 68.85 -30.65 57.21
CA LYS N 68 67.64 -31.35 57.69
C LYS N 68 66.39 -30.88 56.90
N PRO N 69 66.11 -29.55 56.71
CA PRO N 69 64.95 -29.17 55.88
C PRO N 69 65.06 -29.59 54.42
N PHE N 70 66.30 -29.63 53.87
CA PHE N 70 66.56 -30.06 52.48
C PHE N 70 66.22 -31.54 52.29
N LEU N 71 66.53 -32.38 53.30
CA LEU N 71 66.26 -33.82 53.25
C LEU N 71 64.76 -34.12 53.33
N GLN N 72 63.97 -33.24 54.00
CA GLN N 72 62.54 -33.39 54.22
C GLN N 72 61.68 -32.81 53.12
N SER N 73 62.23 -31.94 52.26
CA SER N 73 61.43 -31.30 51.23
C SER N 73 61.91 -31.54 49.81
N CYS N 74 63.20 -31.80 49.64
CA CYS N 74 63.73 -31.90 48.29
C CYS N 74 64.06 -33.32 47.85
N HIS N 75 64.01 -33.54 46.52
CA HIS N 75 64.34 -34.81 45.89
C HIS N 75 65.85 -34.93 45.81
N LEU N 76 66.37 -36.05 46.29
CA LEU N 76 67.80 -36.31 46.27
C LEU N 76 68.19 -37.06 45.02
N ARG N 77 69.20 -36.55 44.30
CA ARG N 77 69.78 -37.20 43.13
C ARG N 77 70.47 -38.46 43.57
N LEU N 79 73.21 -41.38 43.87
CA LEU N 79 74.68 -41.48 43.99
C LEU N 79 75.35 -40.11 44.18
N THR N 80 74.60 -39.11 44.69
CA THR N 80 75.11 -37.77 44.97
C THR N 80 75.01 -37.51 46.47
N ASP N 81 76.08 -36.97 47.07
CA ASP N 81 76.14 -36.65 48.49
C ASP N 81 75.05 -35.59 48.83
N PRO N 82 74.20 -35.87 49.86
CA PRO N 82 73.13 -34.90 50.20
C PRO N 82 73.62 -33.53 50.65
N VAL N 83 74.78 -33.44 51.37
CA VAL N 83 75.36 -32.17 51.83
C VAL N 83 75.79 -31.34 50.60
N ASP N 84 76.48 -31.97 49.63
CA ASP N 84 76.94 -31.34 48.40
C ASP N 84 75.75 -30.85 47.56
N GLN N 85 74.62 -31.59 47.56
CA GLN N 85 73.36 -31.20 46.88
C GLN N 85 72.71 -30.01 47.56
N CYS N 86 72.68 -30.03 48.90
CA CYS N 86 72.15 -28.99 49.74
C CYS N 86 72.94 -27.67 49.51
N VAL N 87 74.28 -27.74 49.51
CA VAL N 87 75.20 -26.61 49.29
C VAL N 87 75.01 -26.09 47.86
N ALA N 88 74.98 -26.99 46.84
CA ALA N 88 74.76 -26.62 45.43
C ALA N 88 73.41 -25.87 45.26
N TYR N 89 72.36 -26.31 45.99
CA TYR N 89 71.03 -25.69 45.95
C TYR N 89 71.05 -24.25 46.50
N HIS N 90 71.69 -24.05 47.67
CA HIS N 90 71.79 -22.73 48.30
C HIS N 90 72.74 -21.81 47.53
N LEU N 91 73.77 -22.37 46.86
CA LEU N 91 74.68 -21.59 46.01
C LEU N 91 73.92 -21.14 44.76
N GLY N 92 72.97 -21.97 44.29
CA GLY N 92 72.11 -21.66 43.17
C GLY N 92 71.11 -20.58 43.49
N ARG N 93 70.73 -20.46 44.78
CA ARG N 93 69.83 -19.42 45.27
C ARG N 93 70.53 -18.06 45.24
N VAL N 94 71.89 -18.02 45.32
CA VAL N 94 72.71 -16.80 45.24
C VAL N 94 72.57 -16.26 43.81
N ARG N 95 72.59 -17.17 42.82
CA ARG N 95 72.37 -16.89 41.40
C ARG N 95 71.05 -16.17 41.19
N GLU N 96 69.97 -16.66 41.83
CA GLU N 96 68.62 -16.08 41.77
C GLU N 96 68.50 -14.75 42.51
N SER N 97 69.36 -14.48 43.51
CA SER N 97 69.38 -13.22 44.27
C SER N 97 70.03 -12.11 43.47
N LEU N 98 70.82 -12.46 42.44
CA LEU N 98 71.51 -11.52 41.58
C LEU N 98 71.18 -11.81 40.11
N PRO N 99 69.90 -11.67 39.65
CA PRO N 99 69.58 -12.06 38.26
C PRO N 99 70.22 -11.21 37.18
N GLU N 100 70.51 -9.93 37.49
CA GLU N 100 71.14 -8.99 36.57
C GLU N 100 72.65 -9.31 36.34
N LEU N 101 73.25 -10.14 37.22
CA LEU N 101 74.67 -10.52 37.19
C LEU N 101 74.94 -11.95 36.76
N GLN N 102 75.96 -12.13 35.90
CA GLN N 102 76.45 -13.43 35.48
C GLN N 102 77.52 -13.81 36.50
N ILE N 103 77.24 -14.81 37.35
CA ILE N 103 78.18 -15.21 38.38
C ILE N 103 78.71 -16.64 38.12
N GLU N 104 79.91 -16.92 38.62
CA GLU N 104 80.52 -18.24 38.52
C GLU N 104 80.59 -18.82 39.92
N ILE N 105 80.22 -20.08 40.07
CA ILE N 105 80.23 -20.76 41.37
C ILE N 105 81.09 -22.03 41.26
N ILE N 106 82.09 -22.15 42.15
CA ILE N 106 82.94 -23.35 42.27
C ILE N 106 82.86 -23.87 43.70
N ALA N 107 82.30 -25.07 43.87
CA ALA N 107 82.21 -25.70 45.19
C ALA N 107 83.54 -26.40 45.55
N ASP N 108 83.77 -26.65 46.86
CA ASP N 108 84.98 -27.30 47.40
C ASP N 108 85.26 -28.70 46.82
N TYR N 109 84.18 -29.45 46.51
CA TYR N 109 84.19 -30.83 46.07
C TYR N 109 84.44 -30.98 44.56
N GLU N 110 84.32 -29.90 43.78
CA GLU N 110 84.51 -29.91 42.34
C GLU N 110 85.97 -30.21 41.94
N VAL N 111 86.10 -31.10 40.94
CA VAL N 111 87.38 -31.55 40.38
C VAL N 111 87.35 -31.45 38.88
N HIS N 112 88.51 -31.27 38.28
CA HIS N 112 88.67 -31.29 36.82
C HIS N 112 88.64 -32.78 36.36
N PRO N 113 88.47 -33.09 35.05
CA PRO N 113 88.50 -34.52 34.62
C PRO N 113 89.73 -35.31 35.11
N ASN N 114 90.89 -34.65 35.26
CA ASN N 114 92.13 -35.24 35.77
C ASN N 114 92.14 -35.41 37.31
N ARG N 115 90.97 -35.21 37.97
CA ARG N 115 90.69 -35.37 39.42
C ARG N 115 91.38 -34.28 40.28
N ARG N 116 91.90 -33.22 39.67
CA ARG N 116 92.50 -32.12 40.40
C ARG N 116 91.42 -31.17 40.91
N PRO N 117 91.52 -30.65 42.16
CA PRO N 117 90.50 -29.69 42.65
C PRO N 117 90.48 -28.43 41.81
N LYS N 118 89.28 -27.92 41.50
CA LYS N 118 89.11 -26.69 40.72
C LYS N 118 89.59 -25.47 41.54
N ILE N 119 89.35 -25.47 42.86
CA ILE N 119 89.80 -24.42 43.77
C ILE N 119 90.50 -25.05 44.98
N LEU N 120 91.46 -24.30 45.52
CA LEU N 120 92.17 -24.62 46.74
C LEU N 120 91.50 -23.80 47.82
N ALA N 121 90.44 -24.39 48.39
CA ALA N 121 89.48 -23.84 49.36
C ALA N 121 90.13 -23.14 50.55
N GLN N 122 91.22 -23.72 51.09
CA GLN N 122 91.95 -23.23 52.24
C GLN N 122 92.76 -21.98 51.93
N THR N 123 93.34 -21.86 50.72
CA THR N 123 94.05 -20.65 50.29
C THR N 123 93.02 -19.51 50.15
N ALA N 124 91.82 -19.81 49.61
CA ALA N 124 90.73 -18.84 49.43
C ALA N 124 90.22 -18.36 50.78
N ALA N 125 90.05 -19.27 51.75
CA ALA N 125 89.59 -18.98 53.10
C ALA N 125 90.59 -18.07 53.84
N HIS N 126 91.90 -18.28 53.64
CA HIS N 126 92.98 -17.49 54.25
C HIS N 126 92.95 -16.04 53.71
N VAL N 127 93.00 -15.85 52.35
CA VAL N 127 93.01 -14.52 51.70
C VAL N 127 91.70 -13.74 51.88
N ALA N 128 90.59 -14.43 52.20
CA ALA N 128 89.28 -13.80 52.46
C ALA N 128 89.16 -13.42 53.95
N GLY N 129 90.17 -13.76 54.74
CA GLY N 129 90.24 -13.48 56.18
C GLY N 129 89.29 -14.29 57.03
N ALA N 130 88.76 -15.38 56.51
CA ALA N 130 87.77 -16.24 57.19
C ALA N 130 88.40 -17.18 58.22
N ALA N 131 89.56 -17.78 57.87
CA ALA N 131 90.23 -18.76 58.72
C ALA N 131 91.67 -18.85 58.34
N TYR N 132 92.57 -18.75 59.35
CA TYR N 132 94.01 -18.81 59.16
C TYR N 132 94.39 -20.22 58.72
N TYR N 133 95.09 -20.32 57.57
CA TYR N 133 95.51 -21.58 56.98
C TYR N 133 96.88 -21.99 57.54
N TYR N 134 96.86 -23.00 58.46
CA TYR N 134 98.10 -23.51 59.09
C TYR N 134 98.71 -24.64 58.29
N GLN N 135 99.97 -24.45 57.93
CA GLN N 135 100.68 -25.39 57.07
C GLN N 135 101.95 -25.81 57.73
N ARG N 136 102.54 -26.89 57.20
CA ARG N 136 103.81 -27.45 57.60
C ARG N 136 104.87 -26.35 57.76
N GLN N 137 104.87 -25.43 56.76
CA GLN N 137 105.59 -24.19 56.55
C GLN N 137 105.63 -23.30 57.81
N ASP N 138 104.51 -23.28 58.55
CA ASP N 138 104.29 -22.47 59.73
C ASP N 138 104.91 -23.06 61.00
N VAL N 139 105.69 -24.17 60.84
CA VAL N 139 106.40 -24.81 61.94
C VAL N 139 107.90 -24.78 61.62
N GLU N 140 108.68 -24.07 62.46
CA GLU N 140 110.13 -23.98 62.31
C GLU N 140 110.75 -25.31 62.73
N ALA N 141 111.87 -25.70 62.08
CA ALA N 141 112.60 -26.95 62.32
C ALA N 141 111.59 -28.11 62.36
N ASP N 142 110.85 -28.20 61.25
CA ASP N 142 109.77 -29.15 60.95
C ASP N 142 110.26 -30.59 61.29
N PRO N 143 109.56 -31.30 62.20
CA PRO N 143 110.03 -32.62 62.66
C PRO N 143 109.53 -33.85 61.90
N TRP N 144 108.65 -33.66 60.88
CA TRP N 144 107.95 -34.77 60.23
C TRP N 144 108.67 -35.58 59.11
N GLY N 145 109.69 -35.04 58.44
CA GLY N 145 110.41 -35.77 57.40
C GLY N 145 109.63 -35.99 56.11
N ASN N 146 110.00 -37.06 55.33
CA ASN N 146 109.38 -37.27 54.02
C ASN N 146 108.04 -37.99 54.10
N GLN N 147 107.01 -37.22 54.44
CA GLN N 147 105.63 -37.66 54.53
C GLN N 147 104.72 -36.48 54.27
N ARG N 148 103.45 -36.73 53.91
CA ARG N 148 102.49 -35.66 53.68
C ARG N 148 101.98 -35.14 55.01
N ILE N 149 102.08 -33.83 55.21
CA ILE N 149 101.56 -33.10 56.36
C ILE N 149 100.66 -32.05 55.76
N SER N 150 99.37 -32.38 55.68
CA SER N 150 98.33 -31.52 55.13
C SER N 150 98.00 -30.36 56.09
N GLY N 151 97.76 -29.21 55.51
CA GLY N 151 97.40 -28.00 56.24
C GLY N 151 95.95 -27.96 56.66
N VAL N 152 95.64 -27.10 57.66
CA VAL N 152 94.28 -26.97 58.21
C VAL N 152 93.99 -25.50 58.58
N CYS N 153 92.77 -25.05 58.23
CA CYS N 153 92.23 -23.73 58.55
C CYS N 153 91.55 -23.77 59.89
N ILE N 154 91.77 -22.72 60.68
CA ILE N 154 91.14 -22.58 62.00
C ILE N 154 90.34 -21.29 61.99
N HIS N 155 89.03 -21.42 62.22
CA HIS N 155 88.08 -20.33 62.30
C HIS N 155 88.21 -19.64 63.69
N PRO N 156 88.27 -18.28 63.78
CA PRO N 156 88.45 -17.63 65.10
C PRO N 156 87.32 -17.88 66.11
N ARG N 157 86.09 -18.23 65.66
CA ARG N 157 84.94 -18.49 66.53
C ARG N 157 84.59 -19.96 66.67
N PHE N 158 84.72 -20.72 65.57
CA PHE N 158 84.33 -22.13 65.57
C PHE N 158 85.49 -23.12 65.62
N GLY N 159 86.73 -22.62 65.60
CA GLY N 159 87.90 -23.49 65.61
C GLY N 159 87.91 -24.26 64.31
N GLY N 160 87.81 -25.57 64.40
CA GLY N 160 87.73 -26.44 63.23
C GLY N 160 86.33 -26.94 62.95
N TRP N 161 85.32 -26.44 63.70
CA TRP N 161 83.91 -26.86 63.58
C TRP N 161 83.22 -26.03 62.51
N PHE N 162 83.67 -26.23 61.27
CA PHE N 162 83.20 -25.57 60.06
C PHE N 162 83.75 -26.33 58.87
N ALA N 163 83.28 -25.99 57.67
CA ALA N 163 83.78 -26.54 56.42
C ALA N 163 83.75 -25.43 55.39
N ILE N 164 84.69 -25.46 54.43
CA ILE N 164 84.72 -24.50 53.33
C ILE N 164 83.82 -25.10 52.26
N ARG N 165 82.84 -24.34 51.75
CA ARG N 165 81.91 -24.95 50.83
C ARG N 165 81.99 -24.38 49.41
N GLY N 166 82.74 -23.31 49.21
CA GLY N 166 82.89 -22.81 47.85
C GLY N 166 83.23 -21.36 47.65
N VAL N 167 83.38 -20.96 46.38
CA VAL N 167 83.67 -19.57 45.99
C VAL N 167 82.63 -19.11 44.97
N VAL N 168 82.16 -17.87 45.15
CA VAL N 168 81.25 -17.15 44.26
C VAL N 168 82.09 -16.09 43.57
N LEU N 169 82.20 -16.18 42.25
CA LEU N 169 82.98 -15.23 41.46
C LEU N 169 82.05 -14.31 40.69
N LEU N 170 82.37 -13.02 40.67
CA LEU N 170 81.55 -12.00 40.02
C LEU N 170 82.35 -11.32 38.89
N PRO N 171 82.50 -11.97 37.71
CA PRO N 171 83.27 -11.34 36.60
C PRO N 171 82.61 -10.03 36.17
N GLY N 172 83.42 -8.99 35.98
CA GLY N 172 82.92 -7.67 35.62
C GLY N 172 82.80 -6.73 36.80
N ILE N 173 82.70 -7.29 38.03
CA ILE N 173 82.67 -6.52 39.26
C ILE N 173 84.12 -6.44 39.75
N GLU N 174 84.77 -5.31 39.48
CA GLU N 174 86.17 -5.09 39.85
C GLU N 174 86.27 -4.14 41.04
N VAL N 175 86.97 -4.60 42.08
CA VAL N 175 87.16 -3.90 43.34
C VAL N 175 88.68 -3.76 43.64
N PRO N 176 89.47 -3.00 42.83
CA PRO N 176 90.93 -2.92 43.07
C PRO N 176 91.34 -2.30 44.40
N ASP N 177 90.43 -1.54 45.01
CA ASP N 177 90.66 -0.84 46.27
C ASP N 177 90.06 -1.59 47.47
N LEU N 178 89.57 -2.84 47.26
CA LEU N 178 89.05 -3.68 48.35
C LEU N 178 90.20 -3.92 49.34
N PRO N 179 90.02 -3.55 50.62
CA PRO N 179 91.15 -3.68 51.57
C PRO N 179 91.39 -5.11 52.05
N PRO N 180 92.65 -5.60 51.97
CA PRO N 180 92.93 -6.95 52.48
C PRO N 180 92.74 -7.02 53.99
N ARG N 181 91.92 -7.97 54.40
CA ARG N 181 91.59 -8.28 55.79
C ARG N 181 92.31 -9.61 56.10
N LYS N 182 93.43 -9.51 56.83
CA LYS N 182 94.27 -10.64 57.20
C LYS N 182 93.56 -11.63 58.13
N PRO N 183 93.74 -12.96 57.94
CA PRO N 183 93.10 -13.91 58.87
C PRO N 183 93.78 -13.85 60.24
N HIS N 184 93.05 -14.20 61.30
CA HIS N 184 93.53 -14.15 62.68
C HIS N 184 94.37 -15.37 63.05
N ASP N 185 95.62 -15.13 63.49
CA ASP N 185 96.54 -16.17 63.95
C ASP N 185 96.14 -16.60 65.38
N CYS N 186 95.14 -17.48 65.44
CA CYS N 186 94.51 -18.04 66.63
C CYS N 186 95.34 -19.15 67.29
N VAL N 187 96.28 -19.76 66.54
CA VAL N 187 97.15 -20.84 67.02
C VAL N 187 98.59 -20.33 66.79
N PRO N 188 99.09 -19.38 67.63
CA PRO N 188 100.40 -18.77 67.35
C PRO N 188 101.66 -19.57 67.73
N THR N 189 101.59 -20.46 68.71
CA THR N 189 102.82 -21.14 69.16
C THR N 189 103.14 -22.37 68.32
N ARG N 190 104.45 -22.67 68.20
CA ARG N 190 105.00 -23.82 67.49
C ARG N 190 104.40 -25.13 68.03
N ALA N 191 104.38 -25.30 69.35
CA ALA N 191 103.86 -26.50 70.01
C ALA N 191 102.39 -26.74 69.70
N ASP N 192 101.58 -25.66 69.70
CA ASP N 192 100.14 -25.76 69.42
C ASP N 192 99.86 -26.00 67.93
N ARG N 193 100.72 -25.47 67.04
CA ARG N 193 100.67 -25.68 65.60
C ARG N 193 101.03 -27.14 65.26
N ILE N 194 102.01 -27.73 65.98
CA ILE N 194 102.40 -29.14 65.82
C ILE N 194 101.26 -30.04 66.30
N ALA N 195 100.66 -29.75 67.47
CA ALA N 195 99.55 -30.52 68.04
C ALA N 195 98.31 -30.47 67.10
N LEU N 196 98.06 -29.31 66.46
CA LEU N 196 96.96 -29.08 65.53
C LEU N 196 97.18 -29.88 64.25
N LEU N 197 98.37 -29.73 63.62
CA LEU N 197 98.72 -30.41 62.38
C LEU N 197 98.76 -31.94 62.56
N GLU N 198 99.23 -32.43 63.72
CA GLU N 198 99.25 -33.87 63.99
C GLU N 198 97.86 -34.40 64.28
N GLY N 199 97.04 -33.58 64.96
CA GLY N 199 95.66 -33.91 65.29
C GLY N 199 94.82 -34.03 64.03
N PHE N 200 95.06 -33.13 63.05
CA PHE N 200 94.37 -33.10 61.77
C PHE N 200 94.82 -34.23 60.84
N ASN N 201 96.14 -34.42 60.70
CA ASN N 201 96.70 -35.42 59.79
C ASN N 201 96.56 -36.87 60.29
N PHE N 202 96.75 -37.11 61.58
CA PHE N 202 96.75 -38.49 62.09
C PHE N 202 95.58 -38.86 63.00
N HIS N 203 94.78 -37.90 63.49
CA HIS N 203 93.71 -38.28 64.43
C HIS N 203 92.42 -37.52 64.19
N TRP N 204 92.18 -37.03 62.96
CA TRP N 204 91.00 -36.24 62.64
C TRP N 204 89.65 -36.92 62.99
N ARG N 205 89.61 -38.27 62.99
CA ARG N 205 88.37 -38.99 63.30
C ARG N 205 87.92 -38.85 64.76
N ASP N 206 88.83 -38.42 65.66
CA ASP N 206 88.48 -38.20 67.05
C ASP N 206 88.00 -36.74 67.33
N TRP N 207 87.96 -35.86 66.27
CA TRP N 207 87.44 -34.47 66.23
C TRP N 207 88.25 -33.43 67.00
N THR N 208 89.15 -33.87 67.88
CA THR N 208 89.99 -33.09 68.81
C THR N 208 90.70 -31.88 68.19
N TYR N 209 91.24 -31.98 66.96
CA TYR N 209 91.95 -30.85 66.34
C TYR N 209 91.04 -29.61 66.19
N ARG N 210 89.71 -29.83 66.11
CA ARG N 210 88.72 -28.79 65.91
C ARG N 210 88.57 -27.88 67.14
N ASP N 211 89.06 -28.33 68.30
CA ASP N 211 89.07 -27.62 69.57
C ASP N 211 90.39 -26.87 69.79
N ALA N 212 91.20 -26.68 68.72
CA ALA N 212 92.50 -25.96 68.76
C ALA N 212 92.32 -24.53 69.27
N VAL N 213 91.11 -24.02 69.06
CA VAL N 213 90.55 -22.76 69.54
C VAL N 213 89.25 -23.16 70.21
N THR N 214 88.99 -22.62 71.42
CA THR N 214 87.77 -22.88 72.17
C THR N 214 86.59 -22.47 71.26
N PRO N 215 85.76 -23.46 70.86
CA PRO N 215 84.66 -23.14 69.92
C PRO N 215 83.46 -22.50 70.60
N GLN N 216 82.84 -21.51 69.95
CA GLN N 216 81.62 -20.86 70.45
C GLN N 216 80.46 -21.86 70.32
N GLU N 217 80.57 -22.75 69.34
CA GLU N 217 79.62 -23.81 69.03
C GLU N 217 80.37 -24.93 68.30
N ARG N 218 79.99 -26.18 68.62
CA ARG N 218 80.48 -27.41 68.01
C ARG N 218 79.37 -28.04 67.20
N TYR N 219 79.68 -29.07 66.42
CA TYR N 219 78.67 -29.86 65.73
C TYR N 219 77.93 -30.66 66.80
N SER N 220 76.60 -30.80 66.69
CA SER N 220 75.82 -31.59 67.63
C SER N 220 76.26 -33.05 67.56
N GLU N 221 75.85 -33.90 68.51
CA GLU N 221 76.22 -35.31 68.49
C GLU N 221 75.61 -36.00 67.28
N GLU N 222 74.42 -35.53 66.85
CA GLU N 222 73.70 -36.00 65.68
C GLU N 222 74.46 -35.65 64.40
N GLN N 223 74.96 -34.38 64.30
CA GLN N 223 75.75 -33.90 63.17
C GLN N 223 77.07 -34.66 63.08
N LYS N 224 77.73 -34.92 64.24
CA LYS N 224 78.97 -35.68 64.32
C LYS N 224 78.75 -37.13 63.87
N ALA N 225 77.63 -37.76 64.29
CA ALA N 225 77.26 -39.12 63.90
C ALA N 225 77.02 -39.22 62.39
N TYR N 226 76.41 -38.19 61.79
CA TYR N 226 76.17 -38.10 60.36
C TYR N 226 77.49 -38.02 59.60
N PHE N 227 78.40 -37.11 59.99
CA PHE N 227 79.67 -36.91 59.31
C PHE N 227 80.67 -38.04 59.56
N SER N 228 80.57 -38.78 60.69
CA SER N 228 81.46 -39.92 60.97
C SER N 228 81.11 -41.11 60.02
N THR N 229 79.89 -41.10 59.46
CA THR N 229 79.42 -42.10 58.51
C THR N 229 80.08 -41.81 57.15
N PRO N 230 80.73 -42.84 56.51
CA PRO N 230 81.35 -42.59 55.20
C PRO N 230 80.30 -42.13 54.16
N PRO N 231 80.66 -41.16 53.28
CA PRO N 231 79.69 -40.63 52.31
C PRO N 231 78.88 -41.67 51.56
N ALA N 232 79.50 -42.81 51.19
CA ALA N 232 78.90 -43.93 50.46
C ALA N 232 77.74 -44.60 51.25
N GLN N 233 77.65 -44.34 52.56
CA GLN N 233 76.65 -44.94 53.45
C GLN N 233 75.69 -43.94 54.04
N ARG N 234 75.81 -42.66 53.67
CA ARG N 234 75.01 -41.59 54.27
C ARG N 234 73.51 -41.62 53.93
N LEU N 235 73.14 -42.01 52.71
CA LEU N 235 71.75 -42.11 52.30
C LEU N 235 70.99 -43.17 53.13
N ALA N 236 71.65 -44.33 53.40
CA ALA N 236 71.15 -45.43 54.21
C ALA N 236 70.93 -45.01 55.67
N LEU N 237 71.88 -44.22 56.23
CA LEU N 237 71.86 -43.68 57.60
C LEU N 237 70.59 -42.87 57.81
N LEU N 238 70.27 -41.98 56.85
CA LEU N 238 69.10 -41.11 56.87
C LEU N 238 67.81 -41.88 56.56
N GLY N 239 67.86 -42.75 55.55
CA GLY N 239 66.72 -43.53 55.11
C GLY N 239 66.10 -42.98 53.83
N LYS O 8 110.48 -83.98 52.55
CA LYS O 8 111.46 -82.94 52.30
C LYS O 8 110.98 -81.57 52.79
N VAL O 9 109.66 -81.37 52.75
CA VAL O 9 108.96 -80.16 53.20
C VAL O 9 109.22 -79.91 54.68
N ALA O 10 109.12 -80.96 55.51
CA ALA O 10 109.36 -80.89 56.96
C ALA O 10 110.83 -80.57 57.27
N GLU O 11 111.76 -81.09 56.43
CA GLU O 11 113.20 -80.87 56.57
C GLU O 11 113.53 -79.41 56.22
N LEU O 12 112.98 -78.90 55.10
CA LEU O 12 113.17 -77.52 54.66
C LEU O 12 112.54 -76.54 55.64
N LYS O 13 111.33 -76.87 56.14
CA LYS O 13 110.59 -76.07 57.14
C LYS O 13 111.41 -75.91 58.41
N GLN O 14 112.01 -77.02 58.91
CA GLN O 14 112.84 -77.03 60.12
C GLN O 14 114.08 -76.14 59.95
N LYS O 15 114.74 -76.20 58.77
CA LYS O 15 115.91 -75.36 58.46
C LYS O 15 115.55 -73.86 58.49
N ILE O 16 114.40 -73.49 57.89
CA ILE O 16 113.90 -72.11 57.87
C ILE O 16 113.45 -71.68 59.30
N GLU O 17 112.80 -72.59 60.07
CA GLU O 17 112.36 -72.35 61.45
C GLU O 17 113.53 -72.15 62.40
N ASP O 18 114.58 -72.97 62.25
CA ASP O 18 115.78 -72.85 63.09
C ASP O 18 116.44 -71.50 62.88
N THR O 19 116.38 -70.98 61.63
CA THR O 19 116.92 -69.67 61.26
C THR O 19 116.06 -68.53 61.85
N LEU O 20 114.73 -68.58 61.63
CA LEU O 20 113.83 -67.47 61.94
C LEU O 20 113.04 -67.53 63.23
N CYS O 21 112.57 -68.70 63.68
CA CYS O 21 111.73 -68.77 64.89
C CYS O 21 112.40 -68.19 66.16
N PRO O 22 113.73 -68.32 66.41
CA PRO O 22 114.30 -67.68 67.61
C PRO O 22 114.26 -66.14 67.59
N PHE O 23 113.99 -65.53 66.41
CA PHE O 23 113.97 -64.08 66.23
C PHE O 23 112.55 -63.51 66.12
N GLY O 24 111.57 -64.30 66.54
CA GLY O 24 110.17 -63.88 66.57
C GLY O 24 109.38 -64.03 65.29
N PHE O 25 109.82 -64.94 64.39
CA PHE O 25 109.10 -65.20 63.14
C PHE O 25 108.41 -66.57 63.15
N GLU O 26 107.42 -66.73 62.28
CA GLU O 26 106.70 -67.97 62.04
C GLU O 26 106.74 -68.26 60.55
N VAL O 27 106.77 -69.55 60.18
CA VAL O 27 106.96 -70.01 58.79
C VAL O 27 105.89 -71.07 58.43
N TYR O 28 105.26 -70.87 57.26
CA TYR O 28 104.12 -71.69 56.81
C TYR O 28 104.29 -72.10 55.35
N PRO O 29 104.23 -73.44 55.04
CA PRO O 29 104.40 -73.85 53.65
C PRO O 29 103.16 -73.67 52.81
N PHE O 30 103.34 -73.52 51.50
CA PHE O 30 102.26 -73.48 50.53
C PHE O 30 102.81 -73.78 49.14
N GLN O 31 101.91 -74.15 48.22
CA GLN O 31 102.23 -74.37 46.82
C GLN O 31 101.96 -73.07 46.11
N VAL O 32 102.83 -72.67 45.16
CA VAL O 32 102.69 -71.43 44.36
C VAL O 32 101.29 -71.42 43.68
N ALA O 33 100.79 -72.62 43.21
CA ALA O 33 99.48 -72.82 42.57
C ALA O 33 98.33 -72.27 43.41
N TRP O 34 98.35 -72.47 44.73
CA TRP O 34 97.28 -72.02 45.64
C TRP O 34 97.16 -70.50 45.66
N TYR O 35 98.31 -69.83 45.61
CA TYR O 35 98.41 -68.38 45.58
C TYR O 35 97.93 -67.86 44.23
N ASN O 36 98.49 -68.41 43.13
CA ASN O 36 98.22 -68.00 41.75
C ASN O 36 96.78 -68.24 41.31
N GLU O 37 96.14 -69.36 41.75
CA GLU O 37 94.74 -69.68 41.37
C GLU O 37 93.72 -68.63 41.87
N LEU O 38 94.04 -67.94 42.99
CA LEU O 38 93.15 -66.98 43.62
C LEU O 38 93.31 -65.58 43.05
N LEU O 39 94.34 -65.36 42.24
CA LEU O 39 94.68 -64.03 41.75
C LEU O 39 94.60 -63.86 40.24
N PRO O 40 94.38 -62.61 39.76
CA PRO O 40 94.45 -62.36 38.30
C PRO O 40 95.90 -62.52 37.80
N PRO O 41 96.12 -62.84 36.50
CA PRO O 41 97.49 -63.09 36.01
C PRO O 41 98.55 -62.05 36.36
N ALA O 42 98.16 -60.79 36.58
CA ALA O 42 99.05 -59.69 36.93
C ALA O 42 99.91 -60.00 38.16
N PHE O 43 99.31 -60.62 39.21
CA PHE O 43 99.99 -60.90 40.46
C PHE O 43 100.52 -62.31 40.56
N HIS O 44 100.57 -63.05 39.44
CA HIS O 44 101.10 -64.41 39.47
C HIS O 44 102.61 -64.45 39.64
N LEU O 45 103.07 -65.45 40.40
CA LEU O 45 104.50 -65.72 40.57
C LEU O 45 104.94 -66.56 39.36
N PRO O 46 106.01 -66.16 38.62
CA PRO O 46 106.38 -66.91 37.40
C PRO O 46 107.10 -68.23 37.71
N LEU O 47 106.40 -69.13 38.39
CA LEU O 47 106.93 -70.41 38.82
C LEU O 47 105.91 -71.52 38.60
N PRO O 48 106.36 -72.79 38.37
CA PRO O 48 105.38 -73.89 38.25
C PRO O 48 104.51 -74.02 39.50
N GLY O 49 103.23 -74.33 39.32
CA GLY O 49 102.26 -74.50 40.39
C GLY O 49 102.73 -75.30 41.60
N PRO O 50 103.31 -76.52 41.42
CA PRO O 50 103.71 -77.32 42.59
C PRO O 50 104.95 -76.82 43.34
N THR O 51 105.58 -75.70 42.92
CA THR O 51 106.76 -75.12 43.58
C THR O 51 106.47 -74.83 45.06
N LEU O 52 107.38 -75.26 45.94
CA LEU O 52 107.29 -75.05 47.37
C LEU O 52 107.64 -73.60 47.71
N ALA O 53 106.80 -73.02 48.56
CA ALA O 53 106.97 -71.67 49.04
C ALA O 53 106.65 -71.62 50.52
N PHE O 54 107.25 -70.67 51.24
CA PHE O 54 107.02 -70.43 52.67
C PHE O 54 106.62 -68.97 52.94
N LEU O 55 105.56 -68.81 53.71
CA LEU O 55 105.01 -67.54 54.19
C LEU O 55 105.66 -67.20 55.52
N VAL O 56 106.25 -66.01 55.62
CA VAL O 56 106.93 -65.56 56.84
C VAL O 56 106.15 -64.42 57.48
N LEU O 57 105.83 -64.58 58.77
CA LEU O 57 105.17 -63.54 59.49
C LEU O 57 105.95 -63.24 60.79
N SER O 58 105.84 -62.02 61.32
CA SER O 58 106.50 -61.63 62.57
C SER O 58 105.46 -61.60 63.71
N THR O 59 105.86 -62.10 64.87
CA THR O 59 104.98 -62.16 66.03
C THR O 59 105.32 -60.98 66.95
N PRO O 60 104.61 -60.74 68.08
CA PRO O 60 104.98 -59.63 68.96
C PRO O 60 106.44 -59.71 69.45
N ALA O 61 107.01 -60.91 69.55
CA ALA O 61 108.37 -61.16 70.03
C ALA O 61 109.49 -60.66 69.09
N PHE O 63 110.10 -57.77 67.83
CA PHE O 63 110.55 -56.46 68.25
C PHE O 63 111.76 -56.55 69.20
N ASP O 64 111.62 -57.34 70.28
CA ASP O 64 112.67 -57.52 71.28
C ASP O 64 113.75 -58.47 70.82
N ARG O 65 113.38 -59.53 70.07
CA ARG O 65 114.30 -60.58 69.67
C ARG O 65 115.09 -60.28 68.40
N ALA O 66 114.52 -59.48 67.48
CA ALA O 66 115.19 -59.17 66.21
C ALA O 66 115.50 -57.70 66.05
N LEU O 67 114.48 -56.80 66.19
CA LEU O 67 114.67 -55.36 65.95
C LEU O 67 115.64 -54.69 66.93
N LYS O 68 115.36 -54.75 68.25
CA LYS O 68 116.21 -54.09 69.25
C LYS O 68 117.69 -54.52 69.08
N PRO O 69 118.05 -55.84 68.97
CA PRO O 69 119.46 -56.19 68.74
C PRO O 69 120.00 -55.69 67.39
N PHE O 70 119.15 -55.60 66.38
CA PHE O 70 119.54 -55.13 65.04
C PHE O 70 119.88 -53.63 65.07
N LEU O 71 119.15 -52.84 65.88
CA LEU O 71 119.40 -51.40 66.02
C LEU O 71 120.77 -51.14 66.69
N GLN O 72 121.36 -52.20 67.28
CA GLN O 72 122.67 -52.19 67.95
C GLN O 72 123.79 -52.66 67.00
N SER O 73 123.44 -53.05 65.75
CA SER O 73 124.37 -53.54 64.73
C SER O 73 124.96 -52.41 63.87
N CYS O 74 126.02 -52.74 63.13
CA CYS O 74 126.77 -51.88 62.22
C CYS O 74 126.15 -51.88 60.79
N HIS O 75 124.94 -52.46 60.64
CA HIS O 75 124.23 -52.60 59.36
C HIS O 75 123.24 -51.46 59.05
N LEU O 76 123.01 -50.51 59.98
CA LEU O 76 122.03 -49.44 59.76
C LEU O 76 122.44 -48.44 58.67
N ARG O 77 121.43 -48.04 57.86
CA ARG O 77 121.58 -47.17 56.70
C ARG O 77 120.71 -45.94 56.86
N LEU O 79 118.15 -42.97 55.93
CA LEU O 79 116.85 -42.86 55.24
C LEU O 79 116.25 -44.24 54.85
N THR O 80 116.65 -45.31 55.53
CA THR O 80 116.11 -46.66 55.32
C THR O 80 115.40 -47.09 56.59
N ASP O 81 114.15 -47.59 56.45
CA ASP O 81 113.34 -48.06 57.58
C ASP O 81 114.05 -49.22 58.31
N PRO O 82 114.20 -49.10 59.64
CA PRO O 82 114.94 -50.13 60.39
C PRO O 82 114.29 -51.51 60.42
N VAL O 83 112.93 -51.59 60.51
CA VAL O 83 112.20 -52.87 60.56
C VAL O 83 112.40 -53.61 59.23
N ASP O 84 112.27 -52.90 58.09
CA ASP O 84 112.46 -53.44 56.76
C ASP O 84 113.90 -53.92 56.55
N GLN O 85 114.90 -53.21 57.11
CA GLN O 85 116.31 -53.60 57.07
C GLN O 85 116.52 -54.90 57.86
N CYS O 86 115.90 -54.97 59.05
CA CYS O 86 115.93 -56.08 59.97
C CYS O 86 115.33 -57.34 59.31
N VAL O 87 114.13 -57.20 58.69
CA VAL O 87 113.43 -58.28 57.99
C VAL O 87 114.27 -58.77 56.79
N ALA O 88 114.79 -57.84 55.96
CA ALA O 88 115.64 -58.17 54.80
C ALA O 88 116.87 -58.99 55.21
N TYR O 89 117.49 -58.61 56.34
CA TYR O 89 118.66 -59.23 56.94
C TYR O 89 118.37 -60.69 57.34
N HIS O 90 117.28 -60.93 58.09
CA HIS O 90 116.88 -62.25 58.55
C HIS O 90 116.39 -63.12 57.41
N LEU O 91 115.81 -62.53 56.35
CA LEU O 91 115.39 -63.28 55.16
C LEU O 91 116.63 -63.74 54.39
N GLY O 92 117.68 -62.92 54.40
CA GLY O 92 118.97 -63.25 53.80
C GLY O 92 119.68 -64.36 54.55
N ARG O 93 119.44 -64.49 55.86
CA ARG O 93 120.00 -65.56 56.70
C ARG O 93 119.39 -66.92 56.32
N VAL O 94 118.15 -66.92 55.78
CA VAL O 94 117.46 -68.13 55.31
C VAL O 94 118.23 -68.66 54.09
N ARG O 95 118.69 -67.74 53.21
CA ARG O 95 119.52 -68.02 52.04
C ARG O 95 120.77 -68.79 52.45
N GLU O 96 121.44 -68.34 53.52
CA GLU O 96 122.67 -68.94 54.06
C GLU O 96 122.42 -70.31 54.69
N SER O 97 121.20 -70.55 55.22
CA SER O 97 120.81 -71.82 55.83
C SER O 97 120.53 -72.91 54.78
N LEU O 98 120.35 -72.49 53.52
CA LEU O 98 120.10 -73.40 52.39
C LEU O 98 121.10 -73.11 51.25
N PRO O 99 122.42 -73.36 51.44
CA PRO O 99 123.40 -73.06 50.37
C PRO O 99 123.27 -73.96 49.12
N GLU O 100 122.71 -75.17 49.27
CA GLU O 100 122.52 -76.12 48.17
C GLU O 100 121.39 -75.69 47.23
N LEU O 101 120.57 -74.71 47.65
CA LEU O 101 119.43 -74.24 46.87
C LEU O 101 119.56 -72.80 46.44
N GLN O 102 119.06 -72.49 45.24
CA GLN O 102 118.95 -71.12 44.74
C GLN O 102 117.52 -70.72 45.08
N ILE O 103 117.37 -69.82 46.07
CA ILE O 103 116.05 -69.45 46.57
C ILE O 103 115.71 -68.01 46.19
N GLU O 104 114.41 -67.70 46.17
CA GLU O 104 113.92 -66.36 45.87
C GLU O 104 113.21 -65.84 47.11
N ILE O 105 113.44 -64.57 47.46
CA ILE O 105 112.88 -63.93 48.64
C ILE O 105 112.15 -62.65 48.25
N ILE O 106 110.90 -62.52 48.71
CA ILE O 106 110.11 -61.32 48.44
C ILE O 106 109.52 -60.86 49.75
N ALA O 107 109.94 -59.67 50.20
CA ALA O 107 109.41 -59.05 51.40
C ALA O 107 108.10 -58.33 51.10
N ASP O 108 107.26 -58.11 52.13
CA ASP O 108 105.95 -57.45 52.06
C ASP O 108 106.01 -56.02 51.48
N TYR O 109 107.12 -55.31 51.76
CA TYR O 109 107.31 -53.90 51.40
C TYR O 109 107.84 -53.68 49.97
N GLU O 110 108.33 -54.74 49.33
CA GLU O 110 108.88 -54.68 47.98
C GLU O 110 107.80 -54.31 46.96
N VAL O 111 108.18 -53.42 46.04
CA VAL O 111 107.35 -52.91 44.97
C VAL O 111 108.11 -52.97 43.67
N HIS O 112 107.38 -53.08 42.56
CA HIS O 112 107.94 -53.02 41.22
C HIS O 112 108.24 -51.54 40.89
N PRO O 113 109.03 -51.20 39.84
CA PRO O 113 109.24 -49.77 39.50
C PRO O 113 107.94 -48.95 39.40
N ASN O 114 106.82 -49.57 38.92
CA ASN O 114 105.49 -48.93 38.80
C ASN O 114 104.75 -48.81 40.14
N ARG O 115 105.46 -49.06 41.27
CA ARG O 115 104.98 -48.95 42.66
C ARG O 115 103.96 -50.04 43.07
N ARG O 116 103.77 -51.07 42.24
CA ARG O 116 102.87 -52.18 42.55
C ARG O 116 103.57 -53.16 43.48
N PRO O 117 102.87 -53.71 44.51
CA PRO O 117 103.51 -54.72 45.40
C PRO O 117 103.92 -55.95 44.62
N LYS O 118 105.09 -56.51 44.92
CA LYS O 118 105.58 -57.71 44.25
C LYS O 118 104.75 -58.94 44.67
N ILE O 119 104.31 -58.98 45.95
CA ILE O 119 103.45 -60.04 46.48
C ILE O 119 102.25 -59.43 47.22
N LEU O 120 101.15 -60.14 47.19
CA LEU O 120 99.94 -59.84 47.94
C LEU O 120 100.01 -60.75 49.17
N ALA O 121 100.66 -60.22 50.21
CA ALA O 121 101.03 -60.83 51.48
C ALA O 121 99.89 -61.54 52.17
N GLN O 122 98.69 -60.95 52.14
CA GLN O 122 97.51 -61.49 52.81
C GLN O 122 96.95 -62.72 52.09
N THR O 123 97.04 -62.77 50.74
CA THR O 123 96.59 -63.93 49.95
C THR O 123 97.56 -65.11 50.27
N ALA O 124 98.87 -64.83 50.33
CA ALA O 124 99.90 -65.83 50.66
C ALA O 124 99.70 -66.40 52.08
N ALA O 125 99.29 -65.53 53.02
CA ALA O 125 99.03 -65.81 54.44
C ALA O 125 97.83 -66.72 54.61
N HIS O 126 96.80 -66.51 53.78
CA HIS O 126 95.57 -67.29 53.78
C HIS O 126 95.83 -68.72 53.24
N VAL O 127 96.45 -68.83 52.05
CA VAL O 127 96.71 -70.12 51.38
C VAL O 127 97.75 -70.96 52.12
N ALA O 128 98.59 -70.34 52.97
CA ALA O 128 99.60 -71.04 53.77
C ALA O 128 99.01 -71.47 55.13
N GLY O 129 97.73 -71.15 55.36
CA GLY O 129 96.99 -71.45 56.58
C GLY O 129 97.44 -70.71 57.83
N ALA O 130 98.17 -69.60 57.64
CA ALA O 130 98.74 -68.79 58.71
C ALA O 130 97.71 -67.89 59.40
N ALA O 131 96.88 -67.22 58.62
CA ALA O 131 95.89 -66.25 59.10
C ALA O 131 94.81 -66.09 58.06
N TYR O 132 93.55 -66.24 58.49
CA TYR O 132 92.39 -66.10 57.62
C TYR O 132 92.29 -64.66 57.14
N TYR O 133 92.22 -64.49 55.81
CA TYR O 133 92.13 -63.21 55.15
C TYR O 133 90.66 -62.79 55.00
N TYR O 134 90.25 -61.80 55.82
CA TYR O 134 88.90 -61.29 55.80
C TYR O 134 88.74 -60.14 54.85
N GLN O 135 87.89 -60.37 53.84
CA GLN O 135 87.64 -59.42 52.79
C GLN O 135 86.19 -59.00 52.78
N ARG O 136 85.96 -57.89 52.09
CA ARG O 136 84.65 -57.33 51.79
C ARG O 136 83.64 -58.45 51.36
N GLN O 137 84.10 -59.36 50.47
CA GLN O 137 83.39 -60.52 49.90
C GLN O 137 82.90 -61.53 50.94
N ASP O 138 83.55 -61.56 52.13
CA ASP O 138 83.21 -62.47 53.20
C ASP O 138 82.03 -61.90 54.02
N VAL O 139 81.48 -60.73 53.60
CA VAL O 139 80.32 -60.08 54.20
C VAL O 139 79.17 -60.08 53.14
N GLU O 140 78.09 -60.83 53.42
CA GLU O 140 76.89 -60.88 52.55
C GLU O 140 76.15 -59.56 52.67
N ALA O 141 75.40 -59.16 51.62
CA ALA O 141 74.65 -57.90 51.55
C ALA O 141 75.54 -56.76 52.07
N ASP O 142 76.76 -56.70 51.51
CA ASP O 142 77.85 -55.75 51.74
C ASP O 142 77.24 -54.31 51.91
N PRO O 143 77.43 -53.64 53.07
CA PRO O 143 76.79 -52.33 53.30
C PRO O 143 77.61 -51.08 52.95
N TRP O 144 78.79 -51.27 52.37
CA TRP O 144 79.72 -50.16 52.26
C TRP O 144 79.66 -49.29 51.00
N GLY O 145 79.07 -49.75 49.90
CA GLY O 145 78.97 -48.93 48.69
C GLY O 145 80.28 -48.68 47.97
N ASN O 146 80.35 -47.58 47.17
CA ASN O 146 81.52 -47.27 46.37
C ASN O 146 82.63 -46.56 47.16
N GLN O 147 83.36 -47.36 47.93
CA GLN O 147 84.50 -46.93 48.74
C GLN O 147 85.45 -48.11 48.92
N ARG O 148 86.72 -47.86 49.22
CA ARG O 148 87.69 -48.93 49.45
C ARG O 148 87.49 -49.52 50.83
N ILE O 149 87.33 -50.84 50.89
CA ILE O 149 87.23 -51.62 52.12
C ILE O 149 88.32 -52.64 52.00
N SER O 150 89.46 -52.34 52.60
CA SER O 150 90.66 -53.19 52.57
C SER O 150 90.47 -54.37 53.52
N GLY O 151 90.91 -55.54 53.08
CA GLY O 151 90.86 -56.75 53.87
C GLY O 151 91.93 -56.81 54.94
N VAL O 152 91.74 -57.71 55.92
CA VAL O 152 92.65 -57.91 57.06
C VAL O 152 92.70 -59.40 57.46
N CYS O 153 93.94 -59.87 57.73
CA CYS O 153 94.24 -61.21 58.22
C CYS O 153 94.19 -61.24 59.72
N ILE O 154 93.63 -62.33 60.26
CA ILE O 154 93.56 -62.52 61.72
C ILE O 154 94.24 -63.84 62.06
N HIS O 155 95.30 -63.75 62.88
CA HIS O 155 96.11 -64.87 63.36
C HIS O 155 95.34 -65.61 64.49
N PRO O 156 95.25 -66.96 64.47
CA PRO O 156 94.50 -67.66 65.53
C PRO O 156 95.00 -67.50 66.97
N ARG O 157 96.30 -67.16 67.16
CA ARG O 157 96.90 -66.97 68.47
C ARG O 157 97.13 -65.50 68.80
N PHE O 158 97.52 -64.68 67.82
CA PHE O 158 97.84 -63.27 68.08
C PHE O 158 96.78 -62.27 67.62
N GLY O 159 95.70 -62.73 67.01
CA GLY O 159 94.67 -61.83 66.48
C GLY O 159 95.29 -61.01 65.36
N GLY O 160 95.34 -59.71 65.53
CA GLY O 160 95.98 -58.80 64.57
C GLY O 160 97.33 -58.30 65.04
N TRP O 161 97.85 -58.84 66.16
CA TRP O 161 99.15 -58.46 66.74
C TRP O 161 100.27 -59.27 66.10
N PHE O 162 100.46 -59.02 64.81
CA PHE O 162 101.46 -59.66 63.95
C PHE O 162 101.55 -58.84 62.66
N ALA O 163 102.52 -59.16 61.81
CA ALA O 163 102.65 -58.54 60.49
C ALA O 163 103.21 -59.58 59.54
N ILE O 164 102.81 -59.53 58.26
CA ILE O 164 103.32 -60.45 57.25
C ILE O 164 104.62 -59.83 56.73
N ARG O 165 105.70 -60.61 56.71
CA ARG O 165 107.01 -60.07 56.38
C ARG O 165 107.58 -60.50 55.03
N GLY O 166 107.13 -61.61 54.47
CA GLY O 166 107.68 -62.02 53.19
C GLY O 166 107.43 -63.43 52.77
N VAL O 167 107.94 -63.79 51.58
CA VAL O 167 107.78 -65.14 51.04
C VAL O 167 109.14 -65.67 50.61
N VAL O 168 109.36 -66.96 50.91
CA VAL O 168 110.58 -67.68 50.52
C VAL O 168 110.14 -68.68 49.45
N LEU O 169 110.68 -68.52 48.25
CA LEU O 169 110.33 -69.40 47.14
C LEU O 169 111.50 -70.32 46.84
N LEU O 170 111.19 -71.60 46.59
CA LEU O 170 112.21 -72.62 46.35
C LEU O 170 112.05 -73.21 44.95
N PRO O 171 112.47 -72.50 43.86
CA PRO O 171 112.33 -73.06 42.51
C PRO O 171 113.10 -74.38 42.36
N GLY O 172 112.47 -75.38 41.75
CA GLY O 172 113.06 -76.70 41.61
C GLY O 172 112.55 -77.69 42.64
N ILE O 173 112.08 -77.19 43.81
CA ILE O 173 111.49 -78.00 44.87
C ILE O 173 109.98 -78.02 44.60
N GLU O 174 109.50 -79.13 44.03
CA GLU O 174 108.09 -79.25 43.69
C GLU O 174 107.42 -80.29 44.58
N VAL O 175 106.29 -79.89 45.16
CA VAL O 175 105.55 -80.69 46.11
C VAL O 175 104.04 -80.72 45.68
N PRO O 176 103.70 -81.41 44.54
CA PRO O 176 102.30 -81.42 44.08
C PRO O 176 101.31 -82.09 45.03
N ASP O 177 101.81 -82.91 45.95
CA ASP O 177 100.99 -83.65 46.91
C ASP O 177 100.95 -82.98 48.28
N LEU O 178 101.52 -81.74 48.41
CA LEU O 178 101.47 -80.96 49.66
C LEU O 178 99.98 -80.71 50.00
N PRO O 179 99.52 -81.14 51.19
CA PRO O 179 98.09 -80.98 51.50
C PRO O 179 97.71 -79.55 51.91
N PRO O 180 96.66 -78.98 51.28
CA PRO O 180 96.23 -77.64 51.68
C PRO O 180 95.66 -77.64 53.10
N ARG O 181 96.22 -76.74 53.94
CA ARG O 181 95.82 -76.53 55.31
C ARG O 181 95.03 -75.22 55.36
N LYS O 182 93.71 -75.30 55.50
CA LYS O 182 92.82 -74.14 55.54
C LYS O 182 93.12 -73.24 56.75
N PRO O 183 93.10 -71.90 56.59
CA PRO O 183 93.30 -71.04 57.76
C PRO O 183 92.07 -71.12 58.69
N HIS O 184 92.28 -70.91 59.99
CA HIS O 184 91.21 -70.93 60.97
C HIS O 184 90.30 -69.70 60.86
N ASP O 185 89.01 -69.93 60.68
CA ASP O 185 87.97 -68.92 60.59
C ASP O 185 87.63 -68.51 62.02
N CYS O 186 88.47 -67.60 62.57
CA CYS O 186 88.42 -67.06 63.92
CA CYS O 186 88.40 -67.08 63.94
C CYS O 186 87.33 -66.00 64.10
N VAL O 187 86.91 -65.37 62.98
CA VAL O 187 85.90 -64.31 62.97
C VAL O 187 84.80 -64.81 62.00
N PRO O 188 83.96 -65.81 62.43
CA PRO O 188 83.01 -66.40 61.47
C PRO O 188 81.71 -65.63 61.22
N THR O 189 81.27 -64.76 62.14
CA THR O 189 79.99 -64.09 61.95
C THR O 189 80.12 -62.80 61.12
N ARG O 190 79.04 -62.47 60.40
CA ARG O 190 78.92 -61.29 59.57
C ARG O 190 79.13 -60.00 60.40
N ALA O 191 78.49 -59.91 61.58
CA ALA O 191 78.59 -58.73 62.44
C ALA O 191 80.03 -58.50 62.93
N ASP O 192 80.74 -59.59 63.27
CA ASP O 192 82.11 -59.52 63.75
C ASP O 192 83.10 -59.19 62.63
N ARG O 193 82.81 -59.67 61.41
CA ARG O 193 83.58 -59.41 60.18
C ARG O 193 83.41 -57.92 59.79
N ILE O 194 82.21 -57.34 59.97
CA ILE O 194 81.91 -55.93 59.70
C ILE O 194 82.67 -55.07 60.71
N ALA O 195 82.60 -55.41 62.01
CA ALA O 195 83.27 -54.68 63.10
C ALA O 195 84.81 -54.70 62.89
N LEU O 196 85.35 -55.84 62.43
CA LEU O 196 86.77 -56.03 62.16
C LEU O 196 87.22 -55.17 60.97
N LEU O 197 86.51 -55.28 59.84
CA LEU O 197 86.82 -54.54 58.62
C LEU O 197 86.69 -53.02 58.83
N GLU O 198 85.70 -52.58 59.63
CA GLU O 198 85.53 -51.14 59.92
C GLU O 198 86.62 -50.66 60.90
N GLY O 199 86.99 -51.51 61.85
CA GLY O 199 88.06 -51.24 62.82
C GLY O 199 89.40 -51.10 62.12
N PHE O 200 89.64 -51.95 61.11
CA PHE O 200 90.86 -51.94 60.32
C PHE O 200 90.92 -50.74 59.34
N ASN O 201 89.84 -50.49 58.61
CA ASN O 201 89.82 -49.47 57.59
C ASN O 201 89.71 -48.05 58.15
N PHE O 202 88.90 -47.84 59.21
CA PHE O 202 88.64 -46.49 59.72
C PHE O 202 89.21 -46.20 61.11
N HIS O 203 89.70 -47.19 61.87
CA HIS O 203 90.17 -46.87 63.22
C HIS O 203 91.43 -47.62 63.61
N TRP O 204 92.24 -48.11 62.65
CA TRP O 204 93.43 -48.91 62.90
C TRP O 204 94.44 -48.28 63.88
N ARG O 205 94.49 -46.93 63.96
CA ARG O 205 95.41 -46.21 64.84
C ARG O 205 95.11 -46.42 66.33
N ASP O 206 93.87 -46.88 66.66
CA ASP O 206 93.51 -47.16 68.05
C ASP O 206 93.79 -48.63 68.46
N TRP O 207 94.33 -49.47 67.52
CA TRP O 207 94.81 -50.87 67.70
C TRP O 207 93.73 -51.91 67.93
N THR O 208 92.51 -51.48 68.27
CA THR O 208 91.35 -52.30 68.68
C THR O 208 91.00 -53.47 67.70
N TYR O 209 91.11 -53.30 66.38
CA TYR O 209 90.79 -54.40 65.42
C TYR O 209 91.66 -55.65 65.68
N ARG O 210 92.85 -55.46 66.29
CA ARG O 210 93.83 -56.52 66.54
C ARG O 210 93.36 -57.48 67.64
N ASP O 211 92.37 -57.04 68.44
CA ASP O 211 91.75 -57.80 69.52
C ASP O 211 90.47 -58.53 69.06
N ALA O 212 90.25 -58.65 67.71
CA ALA O 212 89.10 -59.36 67.10
C ALA O 212 89.02 -60.81 67.59
N VAL O 213 90.18 -61.34 68.00
CA VAL O 213 90.46 -62.64 68.63
C VAL O 213 91.29 -62.29 69.85
N THR O 214 90.96 -62.89 71.01
CA THR O 214 91.72 -62.65 72.25
C THR O 214 93.17 -63.10 71.98
N PRO O 215 94.13 -62.14 71.99
CA PRO O 215 95.50 -62.55 71.68
C PRO O 215 96.21 -63.18 72.87
N GLN O 216 97.07 -64.17 72.57
CA GLN O 216 97.89 -64.86 73.56
C GLN O 216 98.94 -63.85 74.08
N GLU O 217 99.36 -62.94 73.19
CA GLU O 217 100.31 -61.88 73.43
C GLU O 217 100.01 -60.70 72.49
N ARG O 218 100.17 -59.47 73.02
CA ARG O 218 100.04 -58.20 72.30
C ARG O 218 101.42 -57.57 72.15
N TYR O 219 101.52 -56.51 71.35
CA TYR O 219 102.75 -55.72 71.27
C TYR O 219 102.91 -55.01 72.60
N SER O 220 104.14 -54.90 73.12
CA SER O 220 104.38 -54.16 74.36
C SER O 220 104.03 -52.67 74.15
N GLU O 221 103.92 -51.88 75.25
CA GLU O 221 103.61 -50.45 75.11
C GLU O 221 104.75 -49.73 74.37
N GLU O 222 105.99 -50.23 74.52
CA GLU O 222 107.18 -49.71 73.87
C GLU O 222 107.12 -49.99 72.35
N GLN O 223 106.72 -51.23 71.97
CA GLN O 223 106.54 -51.65 70.58
C GLN O 223 105.42 -50.86 69.93
N LYS O 224 104.31 -50.63 70.66
CA LYS O 224 103.17 -49.84 70.18
C LYS O 224 103.58 -48.38 69.94
N ALA O 225 104.38 -47.80 70.86
CA ALA O 225 104.88 -46.43 70.78
C ALA O 225 105.80 -46.27 69.55
N TYR O 226 106.62 -47.30 69.28
CA TYR O 226 107.51 -47.33 68.12
C TYR O 226 106.70 -47.35 66.81
N PHE O 227 105.73 -48.29 66.69
CA PHE O 227 104.92 -48.42 65.49
C PHE O 227 103.92 -47.29 65.30
N SER O 228 103.48 -46.60 66.37
CA SER O 228 102.56 -45.46 66.22
C SER O 228 103.29 -44.19 65.69
N THR O 229 104.65 -44.20 65.75
CA THR O 229 105.48 -43.12 65.23
C THR O 229 105.49 -43.27 63.71
N PRO O 230 105.20 -42.23 62.92
CA PRO O 230 105.24 -42.40 61.45
C PRO O 230 106.64 -42.85 61.00
N PRO O 231 106.75 -43.78 60.02
CA PRO O 231 108.07 -44.26 59.58
C PRO O 231 109.09 -43.16 59.26
N ALA O 232 108.66 -42.01 58.73
CA ALA O 232 109.53 -40.86 58.41
C ALA O 232 110.20 -40.24 59.67
N GLN O 233 109.69 -40.60 60.87
CA GLN O 233 110.17 -40.10 62.17
C GLN O 233 110.79 -41.21 63.04
N ARG O 234 110.73 -42.49 62.57
CA ARG O 234 111.29 -43.68 63.23
C ARG O 234 112.80 -43.56 63.26
N LEU O 235 113.36 -43.52 62.02
CA LEU O 235 114.77 -43.46 61.63
C LEU O 235 115.31 -42.05 61.77
N GLU P 6 137.90 -28.75 49.16
CA GLU P 6 139.17 -29.36 49.55
C GLU P 6 139.90 -30.01 48.34
N PRO P 7 141.21 -30.40 48.43
CA PRO P 7 141.82 -31.19 47.32
C PRO P 7 141.46 -32.69 47.49
N LYS P 8 140.82 -33.00 48.65
CA LYS P 8 140.26 -34.27 49.09
C LYS P 8 139.10 -34.65 48.16
N VAL P 9 138.36 -33.64 47.64
CA VAL P 9 137.23 -33.76 46.71
C VAL P 9 137.71 -34.43 45.41
N ALA P 10 138.87 -33.99 44.87
CA ALA P 10 139.47 -34.53 43.66
C ALA P 10 139.90 -35.97 43.86
N GLU P 11 140.41 -36.32 45.06
CA GLU P 11 140.85 -37.68 45.41
C GLU P 11 139.64 -38.61 45.45
N LEU P 12 138.56 -38.18 46.13
CA LEU P 12 137.33 -38.96 46.29
C LEU P 12 136.66 -39.15 44.95
N LYS P 13 136.58 -38.05 44.15
CA LYS P 13 136.00 -38.02 42.80
C LYS P 13 136.71 -39.04 41.90
N GLN P 14 138.05 -39.05 41.92
CA GLN P 14 138.87 -39.96 41.11
C GLN P 14 138.59 -41.43 41.47
N LYS P 15 138.50 -41.75 42.78
CA LYS P 15 138.21 -43.10 43.26
C LYS P 15 136.82 -43.58 42.77
N ILE P 16 135.80 -42.70 42.84
CA ILE P 16 134.43 -43.00 42.39
C ILE P 16 134.41 -43.11 40.86
N GLU P 17 135.13 -42.22 40.14
CA GLU P 17 135.24 -42.23 38.67
C GLU P 17 135.96 -43.48 38.15
N ASP P 18 137.03 -43.90 38.81
CA ASP P 18 137.77 -45.11 38.43
C ASP P 18 136.89 -46.36 38.57
N THR P 19 135.97 -46.34 39.56
CA THR P 19 135.00 -47.41 39.79
C THR P 19 133.88 -47.38 38.75
N LEU P 20 133.26 -46.21 38.50
CA LEU P 20 132.05 -46.12 37.68
C LEU P 20 132.21 -45.72 36.23
N CYS P 21 133.13 -44.80 35.89
CA CYS P 21 133.26 -44.30 34.51
C CYS P 21 133.53 -45.42 33.47
N PRO P 22 134.34 -46.50 33.73
CA PRO P 22 134.47 -47.56 32.71
C PRO P 22 133.17 -48.34 32.42
N PHE P 23 132.15 -48.17 33.27
CA PHE P 23 130.86 -48.87 33.16
C PHE P 23 129.71 -48.00 32.62
N GLY P 24 130.05 -46.80 32.15
CA GLY P 24 129.11 -45.89 31.51
C GLY P 24 128.40 -44.90 32.39
N PHE P 25 129.01 -44.53 33.53
CA PHE P 25 128.47 -43.55 34.47
C PHE P 25 129.29 -42.25 34.46
N GLU P 26 128.68 -41.18 34.94
CA GLU P 26 129.29 -39.87 35.16
C GLU P 26 129.02 -39.49 36.60
N VAL P 27 129.97 -38.81 37.23
CA VAL P 27 129.93 -38.47 38.66
C VAL P 27 130.14 -36.95 38.83
N TYR P 28 129.29 -36.28 39.62
CA TYR P 28 129.31 -34.83 39.83
C TYR P 28 129.23 -34.48 41.31
N PRO P 29 130.20 -33.70 41.86
CA PRO P 29 130.11 -33.35 43.28
C PRO P 29 129.12 -32.22 43.56
N PHE P 30 128.61 -32.20 44.78
CA PHE P 30 127.74 -31.14 45.26
C PHE P 30 127.72 -31.15 46.77
N GLN P 31 127.28 -30.05 47.36
CA GLN P 31 127.08 -29.90 48.78
C GLN P 31 125.64 -30.21 49.08
N VAL P 32 125.38 -30.95 50.17
CA VAL P 32 124.02 -31.31 50.60
C VAL P 32 123.15 -30.02 50.72
N ALA P 33 123.75 -28.90 51.21
CA ALA P 33 123.09 -27.59 51.39
C ALA P 33 122.43 -27.09 50.13
N TRP P 34 123.07 -27.26 48.95
CA TRP P 34 122.55 -26.80 47.67
C TRP P 34 121.26 -27.49 47.30
N TYR P 35 121.19 -28.79 47.60
CA TYR P 35 120.04 -29.65 47.35
C TYR P 35 118.92 -29.26 48.31
N ASN P 36 119.22 -29.24 49.61
CA ASN P 36 118.27 -28.94 50.68
C ASN P 36 117.66 -27.53 50.62
N GLU P 37 118.43 -26.51 50.22
CA GLU P 37 117.94 -25.12 50.17
C GLU P 37 116.87 -24.90 49.09
N LEU P 38 116.82 -25.76 48.08
CA LEU P 38 115.86 -25.64 46.98
C LEU P 38 114.57 -26.41 47.26
N LEU P 39 114.54 -27.21 48.32
CA LEU P 39 113.43 -28.10 48.62
C LEU P 39 112.73 -27.82 49.93
N PRO P 40 111.42 -28.20 50.04
CA PRO P 40 110.74 -28.10 51.34
C PRO P 40 111.35 -29.09 52.35
N PRO P 41 111.25 -28.82 53.68
CA PRO P 41 111.89 -29.72 54.68
C PRO P 41 111.62 -31.22 54.54
N ALA P 42 110.47 -31.62 53.97
CA ALA P 42 110.09 -33.00 53.75
C ALA P 42 111.16 -33.79 52.97
N PHE P 43 111.73 -33.16 51.94
CA PHE P 43 112.70 -33.81 51.05
C PHE P 43 114.16 -33.61 51.45
N HIS P 44 114.42 -32.97 52.59
CA HIS P 44 115.78 -32.73 53.05
C HIS P 44 116.55 -33.99 53.43
N LEU P 45 117.84 -34.03 53.08
CA LEU P 45 118.77 -35.08 53.46
C LEU P 45 119.21 -34.78 54.90
N PRO P 46 119.12 -35.74 55.85
CA PRO P 46 119.43 -35.40 57.27
C PRO P 46 120.96 -35.36 57.51
N LEU P 47 121.62 -34.43 56.83
CA LEU P 47 123.09 -34.27 56.91
C LEU P 47 123.47 -32.82 56.99
N PRO P 48 124.62 -32.46 57.64
CA PRO P 48 125.05 -31.04 57.64
C PRO P 48 125.23 -30.52 56.21
N GLY P 49 124.84 -29.25 55.99
CA GLY P 49 124.94 -28.58 54.70
C GLY P 49 126.24 -28.77 53.94
N PRO P 50 127.44 -28.57 54.55
CA PRO P 50 128.70 -28.72 53.78
C PRO P 50 129.10 -30.16 53.44
N THR P 51 128.28 -31.19 53.82
CA THR P 51 128.59 -32.60 53.52
C THR P 51 128.75 -32.81 52.00
N LEU P 52 129.81 -33.52 51.63
CA LEU P 52 130.12 -33.86 50.26
C LEU P 52 129.22 -34.98 49.77
N ALA P 53 128.72 -34.81 48.54
CA ALA P 53 127.84 -35.74 47.87
C ALA P 53 128.21 -35.84 46.40
N PHE P 54 127.86 -36.93 45.76
CA PHE P 54 128.11 -37.11 44.34
C PHE P 54 126.84 -37.56 43.64
N LEU P 55 126.51 -36.91 42.53
CA LEU P 55 125.38 -37.31 41.72
C LEU P 55 125.88 -38.26 40.63
N VAL P 56 125.22 -39.42 40.49
CA VAL P 56 125.58 -40.43 39.49
C VAL P 56 124.52 -40.48 38.40
N LEU P 57 124.96 -40.38 37.14
CA LEU P 57 124.12 -40.55 35.95
C LEU P 57 124.65 -41.67 35.11
N SER P 58 123.79 -42.23 34.25
CA SER P 58 124.17 -43.25 33.27
C SER P 58 124.12 -42.60 31.87
N THR P 59 125.15 -42.85 31.08
CA THR P 59 125.27 -42.32 29.72
C THR P 59 124.78 -43.43 28.80
N PRO P 60 124.64 -43.22 27.46
CA PRO P 60 124.19 -44.32 26.58
C PRO P 60 125.10 -45.57 26.64
N ALA P 61 126.36 -45.42 27.07
CA ALA P 61 127.34 -46.50 27.14
C ALA P 61 127.08 -47.52 28.28
N PHE P 63 124.46 -49.30 29.03
CA PHE P 63 123.76 -50.49 28.55
C PHE P 63 124.74 -51.61 28.10
N ASP P 64 125.71 -51.27 27.24
CA ASP P 64 126.69 -52.25 26.71
C ASP P 64 127.82 -52.54 27.68
N ARG P 65 128.27 -51.54 28.43
CA ARG P 65 129.40 -51.68 29.35
C ARG P 65 129.03 -52.26 30.73
N ALA P 66 127.79 -52.05 31.20
CA ALA P 66 127.38 -52.50 32.52
C ALA P 66 126.22 -53.48 32.49
N LEU P 67 125.09 -53.12 31.84
CA LEU P 67 123.88 -53.97 31.84
C LEU P 67 124.05 -55.31 31.10
N LYS P 68 124.46 -55.29 29.83
CA LYS P 68 124.66 -56.50 29.03
C LYS P 68 125.59 -57.50 29.76
N PRO P 69 126.80 -57.11 30.28
CA PRO P 69 127.63 -58.09 31.02
C PRO P 69 126.99 -58.55 32.33
N PHE P 70 126.20 -57.68 32.99
CA PHE P 70 125.52 -57.99 34.25
C PHE P 70 124.43 -59.04 34.04
N LEU P 71 123.72 -59.00 32.89
CA LEU P 71 122.67 -59.97 32.58
C LEU P 71 123.25 -61.40 32.44
N GLN P 72 124.60 -61.50 32.33
CA GLN P 72 125.37 -62.74 32.26
C GLN P 72 125.86 -63.19 33.66
N SER P 73 125.73 -62.31 34.68
CA SER P 73 126.15 -62.60 36.04
C SER P 73 125.20 -63.59 36.72
N CYS P 74 125.59 -64.03 37.93
CA CYS P 74 124.81 -64.97 38.72
C CYS P 74 123.96 -64.25 39.77
N HIS P 75 124.07 -62.90 39.82
CA HIS P 75 123.38 -62.02 40.77
C HIS P 75 121.89 -61.83 40.42
N LEU P 76 121.44 -62.22 39.20
CA LEU P 76 120.06 -62.01 38.73
C LEU P 76 119.01 -62.66 39.66
N ARG P 77 117.94 -61.87 39.98
CA ARG P 77 116.88 -62.23 40.91
C ARG P 77 115.51 -62.18 40.26
N LEU P 79 111.59 -61.40 39.79
CA LEU P 79 110.69 -60.25 40.00
C LEU P 79 111.44 -58.95 40.42
N THR P 80 112.73 -58.86 40.08
CA THR P 80 113.56 -57.67 40.34
C THR P 80 114.05 -57.11 39.01
N ASP P 81 113.89 -55.78 38.81
CA ASP P 81 114.31 -55.08 37.59
C ASP P 81 115.84 -55.24 37.37
N PRO P 82 116.26 -55.73 36.18
CA PRO P 82 117.71 -55.96 35.95
C PRO P 82 118.57 -54.69 35.95
N VAL P 83 118.04 -53.57 35.45
CA VAL P 83 118.76 -52.28 35.39
C VAL P 83 119.01 -51.79 36.82
N ASP P 84 117.98 -51.86 37.68
CA ASP P 84 118.05 -51.46 39.08
C ASP P 84 119.03 -52.33 39.88
N GLN P 85 119.11 -53.64 39.56
CA GLN P 85 120.05 -54.57 40.17
C GLN P 85 121.47 -54.21 39.77
N CYS P 86 121.66 -53.91 38.46
CA CYS P 86 122.92 -53.52 37.85
C CYS P 86 123.45 -52.21 38.49
N VAL P 87 122.59 -51.19 38.61
CA VAL P 87 122.91 -49.90 39.21
C VAL P 87 123.29 -50.09 40.70
N ALA P 88 122.46 -50.84 41.47
CA ALA P 88 122.72 -51.13 42.89
C ALA P 88 124.08 -51.83 43.09
N TYR P 89 124.42 -52.76 42.18
CA TYR P 89 125.68 -53.52 42.16
C TYR P 89 126.89 -52.59 42.00
N HIS P 90 126.86 -51.71 40.99
CA HIS P 90 127.95 -50.77 40.70
C HIS P 90 128.05 -49.68 41.77
N LEU P 91 126.92 -49.31 42.38
CA LEU P 91 126.94 -48.34 43.48
C LEU P 91 127.59 -48.97 44.71
N GLY P 92 127.39 -50.27 44.89
CA GLY P 92 127.99 -51.06 45.95
C GLY P 92 129.49 -51.19 45.79
N ARG P 93 129.98 -51.17 44.54
CA ARG P 93 131.41 -51.24 44.20
C ARG P 93 132.12 -49.94 44.63
N VAL P 94 131.37 -48.82 44.70
CA VAL P 94 131.88 -47.50 45.14
C VAL P 94 132.20 -47.62 46.63
N ARG P 95 131.33 -48.30 47.40
CA ARG P 95 131.50 -48.62 48.81
C ARG P 95 132.84 -49.34 49.05
N GLU P 96 133.14 -50.34 48.19
CA GLU P 96 134.36 -51.13 48.28
C GLU P 96 135.61 -50.33 47.91
N SER P 97 135.47 -49.32 47.04
CA SER P 97 136.57 -48.46 46.63
C SER P 97 136.98 -47.47 47.73
N LEU P 98 136.09 -47.28 48.74
CA LEU P 98 136.32 -46.34 49.85
C LEU P 98 136.15 -47.07 51.21
N PRO P 99 136.97 -48.11 51.52
CA PRO P 99 136.77 -48.84 52.79
C PRO P 99 137.02 -48.02 54.07
N GLU P 100 137.83 -46.95 53.99
CA GLU P 100 138.15 -46.07 55.10
C GLU P 100 136.97 -45.13 55.46
N LEU P 101 135.99 -44.98 54.55
CA LEU P 101 134.82 -44.12 54.77
C LEU P 101 133.54 -44.92 54.95
N GLN P 102 132.60 -44.36 55.71
CA GLN P 102 131.26 -44.97 55.81
C GLN P 102 130.36 -44.11 54.96
N ILE P 103 129.89 -44.66 53.84
CA ILE P 103 129.16 -43.89 52.84
C ILE P 103 127.69 -44.30 52.79
N GLU P 104 126.83 -43.40 52.29
CA GLU P 104 125.40 -43.64 52.12
C GLU P 104 125.08 -43.56 50.65
N ILE P 105 124.30 -44.50 50.16
CA ILE P 105 123.94 -44.55 48.74
C ILE P 105 122.42 -44.60 48.61
N ILE P 106 121.86 -43.69 47.78
CA ILE P 106 120.44 -43.66 47.47
C ILE P 106 120.27 -43.68 45.95
N ALA P 107 119.68 -44.75 45.43
CA ALA P 107 119.39 -44.86 44.00
C ALA P 107 118.09 -44.09 43.64
N ASP P 108 117.93 -43.72 42.36
CA ASP P 108 116.78 -42.98 41.82
C ASP P 108 115.43 -43.67 42.08
N TYR P 109 115.42 -45.01 42.06
CA TYR P 109 114.22 -45.86 42.15
C TYR P 109 113.76 -46.11 43.60
N GLU P 110 114.61 -45.81 44.58
CA GLU P 110 114.32 -46.02 46.00
C GLU P 110 113.18 -45.13 46.48
N VAL P 111 112.28 -45.74 47.27
CA VAL P 111 111.11 -45.11 47.85
C VAL P 111 111.02 -45.45 49.33
N HIS P 112 110.40 -44.54 50.09
CA HIS P 112 110.11 -44.76 51.50
C HIS P 112 108.88 -45.70 51.61
N PRO P 113 108.57 -46.30 52.79
CA PRO P 113 107.36 -47.15 52.90
C PRO P 113 106.07 -46.48 52.36
N ASN P 114 105.95 -45.15 52.47
CA ASN P 114 104.78 -44.39 51.97
C ASN P 114 104.84 -44.13 50.44
N ARG P 115 105.78 -44.80 49.73
CA ARG P 115 106.01 -44.79 48.27
C ARG P 115 106.58 -43.44 47.75
N ARG P 116 107.04 -42.57 48.66
CA ARG P 116 107.67 -41.31 48.27
C ARG P 116 109.11 -41.54 47.90
N PRO P 117 109.62 -40.88 46.82
CA PRO P 117 111.04 -41.07 46.46
C PRO P 117 111.95 -40.59 47.58
N LYS P 118 113.03 -41.34 47.84
CA LYS P 118 114.00 -40.96 48.88
C LYS P 118 114.80 -39.72 48.45
N ILE P 119 115.09 -39.59 47.15
CA ILE P 119 115.76 -38.41 46.58
C ILE P 119 115.00 -37.92 45.36
N LEU P 120 115.08 -36.61 45.13
CA LEU P 120 114.57 -35.93 43.95
C LEU P 120 115.79 -35.78 43.06
N ALA P 121 116.01 -36.80 42.23
CA ALA P 121 117.14 -37.02 41.33
C ALA P 121 117.46 -35.81 40.43
N GLN P 122 116.42 -35.13 39.91
CA GLN P 122 116.56 -34.00 39.00
C GLN P 122 117.05 -32.74 39.72
N THR P 123 116.62 -32.52 40.99
CA THR P 123 117.09 -31.38 41.79
C THR P 123 118.60 -31.61 42.10
N ALA P 124 118.98 -32.85 42.40
CA ALA P 124 120.38 -33.23 42.67
C ALA P 124 121.24 -33.04 41.42
N ALA P 125 120.73 -33.42 40.23
CA ALA P 125 121.42 -33.28 38.94
C ALA P 125 121.64 -31.81 38.57
N HIS P 126 120.69 -30.94 38.92
CA HIS P 126 120.77 -29.50 38.68
C HIS P 126 121.85 -28.85 39.56
N VAL P 127 121.79 -29.04 40.90
CA VAL P 127 122.75 -28.45 41.86
C VAL P 127 124.17 -29.04 41.73
N ALA P 128 124.31 -30.23 41.11
CA ALA P 128 125.62 -30.85 40.87
C ALA P 128 126.21 -30.38 39.51
N GLY P 129 125.45 -29.53 38.80
CA GLY P 129 125.81 -28.97 37.50
C GLY P 129 125.86 -29.98 36.38
N ALA P 130 125.22 -31.15 36.57
CA ALA P 130 125.21 -32.25 35.61
C ALA P 130 124.25 -32.01 34.43
N ALA P 131 123.05 -31.52 34.72
CA ALA P 131 121.98 -31.31 33.72
C ALA P 131 121.00 -30.32 34.25
N TYR P 132 120.71 -29.28 33.45
CA TYR P 132 119.76 -28.24 33.80
C TYR P 132 118.36 -28.84 33.92
N TYR P 133 117.70 -28.59 35.04
CA TYR P 133 116.37 -29.09 35.33
C TYR P 133 115.30 -28.07 34.87
N TYR P 134 114.65 -28.36 33.72
CA TYR P 134 113.61 -27.51 33.13
C TYR P 134 112.24 -27.84 33.69
N GLN P 135 111.66 -26.86 34.35
CA GLN P 135 110.38 -26.96 35.00
C GLN P 135 109.39 -25.97 34.39
N ARG P 136 108.11 -26.13 34.73
CA ARG P 136 106.98 -25.26 34.37
C ARG P 136 107.30 -23.78 34.55
N GLN P 137 107.80 -23.47 35.78
CA GLN P 137 108.13 -22.15 36.28
C GLN P 137 109.25 -21.48 35.44
N ASP P 138 109.92 -22.25 34.56
CA ASP P 138 110.97 -21.73 33.67
C ASP P 138 110.36 -21.27 32.35
N VAL P 139 109.03 -21.31 32.26
CA VAL P 139 108.25 -20.85 31.13
C VAL P 139 107.37 -19.69 31.63
N GLU P 140 107.63 -18.46 31.16
CA GLU P 140 106.85 -17.26 31.50
C GLU P 140 105.47 -17.38 30.88
N ALA P 141 104.45 -16.82 31.57
CA ALA P 141 103.04 -16.90 31.16
C ALA P 141 102.69 -18.36 30.81
N ASP P 142 102.90 -19.26 31.80
CA ASP P 142 102.67 -20.71 31.77
C ASP P 142 101.31 -21.03 31.10
N PRO P 143 101.30 -21.75 29.94
CA PRO P 143 100.03 -21.95 29.21
C PRO P 143 99.26 -23.23 29.51
N TRP P 144 99.73 -24.03 30.48
CA TRP P 144 99.17 -25.37 30.65
C TRP P 144 97.97 -25.53 31.58
N GLY P 145 97.72 -24.59 32.49
CA GLY P 145 96.57 -24.69 33.38
C GLY P 145 96.69 -25.75 34.45
N ASN P 146 95.54 -26.21 34.98
CA ASN P 146 95.51 -27.17 36.09
C ASN P 146 95.68 -28.62 35.62
N GLN P 147 96.93 -28.96 35.32
CA GLN P 147 97.36 -30.30 34.91
C GLN P 147 98.80 -30.49 35.34
N ARG P 148 99.26 -31.74 35.44
CA ARG P 148 100.64 -32.01 35.82
C ARG P 148 101.55 -31.78 34.62
N ILE P 149 102.58 -30.94 34.80
CA ILE P 149 103.61 -30.69 33.80
C ILE P 149 104.91 -31.01 34.51
N SER P 150 105.37 -32.25 34.34
CA SER P 150 106.59 -32.74 34.96
C SER P 150 107.84 -32.14 34.28
N GLY P 151 108.82 -31.80 35.12
CA GLY P 151 110.09 -31.26 34.68
C GLY P 151 111.01 -32.32 34.10
N VAL P 152 112.01 -31.87 33.32
CA VAL P 152 112.98 -32.72 32.66
C VAL P 152 114.37 -32.05 32.62
N CYS P 153 115.41 -32.85 32.92
CA CYS P 153 116.82 -32.49 32.88
C CYS P 153 117.36 -32.73 31.50
N ILE P 154 118.18 -31.80 31.03
CA ILE P 154 118.85 -31.91 29.73
C ILE P 154 120.35 -31.83 29.95
N HIS P 155 121.05 -32.91 29.56
CA HIS P 155 122.50 -33.06 29.63
C HIS P 155 123.17 -32.25 28.48
N PRO P 156 124.23 -31.44 28.75
CA PRO P 156 124.84 -30.63 27.68
C PRO P 156 125.46 -31.43 26.52
N ARG P 157 125.83 -32.70 26.74
CA ARG P 157 126.42 -33.57 25.71
C ARG P 157 125.45 -34.62 25.16
N PHE P 158 124.58 -35.19 26.03
CA PHE P 158 123.69 -36.27 25.61
C PHE P 158 122.24 -35.86 25.44
N GLY P 159 121.92 -34.58 25.72
CA GLY P 159 120.54 -34.12 25.66
C GLY P 159 119.73 -34.85 26.71
N GLY P 160 118.75 -35.63 26.28
CA GLY P 160 117.95 -36.45 27.18
C GLY P 160 118.30 -37.91 27.15
N TRP P 161 119.40 -38.27 26.43
CA TRP P 161 119.86 -39.67 26.29
C TRP P 161 120.80 -40.03 27.43
N PHE P 162 120.20 -40.07 28.62
CA PHE P 162 120.84 -40.37 29.89
C PHE P 162 119.73 -40.63 30.93
N ALA P 163 120.12 -41.11 32.10
CA ALA P 163 119.23 -41.33 33.22
C ALA P 163 119.99 -41.02 34.51
N ILE P 164 119.32 -40.49 35.52
CA ILE P 164 119.94 -40.22 36.82
C ILE P 164 119.82 -41.51 37.61
N ARG P 165 120.94 -42.00 38.17
CA ARG P 165 120.94 -43.32 38.81
C ARG P 165 121.07 -43.30 40.32
N GLY P 166 121.53 -42.20 40.90
CA GLY P 166 121.64 -42.13 42.35
C GLY P 166 122.58 -41.07 42.88
N VAL P 167 122.68 -41.02 44.21
CA VAL P 167 123.53 -40.10 44.95
C VAL P 167 124.36 -40.89 45.95
N VAL P 168 125.64 -40.51 46.06
CA VAL P 168 126.62 -41.06 46.99
C VAL P 168 126.87 -39.98 48.00
N LEU P 169 126.53 -40.24 49.27
CA LEU P 169 126.71 -39.28 50.36
C LEU P 169 127.89 -39.72 51.22
N LEU P 170 128.73 -38.76 51.59
CA LEU P 170 129.94 -39.01 52.39
C LEU P 170 129.84 -38.28 53.74
N PRO P 171 129.07 -38.81 54.72
CA PRO P 171 128.97 -38.11 56.02
C PRO P 171 130.34 -38.01 56.70
N GLY P 172 130.62 -36.83 57.24
CA GLY P 172 131.90 -36.53 57.90
C GLY P 172 132.87 -35.83 56.99
N ILE P 173 132.67 -35.94 55.63
CA ILE P 173 133.47 -35.25 54.63
C ILE P 173 132.77 -33.93 54.38
N GLU P 174 133.28 -32.84 54.97
CA GLU P 174 132.68 -31.52 54.83
C GLU P 174 133.53 -30.63 53.93
N VAL P 175 132.88 -30.07 52.90
CA VAL P 175 133.51 -29.23 51.88
C VAL P 175 132.75 -27.88 51.79
N PRO P 176 132.77 -27.02 52.85
CA PRO P 176 132.00 -25.76 52.79
C PRO P 176 132.46 -24.78 51.70
N ASP P 177 133.70 -24.96 51.22
CA ASP P 177 134.30 -24.09 50.20
C ASP P 177 134.25 -24.73 48.81
N LEU P 178 133.45 -25.80 48.63
CA LEU P 178 133.24 -26.42 47.32
C LEU P 178 132.51 -25.40 46.45
N PRO P 179 133.07 -25.02 45.29
CA PRO P 179 132.43 -23.97 44.49
C PRO P 179 131.22 -24.45 43.70
N PRO P 180 130.07 -23.73 43.82
CA PRO P 180 128.89 -24.13 43.01
C PRO P 180 129.12 -23.94 41.52
N ARG P 181 128.91 -25.01 40.77
CA ARG P 181 129.00 -25.05 39.31
C ARG P 181 127.58 -25.14 38.75
N LYS P 182 127.09 -24.03 38.21
CA LYS P 182 125.74 -23.94 37.66
C LYS P 182 125.56 -24.85 36.45
N PRO P 183 124.41 -25.54 36.29
CA PRO P 183 124.22 -26.36 35.09
C PRO P 183 124.03 -25.47 33.86
N HIS P 184 124.40 -26.00 32.69
CA HIS P 184 124.33 -25.26 31.44
C HIS P 184 122.91 -25.16 30.91
N ASP P 185 122.43 -23.93 30.68
CA ASP P 185 121.12 -23.63 30.12
C ASP P 185 121.18 -23.85 28.59
N CYS P 186 121.06 -25.11 28.20
CA CYS P 186 121.13 -25.61 26.83
C CYS P 186 119.82 -25.41 26.05
N VAL P 187 118.70 -25.14 26.73
CA VAL P 187 117.38 -24.91 26.12
C VAL P 187 116.92 -23.55 26.67
N PRO P 188 117.50 -22.42 26.17
CA PRO P 188 117.20 -21.12 26.80
C PRO P 188 115.89 -20.43 26.40
N THR P 189 115.36 -20.70 25.20
CA THR P 189 114.15 -19.96 24.76
C THR P 189 112.86 -20.59 25.27
N ARG P 190 111.85 -19.74 25.50
CA ARG P 190 110.51 -20.10 25.94
C ARG P 190 109.87 -21.15 25.02
N ALA P 191 109.93 -20.94 23.70
CA ALA P 191 109.35 -21.84 22.71
C ALA P 191 109.98 -23.23 22.74
N ASP P 192 111.30 -23.29 22.91
CA ASP P 192 112.05 -24.54 22.96
C ASP P 192 111.81 -25.27 24.28
N ARG P 193 111.63 -24.53 25.39
CA ARG P 193 111.31 -25.05 26.72
C ARG P 193 109.89 -25.66 26.72
N ILE P 194 108.93 -25.02 26.02
CA ILE P 194 107.55 -25.50 25.85
C ILE P 194 107.56 -26.80 25.03
N ALA P 195 108.30 -26.81 23.90
CA ALA P 195 108.43 -27.99 23.02
C ALA P 195 109.06 -29.17 23.76
N LEU P 196 110.05 -28.89 24.64
CA LEU P 196 110.75 -29.89 25.45
C LEU P 196 109.81 -30.48 26.51
N LEU P 197 109.15 -29.61 27.29
CA LEU P 197 108.24 -30.02 28.35
C LEU P 197 107.03 -30.77 27.80
N GLU P 198 106.50 -30.36 26.63
CA GLU P 198 105.37 -31.06 26.00
C GLU P 198 105.82 -32.39 25.41
N GLY P 199 107.03 -32.42 24.86
CA GLY P 199 107.63 -33.63 24.30
C GLY P 199 107.85 -34.68 25.37
N PHE P 200 108.30 -34.24 26.56
CA PHE P 200 108.56 -35.10 27.71
C PHE P 200 107.26 -35.59 28.38
N ASN P 201 106.31 -34.68 28.61
CA ASN P 201 105.08 -35.02 29.29
C ASN P 201 104.07 -35.79 28.44
N PHE P 202 103.92 -35.46 27.15
CA PHE P 202 102.89 -36.06 26.30
C PHE P 202 103.41 -36.96 25.17
N HIS P 203 104.71 -36.97 24.87
CA HIS P 203 105.16 -37.78 23.75
C HIS P 203 106.49 -38.50 24.05
N TRP P 204 106.86 -38.73 25.32
CA TRP P 204 108.16 -39.32 25.68
C TRP P 204 108.43 -40.68 25.03
N ARG P 205 107.37 -41.43 24.69
CA ARG P 205 107.52 -42.76 24.08
C ARG P 205 108.11 -42.69 22.66
N ASP P 206 108.10 -41.50 22.03
CA ASP P 206 108.67 -41.33 20.69
C ASP P 206 110.13 -40.86 20.74
N TRP P 207 110.71 -40.66 21.96
CA TRP P 207 112.12 -40.34 22.27
C TRP P 207 112.58 -38.94 21.87
N THR P 208 111.83 -38.24 21.02
CA THR P 208 112.14 -36.93 20.41
C THR P 208 112.56 -35.81 21.40
N TYR P 209 111.98 -35.74 22.61
CA TYR P 209 112.38 -34.70 23.59
C TYR P 209 113.88 -34.78 23.93
N ARG P 210 114.47 -35.99 23.79
CA ARG P 210 115.87 -36.27 24.15
C ARG P 210 116.85 -35.58 23.18
N ASP P 211 116.34 -35.14 22.01
CA ASP P 211 117.09 -34.45 20.97
C ASP P 211 116.95 -32.92 21.08
N ALA P 212 116.46 -32.42 22.25
CA ALA P 212 116.31 -30.97 22.55
C ALA P 212 117.65 -30.23 22.42
N VAL P 213 118.74 -30.99 22.59
CA VAL P 213 120.15 -30.66 22.38
C VAL P 213 120.67 -31.75 21.47
N THR P 214 121.44 -31.39 20.43
CA THR P 214 122.02 -32.37 19.50
C THR P 214 122.94 -33.28 20.32
N PRO P 215 122.61 -34.58 20.46
CA PRO P 215 123.42 -35.44 21.33
C PRO P 215 124.70 -35.91 20.65
N GLN P 216 125.78 -36.04 21.45
CA GLN P 216 127.08 -36.58 21.02
C GLN P 216 126.88 -38.07 20.73
N GLU P 217 125.99 -38.71 21.50
CA GLU P 217 125.63 -40.11 21.40
C GLU P 217 124.18 -40.31 21.88
N ARG P 218 123.44 -41.20 21.18
CA ARG P 218 122.09 -41.63 21.50
C ARG P 218 122.11 -43.07 21.98
N TYR P 219 120.98 -43.57 22.50
CA TYR P 219 120.85 -44.99 22.85
C TYR P 219 120.83 -45.77 21.53
N SER P 220 121.48 -46.92 21.47
CA SER P 220 121.45 -47.77 20.27
C SER P 220 120.00 -48.23 20.02
N GLU P 221 119.72 -48.78 18.82
CA GLU P 221 118.37 -49.27 18.53
C GLU P 221 118.00 -50.43 19.45
N GLU P 222 119.02 -51.24 19.85
CA GLU P 222 118.90 -52.37 20.77
C GLU P 222 118.54 -51.86 22.19
N GLN P 223 119.24 -50.80 22.66
CA GLN P 223 119.00 -50.17 23.96
C GLN P 223 117.60 -49.54 23.99
N LYS P 224 117.19 -48.88 22.88
CA LYS P 224 115.84 -48.29 22.74
C LYS P 224 114.76 -49.39 22.78
N ALA P 225 115.00 -50.54 22.12
CA ALA P 225 114.08 -51.69 22.08
C ALA P 225 113.91 -52.29 23.48
N TYR P 226 115.00 -52.31 24.26
CA TYR P 226 115.00 -52.81 25.63
C TYR P 226 114.15 -51.89 26.52
N PHE P 227 114.41 -50.56 26.46
CA PHE P 227 113.72 -49.60 27.31
C PHE P 227 112.26 -49.37 26.87
N SER P 228 111.91 -49.60 25.58
CA SER P 228 110.53 -49.45 25.12
C SER P 228 109.66 -50.61 25.65
N THR P 229 110.31 -51.71 26.11
CA THR P 229 109.63 -52.86 26.71
C THR P 229 109.23 -52.46 28.12
N PRO P 230 107.94 -52.63 28.53
CA PRO P 230 107.55 -52.26 29.91
C PRO P 230 108.36 -53.08 30.93
N PRO P 231 108.79 -52.45 32.06
CA PRO P 231 109.62 -53.18 33.04
C PRO P 231 109.08 -54.54 33.45
N ALA P 232 107.74 -54.68 33.57
CA ALA P 232 107.05 -55.93 33.94
C ALA P 232 107.30 -57.07 32.93
N GLN P 233 107.77 -56.74 31.71
CA GLN P 233 107.99 -57.70 30.63
C GLN P 233 109.46 -57.85 30.22
N ARG P 234 110.40 -57.21 30.93
CA ARG P 234 111.80 -57.18 30.53
C ARG P 234 112.58 -58.55 30.51
N LEU P 235 112.23 -59.55 31.36
CA LEU P 235 112.89 -60.88 31.40
C LEU P 235 113.07 -61.53 29.99
#